data_9EYO
#
_entry.id   9EYO
#
_cell.length_a   1.00
_cell.length_b   1.00
_cell.length_c   1.00
_cell.angle_alpha   90.00
_cell.angle_beta   90.00
_cell.angle_gamma   90.00
#
_symmetry.space_group_name_H-M   'P 1'
#
loop_
_entity.id
_entity.type
_entity.pdbx_description
1 polymer Actinoporin
2 non-polymer CHOLESTEROL
3 non-polymer 'Sphingomyelin C18'
#
_entity_poly.entity_id   1
_entity_poly.type   'polypeptide(L)'
_entity_poly.pdbx_seq_one_letter_code
;GHMHNAEAIPQEPMDLENLDSEKRAARIAAGTIIAGAELTIGLLQNLLDVLANVNRKCAVGVDNESGFRWQEGSTYFFSG
TADENLPYSVSDGYAVLYGPRKTNGPVATGVVGVLAYYIPSIGKTLAVMWSVPFDYNFYQNWWNAKLYSGNQDADYDHYV
DLYYDANPFKANGWHERSLGSGLKFCGSMSSSGQATLEIHVLKESETCM
;
_entity_poly.pdbx_strand_id   A,B,C,D,E,F,G,H
#
loop_
_chem_comp.id
_chem_comp.type
_chem_comp.name
_chem_comp.formula
A1H8M non-polymer 'Sphingomyelin C18' 'C41 H84 N2 O6 P 1'
CLR non-polymer CHOLESTEROL 'C27 H46 O'
#
# COMPACT_ATOMS: atom_id res chain seq x y z
N ILE A 28 -21.88 -45.54 5.62
CA ILE A 28 -22.52 -44.24 5.98
C ILE A 28 -21.92 -43.61 7.24
N ALA A 29 -22.03 -44.25 8.42
CA ALA A 29 -21.88 -43.58 9.72
C ALA A 29 -20.55 -42.82 9.97
N ALA A 30 -19.41 -43.32 9.52
CA ALA A 30 -18.14 -42.61 9.70
C ALA A 30 -18.10 -41.24 8.99
N GLY A 31 -18.85 -41.07 7.90
CA GLY A 31 -18.95 -39.80 7.18
C GLY A 31 -19.59 -38.69 8.01
N THR A 32 -20.60 -38.98 8.83
CA THR A 32 -21.18 -37.99 9.75
C THR A 32 -20.29 -37.72 10.97
N ILE A 33 -19.44 -38.67 11.37
CA ILE A 33 -18.42 -38.46 12.41
C ILE A 33 -17.33 -37.49 11.90
N ILE A 34 -16.78 -37.70 10.70
CA ILE A 34 -15.80 -36.76 10.13
C ILE A 34 -16.44 -35.39 9.85
N ALA A 35 -17.70 -35.34 9.39
CA ALA A 35 -18.40 -34.07 9.21
C ALA A 35 -18.61 -33.32 10.54
N GLY A 36 -18.95 -34.03 11.62
CA GLY A 36 -19.05 -33.47 12.98
C GLY A 36 -17.70 -33.05 13.56
N ALA A 37 -16.62 -33.76 13.24
CA ALA A 37 -15.26 -33.37 13.61
C ALA A 37 -14.87 -32.05 12.93
N GLU A 38 -15.12 -31.90 11.63
CA GLU A 38 -14.87 -30.65 10.92
C GLU A 38 -15.76 -29.49 11.42
N LEU A 39 -17.02 -29.73 11.75
CA LEU A 39 -17.87 -28.74 12.42
C LEU A 39 -17.26 -28.31 13.76
N THR A 40 -16.79 -29.25 14.57
CA THR A 40 -16.18 -28.96 15.88
C THR A 40 -14.89 -28.15 15.72
N ILE A 41 -13.99 -28.52 14.80
CA ILE A 41 -12.80 -27.70 14.59
C ILE A 41 -13.14 -26.36 13.96
N GLY A 42 -14.21 -26.22 13.18
CA GLY A 42 -14.72 -24.92 12.74
C GLY A 42 -15.16 -24.02 13.90
N LEU A 43 -15.81 -24.58 14.93
CA LEU A 43 -16.13 -23.85 16.16
C LEU A 43 -14.87 -23.47 16.94
N LEU A 44 -13.98 -24.42 17.23
CA LEU A 44 -12.79 -24.18 18.04
C LEU A 44 -11.80 -23.24 17.36
N GLN A 45 -11.68 -23.24 16.03
CA GLN A 45 -10.90 -22.25 15.29
C GLN A 45 -11.48 -20.84 15.50
N ASN A 46 -12.79 -20.64 15.32
CA ASN A 46 -13.42 -19.35 15.54
C ASN A 46 -13.36 -18.90 17.00
N LEU A 47 -13.46 -19.81 17.97
CA LEU A 47 -13.29 -19.50 19.39
C LEU A 47 -11.89 -18.99 19.71
N LEU A 48 -10.85 -19.71 19.30
CA LEU A 48 -9.48 -19.31 19.60
C LEU A 48 -9.05 -18.08 18.80
N ASP A 49 -9.55 -17.88 17.57
CA ASP A 49 -9.33 -16.63 16.84
C ASP A 49 -10.05 -15.43 17.48
N VAL A 50 -11.21 -15.59 18.10
CA VAL A 50 -11.85 -14.51 18.87
C VAL A 50 -11.03 -14.16 20.10
N LEU A 51 -10.66 -15.13 20.94
CA LEU A 51 -9.85 -14.88 22.13
C LEU A 51 -8.46 -14.33 21.81
N ALA A 52 -7.88 -14.66 20.64
CA ALA A 52 -6.61 -14.10 20.20
C ALA A 52 -6.72 -12.64 19.72
N ASN A 53 -7.84 -12.24 19.10
CA ASN A 53 -8.05 -10.89 18.59
C ASN A 53 -8.70 -9.91 19.59
N VAL A 54 -9.32 -10.37 20.67
CA VAL A 54 -9.68 -9.53 21.82
C VAL A 54 -8.40 -9.02 22.49
N ASN A 55 -8.17 -7.71 22.44
CA ASN A 55 -6.92 -7.07 22.84
C ASN A 55 -7.11 -6.21 24.09
N ARG A 56 -6.12 -6.17 24.98
CA ARG A 56 -6.09 -5.32 26.18
C ARG A 56 -4.72 -4.67 26.30
N LYS A 57 -4.67 -3.37 26.56
CA LYS A 57 -3.41 -2.66 26.83
C LYS A 57 -3.65 -1.45 27.71
N CYS A 58 -2.60 -0.96 28.35
CA CYS A 58 -2.66 0.25 29.16
C CYS A 58 -1.44 1.12 28.88
N ALA A 59 -1.57 2.20 28.12
CA ALA A 59 -0.51 3.18 27.99
C ALA A 59 -0.37 3.98 29.29
N VAL A 60 0.63 3.68 30.12
CA VAL A 60 0.86 4.30 31.42
C VAL A 60 1.85 5.46 31.28
N GLY A 61 1.39 6.68 31.51
CA GLY A 61 2.24 7.85 31.68
C GLY A 61 2.29 8.27 33.14
N VAL A 62 3.48 8.33 33.73
CA VAL A 62 3.68 8.87 35.09
C VAL A 62 4.67 10.02 35.00
N ASP A 63 4.24 11.22 35.36
CA ASP A 63 4.96 12.47 35.09
C ASP A 63 5.54 13.01 36.40
N ASN A 64 6.86 13.23 36.46
CA ASN A 64 7.59 13.49 37.69
C ASN A 64 7.80 14.98 37.97
N GLU A 65 6.77 15.68 38.42
CA GLU A 65 6.89 17.06 38.92
C GLU A 65 7.23 17.11 40.43
N SER A 66 7.79 16.03 40.97
CA SER A 66 8.04 15.82 42.41
C SER A 66 9.17 16.66 43.00
N GLY A 67 10.12 17.14 42.18
CA GLY A 67 11.35 17.80 42.64
C GLY A 67 12.45 16.85 43.17
N PHE A 68 12.26 15.54 43.04
CA PHE A 68 13.18 14.47 43.43
C PHE A 68 13.47 13.54 42.24
N ARG A 69 14.68 12.97 42.16
CA ARG A 69 15.00 11.92 41.17
C ARG A 69 14.46 10.57 41.62
N TRP A 70 13.73 9.88 40.75
CA TRP A 70 13.33 8.48 40.92
C TRP A 70 14.37 7.55 40.34
N GLN A 71 14.58 6.36 40.90
CA GLN A 71 15.58 5.41 40.43
C GLN A 71 15.23 3.96 40.74
N GLU A 72 15.99 3.01 40.20
CA GLU A 72 15.86 1.57 40.44
C GLU A 72 14.48 1.05 40.02
N GLY A 73 14.00 1.47 38.85
CA GLY A 73 12.66 1.12 38.36
C GLY A 73 12.40 -0.38 38.29
N SER A 74 11.29 -0.83 38.88
CA SER A 74 10.86 -2.23 38.93
C SER A 74 9.41 -2.39 38.52
N THR A 75 9.03 -3.59 38.09
CA THR A 75 7.67 -3.86 37.61
C THR A 75 7.23 -5.27 37.92
N TYR A 76 5.94 -5.47 38.19
CA TYR A 76 5.33 -6.75 38.46
C TYR A 76 4.06 -6.88 37.63
N PHE A 77 3.83 -8.02 37.00
CA PHE A 77 2.59 -8.29 36.30
C PHE A 77 1.83 -9.41 37.00
N PHE A 78 0.61 -9.12 37.41
CA PHE A 78 -0.35 -10.17 37.78
C PHE A 78 -0.85 -10.86 36.51
N SER A 79 -1.10 -10.09 35.45
CA SER A 79 -1.52 -10.54 34.13
C SER A 79 -0.93 -9.63 33.05
N GLY A 80 -0.67 -10.16 31.86
CA GLY A 80 -0.07 -9.38 30.76
C GLY A 80 1.43 -9.12 30.91
N THR A 81 1.98 -8.27 30.05
CA THR A 81 3.42 -8.03 29.93
C THR A 81 3.75 -6.75 29.15
N ALA A 82 4.98 -6.24 29.24
CA ALA A 82 5.52 -5.21 28.34
C ALA A 82 6.53 -5.82 27.33
N ASP A 83 6.77 -5.13 26.20
CA ASP A 83 7.85 -5.46 25.24
C ASP A 83 9.11 -4.63 25.49
N GLU A 84 8.93 -3.34 25.77
CA GLU A 84 10.00 -2.42 26.11
C GLU A 84 10.43 -2.53 27.59
N ASN A 85 11.59 -1.99 27.92
CA ASN A 85 11.97 -1.78 29.32
C ASN A 85 11.42 -0.47 29.87
N LEU A 86 11.09 -0.52 31.15
CA LEU A 86 10.90 0.65 31.99
C LEU A 86 12.25 1.40 32.12
N PRO A 87 12.32 2.75 32.12
CA PRO A 87 13.61 3.44 32.25
C PRO A 87 14.14 3.38 33.68
N TYR A 88 15.47 3.32 33.89
CA TYR A 88 16.06 3.14 35.22
C TYR A 88 15.70 4.23 36.20
N SER A 89 15.61 5.47 35.71
CA SER A 89 15.46 6.67 36.51
C SER A 89 14.62 7.72 35.80
N VAL A 90 13.92 8.54 36.58
CA VAL A 90 13.20 9.72 36.09
C VAL A 90 13.71 10.93 36.87
N SER A 91 14.29 11.91 36.19
CA SER A 91 14.72 13.16 36.81
C SER A 91 13.57 14.14 36.98
N ASP A 92 13.79 15.24 37.69
CA ASP A 92 12.80 16.31 37.90
C ASP A 92 12.28 16.88 36.57
N GLY A 93 10.98 16.78 36.33
CA GLY A 93 10.32 17.27 35.11
C GLY A 93 10.22 16.27 33.96
N TYR A 94 10.76 15.05 34.09
CA TYR A 94 10.67 13.99 33.07
C TYR A 94 9.52 13.02 33.33
N ALA A 95 9.20 12.15 32.38
CA ALA A 95 8.09 11.20 32.50
C ALA A 95 8.50 9.74 32.25
N VAL A 96 7.87 8.83 32.98
CA VAL A 96 7.71 7.45 32.54
C VAL A 96 6.67 7.46 31.43
N LEU A 97 6.94 6.75 30.33
CA LEU A 97 5.96 6.46 29.29
C LEU A 97 6.12 4.97 28.97
N TYR A 98 5.22 4.15 29.50
CA TYR A 98 5.39 2.70 29.58
C TYR A 98 4.15 1.98 29.04
N GLY A 99 4.34 1.03 28.12
CA GLY A 99 3.26 0.35 27.43
C GLY A 99 3.20 -1.17 27.69
N PRO A 100 2.35 -1.60 28.63
CA PRO A 100 2.02 -3.00 28.85
C PRO A 100 0.69 -3.42 28.21
N ARG A 101 0.59 -4.70 27.87
CA ARG A 101 -0.42 -5.33 27.01
C ARG A 101 -0.70 -6.78 27.42
N LYS A 102 -1.87 -7.36 27.15
CA LYS A 102 -2.09 -8.80 27.46
C LYS A 102 -1.18 -9.75 26.67
N THR A 103 -1.02 -10.97 27.17
CA THR A 103 -0.25 -12.06 26.54
C THR A 103 -0.79 -12.41 25.15
N ASN A 104 0.08 -12.76 24.19
CA ASN A 104 -0.37 -13.13 22.83
C ASN A 104 -1.21 -14.38 22.83
N GLY A 105 -2.01 -14.61 21.80
CA GLY A 105 -2.81 -15.81 21.62
C GLY A 105 -4.08 -15.85 22.50
N PRO A 106 -4.79 -16.97 22.53
CA PRO A 106 -6.14 -17.09 23.09
C PRO A 106 -6.19 -17.19 24.62
N VAL A 107 -5.57 -16.25 25.34
CA VAL A 107 -5.25 -16.43 26.78
C VAL A 107 -6.39 -16.06 27.74
N ALA A 108 -7.36 -15.24 27.35
CA ALA A 108 -8.50 -14.85 28.19
C ALA A 108 -8.14 -14.19 29.54
N THR A 109 -6.99 -13.51 29.62
CA THR A 109 -6.57 -12.67 30.75
C THR A 109 -6.24 -11.26 30.31
N GLY A 110 -6.45 -10.28 31.19
CA GLY A 110 -6.26 -8.85 30.89
C GLY A 110 -4.81 -8.40 31.04
N VAL A 111 -4.59 -7.12 31.34
CA VAL A 111 -3.29 -6.61 31.78
C VAL A 111 -3.40 -5.91 33.13
N VAL A 112 -2.64 -6.36 34.12
CA VAL A 112 -2.77 -5.97 35.51
C VAL A 112 -1.39 -6.01 36.14
N GLY A 113 -0.95 -4.93 36.77
CA GLY A 113 0.42 -4.87 37.25
C GLY A 113 0.73 -3.72 38.18
N VAL A 114 1.96 -3.71 38.66
CA VAL A 114 2.55 -2.68 39.48
C VAL A 114 3.83 -2.20 38.82
N LEU A 115 4.12 -0.91 38.97
CA LEU A 115 5.33 -0.21 38.58
C LEU A 115 5.85 0.47 39.84
N ALA A 116 7.11 0.33 40.22
CA ALA A 116 7.64 1.03 41.39
C ALA A 116 9.04 1.59 41.19
N TYR A 117 9.30 2.75 41.79
CA TYR A 117 10.59 3.44 41.80
C TYR A 117 10.98 3.83 43.21
N TYR A 118 12.25 3.79 43.55
CA TYR A 118 12.75 4.33 44.81
C TYR A 118 13.03 5.83 44.68
N ILE A 119 12.77 6.59 45.74
CA ILE A 119 12.96 8.04 45.81
C ILE A 119 13.89 8.37 47.00
N PRO A 120 15.22 8.33 46.82
CA PRO A 120 16.17 8.39 47.92
C PRO A 120 16.18 9.72 48.67
N SER A 121 15.72 10.82 48.04
CA SER A 121 15.60 12.14 48.68
C SER A 121 14.61 12.18 49.85
N ILE A 122 13.72 11.19 49.96
CA ILE A 122 12.73 11.05 51.04
C ILE A 122 12.73 9.67 51.70
N GLY A 123 13.42 8.67 51.13
CA GLY A 123 13.58 7.33 51.71
C GLY A 123 12.34 6.45 51.54
N LYS A 124 11.61 6.60 50.42
CA LYS A 124 10.32 5.94 50.16
C LYS A 124 10.24 5.48 48.71
N THR A 125 9.40 4.50 48.40
CA THR A 125 9.18 4.02 47.03
C THR A 125 7.77 4.25 46.55
N LEU A 126 7.62 4.99 45.46
CA LEU A 126 6.35 5.21 44.78
C LEU A 126 6.01 3.95 43.99
N ALA A 127 4.82 3.38 44.22
CA ALA A 127 4.27 2.29 43.43
C ALA A 127 2.97 2.72 42.76
N VAL A 128 2.85 2.48 41.46
CA VAL A 128 1.69 2.75 40.61
C VAL A 128 1.09 1.43 40.17
N MET A 129 -0.21 1.26 40.26
CA MET A 129 -0.93 0.04 39.87
C MET A 129 -1.99 0.37 38.82
N TRP A 130 -2.18 -0.53 37.85
CA TRP A 130 -3.31 -0.50 36.92
C TRP A 130 -3.91 -1.89 36.80
N SER A 131 -5.16 -1.96 36.39
CA SER A 131 -5.89 -3.20 36.16
C SER A 131 -6.87 -3.04 35.03
N VAL A 132 -6.56 -3.56 33.85
CA VAL A 132 -7.41 -3.59 32.67
C VAL A 132 -7.88 -5.03 32.44
N PRO A 133 -9.08 -5.44 32.88
CA PRO A 133 -9.48 -6.85 32.87
C PRO A 133 -9.85 -7.35 31.48
N PHE A 134 -9.94 -8.66 31.32
CA PHE A 134 -10.45 -9.26 30.08
C PHE A 134 -11.97 -9.17 29.99
N ASP A 135 -12.67 -9.58 31.05
CA ASP A 135 -14.13 -9.69 31.08
C ASP A 135 -14.77 -8.58 31.90
N TYR A 136 -15.37 -7.62 31.20
CA TYR A 136 -16.02 -6.45 31.77
C TYR A 136 -17.40 -6.70 32.40
N ASN A 137 -17.91 -7.93 32.42
CA ASN A 137 -19.10 -8.28 33.20
C ASN A 137 -18.76 -8.45 34.68
N PHE A 138 -17.61 -9.05 34.97
CA PHE A 138 -17.13 -9.31 36.33
C PHE A 138 -16.30 -8.16 36.92
N TYR A 139 -15.64 -7.38 36.06
CA TYR A 139 -14.59 -6.43 36.45
C TYR A 139 -14.70 -5.10 35.72
N GLN A 140 -13.92 -4.10 36.13
CA GLN A 140 -13.79 -2.80 35.45
C GLN A 140 -12.34 -2.31 35.52
N ASN A 141 -12.00 -1.27 34.75
CA ASN A 141 -10.68 -0.64 34.85
C ASN A 141 -10.51 -0.02 36.23
N TRP A 142 -9.40 -0.31 36.91
CA TRP A 142 -9.00 0.32 38.17
C TRP A 142 -7.55 0.77 38.11
N TRP A 143 -7.17 1.79 38.86
CA TRP A 143 -5.78 2.19 39.07
C TRP A 143 -5.59 2.75 40.46
N ASN A 144 -4.35 2.85 40.93
CA ASN A 144 -4.00 3.44 42.22
C ASN A 144 -2.52 3.83 42.24
N ALA A 145 -2.10 4.61 43.23
CA ALA A 145 -0.69 4.84 43.55
C ALA A 145 -0.49 5.07 45.05
N LYS A 146 0.64 4.63 45.60
CA LYS A 146 0.98 4.81 47.01
C LYS A 146 2.49 4.89 47.22
N LEU A 147 2.93 5.50 48.31
CA LEU A 147 4.31 5.81 48.61
C LEU A 147 4.75 5.01 49.86
N TYR A 148 5.34 3.83 49.65
CA TYR A 148 5.77 2.91 50.70
C TYR A 148 7.06 3.33 51.38
N SER A 149 7.27 2.90 52.63
CA SER A 149 8.52 3.16 53.34
C SER A 149 9.69 2.30 52.82
N GLY A 150 10.88 2.90 52.70
CA GLY A 150 12.10 2.19 52.30
C GLY A 150 12.21 1.89 50.81
N ASN A 151 13.32 1.26 50.43
CA ASN A 151 13.51 0.69 49.09
C ASN A 151 12.82 -0.69 49.03
N GLN A 152 11.87 -0.88 48.12
CA GLN A 152 11.18 -2.15 47.93
C GLN A 152 11.06 -2.49 46.43
N ASP A 153 11.26 -3.75 46.08
CA ASP A 153 11.01 -4.24 44.72
C ASP A 153 9.49 -4.31 44.46
N ALA A 154 9.02 -4.12 43.23
CA ALA A 154 7.61 -4.28 42.91
C ALA A 154 7.22 -5.76 42.93
N ASP A 155 6.19 -6.15 43.68
CA ASP A 155 5.73 -7.54 43.76
C ASP A 155 4.24 -7.66 44.13
N TYR A 156 3.75 -8.89 44.24
CA TYR A 156 2.36 -9.22 44.52
C TYR A 156 1.82 -8.57 45.80
N ASP A 157 2.61 -8.39 46.86
CA ASP A 157 2.12 -7.76 48.09
C ASP A 157 1.73 -6.29 47.86
N HIS A 158 2.36 -5.61 46.91
CA HIS A 158 1.96 -4.26 46.51
C HIS A 158 0.72 -4.31 45.65
N TYR A 159 0.56 -5.31 44.78
CA TYR A 159 -0.65 -5.43 43.96
C TYR A 159 -1.88 -5.62 44.86
N VAL A 160 -1.89 -6.60 45.76
CA VAL A 160 -3.06 -6.82 46.61
C VAL A 160 -3.34 -5.63 47.52
N ASP A 161 -2.32 -4.91 47.97
CA ASP A 161 -2.51 -3.69 48.76
C ASP A 161 -3.13 -2.57 47.92
N LEU A 162 -2.50 -2.19 46.81
CA LEU A 162 -2.99 -1.15 45.91
C LEU A 162 -4.36 -1.46 45.30
N TYR A 163 -4.78 -2.73 45.21
CA TYR A 163 -6.06 -3.13 44.65
C TYR A 163 -7.15 -3.40 45.69
N TYR A 164 -6.83 -3.85 46.92
CA TYR A 164 -7.80 -4.20 47.95
C TYR A 164 -7.60 -3.47 49.29
N ASP A 165 -6.39 -3.33 49.80
CA ASP A 165 -6.14 -2.77 51.14
C ASP A 165 -6.13 -1.23 51.18
N ALA A 166 -5.96 -0.57 50.03
CA ALA A 166 -6.15 0.86 49.81
C ALA A 166 -7.17 1.11 48.70
N ASN A 167 -7.96 2.19 48.78
CA ASN A 167 -9.05 2.47 47.84
C ASN A 167 -8.54 2.84 46.43
N PRO A 168 -8.76 2.04 45.37
CA PRO A 168 -8.40 2.38 44.00
C PRO A 168 -9.40 3.36 43.35
N PHE A 169 -9.15 3.78 42.11
CA PHE A 169 -9.96 4.72 41.34
C PHE A 169 -10.61 4.10 40.09
N LYS A 170 -11.87 4.46 39.80
CA LYS A 170 -12.78 3.73 38.89
C LYS A 170 -12.58 3.94 37.39
N ALA A 171 -11.61 4.72 36.94
CA ALA A 171 -11.47 5.13 35.52
C ALA A 171 -12.66 5.98 35.01
N ASN A 172 -13.14 6.92 35.82
CA ASN A 172 -14.27 7.81 35.55
C ASN A 172 -13.88 9.31 35.50
N GLY A 173 -12.67 9.61 35.01
CA GLY A 173 -12.10 10.97 34.96
C GLY A 173 -11.01 11.21 36.01
N TRP A 174 -10.70 12.47 36.29
CA TRP A 174 -9.56 12.85 37.13
C TRP A 174 -9.80 12.75 38.62
N HIS A 175 -8.79 12.24 39.34
CA HIS A 175 -8.74 12.05 40.79
C HIS A 175 -7.42 12.58 41.36
N GLU A 176 -7.39 12.91 42.64
CA GLU A 176 -6.23 13.50 43.31
C GLU A 176 -6.11 13.00 44.75
N ARG A 177 -4.88 12.78 45.24
CA ARG A 177 -4.62 12.19 46.57
C ARG A 177 -3.25 12.59 47.09
N SER A 178 -3.10 12.83 48.39
CA SER A 178 -1.80 13.10 49.01
C SER A 178 -0.99 11.82 49.29
N LEU A 179 0.34 11.90 49.23
CA LEU A 179 1.27 10.78 49.48
C LEU A 179 2.06 10.94 50.79
N GLY A 180 1.99 12.09 51.45
CA GLY A 180 2.89 12.45 52.54
C GLY A 180 4.28 12.83 52.05
N SER A 181 5.18 13.17 52.96
CA SER A 181 6.54 13.69 52.67
C SER A 181 6.57 14.91 51.73
N GLY A 182 5.48 15.68 51.70
CA GLY A 182 5.33 16.86 50.85
C GLY A 182 4.92 16.57 49.40
N LEU A 183 4.44 15.37 49.10
CA LEU A 183 4.01 14.95 47.77
C LEU A 183 2.51 14.64 47.69
N LYS A 184 1.98 14.74 46.47
CA LYS A 184 0.64 14.29 46.07
C LYS A 184 0.67 13.81 44.63
N PHE A 185 -0.42 13.21 44.16
CA PHE A 185 -0.59 12.96 42.73
C PHE A 185 -1.99 13.33 42.29
N CYS A 186 -2.14 13.62 41.01
CA CYS A 186 -3.43 13.63 40.33
C CYS A 186 -3.33 12.77 39.07
N GLY A 187 -4.39 12.10 38.69
CA GLY A 187 -4.37 11.25 37.52
C GLY A 187 -5.74 10.84 37.04
N SER A 188 -5.81 10.20 35.88
CA SER A 188 -7.03 9.67 35.29
C SER A 188 -6.73 8.42 34.49
N MET A 189 -7.75 7.61 34.25
CA MET A 189 -7.67 6.43 33.40
C MET A 189 -8.90 6.35 32.50
N SER A 190 -8.74 5.97 31.23
CA SER A 190 -9.88 5.75 30.35
C SER A 190 -10.54 4.39 30.62
N SER A 191 -11.85 4.31 30.40
CA SER A 191 -12.71 3.20 30.84
C SER A 191 -12.73 1.98 29.91
N SER A 192 -11.92 1.95 28.86
CA SER A 192 -11.95 0.91 27.82
C SER A 192 -10.81 -0.10 27.92
N GLY A 193 -10.87 -1.17 27.14
CA GLY A 193 -9.82 -2.18 27.06
C GLY A 193 -8.54 -1.73 26.39
N GLN A 194 -8.56 -0.67 25.57
CA GLN A 194 -7.34 0.01 25.15
C GLN A 194 -7.24 1.25 26.04
N ALA A 195 -6.52 1.13 27.14
CA ALA A 195 -6.61 2.13 28.19
C ALA A 195 -5.44 3.09 28.10
N THR A 196 -5.63 4.32 28.58
CA THR A 196 -4.54 5.26 28.85
C THR A 196 -4.62 5.66 30.31
N LEU A 197 -3.56 5.46 31.09
CA LEU A 197 -3.45 5.93 32.47
C LEU A 197 -2.48 7.10 32.48
N GLU A 198 -2.88 8.24 33.03
CA GLU A 198 -2.02 9.40 33.17
C GLU A 198 -2.00 9.85 34.63
N ILE A 199 -0.81 9.98 35.19
CA ILE A 199 -0.58 10.43 36.55
C ILE A 199 0.46 11.54 36.52
N HIS A 200 0.25 12.61 37.26
CA HIS A 200 1.23 13.63 37.60
C HIS A 200 1.54 13.49 39.07
N VAL A 201 2.81 13.32 39.44
CA VAL A 201 3.24 13.34 40.84
C VAL A 201 3.86 14.69 41.11
N LEU A 202 3.39 15.38 42.14
CA LEU A 202 3.57 16.82 42.35
C LEU A 202 3.98 17.11 43.79
N LYS A 203 4.57 18.28 44.04
CA LYS A 203 4.60 18.85 45.40
C LYS A 203 3.17 19.07 45.90
N GLU A 204 2.94 18.83 47.18
CA GLU A 204 1.63 18.99 47.81
C GLU A 204 1.11 20.44 47.76
N SER A 205 2.02 21.41 47.75
CA SER A 205 1.74 22.85 47.73
C SER A 205 1.41 23.43 46.34
N GLU A 206 1.38 22.63 45.28
CA GLU A 206 1.27 23.09 43.88
C GLU A 206 -0.03 22.62 43.19
N THR A 207 -0.51 23.37 42.20
CA THR A 207 -1.70 23.00 41.41
C THR A 207 -1.41 21.87 40.41
N CYS A 208 -2.34 20.91 40.28
CA CYS A 208 -2.28 19.84 39.29
C CYS A 208 -2.30 20.37 37.84
N MET A 209 -1.72 19.59 36.90
CA MET A 209 -1.71 19.75 35.44
C MET A 209 -1.93 21.20 34.95
N ILE B 28 -17.87 -47.58 -0.58
CA ILE B 28 -18.05 -46.63 0.55
C ILE B 28 -16.74 -46.40 1.32
N ALA B 29 -16.17 -47.42 1.98
CA ALA B 29 -15.20 -47.24 3.08
C ALA B 29 -13.94 -46.41 2.75
N ALA B 30 -13.35 -46.51 1.55
CA ALA B 30 -12.17 -45.71 1.23
C ALA B 30 -12.46 -44.19 1.21
N GLY B 31 -13.71 -43.77 0.95
CA GLY B 31 -14.10 -42.36 0.99
C GLY B 31 -14.00 -41.75 2.38
N THR B 32 -14.32 -42.48 3.45
CA THR B 32 -14.13 -42.00 4.83
C THR B 32 -12.66 -42.03 5.27
N ILE B 33 -11.83 -42.91 4.69
CA ILE B 33 -10.38 -42.90 4.89
C ILE B 33 -9.75 -41.64 4.27
N ILE B 34 -10.06 -41.32 3.01
CA ILE B 34 -9.55 -40.09 2.39
C ILE B 34 -10.11 -38.84 3.09
N ALA B 35 -11.38 -38.84 3.53
CA ALA B 35 -11.92 -37.73 4.31
C ALA B 35 -11.20 -37.55 5.66
N GLY B 36 -10.88 -38.64 6.36
CA GLY B 36 -10.08 -38.63 7.59
C GLY B 36 -8.62 -38.22 7.37
N ALA B 37 -8.03 -38.58 6.22
CA ALA B 37 -6.70 -38.11 5.83
C ALA B 37 -6.70 -36.59 5.62
N GLU B 38 -7.68 -36.03 4.92
CA GLU B 38 -7.80 -34.58 4.74
C GLU B 38 -8.08 -33.86 6.07
N LEU B 39 -8.90 -34.41 6.96
CA LEU B 39 -9.07 -33.88 8.32
C LEU B 39 -7.73 -33.86 9.08
N THR B 40 -6.96 -34.93 9.00
CA THR B 40 -5.65 -35.02 9.68
C THR B 40 -4.66 -34.01 9.12
N ILE B 41 -4.55 -33.87 7.80
CA ILE B 41 -3.66 -32.84 7.26
C ILE B 41 -4.19 -31.43 7.52
N GLY B 42 -5.50 -31.21 7.66
CA GLY B 42 -6.05 -29.95 8.15
C GLY B 42 -5.61 -29.61 9.58
N LEU B 43 -5.54 -30.60 10.48
CA LEU B 43 -4.98 -30.42 11.82
C LEU B 43 -3.47 -30.14 11.76
N LEU B 44 -2.69 -30.97 11.08
CA LEU B 44 -1.23 -30.82 11.04
C LEU B 44 -0.79 -29.54 10.34
N GLN B 45 -1.50 -29.06 9.33
CA GLN B 45 -1.25 -27.75 8.73
C GLN B 45 -1.45 -26.62 9.75
N ASN B 46 -2.57 -26.61 10.47
CA ASN B 46 -2.83 -25.60 11.50
C ASN B 46 -1.84 -25.70 12.68
N LEU B 47 -1.41 -26.90 13.07
CA LEU B 47 -0.39 -27.09 14.10
C LEU B 47 0.95 -26.49 13.69
N LEU B 48 1.47 -26.84 12.51
CA LEU B 48 2.76 -26.34 12.06
C LEU B 48 2.71 -24.85 11.71
N ASP B 49 1.60 -24.32 11.22
CA ASP B 49 1.44 -22.87 11.05
C ASP B 49 1.36 -22.11 12.38
N VAL B 50 0.81 -22.68 13.46
CA VAL B 50 0.87 -22.07 14.79
C VAL B 50 2.30 -22.04 15.31
N LEU B 51 3.02 -23.18 15.32
CA LEU B 51 4.42 -23.24 15.78
C LEU B 51 5.36 -22.37 14.93
N ALA B 52 5.07 -22.17 13.65
CA ALA B 52 5.86 -21.28 12.80
C ALA B 52 5.60 -19.78 13.07
N ASN B 53 4.39 -19.39 13.45
CA ASN B 53 4.02 -18.00 13.74
C ASN B 53 4.20 -17.56 15.21
N VAL B 54 4.34 -18.49 16.16
CA VAL B 54 4.84 -18.18 17.51
C VAL B 54 6.30 -17.73 17.43
N ASN B 55 6.56 -16.47 17.75
CA ASN B 55 7.84 -15.81 17.54
C ASN B 55 8.54 -15.49 18.87
N ARG B 56 9.86 -15.61 18.94
CA ARG B 56 10.69 -15.24 20.10
C ARG B 56 11.90 -14.46 19.63
N LYS B 57 12.22 -13.35 20.27
CA LYS B 57 13.43 -12.57 20.00
C LYS B 57 13.90 -11.83 21.23
N CYS B 58 15.16 -11.41 21.25
CA CYS B 58 15.71 -10.61 22.32
C CYS B 58 16.58 -9.50 21.73
N ALA B 59 16.11 -8.25 21.69
CA ALA B 59 16.95 -7.12 21.34
C ALA B 59 17.92 -6.82 22.48
N VAL B 60 19.19 -7.23 22.36
CA VAL B 60 20.22 -7.08 23.40
C VAL B 60 21.02 -5.80 23.15
N GLY B 61 20.91 -4.84 24.06
CA GLY B 61 21.79 -3.68 24.12
C GLY B 61 22.76 -3.81 25.29
N VAL B 62 24.06 -3.76 25.03
CA VAL B 62 25.10 -3.71 26.08
C VAL B 62 25.92 -2.46 25.88
N ASP B 63 25.91 -1.55 26.85
CA ASP B 63 26.42 -0.18 26.71
C ASP B 63 27.73 -0.06 27.49
N ASN B 64 28.81 0.36 26.84
CA ASN B 64 30.17 0.27 27.38
C ASN B 64 30.63 1.59 28.03
N GLU B 65 30.16 1.89 29.23
CA GLU B 65 30.68 3.00 30.05
C GLU B 65 31.88 2.56 30.93
N SER B 66 32.56 1.48 30.57
CA SER B 66 33.60 0.82 31.36
C SER B 66 34.94 1.58 31.42
N GLY B 67 35.23 2.46 30.46
CA GLY B 67 36.54 3.11 30.33
C GLY B 67 37.64 2.24 29.69
N PHE B 68 37.28 1.06 29.19
CA PHE B 68 38.16 0.09 28.52
C PHE B 68 37.59 -0.29 27.15
N ARG B 69 38.43 -0.58 26.15
CA ARG B 69 37.98 -1.14 24.87
C ARG B 69 37.72 -2.62 24.97
N TRP B 70 36.55 -3.08 24.53
CA TRP B 70 36.21 -4.49 24.35
C TRP B 70 36.59 -4.96 22.95
N GLN B 71 36.99 -6.21 22.78
CA GLN B 71 37.41 -6.75 21.48
C GLN B 71 37.19 -8.26 21.36
N GLU B 72 37.37 -8.80 20.15
CA GLU B 72 37.28 -10.23 19.85
C GLU B 72 35.91 -10.81 20.16
N GLY B 73 34.85 -10.08 19.78
CA GLY B 73 33.47 -10.45 20.10
C GLY B 73 33.09 -11.86 19.62
N SER B 74 32.53 -12.67 20.52
CA SER B 74 32.10 -14.05 20.28
C SER B 74 30.69 -14.29 20.77
N THR B 75 30.02 -15.31 20.24
CA THR B 75 28.63 -15.61 20.60
C THR B 75 28.35 -17.10 20.55
N TYR B 76 27.48 -17.60 21.42
CA TYR B 76 27.05 -18.98 21.47
C TYR B 76 25.53 -19.02 21.59
N PHE B 77 24.86 -19.88 20.85
CA PHE B 77 23.43 -20.10 20.98
C PHE B 77 23.15 -21.50 21.49
N PHE B 78 22.48 -21.60 22.63
CA PHE B 78 21.85 -22.85 23.05
C PHE B 78 20.62 -23.12 22.18
N SER B 79 19.85 -22.08 21.88
CA SER B 79 18.67 -22.09 21.01
C SER B 79 18.55 -20.77 20.25
N GLY B 80 17.99 -20.79 19.04
CA GLY B 80 17.86 -19.58 18.22
C GLY B 80 19.16 -19.13 17.54
N THR B 81 19.15 -17.95 16.92
CA THR B 81 20.23 -17.45 16.08
C THR B 81 20.13 -15.94 15.83
N ALA B 82 21.19 -15.29 15.35
CA ALA B 82 21.16 -13.93 14.79
C ALA B 82 21.28 -13.95 13.25
N ASP B 83 20.84 -12.88 12.57
CA ASP B 83 21.09 -12.66 11.13
C ASP B 83 22.30 -11.77 10.87
N GLU B 84 22.45 -10.71 11.67
CA GLU B 84 23.59 -9.80 11.64
C GLU B 84 24.81 -10.36 12.38
N ASN B 85 25.98 -9.78 12.15
CA ASN B 85 27.14 -10.01 12.98
C ASN B 85 27.16 -9.11 14.20
N LEU B 86 27.68 -9.67 15.29
CA LEU B 86 28.15 -8.92 16.45
C LEU B 86 29.36 -8.04 16.04
N PRO B 87 29.54 -6.80 16.50
CA PRO B 87 30.70 -5.99 16.10
C PRO B 87 31.98 -6.46 16.77
N TYR B 88 33.14 -6.36 16.11
CA TYR B 88 34.41 -6.90 16.63
C TYR B 88 34.82 -6.30 17.97
N SER B 89 34.56 -5.01 18.15
CA SER B 89 35.04 -4.22 19.26
C SER B 89 34.03 -3.15 19.66
N VAL B 90 34.03 -2.79 20.94
CA VAL B 90 33.27 -1.65 21.48
C VAL B 90 34.26 -0.73 22.20
N SER B 91 34.38 0.51 21.74
CA SER B 91 35.22 1.51 22.40
C SER B 91 34.50 2.16 23.59
N ASP B 92 35.21 2.95 24.39
CA ASP B 92 34.66 3.68 25.54
C ASP B 92 33.49 4.59 25.12
N GLY B 93 32.30 4.37 25.68
CA GLY B 93 31.08 5.14 25.40
C GLY B 93 30.21 4.61 24.25
N TYR B 94 30.60 3.54 23.56
CA TYR B 94 29.83 2.91 22.48
C TYR B 94 28.99 1.72 22.98
N ALA B 95 28.09 1.21 22.16
CA ALA B 95 27.20 0.11 22.53
C ALA B 95 27.23 -1.07 21.55
N VAL B 96 27.10 -2.28 22.09
CA VAL B 96 26.58 -3.42 21.34
C VAL B 96 25.08 -3.19 21.17
N LEU B 97 24.56 -3.40 19.97
CA LEU B 97 23.13 -3.47 19.69
C LEU B 97 22.93 -4.70 18.80
N TYR B 98 22.48 -5.80 19.38
CA TYR B 98 22.52 -7.12 18.79
C TYR B 98 21.16 -7.81 18.87
N GLY B 99 20.66 -8.32 17.75
CA GLY B 99 19.33 -8.89 17.63
C GLY B 99 19.31 -10.38 17.26
N PRO B 100 19.17 -11.26 18.26
CA PRO B 100 18.92 -12.68 18.07
C PRO B 100 17.44 -13.07 18.25
N ARG B 101 17.04 -14.14 17.58
CA ARG B 101 15.66 -14.58 17.32
C ARG B 101 15.56 -16.11 17.22
N LYS B 102 14.43 -16.75 17.50
CA LYS B 102 14.32 -18.22 17.30
C LYS B 102 14.47 -18.66 15.84
N THR B 103 14.79 -19.92 15.62
CA THR B 103 14.91 -20.57 14.30
C THR B 103 13.61 -20.49 13.50
N ASN B 104 13.67 -20.32 12.18
CA ASN B 104 12.47 -20.26 11.33
C ASN B 104 11.68 -21.54 11.36
N GLY B 105 10.40 -21.53 11.00
CA GLY B 105 9.56 -22.71 10.90
C GLY B 105 9.09 -23.27 12.25
N PRO B 106 8.45 -24.43 12.26
CA PRO B 106 7.71 -24.97 13.40
C PRO B 106 8.60 -25.61 14.49
N VAL B 107 9.61 -24.90 14.99
CA VAL B 107 10.72 -25.52 15.74
C VAL B 107 10.45 -25.72 17.25
N ALA B 108 9.52 -25.00 17.86
CA ALA B 108 9.17 -25.13 19.29
C ALA B 108 10.33 -24.94 20.28
N THR B 109 11.35 -24.15 19.92
CA THR B 109 12.45 -23.71 20.79
C THR B 109 12.55 -22.19 20.82
N GLY B 110 13.01 -21.65 21.95
CA GLY B 110 13.12 -20.20 22.18
C GLY B 110 14.39 -19.59 21.59
N VAL B 111 14.86 -18.48 22.17
CA VAL B 111 16.19 -17.94 21.90
C VAL B 111 17.00 -17.80 23.19
N VAL B 112 18.15 -18.43 23.27
CA VAL B 112 18.94 -18.60 24.49
C VAL B 112 20.40 -18.62 24.10
N GLY B 113 21.24 -17.78 24.71
CA GLY B 113 22.61 -17.66 24.25
C GLY B 113 23.52 -16.88 25.17
N VAL B 114 24.78 -16.83 24.79
CA VAL B 114 25.85 -16.08 25.42
C VAL B 114 26.50 -15.18 24.37
N LEU B 115 26.92 -14.00 24.80
CA LEU B 115 27.71 -13.01 24.09
C LEU B 115 28.95 -12.75 24.93
N ALA B 116 30.16 -12.79 24.39
CA ALA B 116 31.35 -12.48 25.17
C ALA B 116 32.38 -11.65 24.42
N TYR B 117 33.05 -10.75 25.14
CA TYR B 117 34.13 -9.90 24.65
C TYR B 117 35.34 -9.98 25.58
N TYR B 118 36.54 -9.92 25.04
CA TYR B 118 37.75 -9.79 25.84
C TYR B 118 38.03 -8.31 26.17
N ILE B 119 38.54 -8.04 27.36
CA ILE B 119 38.86 -6.69 27.86
C ILE B 119 40.35 -6.66 28.28
N PRO B 120 41.28 -6.40 27.34
CA PRO B 120 42.72 -6.58 27.59
C PRO B 120 43.30 -5.62 28.62
N SER B 121 42.65 -4.47 28.87
CA SER B 121 43.06 -3.50 29.90
C SER B 121 43.00 -4.05 31.33
N ILE B 122 42.27 -5.15 31.56
CA ILE B 122 42.13 -5.83 32.85
C ILE B 122 42.42 -7.34 32.79
N GLY B 123 42.52 -7.93 31.59
CA GLY B 123 42.88 -9.34 31.40
C GLY B 123 41.73 -10.30 31.67
N LYS B 124 40.49 -9.90 31.36
CA LYS B 124 39.25 -10.63 31.69
C LYS B 124 38.26 -10.55 30.53
N THR B 125 37.32 -11.48 30.43
CA THR B 125 36.27 -11.47 29.42
C THR B 125 34.89 -11.33 30.01
N LEU B 126 34.17 -10.28 29.59
CA LEU B 126 32.78 -10.06 29.95
C LEU B 126 31.92 -11.00 29.11
N ALA B 127 31.07 -11.81 29.76
CA ALA B 127 30.06 -12.62 29.10
C ALA B 127 28.66 -12.22 29.56
N VAL B 128 27.75 -11.99 28.62
CA VAL B 128 26.34 -11.63 28.82
C VAL B 128 25.48 -12.80 28.34
N MET B 129 24.50 -13.21 29.12
CA MET B 129 23.59 -14.31 28.80
C MET B 129 22.14 -13.82 28.81
N TRP B 130 21.32 -14.33 27.89
CA TRP B 130 19.87 -14.17 27.91
C TRP B 130 19.19 -15.50 27.63
N SER B 131 17.95 -15.63 28.07
CA SER B 131 17.14 -16.83 27.86
C SER B 131 15.67 -16.43 27.70
N VAL B 132 15.17 -16.45 26.47
CA VAL B 132 13.77 -16.20 26.13
C VAL B 132 13.14 -17.52 25.69
N PRO B 133 12.43 -18.26 26.56
CA PRO B 133 11.96 -19.61 26.26
C PRO B 133 10.78 -19.64 25.29
N PHE B 134 10.50 -20.81 24.72
CA PHE B 134 9.29 -21.01 23.92
C PHE B 134 8.05 -21.15 24.80
N ASP B 135 8.10 -22.03 25.81
CA ASP B 135 6.96 -22.39 26.64
C ASP B 135 7.05 -21.76 28.04
N TYR B 136 6.24 -20.74 28.26
CA TYR B 136 6.19 -19.98 29.50
C TYR B 136 5.45 -20.66 30.66
N ASN B 137 4.97 -21.90 30.51
CA ASN B 137 4.47 -22.69 31.63
C ASN B 137 5.62 -23.32 32.41
N PHE B 138 6.65 -23.78 31.71
CA PHE B 138 7.83 -24.42 32.28
C PHE B 138 8.94 -23.42 32.66
N TYR B 139 9.02 -22.29 31.96
CA TYR B 139 10.17 -21.38 31.97
C TYR B 139 9.75 -19.91 32.03
N GLN B 140 10.70 -19.01 32.24
CA GLN B 140 10.51 -17.55 32.19
C GLN B 140 11.73 -16.88 31.57
N ASN B 141 11.63 -15.59 31.23
CA ASN B 141 12.78 -14.82 30.76
C ASN B 141 13.82 -14.71 31.88
N TRP B 142 15.08 -15.03 31.58
CA TRP B 142 16.22 -14.83 32.48
C TRP B 142 17.37 -14.15 31.75
N TRP B 143 18.21 -13.41 32.45
CA TRP B 143 19.46 -12.88 31.92
C TRP B 143 20.53 -12.83 33.02
N ASN B 144 21.79 -12.69 32.65
CA ASN B 144 22.90 -12.55 33.59
C ASN B 144 24.13 -11.95 32.88
N ALA B 145 25.13 -11.51 33.63
CA ALA B 145 26.45 -11.18 33.11
C ALA B 145 27.54 -11.46 34.14
N LYS B 146 28.73 -11.87 33.69
CA LYS B 146 29.88 -12.14 34.56
C LYS B 146 31.19 -11.88 33.83
N LEU B 147 32.26 -11.64 34.59
CA LEU B 147 33.57 -11.23 34.10
C LEU B 147 34.59 -12.32 34.41
N TYR B 148 34.82 -13.23 33.47
CA TYR B 148 35.72 -14.38 33.60
C TYR B 148 37.20 -14.03 33.48
N SER B 149 38.08 -14.82 34.08
CA SER B 149 39.52 -14.62 33.94
C SER B 149 40.05 -15.02 32.56
N GLY B 150 40.96 -14.23 31.99
CA GLY B 150 41.62 -14.53 30.72
C GLY B 150 40.77 -14.26 29.47
N ASN B 151 41.35 -14.51 28.31
CA ASN B 151 40.64 -14.53 27.03
C ASN B 151 39.94 -15.89 26.86
N GLN B 152 38.62 -15.90 26.71
CA GLN B 152 37.84 -17.12 26.48
C GLN B 152 36.80 -16.91 25.37
N ASP B 153 36.63 -17.91 24.51
CA ASP B 153 35.56 -17.93 23.51
C ASP B 153 34.21 -18.16 24.20
N ALA B 154 33.10 -17.63 23.68
CA ALA B 154 31.77 -17.90 24.24
C ALA B 154 31.35 -19.34 23.91
N ASP B 155 30.97 -20.14 24.90
CA ASP B 155 30.53 -21.52 24.70
C ASP B 155 29.57 -22.02 25.80
N TYR B 156 29.14 -23.27 25.68
CA TYR B 156 28.18 -23.91 26.57
C TYR B 156 28.59 -23.86 28.06
N ASP B 157 29.88 -23.94 28.40
CA ASP B 157 30.30 -23.88 29.81
C ASP B 157 29.99 -22.52 30.45
N HIS B 158 29.97 -21.45 29.66
CA HIS B 158 29.53 -20.14 30.13
C HIS B 158 28.01 -20.08 30.24
N TYR B 159 27.28 -20.71 29.33
CA TYR B 159 25.82 -20.75 29.42
C TYR B 159 25.37 -21.44 30.70
N VAL B 160 25.83 -22.68 30.98
CA VAL B 160 25.40 -23.38 32.19
C VAL B 160 25.85 -22.66 33.46
N ASP B 161 26.99 -21.98 33.45
CA ASP B 161 27.43 -21.18 34.58
C ASP B 161 26.53 -19.95 34.79
N LEU B 162 26.38 -19.10 33.77
CA LEU B 162 25.55 -17.91 33.84
C LEU B 162 24.06 -18.21 34.10
N TYR B 163 23.56 -19.41 33.79
CA TYR B 163 22.17 -19.80 34.00
C TYR B 163 21.93 -20.61 35.29
N TYR B 164 22.89 -21.41 35.78
CA TYR B 164 22.72 -22.26 36.96
C TYR B 164 23.76 -22.04 38.07
N ASP B 165 25.04 -21.88 37.76
CA ASP B 165 26.10 -21.80 38.78
C ASP B 165 26.28 -20.39 39.40
N ALA B 166 25.76 -19.35 38.73
CA ALA B 166 25.62 -17.99 39.23
C ALA B 166 24.14 -17.53 39.15
N ASN B 167 23.67 -16.71 40.10
CA ASN B 167 22.26 -16.30 40.19
C ASN B 167 21.84 -15.38 39.03
N PRO B 168 20.95 -15.78 38.10
CA PRO B 168 20.43 -14.92 37.04
C PRO B 168 19.34 -13.95 37.55
N PHE B 169 18.82 -13.09 36.68
CA PHE B 169 17.79 -12.08 36.99
C PHE B 169 16.46 -12.32 36.25
N LYS B 170 15.32 -12.10 36.93
CA LYS B 170 13.99 -12.61 36.53
C LYS B 170 13.24 -11.83 35.44
N ALA B 171 13.81 -10.80 34.84
CA ALA B 171 13.09 -9.90 33.92
C ALA B 171 11.92 -9.14 34.58
N ASN B 172 12.13 -8.64 35.80
CA ASN B 172 11.14 -7.92 36.63
C ASN B 172 11.56 -6.46 36.93
N GLY B 173 12.23 -5.80 35.99
CA GLY B 173 12.78 -4.44 36.14
C GLY B 173 14.29 -4.40 36.32
N TRP B 174 14.83 -3.30 36.83
CA TRP B 174 16.27 -3.04 36.89
C TRP B 174 16.98 -3.71 38.06
N HIS B 175 18.16 -4.26 37.77
CA HIS B 175 19.07 -4.94 38.69
C HIS B 175 20.50 -4.44 38.51
N GLU B 176 21.34 -4.58 39.52
CA GLU B 176 22.71 -4.08 39.54
C GLU B 176 23.65 -5.03 40.29
N ARG B 177 24.89 -5.19 39.85
CA ARG B 177 25.86 -6.17 40.39
C ARG B 177 27.29 -5.75 40.10
N SER B 178 28.21 -5.97 41.03
CA SER B 178 29.65 -5.72 40.82
C SER B 178 30.33 -6.85 40.03
N LEU B 179 31.35 -6.53 39.23
CA LEU B 179 32.14 -7.49 38.44
C LEU B 179 33.57 -7.67 38.94
N GLY B 180 34.02 -6.86 39.90
CA GLY B 180 35.43 -6.76 40.29
C GLY B 180 36.26 -6.01 39.26
N SER B 181 37.56 -5.86 39.50
CA SER B 181 38.50 -5.05 38.68
C SER B 181 38.06 -3.59 38.47
N GLY B 182 37.24 -3.05 39.40
CA GLY B 182 36.71 -1.69 39.35
C GLY B 182 35.49 -1.52 38.44
N LEU B 183 34.82 -2.60 38.04
CA LEU B 183 33.62 -2.58 37.19
C LEU B 183 32.37 -3.09 37.91
N LYS B 184 31.21 -2.65 37.40
CA LYS B 184 29.88 -3.16 37.74
C LYS B 184 28.98 -3.09 36.52
N PHE B 185 27.78 -3.65 36.59
CA PHE B 185 26.76 -3.41 35.59
C PHE B 185 25.41 -3.14 36.25
N CYS B 186 24.53 -2.45 35.54
CA CYS B 186 23.11 -2.43 35.83
C CYS B 186 22.35 -2.74 34.55
N GLY B 187 21.22 -3.40 34.65
CA GLY B 187 20.45 -3.77 33.48
C GLY B 187 19.04 -4.22 33.80
N SER B 188 18.23 -4.40 32.78
CA SER B 188 16.85 -4.88 32.87
C SER B 188 16.48 -5.69 31.65
N MET B 189 15.46 -6.53 31.76
CA MET B 189 14.90 -7.30 30.66
C MET B 189 13.38 -7.26 30.72
N SER B 190 12.70 -7.13 29.59
CA SER B 190 11.24 -7.21 29.55
C SER B 190 10.76 -8.66 29.61
N SER B 191 9.59 -8.89 30.21
CA SER B 191 9.08 -10.21 30.59
C SER B 191 8.39 -11.01 29.48
N SER B 192 8.39 -10.52 28.23
CA SER B 192 7.64 -11.11 27.13
C SER B 192 8.51 -11.89 26.13
N GLY B 193 7.87 -12.60 25.20
CA GLY B 193 8.58 -13.32 24.14
C GLY B 193 9.21 -12.44 23.07
N GLN B 194 8.78 -11.18 22.92
CA GLN B 194 9.56 -10.20 22.16
C GLN B 194 10.29 -9.36 23.19
N ALA B 195 11.51 -9.74 23.51
CA ALA B 195 12.18 -9.22 24.70
C ALA B 195 13.14 -8.09 24.30
N THR B 196 13.38 -7.16 25.23
CA THR B 196 14.48 -6.22 25.14
C THR B 196 15.36 -6.38 26.37
N LEU B 197 16.65 -6.66 26.22
CA LEU B 197 17.62 -6.70 27.31
C LEU B 197 18.49 -5.46 27.20
N GLU B 198 18.61 -4.67 28.26
CA GLU B 198 19.48 -3.51 28.30
C GLU B 198 20.42 -3.62 29.48
N ILE B 199 21.71 -3.49 29.23
CA ILE B 199 22.77 -3.53 30.24
C ILE B 199 23.67 -2.31 30.02
N HIS B 200 24.05 -1.63 31.09
CA HIS B 200 25.12 -0.65 31.13
C HIS B 200 26.25 -1.25 31.95
N VAL B 201 27.46 -1.32 31.39
CA VAL B 201 28.66 -1.73 32.13
C VAL B 201 29.42 -0.47 32.48
N LEU B 202 29.74 -0.28 33.75
CA LEU B 202 30.14 0.99 34.34
C LEU B 202 31.37 0.81 35.23
N LYS B 203 32.09 1.90 35.52
CA LYS B 203 33.00 1.94 36.67
C LYS B 203 32.20 1.73 37.96
N GLU B 204 32.77 1.01 38.91
CA GLU B 204 32.13 0.71 40.20
C GLU B 204 31.83 1.97 41.03
N SER B 205 32.63 3.02 40.85
CA SER B 205 32.52 4.31 41.56
C SER B 205 31.47 5.27 40.99
N GLU B 206 30.73 4.91 39.95
CA GLU B 206 29.82 5.81 39.20
C GLU B 206 28.34 5.40 39.30
N THR B 207 27.42 6.36 39.17
CA THR B 207 25.97 6.10 39.18
C THR B 207 25.49 5.46 37.87
N CYS B 208 24.59 4.48 37.95
CA CYS B 208 23.94 3.85 36.80
C CYS B 208 23.09 4.85 35.99
N MET B 209 22.91 4.57 34.69
CA MET B 209 22.03 5.23 33.70
C MET B 209 21.69 6.71 34.04
N ILE C 28 -18.69 -46.57 -8.13
CA ILE C 28 -18.05 -46.13 -6.86
C ILE C 28 -16.52 -45.96 -7.00
N ALA C 29 -15.77 -47.03 -7.26
CA ALA C 29 -14.32 -47.10 -7.00
C ALA C 29 -13.45 -46.00 -7.65
N ALA C 30 -13.72 -45.57 -8.88
CA ALA C 30 -12.93 -44.51 -9.51
C ALA C 30 -13.03 -43.16 -8.75
N GLY C 31 -14.13 -42.90 -8.05
CA GLY C 31 -14.29 -41.69 -7.24
C GLY C 31 -13.30 -41.60 -6.09
N THR C 32 -12.97 -42.71 -5.42
CA THR C 32 -11.94 -42.72 -4.36
C THR C 32 -10.52 -42.66 -4.94
N ILE C 33 -10.30 -43.11 -6.19
CA ILE C 33 -9.02 -42.93 -6.89
C ILE C 33 -8.80 -41.45 -7.23
N ILE C 34 -9.79 -40.75 -7.80
CA ILE C 34 -9.65 -39.31 -8.08
C ILE C 34 -9.55 -38.51 -6.76
N ALA C 35 -10.28 -38.89 -5.71
CA ALA C 35 -10.14 -38.24 -4.40
C ALA C 35 -8.72 -38.43 -3.80
N GLY C 36 -8.15 -39.63 -3.92
CA GLY C 36 -6.77 -39.92 -3.52
C GLY C 36 -5.71 -39.21 -4.39
N ALA C 37 -5.98 -39.03 -5.67
CA ALA C 37 -5.13 -38.24 -6.55
C ALA C 37 -5.12 -36.77 -6.12
N GLU C 38 -6.27 -36.17 -5.84
CA GLU C 38 -6.33 -34.80 -5.33
C GLU C 38 -5.69 -34.65 -3.94
N LEU C 39 -5.85 -35.61 -3.03
CA LEU C 39 -5.10 -35.64 -1.77
C LEU C 39 -3.59 -35.66 -2.02
N THR C 40 -3.11 -36.49 -2.95
CA THR C 40 -1.68 -36.59 -3.27
C THR C 40 -1.15 -35.28 -3.87
N ILE C 41 -1.86 -34.66 -4.82
CA ILE C 41 -1.40 -33.37 -5.33
C ILE C 41 -1.52 -32.27 -4.29
N GLY C 42 -2.45 -32.34 -3.33
CA GLY C 42 -2.48 -31.45 -2.17
C GLY C 42 -1.23 -31.58 -1.28
N LEU C 43 -0.71 -32.79 -1.07
CA LEU C 43 0.57 -33.01 -0.39
C LEU C 43 1.75 -32.47 -1.20
N LEU C 44 1.87 -32.85 -2.47
CA LEU C 44 3.01 -32.46 -3.31
C LEU C 44 3.04 -30.95 -3.58
N GLN C 45 1.90 -30.27 -3.68
CA GLN C 45 1.85 -28.81 -3.76
C GLN C 45 2.43 -28.18 -2.48
N ASN C 46 1.98 -28.61 -1.29
CA ASN C 46 2.50 -28.10 -0.03
C ASN C 46 3.98 -28.44 0.18
N LEU C 47 4.46 -29.61 -0.25
CA LEU C 47 5.87 -29.97 -0.21
C LEU C 47 6.73 -29.05 -1.06
N LEU C 48 6.38 -28.85 -2.33
CA LEU C 48 7.17 -28.02 -3.23
C LEU C 48 7.06 -26.54 -2.88
N ASP C 49 5.92 -26.06 -2.35
CA ASP C 49 5.82 -24.70 -1.82
C ASP C 49 6.66 -24.49 -0.55
N VAL C 50 6.81 -25.49 0.32
CA VAL C 50 7.73 -25.39 1.47
C VAL C 50 9.18 -25.31 1.00
N LEU C 51 9.64 -26.23 0.15
CA LEU C 51 11.02 -26.21 -0.38
C LEU C 51 11.32 -24.95 -1.20
N ALA C 52 10.33 -24.35 -1.87
CA ALA C 52 10.51 -23.09 -2.59
C ALA C 52 10.62 -21.87 -1.67
N ASN C 53 9.92 -21.85 -0.53
CA ASN C 53 9.93 -20.73 0.42
C ASN C 53 11.01 -20.83 1.52
N VAL C 54 11.63 -22.00 1.76
CA VAL C 54 12.86 -22.10 2.55
C VAL C 54 14.01 -21.42 1.79
N ASN C 55 14.52 -20.33 2.36
CA ASN C 55 15.47 -19.43 1.70
C ASN C 55 16.85 -19.49 2.35
N ARG C 56 17.92 -19.39 1.56
CA ARG C 56 19.31 -19.33 2.04
C ARG C 56 20.04 -18.23 1.29
N LYS C 57 20.80 -17.39 1.98
CA LYS C 57 21.65 -16.37 1.37
C LYS C 57 22.83 -16.04 2.25
N CYS C 58 23.87 -15.45 1.68
CA CYS C 58 25.04 -15.00 2.42
C CYS C 58 25.45 -13.62 1.92
N ALA C 59 25.17 -12.54 2.65
CA ALA C 59 25.72 -11.24 2.33
C ALA C 59 27.22 -11.20 2.68
N VAL C 60 28.11 -11.32 1.69
CA VAL C 60 29.56 -11.37 1.87
C VAL C 60 30.15 -9.97 1.72
N GLY C 61 30.71 -9.43 2.79
CA GLY C 61 31.54 -8.24 2.77
C GLY C 61 33.01 -8.60 2.97
N VAL C 62 33.87 -8.24 2.03
CA VAL C 62 35.33 -8.39 2.18
C VAL C 62 35.97 -7.03 2.03
N ASP C 63 36.64 -6.54 3.07
CA ASP C 63 37.08 -5.15 3.19
C ASP C 63 38.60 -5.09 3.03
N ASN C 64 39.10 -4.30 2.08
CA ASN C 64 40.48 -4.33 1.63
C ASN C 64 41.36 -3.27 2.32
N GLU C 65 41.75 -3.50 3.57
CA GLU C 65 42.75 -2.68 4.26
C GLU C 65 44.20 -3.19 4.01
N SER C 66 44.42 -3.95 2.93
CA SER C 66 45.66 -4.66 2.62
C SER C 66 46.82 -3.75 2.17
N GLY C 67 46.54 -2.54 1.66
CA GLY C 67 47.54 -1.67 1.03
C GLY C 67 47.94 -2.05 -0.40
N PHE C 68 47.26 -3.03 -1.00
CA PHE C 68 47.45 -3.53 -2.37
C PHE C 68 46.13 -3.49 -3.14
N ARG C 69 46.16 -3.26 -4.45
CA ARG C 69 44.97 -3.39 -5.33
C ARG C 69 44.69 -4.84 -5.66
N TRP C 70 43.47 -5.30 -5.45
CA TRP C 70 42.96 -6.59 -5.93
C TRP C 70 42.37 -6.46 -7.32
N GLN C 71 42.46 -7.48 -8.16
CA GLN C 71 41.96 -7.44 -9.54
C GLN C 71 41.58 -8.82 -10.08
N GLU C 72 40.94 -8.86 -11.25
CA GLU C 72 40.55 -10.08 -11.96
C GLU C 72 39.60 -10.96 -11.14
N GLY C 73 38.61 -10.34 -10.51
CA GLY C 73 37.68 -11.02 -9.61
C GLY C 73 36.97 -12.21 -10.26
N SER C 74 36.99 -13.37 -9.60
CA SER C 74 36.39 -14.62 -10.05
C SER C 74 35.56 -15.27 -8.95
N THR C 75 34.60 -16.13 -9.32
CA THR C 75 33.71 -16.77 -8.37
C THR C 75 33.32 -18.17 -8.81
N TYR C 76 33.13 -19.08 -7.87
CA TYR C 76 32.70 -20.45 -8.11
C TYR C 76 31.58 -20.79 -7.14
N PHE C 77 30.51 -21.43 -7.61
CA PHE C 77 29.45 -21.92 -6.75
C PHE C 77 29.42 -23.44 -6.76
N PHE C 78 29.57 -24.04 -5.60
CA PHE C 78 29.22 -25.45 -5.41
C PHE C 78 27.70 -25.60 -5.41
N SER C 79 26.99 -24.67 -4.75
CA SER C 79 25.54 -24.58 -4.67
C SER C 79 25.10 -23.11 -4.64
N GLY C 80 23.92 -22.79 -5.16
CA GLY C 80 23.42 -21.41 -5.21
C GLY C 80 24.07 -20.54 -6.29
N THR C 81 23.80 -19.24 -6.26
CA THR C 81 24.17 -18.28 -7.30
C THR C 81 24.07 -16.82 -6.84
N ALA C 82 24.69 -15.88 -7.55
CA ALA C 82 24.43 -14.44 -7.41
C ALA C 82 23.59 -13.88 -8.59
N ASP C 83 22.92 -12.73 -8.40
CA ASP C 83 22.25 -11.98 -9.47
C ASP C 83 23.14 -10.86 -10.03
N GLU C 84 23.84 -10.15 -9.15
CA GLU C 84 24.79 -9.11 -9.50
C GLU C 84 26.16 -9.67 -9.90
N ASN C 85 26.99 -8.86 -10.54
CA ASN C 85 28.40 -9.17 -10.73
C ASN C 85 29.24 -8.77 -9.53
N LEU C 86 30.26 -9.58 -9.28
CA LEU C 86 31.40 -9.22 -8.45
C LEU C 86 32.17 -8.07 -9.12
N PRO C 87 32.72 -7.06 -8.42
CA PRO C 87 33.45 -5.97 -9.08
C PRO C 87 34.84 -6.43 -9.54
N TYR C 88 35.36 -5.90 -10.65
CA TYR C 88 36.62 -6.37 -11.25
C TYR C 88 37.81 -6.22 -10.32
N SER C 89 37.83 -5.15 -9.54
CA SER C 89 38.96 -4.73 -8.72
C SER C 89 38.51 -4.06 -7.43
N VAL C 90 39.33 -4.19 -6.39
CA VAL C 90 39.16 -3.47 -5.13
C VAL C 90 40.45 -2.70 -4.84
N SER C 91 40.38 -1.38 -4.76
CA SER C 91 41.53 -0.55 -4.40
C SER C 91 41.75 -0.51 -2.89
N ASP C 92 42.86 0.06 -2.44
CA ASP C 92 43.19 0.23 -1.03
C ASP C 92 42.10 1.02 -0.27
N GLY C 93 41.49 0.41 0.74
CA GLY C 93 40.43 1.00 1.55
C GLY C 93 38.99 0.78 1.06
N TYR C 94 38.78 0.11 -0.08
CA TYR C 94 37.45 -0.21 -0.62
C TYR C 94 36.99 -1.63 -0.24
N ALA C 95 35.74 -1.97 -0.48
CA ALA C 95 35.16 -3.26 -0.10
C ALA C 95 34.49 -3.99 -1.27
N VAL C 96 34.61 -5.31 -1.29
CA VAL C 96 33.63 -6.19 -1.94
C VAL C 96 32.37 -6.17 -1.08
N LEU C 97 31.21 -6.02 -1.71
CA LEU C 97 29.91 -6.23 -1.09
C LEU C 97 29.11 -7.08 -2.08
N TYR C 98 29.01 -8.38 -1.81
CA TYR C 98 28.56 -9.38 -2.77
C TYR C 98 27.47 -10.27 -2.17
N GLY C 99 26.35 -10.42 -2.87
CA GLY C 99 25.17 -11.13 -2.38
C GLY C 99 24.80 -12.38 -3.20
N PRO C 100 25.23 -13.56 -2.75
CA PRO C 100 24.79 -14.84 -3.28
C PRO C 100 23.70 -15.51 -2.42
N ARG C 101 22.88 -16.33 -3.09
CA ARG C 101 21.59 -16.87 -2.61
C ARG C 101 21.31 -18.26 -3.21
N LYS C 102 20.54 -19.14 -2.60
CA LYS C 102 20.19 -20.44 -3.23
C LYS C 102 19.37 -20.29 -4.53
N THR C 103 19.39 -21.33 -5.36
CA THR C 103 18.62 -21.43 -6.62
C THR C 103 17.11 -21.29 -6.37
N ASN C 104 16.37 -20.66 -7.29
CA ASN C 104 14.90 -20.50 -7.14
C ASN C 104 14.19 -21.83 -7.16
N GLY C 105 12.98 -21.91 -6.65
CA GLY C 105 12.14 -23.10 -6.68
C GLY C 105 12.55 -24.18 -5.66
N PRO C 106 11.94 -25.36 -5.72
CA PRO C 106 12.02 -26.39 -4.68
C PRO C 106 13.32 -27.21 -4.69
N VAL C 107 14.49 -26.57 -4.66
CA VAL C 107 15.76 -27.21 -5.02
C VAL C 107 16.45 -27.98 -3.88
N ALA C 108 16.15 -27.69 -2.60
CA ALA C 108 16.73 -28.38 -1.45
C ALA C 108 18.27 -28.36 -1.35
N THR C 109 18.92 -27.33 -1.90
CA THR C 109 20.36 -27.06 -1.77
C THR C 109 20.60 -25.65 -1.23
N GLY C 110 21.70 -25.47 -0.49
CA GLY C 110 22.05 -24.20 0.16
C GLY C 110 22.75 -23.22 -0.76
N VAL C 111 23.56 -22.32 -0.21
CA VAL C 111 24.51 -21.51 -0.98
C VAL C 111 25.94 -21.69 -0.48
N VAL C 112 26.84 -22.11 -1.36
CA VAL C 112 28.19 -22.56 -1.03
C VAL C 112 29.10 -22.19 -2.17
N GLY C 113 30.20 -21.50 -1.92
CA GLY C 113 31.02 -20.98 -3.01
C GLY C 113 32.36 -20.44 -2.60
N VAL C 114 33.12 -20.04 -3.60
CA VAL C 114 34.42 -19.39 -3.49
C VAL C 114 34.37 -18.08 -4.27
N LEU C 115 35.07 -17.08 -3.76
CA LEU C 115 35.34 -15.78 -4.35
C LEU C 115 36.86 -15.63 -4.40
N ALA C 116 37.48 -15.27 -5.51
CA ALA C 116 38.93 -15.06 -5.54
C ALA C 116 39.35 -13.85 -6.36
N TYR C 117 40.39 -13.16 -5.90
CA TYR C 117 41.02 -12.02 -6.57
C TYR C 117 42.53 -12.22 -6.66
N TYR C 118 43.16 -11.77 -7.72
CA TYR C 118 44.61 -11.73 -7.82
C TYR C 118 45.16 -10.43 -7.19
N ILE C 119 46.32 -10.52 -6.54
CA ILE C 119 46.99 -9.41 -5.86
C ILE C 119 48.42 -9.27 -6.43
N PRO C 120 48.61 -8.55 -7.54
CA PRO C 120 49.87 -8.55 -8.29
C PRO C 120 51.04 -7.93 -7.53
N SER C 121 50.79 -7.08 -6.53
CA SER C 121 51.83 -6.49 -5.67
C SER C 121 52.61 -7.51 -4.84
N ILE C 122 52.07 -8.72 -4.67
CA ILE C 122 52.69 -9.84 -3.93
C ILE C 122 52.75 -11.15 -4.73
N GLY C 123 52.04 -11.25 -5.86
CA GLY C 123 52.08 -12.41 -6.75
C GLY C 123 51.24 -13.59 -6.24
N LYS C 124 50.12 -13.32 -5.57
CA LYS C 124 49.28 -14.32 -4.89
C LYS C 124 47.80 -14.01 -5.09
N THR C 125 46.92 -14.99 -4.97
CA THR C 125 45.48 -14.80 -5.07
C THR C 125 44.75 -15.11 -3.77
N LEU C 126 44.03 -14.13 -3.23
CA LEU C 126 43.18 -14.29 -2.07
C LEU C 126 41.90 -15.01 -2.52
N ALA C 127 41.56 -16.12 -1.87
CA ALA C 127 40.29 -16.81 -2.04
C ALA C 127 39.50 -16.83 -0.73
N VAL C 128 38.23 -16.45 -0.78
CA VAL C 128 37.28 -16.43 0.33
C VAL C 128 36.21 -17.49 0.06
N MET C 129 35.87 -18.30 1.04
CA MET C 129 34.85 -19.36 0.93
C MET C 129 33.76 -19.15 1.97
N TRP C 130 32.52 -19.45 1.61
CA TRP C 130 31.39 -19.55 2.55
C TRP C 130 30.58 -20.79 2.25
N SER C 131 29.85 -21.28 3.24
CA SER C 131 28.98 -22.44 3.11
C SER C 131 27.77 -22.28 4.01
N VAL C 132 26.62 -21.94 3.44
CA VAL C 132 25.33 -21.82 4.13
C VAL C 132 24.45 -22.99 3.68
N PRO C 133 24.35 -24.10 4.43
CA PRO C 133 23.68 -25.31 3.96
C PRO C 133 22.15 -25.20 3.98
N PHE C 134 21.49 -26.12 3.29
CA PHE C 134 20.02 -26.22 3.36
C PHE C 134 19.57 -26.88 4.66
N ASP C 135 20.14 -28.03 5.01
CA ASP C 135 19.73 -28.86 6.13
C ASP C 135 20.70 -28.76 7.30
N TYR C 136 20.29 -28.04 8.34
CA TYR C 136 21.08 -27.80 9.54
C TYR C 136 21.15 -28.97 10.53
N ASN C 137 20.56 -30.12 10.24
CA ASN C 137 20.77 -31.33 11.03
C ASN C 137 22.11 -32.00 10.65
N PHE C 138 22.45 -31.99 9.37
CA PHE C 138 23.67 -32.58 8.83
C PHE C 138 24.86 -31.61 8.82
N TYR C 139 24.60 -30.31 8.71
CA TYR C 139 25.60 -29.28 8.40
C TYR C 139 25.43 -28.02 9.25
N GLN C 140 26.39 -27.11 9.18
CA GLN C 140 26.34 -25.78 9.81
C GLN C 140 26.98 -24.73 8.92
N ASN C 141 26.80 -23.44 9.23
CA ASN C 141 27.50 -22.38 8.50
C ASN C 141 29.01 -22.50 8.72
N TRP C 142 29.79 -22.47 7.65
CA TRP C 142 31.26 -22.41 7.69
C TRP C 142 31.77 -21.32 6.75
N TRP C 143 32.93 -20.75 7.04
CA TRP C 143 33.65 -19.86 6.13
C TRP C 143 35.15 -20.02 6.29
N ASN C 144 35.93 -19.54 5.34
CA ASN C 144 37.39 -19.57 5.39
C ASN C 144 37.98 -18.55 4.40
N ALA C 145 39.26 -18.23 4.51
CA ALA C 145 40.01 -17.52 3.49
C ALA C 145 41.48 -17.97 3.45
N LYS C 146 42.11 -17.98 2.28
CA LYS C 146 43.52 -18.34 2.11
C LYS C 146 44.14 -17.62 0.92
N LEU C 147 45.45 -17.47 0.92
CA LEU C 147 46.22 -16.71 -0.05
C LEU C 147 47.13 -17.65 -0.85
N TYR C 148 46.65 -18.10 -2.01
CA TYR C 148 47.33 -19.06 -2.89
C TYR C 148 48.45 -18.43 -3.71
N SER C 149 49.44 -19.22 -4.12
CA SER C 149 50.51 -18.74 -4.99
C SER C 149 50.04 -18.53 -6.44
N GLY C 150 50.49 -17.45 -7.08
CA GLY C 150 50.20 -17.15 -8.48
C GLY C 150 48.80 -16.61 -8.75
N ASN C 151 48.53 -16.32 -10.02
CA ASN C 151 47.19 -16.01 -10.52
C ASN C 151 46.41 -17.32 -10.74
N GLN C 152 45.27 -17.50 -10.07
CA GLN C 152 44.42 -18.68 -10.23
C GLN C 152 42.94 -18.27 -10.33
N ASP C 153 42.19 -18.91 -11.22
CA ASP C 153 40.74 -18.75 -11.30
C ASP C 153 40.07 -19.44 -10.11
N ALA C 154 38.93 -18.95 -9.61
CA ALA C 154 38.19 -19.63 -8.54
C ALA C 154 37.53 -20.90 -9.07
N ASP C 155 37.77 -22.06 -8.46
CA ASP C 155 37.18 -23.33 -8.87
C ASP C 155 37.05 -24.34 -7.72
N TYR C 156 36.53 -25.53 -8.03
CA TYR C 156 36.26 -26.60 -7.07
C TYR C 156 37.49 -27.01 -6.24
N ASP C 157 38.71 -26.98 -6.79
CA ASP C 157 39.91 -27.36 -6.03
C ASP C 157 40.17 -26.39 -4.87
N HIS C 158 39.78 -25.13 -4.99
CA HIS C 158 39.83 -24.16 -3.89
C HIS C 158 38.71 -24.41 -2.90
N TYR C 159 37.51 -24.80 -3.35
CA TYR C 159 36.42 -25.12 -2.43
C TYR C 159 36.79 -26.29 -1.52
N VAL C 160 37.21 -27.44 -2.08
CA VAL C 160 37.55 -28.59 -1.24
C VAL C 160 38.74 -28.30 -0.33
N ASP C 161 39.68 -27.48 -0.74
CA ASP C 161 40.79 -27.07 0.11
C ASP C 161 40.32 -26.17 1.26
N LEU C 162 39.67 -25.05 0.95
CA LEU C 162 39.15 -24.12 1.95
C LEU C 162 38.12 -24.75 2.89
N TYR C 163 37.43 -25.83 2.50
CA TYR C 163 36.43 -26.50 3.33
C TYR C 163 36.94 -27.74 4.07
N TYR C 164 37.93 -28.48 3.55
CA TYR C 164 38.44 -29.71 4.15
C TYR C 164 39.96 -29.72 4.41
N ASP C 165 40.79 -29.25 3.50
CA ASP C 165 42.26 -29.36 3.62
C ASP C 165 42.89 -28.26 4.49
N ALA C 166 42.18 -27.15 4.73
CA ALA C 166 42.49 -26.11 5.70
C ALA C 166 41.33 -25.91 6.68
N ASN C 167 41.60 -25.56 7.94
CA ASN C 167 40.58 -25.47 9.00
C ASN C 167 39.63 -24.28 8.78
N PRO C 168 38.32 -24.47 8.50
CA PRO C 168 37.34 -23.39 8.40
C PRO C 168 36.88 -22.87 9.78
N PHE C 169 36.02 -21.85 9.80
CA PHE C 169 35.48 -21.22 11.01
C PHE C 169 33.97 -21.40 11.18
N LYS C 170 33.50 -21.63 12.42
CA LYS C 170 32.17 -22.19 12.74
C LYS C 170 30.98 -21.22 12.70
N ALA C 171 31.16 -19.96 12.34
CA ALA C 171 30.11 -18.92 12.46
C ALA C 171 29.66 -18.66 13.91
N ASN C 172 30.61 -18.60 14.85
CA ASN C 172 30.40 -18.40 16.29
C ASN C 172 31.04 -17.10 16.83
N GLY C 173 31.06 -16.05 16.01
CA GLY C 173 31.71 -14.76 16.32
C GLY C 173 33.02 -14.53 15.56
N TRP C 174 33.85 -13.60 16.03
CA TRP C 174 35.04 -13.14 15.32
C TRP C 174 36.25 -14.05 15.46
N HIS C 175 36.96 -14.25 14.35
CA HIS C 175 38.18 -15.05 14.20
C HIS C 175 39.23 -14.27 13.43
N GLU C 176 40.50 -14.63 13.60
CA GLU C 176 41.64 -13.93 12.98
C GLU C 176 42.75 -14.92 12.60
N ARG C 177 43.43 -14.69 11.48
CA ARG C 177 44.45 -15.62 10.92
C ARG C 177 45.43 -14.88 10.04
N SER C 178 46.71 -15.26 10.06
CA SER C 178 47.73 -14.70 9.14
C SER C 178 47.69 -15.35 7.75
N LEU C 179 48.03 -14.59 6.71
CA LEU C 179 48.07 -15.06 5.30
C LEU C 179 49.51 -15.16 4.74
N GLY C 180 50.51 -14.68 5.47
CA GLY C 180 51.86 -14.48 4.95
C GLY C 180 51.95 -13.28 4.02
N SER C 181 53.14 -13.01 3.47
CA SER C 181 53.45 -11.81 2.66
C SER C 181 53.11 -10.48 3.33
N GLY C 182 53.08 -10.45 4.67
CA GLY C 182 52.75 -9.27 5.47
C GLY C 182 51.25 -9.00 5.63
N LEU C 183 50.39 -9.97 5.33
CA LEU C 183 48.93 -9.85 5.44
C LEU C 183 48.34 -10.79 6.49
N LYS C 184 47.16 -10.41 6.98
CA LYS C 184 46.26 -11.22 7.82
C LYS C 184 44.81 -10.87 7.51
N PHE C 185 43.87 -11.62 8.06
CA PHE C 185 42.47 -11.21 8.05
C PHE C 185 41.84 -11.44 9.42
N CYS C 186 40.78 -10.70 9.70
CA CYS C 186 39.84 -11.03 10.75
C CYS C 186 38.43 -10.99 10.18
N GLY C 187 37.54 -11.82 10.67
CA GLY C 187 36.18 -11.87 10.15
C GLY C 187 35.23 -12.64 11.04
N SER C 188 33.95 -12.58 10.72
CA SER C 188 32.88 -13.30 11.42
C SER C 188 31.77 -13.67 10.46
N MET C 189 30.96 -14.66 10.83
CA MET C 189 29.78 -15.07 10.08
C MET C 189 28.63 -15.31 11.03
N SER C 190 27.41 -14.90 10.69
CA SER C 190 26.23 -15.22 11.49
C SER C 190 25.76 -16.66 11.26
N SER C 191 25.17 -17.27 12.29
CA SER C 191 24.89 -18.72 12.36
C SER C 191 23.60 -19.17 11.66
N SER C 192 22.89 -18.28 10.98
CA SER C 192 21.56 -18.55 10.41
C SER C 192 21.57 -18.76 8.90
N GLY C 193 20.44 -19.19 8.34
CA GLY C 193 20.29 -19.36 6.89
C GLY C 193 20.21 -18.06 6.10
N GLN C 194 19.90 -16.92 6.72
CA GLN C 194 20.12 -15.62 6.11
C GLN C 194 21.42 -15.10 6.73
N ALA C 195 22.54 -15.34 6.08
CA ALA C 195 23.83 -15.17 6.73
C ALA C 195 24.44 -13.84 6.32
N THR C 196 25.29 -13.27 7.19
CA THR C 196 26.18 -12.18 6.84
C THR C 196 27.61 -12.62 7.13
N LEU C 197 28.50 -12.60 6.16
CA LEU C 197 29.94 -12.86 6.33
C LEU C 197 30.66 -11.53 6.22
N GLU C 198 31.48 -11.17 7.19
CA GLU C 198 32.28 -9.96 7.16
C GLU C 198 33.74 -10.32 7.40
N ILE C 199 34.62 -9.90 6.50
CA ILE C 199 36.05 -10.10 6.57
C ILE C 199 36.74 -8.76 6.35
N HIS C 200 37.76 -8.45 7.14
CA HIS C 200 38.71 -7.37 6.93
C HIS C 200 40.04 -8.02 6.60
N VAL C 201 40.65 -7.68 5.46
CA VAL C 201 42.01 -8.12 5.12
C VAL C 201 42.93 -6.95 5.40
N LEU C 202 43.98 -7.18 6.18
CA LEU C 202 44.77 -6.15 6.85
C LEU C 202 46.26 -6.42 6.69
N LYS C 203 47.09 -5.40 6.88
CA LYS C 203 48.52 -5.61 7.18
C LYS C 203 48.66 -6.41 8.47
N GLU C 204 49.63 -7.30 8.54
CA GLU C 204 49.88 -8.15 9.71
C GLU C 204 50.26 -7.34 10.97
N SER C 205 50.88 -6.18 10.77
CA SER C 205 51.34 -5.27 11.82
C SER C 205 50.25 -4.35 12.42
N GLU C 206 49.00 -4.45 11.98
CA GLU C 206 47.91 -3.50 12.34
C GLU C 206 46.77 -4.17 13.13
N THR C 207 46.05 -3.40 13.95
CA THR C 207 44.89 -3.89 14.71
C THR C 207 43.66 -4.09 13.82
N CYS C 208 42.91 -5.19 14.04
CA CYS C 208 41.63 -5.46 13.37
C CYS C 208 40.57 -4.40 13.68
N MET C 209 39.60 -4.22 12.76
CA MET C 209 38.37 -3.41 12.84
C MET C 209 38.44 -2.24 13.85
N ILE D 28 -23.84 -43.09 -12.61
CA ILE D 28 -22.53 -43.02 -11.91
C ILE D 28 -21.40 -42.56 -12.85
N ALA D 29 -21.06 -43.33 -13.90
CA ALA D 29 -19.76 -43.23 -14.59
C ALA D 29 -19.37 -41.84 -15.15
N ALA D 30 -20.30 -41.05 -15.70
CA ALA D 30 -19.96 -39.72 -16.20
C ALA D 30 -19.46 -38.77 -15.10
N GLY D 31 -19.88 -38.96 -13.83
CA GLY D 31 -19.40 -38.17 -12.70
C GLY D 31 -17.91 -38.33 -12.44
N THR D 32 -17.34 -39.53 -12.59
CA THR D 32 -15.88 -39.74 -12.46
C THR D 32 -15.11 -39.24 -13.68
N ILE D 33 -15.74 -39.17 -14.87
CA ILE D 33 -15.15 -38.53 -16.06
C ILE D 33 -15.05 -37.01 -15.86
N ILE D 34 -16.12 -36.34 -15.41
CA ILE D 34 -16.04 -34.90 -15.14
C ILE D 34 -15.09 -34.61 -13.96
N ALA D 35 -15.05 -35.45 -12.92
CA ALA D 35 -14.09 -35.30 -11.82
C ALA D 35 -12.63 -35.45 -12.32
N GLY D 36 -12.35 -36.41 -13.20
CA GLY D 36 -11.05 -36.58 -13.84
C GLY D 36 -10.68 -35.44 -14.80
N ALA D 37 -11.67 -34.86 -15.49
CA ALA D 37 -11.46 -33.67 -16.32
C ALA D 37 -11.06 -32.47 -15.46
N GLU D 38 -11.73 -32.23 -14.33
CA GLU D 38 -11.36 -31.15 -13.41
C GLU D 38 -9.99 -31.40 -12.75
N LEU D 39 -9.65 -32.63 -12.39
CA LEU D 39 -8.29 -32.98 -11.95
C LEU D 39 -7.25 -32.65 -13.03
N THR D 40 -7.51 -33.01 -14.28
CA THR D 40 -6.59 -32.73 -15.40
C THR D 40 -6.42 -31.23 -15.63
N ILE D 41 -7.50 -30.45 -15.65
CA ILE D 41 -7.33 -29.00 -15.78
C ILE D 41 -6.70 -28.38 -14.55
N GLY D 42 -6.86 -28.95 -13.35
CA GLY D 42 -6.08 -28.55 -12.17
C GLY D 42 -4.57 -28.76 -12.34
N LEU D 43 -4.15 -29.86 -12.95
CA LEU D 43 -2.74 -30.09 -13.31
C LEU D 43 -2.27 -29.10 -14.38
N LEU D 44 -2.98 -28.98 -15.50
CA LEU D 44 -2.56 -28.13 -16.61
C LEU D 44 -2.55 -26.65 -16.25
N GLN D 45 -3.46 -26.17 -15.38
CA GLN D 45 -3.41 -24.82 -14.84
C GLN D 45 -2.12 -24.59 -14.03
N ASN D 46 -1.79 -25.48 -13.10
CA ASN D 46 -0.56 -25.38 -12.31
C ASN D 46 0.70 -25.51 -13.17
N LEU D 47 0.70 -26.35 -14.21
CA LEU D 47 1.82 -26.46 -15.16
C LEU D 47 2.06 -25.16 -15.91
N LEU D 48 1.02 -24.58 -16.53
CA LEU D 48 1.17 -23.36 -17.32
C LEU D 48 1.43 -22.14 -16.43
N ASP D 49 0.89 -22.09 -15.20
CA ASP D 49 1.27 -21.04 -14.25
C ASP D 49 2.71 -21.16 -13.75
N VAL D 50 3.29 -22.36 -13.62
CA VAL D 50 4.72 -22.53 -13.31
C VAL D 50 5.58 -22.04 -14.47
N LEU D 51 5.34 -22.50 -15.70
CA LEU D 51 6.11 -22.06 -16.88
C LEU D 51 5.95 -20.55 -17.16
N ALA D 52 4.82 -19.94 -16.80
CA ALA D 52 4.63 -18.49 -16.94
C ALA D 52 5.38 -17.68 -15.88
N ASN D 53 5.53 -18.18 -14.65
CA ASN D 53 6.23 -17.50 -13.56
C ASN D 53 7.74 -17.79 -13.46
N VAL D 54 8.26 -18.84 -14.10
CA VAL D 54 9.70 -19.01 -14.32
C VAL D 54 10.20 -17.91 -15.27
N ASN D 55 11.05 -17.02 -14.76
CA ASN D 55 11.47 -15.80 -15.43
C ASN D 55 12.96 -15.85 -15.82
N ARG D 56 13.34 -15.30 -16.96
CA ARG D 56 14.72 -15.17 -17.42
C ARG D 56 14.94 -13.77 -17.97
N LYS D 57 16.03 -13.12 -17.60
CA LYS D 57 16.42 -11.82 -18.15
C LYS D 57 17.92 -11.63 -18.09
N CYS D 58 18.43 -10.70 -18.89
CA CYS D 58 19.84 -10.35 -18.89
C CYS D 58 20.00 -8.84 -18.95
N ALA D 59 20.32 -8.16 -17.86
CA ALA D 59 20.67 -6.75 -17.90
C ALA D 59 22.06 -6.59 -18.53
N VAL D 60 22.15 -6.18 -19.80
CA VAL D 60 23.40 -6.05 -20.55
C VAL D 60 23.90 -4.61 -20.48
N GLY D 61 25.04 -4.40 -19.83
CA GLY D 61 25.78 -3.15 -19.89
C GLY D 61 27.03 -3.31 -20.75
N VAL D 62 27.18 -2.49 -21.79
CA VAL D 62 28.39 -2.43 -22.61
C VAL D 62 28.94 -1.02 -22.57
N ASP D 63 30.13 -0.83 -22.03
CA ASP D 63 30.69 0.48 -21.68
C ASP D 63 31.79 0.86 -22.67
N ASN D 64 31.67 2.01 -23.33
CA ASN D 64 32.49 2.37 -24.48
C ASN D 64 33.69 3.25 -24.11
N GLU D 65 34.74 2.67 -23.55
CA GLU D 65 36.03 3.34 -23.33
C GLU D 65 36.96 3.21 -24.56
N SER D 66 36.41 2.94 -25.74
CA SER D 66 37.14 2.61 -26.97
C SER D 66 37.86 3.80 -27.63
N GLY D 67 37.43 5.04 -27.36
CA GLY D 67 37.91 6.24 -28.07
C GLY D 67 37.32 6.47 -29.46
N PHE D 68 36.33 5.67 -29.85
CA PHE D 68 35.60 5.73 -31.13
C PHE D 68 34.09 5.81 -30.88
N ARG D 69 33.34 6.50 -31.74
CA ARG D 69 31.86 6.49 -31.70
C ARG D 69 31.31 5.22 -32.34
N TRP D 70 30.43 4.52 -31.64
CA TRP D 70 29.63 3.41 -32.17
C TRP D 70 28.32 3.93 -32.76
N GLN D 71 27.79 3.30 -33.80
CA GLN D 71 26.56 3.74 -34.46
C GLN D 71 25.81 2.60 -35.15
N GLU D 72 24.58 2.87 -35.61
CA GLU D 72 23.74 1.94 -36.35
C GLU D 72 23.41 0.69 -35.55
N GLY D 73 23.06 0.86 -34.27
CA GLY D 73 22.82 -0.26 -33.35
C GLY D 73 21.75 -1.23 -33.84
N SER D 74 22.08 -2.53 -33.86
CA SER D 74 21.22 -3.63 -34.29
C SER D 74 21.17 -4.75 -33.27
N THR D 75 20.12 -5.57 -33.31
CA THR D 75 19.95 -6.66 -32.35
C THR D 75 19.24 -7.85 -32.96
N TYR D 76 19.58 -9.06 -32.53
CA TYR D 76 18.97 -10.30 -32.97
C TYR D 76 18.65 -11.15 -31.75
N PHE D 77 17.46 -11.75 -31.69
CA PHE D 77 17.11 -12.68 -30.64
C PHE D 77 16.94 -14.09 -31.22
N PHE D 78 17.72 -15.03 -30.72
CA PHE D 78 17.42 -16.45 -30.93
C PHE D 78 16.23 -16.85 -30.08
N SER D 79 16.16 -16.35 -28.84
CA SER D 79 15.06 -16.54 -27.89
C SER D 79 14.87 -15.28 -27.04
N GLY D 80 13.64 -15.00 -26.59
CA GLY D 80 13.35 -13.81 -25.80
C GLY D 80 13.28 -12.51 -26.61
N THR D 81 13.19 -11.37 -25.92
CA THR D 81 12.94 -10.06 -26.52
C THR D 81 13.28 -8.90 -25.57
N ALA D 82 13.41 -7.67 -26.08
CA ALA D 82 13.43 -6.44 -25.27
C ALA D 82 12.10 -5.66 -25.39
N ASP D 83 11.79 -4.79 -24.42
CA ASP D 83 10.67 -3.82 -24.49
C ASP D 83 11.12 -2.44 -24.98
N GLU D 84 12.29 -1.99 -24.50
CA GLU D 84 12.92 -0.74 -24.91
C GLU D 84 13.70 -0.88 -26.23
N ASN D 85 14.03 0.24 -26.85
CA ASN D 85 15.00 0.26 -27.94
C ASN D 85 16.43 0.34 -27.44
N LEU D 86 17.31 -0.32 -28.18
CA LEU D 86 18.74 -0.09 -28.13
C LEU D 86 19.05 1.34 -28.62
N PRO D 87 19.99 2.12 -28.06
CA PRO D 87 20.27 3.47 -28.54
C PRO D 87 21.03 3.46 -29.86
N TYR D 88 20.81 4.43 -30.75
CA TYR D 88 21.41 4.42 -32.10
C TYR D 88 22.92 4.43 -32.08
N SER D 89 23.50 5.15 -31.13
CA SER D 89 24.93 5.43 -31.07
C SER D 89 25.42 5.51 -29.63
N VAL D 90 26.69 5.16 -29.42
CA VAL D 90 27.40 5.35 -28.15
C VAL D 90 28.66 6.17 -28.42
N SER D 91 28.77 7.34 -27.81
CA SER D 91 29.97 8.17 -27.93
C SER D 91 31.07 7.71 -26.96
N ASP D 92 32.26 8.27 -27.08
CA ASP D 92 33.41 7.97 -26.21
C ASP D 92 33.07 8.24 -24.73
N GLY D 93 33.16 7.22 -23.89
CA GLY D 93 32.87 7.30 -22.45
C GLY D 93 31.41 7.02 -22.04
N TYR D 94 30.50 6.77 -22.98
CA TYR D 94 29.09 6.44 -22.70
C TYR D 94 28.84 4.92 -22.70
N ALA D 95 27.67 4.48 -22.25
CA ALA D 95 27.34 3.06 -22.16
C ALA D 95 26.02 2.69 -22.86
N VAL D 96 26.00 1.50 -23.45
CA VAL D 96 24.75 0.77 -23.67
C VAL D 96 24.28 0.26 -22.32
N LEU D 97 22.99 0.42 -22.01
CA LEU D 97 22.34 -0.22 -20.88
C LEU D 97 21.02 -0.78 -21.43
N TYR D 98 20.99 -2.08 -21.68
CA TYR D 98 19.96 -2.74 -22.48
C TYR D 98 19.39 -3.95 -21.75
N GLY D 99 18.07 -4.04 -21.64
CA GLY D 99 17.37 -5.06 -20.88
C GLY D 99 16.47 -5.98 -21.72
N PRO D 100 16.98 -7.16 -22.10
CA PRO D 100 16.19 -8.22 -22.71
C PRO D 100 15.79 -9.33 -21.72
N ARG D 101 14.68 -9.99 -22.01
CA ARG D 101 13.90 -10.87 -21.13
C ARG D 101 13.19 -11.98 -21.93
N LYS D 102 12.87 -13.14 -21.36
CA LYS D 102 12.10 -14.17 -22.11
C LYS D 102 10.68 -13.71 -22.49
N THR D 103 10.09 -14.37 -23.48
CA THR D 103 8.71 -14.14 -23.95
C THR D 103 7.68 -14.36 -22.84
N ASN D 104 6.60 -13.58 -22.81
CA ASN D 104 5.55 -13.74 -21.78
C ASN D 104 4.86 -15.07 -21.87
N GLY D 105 4.20 -15.54 -20.82
CA GLY D 105 3.42 -16.77 -20.80
C GLY D 105 4.27 -18.05 -20.74
N PRO D 106 3.64 -19.22 -20.88
CA PRO D 106 4.24 -20.52 -20.58
C PRO D 106 5.20 -21.05 -21.68
N VAL D 107 6.19 -20.27 -22.10
CA VAL D 107 6.92 -20.52 -23.36
C VAL D 107 8.08 -21.51 -23.25
N ALA D 108 8.65 -21.74 -22.06
CA ALA D 108 9.76 -22.70 -21.85
C ALA D 108 11.03 -22.45 -22.70
N THR D 109 11.28 -21.19 -23.07
CA THR D 109 12.53 -20.74 -23.72
C THR D 109 13.18 -19.60 -22.94
N GLY D 110 14.51 -19.51 -23.00
CA GLY D 110 15.29 -18.52 -22.25
C GLY D 110 15.37 -17.16 -22.94
N VAL D 111 16.43 -16.40 -22.70
CA VAL D 111 16.78 -15.21 -23.48
C VAL D 111 18.19 -15.32 -24.05
N VAL D 112 18.33 -15.23 -25.37
CA VAL D 112 19.55 -15.54 -26.10
C VAL D 112 19.60 -14.62 -27.30
N GLY D 113 20.69 -13.89 -27.52
CA GLY D 113 20.71 -12.89 -28.57
C GLY D 113 22.07 -12.31 -28.87
N VAL D 114 22.09 -11.46 -29.87
CA VAL D 114 23.24 -10.67 -30.31
C VAL D 114 22.83 -9.20 -30.33
N LEU D 115 23.80 -8.34 -30.00
CA LEU D 115 23.77 -6.90 -30.08
C LEU D 115 24.94 -6.48 -30.95
N ALA D 116 24.79 -5.64 -31.97
CA ALA D 116 25.93 -5.20 -32.76
C ALA D 116 25.87 -3.72 -33.14
N TYR D 117 27.03 -3.07 -33.17
CA TYR D 117 27.23 -1.69 -33.57
C TYR D 117 28.34 -1.57 -34.59
N TYR D 118 28.22 -0.67 -35.55
CA TYR D 118 29.31 -0.35 -36.47
C TYR D 118 30.24 0.71 -35.85
N ILE D 119 31.54 0.59 -36.10
CA ILE D 119 32.59 1.49 -35.59
C ILE D 119 33.38 2.06 -36.79
N PRO D 120 32.91 3.16 -37.41
CA PRO D 120 33.45 3.64 -38.69
C PRO D 120 34.89 4.14 -38.61
N SER D 121 35.38 4.52 -37.43
CA SER D 121 36.78 4.94 -37.20
C SER D 121 37.81 3.83 -37.46
N ILE D 122 37.37 2.57 -37.49
CA ILE D 122 38.22 1.38 -37.77
C ILE D 122 37.65 0.48 -38.87
N GLY D 123 36.40 0.67 -39.29
CA GLY D 123 35.79 -0.08 -40.39
C GLY D 123 35.33 -1.48 -39.99
N LYS D 124 34.88 -1.67 -38.75
CA LYS D 124 34.54 -2.97 -38.16
C LYS D 124 33.29 -2.87 -37.31
N THR D 125 32.58 -3.97 -37.07
CA THR D 125 31.40 -4.00 -36.20
C THR D 125 31.59 -4.88 -34.98
N LEU D 126 31.44 -4.29 -33.80
CA LEU D 126 31.45 -5.00 -32.53
C LEU D 126 30.12 -5.71 -32.37
N ALA D 127 30.14 -7.02 -32.13
CA ALA D 127 28.97 -7.81 -31.77
C ALA D 127 29.15 -8.44 -30.39
N VAL D 128 28.16 -8.29 -29.52
CA VAL D 128 28.08 -8.83 -28.16
C VAL D 128 26.98 -9.88 -28.13
N MET D 129 27.24 -11.04 -27.55
CA MET D 129 26.28 -12.14 -27.44
C MET D 129 26.07 -12.52 -25.97
N TRP D 130 24.85 -12.87 -25.59
CA TRP D 130 24.53 -13.49 -24.31
C TRP D 130 23.59 -14.66 -24.52
N SER D 131 23.58 -15.59 -23.58
CA SER D 131 22.71 -16.76 -23.59
C SER D 131 22.32 -17.13 -22.17
N VAL D 132 21.10 -16.82 -21.77
CA VAL D 132 20.50 -17.18 -20.47
C VAL D 132 19.43 -18.24 -20.71
N PRO D 133 19.72 -19.54 -20.56
CA PRO D 133 18.80 -20.61 -20.95
C PRO D 133 17.61 -20.77 -20.01
N PHE D 134 16.59 -21.48 -20.45
CA PHE D 134 15.47 -21.85 -19.57
C PHE D 134 15.85 -23.00 -18.63
N ASP D 135 16.41 -24.08 -19.17
CA ASP D 135 16.69 -25.32 -18.44
C ASP D 135 18.19 -25.48 -18.15
N TYR D 136 18.55 -25.25 -16.90
CA TYR D 136 19.93 -25.32 -16.42
C TYR D 136 20.48 -26.74 -16.21
N ASN D 137 19.74 -27.80 -16.51
CA ASN D 137 20.28 -29.15 -16.55
C ASN D 137 21.04 -29.40 -17.86
N PHE D 138 20.53 -28.88 -18.97
CA PHE D 138 21.10 -29.02 -20.30
C PHE D 138 22.13 -27.92 -20.64
N TYR D 139 21.98 -26.74 -20.06
CA TYR D 139 22.66 -25.50 -20.48
C TYR D 139 23.16 -24.68 -19.29
N GLN D 140 23.96 -23.65 -19.55
CA GLN D 140 24.41 -22.67 -18.56
C GLN D 140 24.47 -21.27 -19.18
N ASN D 141 24.64 -20.23 -18.36
CA ASN D 141 24.84 -18.88 -18.87
C ASN D 141 26.15 -18.80 -19.66
N TRP D 142 26.12 -18.27 -20.87
CA TRP D 142 27.30 -17.97 -21.69
C TRP D 142 27.22 -16.55 -22.23
N TRP D 143 28.36 -15.93 -22.50
CA TRP D 143 28.45 -14.66 -23.23
C TRP D 143 29.72 -14.61 -24.06
N ASN D 144 29.81 -13.70 -25.02
CA ASN D 144 30.99 -13.49 -25.85
C ASN D 144 30.93 -12.11 -26.52
N ALA D 145 32.04 -11.63 -27.08
CA ALA D 145 32.06 -10.48 -27.97
C ALA D 145 33.17 -10.63 -29.03
N LYS D 146 32.94 -10.11 -30.23
CA LYS D 146 33.92 -10.15 -31.33
C LYS D 146 33.74 -8.95 -32.26
N LEU D 147 34.80 -8.60 -32.99
CA LEU D 147 34.87 -7.41 -33.84
C LEU D 147 35.01 -7.83 -35.30
N TYR D 148 33.89 -7.93 -36.01
CA TYR D 148 33.80 -8.37 -37.40
C TYR D 148 34.24 -7.31 -38.41
N SER D 149 34.69 -7.72 -39.58
CA SER D 149 35.05 -6.79 -40.66
C SER D 149 33.82 -6.16 -41.32
N GLY D 150 33.88 -4.86 -41.62
CA GLY D 150 32.83 -4.14 -42.33
C GLY D 150 31.60 -3.78 -41.49
N ASN D 151 30.64 -3.11 -42.11
CA ASN D 151 29.31 -2.88 -41.54
C ASN D 151 28.44 -4.14 -41.75
N GLN D 152 27.94 -4.74 -40.67
CA GLN D 152 27.06 -5.91 -40.73
C GLN D 152 25.88 -5.75 -39.77
N ASP D 153 24.69 -6.15 -40.21
CA ASP D 153 23.51 -6.22 -39.34
C ASP D 153 23.65 -7.40 -38.36
N ALA D 154 23.10 -7.32 -37.15
CA ALA D 154 23.11 -8.45 -36.22
C ALA D 154 22.16 -9.55 -36.69
N ASP D 155 22.62 -10.79 -36.84
CA ASP D 155 21.78 -11.91 -37.27
C ASP D 155 22.29 -13.27 -36.77
N TYR D 156 21.57 -14.34 -37.14
CA TYR D 156 21.87 -15.71 -36.70
C TYR D 156 23.30 -16.17 -37.01
N ASP D 157 23.93 -15.74 -38.11
CA ASP D 157 25.30 -16.16 -38.42
C ASP D 157 26.31 -15.64 -37.38
N HIS D 158 26.02 -14.49 -36.75
CA HIS D 158 26.83 -13.99 -35.64
C HIS D 158 26.53 -14.77 -34.36
N TYR D 159 25.28 -15.16 -34.12
CA TYR D 159 24.95 -15.97 -32.95
C TYR D 159 25.68 -17.30 -32.98
N VAL D 160 25.57 -18.09 -34.05
CA VAL D 160 26.25 -19.39 -34.11
C VAL D 160 27.77 -19.25 -34.05
N ASP D 161 28.34 -18.18 -34.60
CA ASP D 161 29.77 -17.92 -34.50
C ASP D 161 30.18 -17.58 -33.06
N LEU D 162 29.57 -16.56 -32.46
CA LEU D 162 29.86 -16.14 -31.08
C LEU D 162 29.56 -17.23 -30.04
N TYR D 163 28.69 -18.21 -30.32
CA TYR D 163 28.34 -19.29 -29.41
C TYR D 163 29.09 -20.61 -29.66
N TYR D 164 29.48 -20.92 -30.90
CA TYR D 164 30.14 -22.19 -31.26
C TYR D 164 31.50 -22.04 -31.97
N ASP D 165 31.64 -21.13 -32.93
CA ASP D 165 32.86 -21.02 -33.76
C ASP D 165 33.98 -20.21 -33.08
N ALA D 166 33.66 -19.40 -32.07
CA ALA D 166 34.60 -18.73 -31.17
C ALA D 166 34.30 -19.11 -29.71
N ASN D 167 35.31 -19.19 -28.84
CA ASN D 167 35.16 -19.65 -27.46
C ASN D 167 34.39 -18.64 -26.58
N PRO D 168 33.17 -18.94 -26.09
CA PRO D 168 32.43 -18.08 -25.17
C PRO D 168 32.96 -18.17 -23.71
N PHE D 169 32.38 -17.39 -22.79
CA PHE D 169 32.76 -17.34 -21.38
C PHE D 169 31.66 -17.83 -20.43
N LYS D 170 32.02 -18.56 -19.38
CA LYS D 170 31.12 -19.41 -18.57
C LYS D 170 30.25 -18.71 -17.52
N ALA D 171 30.27 -17.39 -17.39
CA ALA D 171 29.62 -16.66 -16.29
C ALA D 171 30.17 -17.02 -14.89
N ASN D 172 31.49 -17.13 -14.77
CA ASN D 172 32.23 -17.50 -13.55
C ASN D 172 33.17 -16.38 -13.05
N GLY D 173 32.79 -15.12 -13.23
CA GLY D 173 33.60 -13.93 -12.90
C GLY D 173 34.19 -13.23 -14.12
N TRP D 174 35.21 -12.40 -13.92
CA TRP D 174 35.76 -11.52 -14.95
C TRP D 174 36.72 -12.21 -15.92
N HIS D 175 36.58 -11.87 -17.20
CA HIS D 175 37.38 -12.34 -18.33
C HIS D 175 37.81 -11.17 -19.22
N GLU D 176 38.87 -11.34 -19.99
CA GLU D 176 39.46 -10.29 -20.83
C GLU D 176 40.01 -10.87 -22.13
N ARG D 177 39.89 -10.14 -23.24
CA ARG D 177 40.26 -10.62 -24.59
C ARG D 177 40.56 -9.46 -25.53
N SER D 178 41.55 -9.60 -26.41
CA SER D 178 41.84 -8.59 -27.44
C SER D 178 40.91 -8.69 -28.66
N LEU D 179 40.60 -7.57 -29.31
CA LEU D 179 39.74 -7.49 -30.50
C LEU D 179 40.52 -7.14 -31.78
N GLY D 180 41.80 -6.78 -31.68
CA GLY D 180 42.56 -6.19 -32.78
C GLY D 180 42.17 -4.73 -33.03
N SER D 181 42.80 -4.09 -34.01
CA SER D 181 42.65 -2.64 -34.32
C SER D 181 42.92 -1.71 -33.12
N GLY D 182 43.71 -2.17 -32.14
CA GLY D 182 44.05 -1.43 -30.93
C GLY D 182 42.99 -1.50 -29.83
N LEU D 183 42.03 -2.42 -29.90
CA LEU D 183 40.96 -2.60 -28.91
C LEU D 183 41.04 -3.94 -28.17
N LYS D 184 40.46 -3.97 -26.98
CA LYS D 184 40.19 -5.16 -26.18
C LYS D 184 38.89 -4.98 -25.40
N PHE D 185 38.41 -6.03 -24.74
CA PHE D 185 37.35 -5.89 -23.77
C PHE D 185 37.66 -6.69 -22.51
N CYS D 186 37.07 -6.29 -21.40
CA CYS D 186 36.94 -7.13 -20.22
C CYS D 186 35.48 -7.13 -19.77
N GLY D 187 35.01 -8.23 -19.22
CA GLY D 187 33.62 -8.32 -18.80
C GLY D 187 33.34 -9.50 -17.91
N SER D 188 32.14 -9.56 -17.35
CA SER D 188 31.67 -10.65 -16.50
C SER D 188 30.17 -10.84 -16.68
N MET D 189 29.67 -12.01 -16.31
CA MET D 189 28.25 -12.33 -16.30
C MET D 189 27.91 -13.09 -15.03
N SER D 190 26.77 -12.80 -14.39
CA SER D 190 26.30 -13.58 -13.25
C SER D 190 25.67 -14.90 -13.69
N SER D 191 25.78 -15.93 -12.86
CA SER D 191 25.46 -17.33 -13.20
C SER D 191 23.99 -17.72 -13.09
N SER D 192 23.08 -16.78 -12.81
CA SER D 192 21.67 -17.06 -12.54
C SER D 192 20.73 -16.71 -13.69
N GLY D 193 19.47 -17.10 -13.59
CA GLY D 193 18.44 -16.76 -14.58
C GLY D 193 18.02 -15.30 -14.60
N GLN D 194 18.26 -14.53 -13.53
CA GLN D 194 18.18 -13.08 -13.61
C GLN D 194 19.62 -12.59 -13.72
N ALA D 195 20.09 -12.40 -14.94
CA ALA D 195 21.51 -12.25 -15.18
C ALA D 195 21.87 -10.78 -15.33
N THR D 196 23.11 -10.42 -14.99
CA THR D 196 23.69 -9.14 -15.35
C THR D 196 24.95 -9.40 -16.15
N LEU D 197 25.07 -8.88 -17.37
CA LEU D 197 26.28 -8.94 -18.19
C LEU D 197 26.90 -7.55 -18.19
N GLU D 198 28.17 -7.43 -17.84
CA GLU D 198 28.90 -6.17 -17.88
C GLU D 198 30.15 -6.33 -18.72
N ILE D 199 30.34 -5.47 -19.70
CA ILE D 199 31.50 -5.45 -20.59
C ILE D 199 32.02 -4.02 -20.63
N HIS D 200 33.34 -3.84 -20.54
CA HIS D 200 34.04 -2.61 -20.86
C HIS D 200 34.84 -2.86 -22.12
N VAL D 201 34.66 -2.04 -23.16
CA VAL D 201 35.47 -2.08 -24.37
C VAL D 201 36.48 -0.96 -24.28
N LEU D 202 37.76 -1.27 -24.43
CA LEU D 202 38.88 -0.42 -24.02
C LEU D 202 39.93 -0.36 -25.13
N LYS D 203 40.80 0.66 -25.10
CA LYS D 203 42.08 0.60 -25.81
C LYS D 203 42.91 -0.57 -25.27
N GLU D 204 43.63 -1.25 -26.15
CA GLU D 204 44.47 -2.40 -25.79
C GLU D 204 45.60 -2.04 -24.82
N SER D 205 46.07 -0.79 -24.89
CA SER D 205 47.17 -0.25 -24.05
C SER D 205 46.75 0.19 -22.64
N GLU D 206 45.49 0.05 -22.24
CA GLU D 206 44.94 0.59 -20.98
C GLU D 206 44.46 -0.50 -20.01
N THR D 207 44.46 -0.20 -18.70
CA THR D 207 43.96 -1.11 -17.67
C THR D 207 42.44 -1.20 -17.64
N CYS D 208 41.89 -2.41 -17.46
CA CYS D 208 40.45 -2.64 -17.29
C CYS D 208 39.89 -1.96 -16.02
N MET D 209 38.59 -1.64 -16.04
CA MET D 209 37.74 -1.13 -14.95
C MET D 209 38.51 -0.40 -13.82
N ILE E 28 -30.32 -39.18 -11.39
CA ILE E 28 -28.86 -39.14 -11.65
C ILE E 28 -28.49 -38.19 -12.81
N ALA E 29 -28.94 -38.46 -14.04
CA ALA E 29 -28.32 -37.91 -15.27
C ALA E 29 -28.24 -36.36 -15.35
N ALA E 30 -29.23 -35.61 -14.89
CA ALA E 30 -29.15 -34.15 -14.93
C ALA E 30 -28.00 -33.58 -14.07
N GLY E 31 -27.57 -34.27 -13.02
CA GLY E 31 -26.44 -33.86 -12.19
C GLY E 31 -25.12 -33.85 -12.94
N THR E 32 -24.87 -34.80 -13.85
CA THR E 32 -23.66 -34.79 -14.70
C THR E 32 -23.76 -33.76 -15.83
N ILE E 33 -24.96 -33.39 -16.28
CA ILE E 33 -25.17 -32.28 -17.22
C ILE E 33 -24.83 -30.94 -16.55
N ILE E 34 -25.34 -30.66 -15.35
CA ILE E 34 -24.99 -29.42 -14.64
C ILE E 34 -23.48 -29.42 -14.26
N ALA E 35 -22.90 -30.55 -13.87
CA ALA E 35 -21.46 -30.63 -13.61
C ALA E 35 -20.63 -30.35 -14.88
N GLY E 36 -21.03 -30.86 -16.03
CA GLY E 36 -20.41 -30.57 -17.33
C GLY E 36 -20.61 -29.12 -17.80
N ALA E 37 -21.75 -28.51 -17.47
CA ALA E 37 -21.99 -27.09 -17.72
C ALA E 37 -21.04 -26.23 -16.89
N GLU E 38 -20.86 -26.51 -15.60
CA GLU E 38 -19.91 -25.79 -14.76
C GLU E 38 -18.45 -26.02 -15.20
N LEU E 39 -18.07 -27.22 -15.62
CA LEU E 39 -16.76 -27.47 -16.24
C LEU E 39 -16.57 -26.61 -17.49
N THR E 40 -17.58 -26.53 -18.37
CA THR E 40 -17.51 -25.72 -19.59
C THR E 40 -17.39 -24.23 -19.28
N ILE E 41 -18.17 -23.69 -18.35
CA ILE E 41 -18.00 -22.28 -17.99
C ILE E 41 -16.68 -22.05 -17.26
N GLY E 42 -16.13 -23.02 -16.53
CA GLY E 42 -14.76 -22.94 -16.00
C GLY E 42 -13.70 -22.82 -17.08
N LEU E 43 -13.84 -23.53 -18.20
CA LEU E 43 -12.97 -23.38 -19.37
C LEU E 43 -13.16 -22.01 -20.04
N LEU E 44 -14.39 -21.62 -20.36
CA LEU E 44 -14.66 -20.36 -21.07
C LEU E 44 -14.30 -19.14 -20.24
N GLN E 45 -14.44 -19.16 -18.91
CA GLN E 45 -13.95 -18.10 -18.04
C GLN E 45 -12.43 -17.96 -18.14
N ASN E 46 -11.68 -19.06 -18.01
CA ASN E 46 -10.22 -19.03 -18.15
C ASN E 46 -9.76 -18.63 -19.55
N LEU E 47 -10.47 -19.02 -20.61
CA LEU E 47 -10.18 -18.61 -21.98
C LEU E 47 -10.34 -17.09 -22.16
N LEU E 48 -11.48 -16.53 -21.76
CA LEU E 48 -11.73 -15.10 -21.94
C LEU E 48 -10.88 -14.25 -21.00
N ASP E 49 -10.54 -14.73 -19.79
CA ASP E 49 -9.57 -14.05 -18.92
C ASP E 49 -8.15 -14.09 -19.48
N VAL E 50 -7.71 -15.14 -20.19
CA VAL E 50 -6.42 -15.15 -20.88
C VAL E 50 -6.40 -14.14 -22.03
N LEU E 51 -7.38 -14.17 -22.93
CA LEU E 51 -7.46 -13.21 -24.05
C LEU E 51 -7.61 -11.76 -23.57
N ALA E 52 -8.24 -11.51 -22.43
CA ALA E 52 -8.34 -10.17 -21.85
C ALA E 52 -7.03 -9.66 -21.24
N ASN E 53 -6.21 -10.54 -20.65
CA ASN E 53 -4.93 -10.18 -20.02
C ASN E 53 -3.71 -10.22 -20.95
N VAL E 54 -3.78 -10.88 -22.12
CA VAL E 54 -2.79 -10.71 -23.19
C VAL E 54 -2.88 -9.28 -23.74
N ASN E 55 -1.82 -8.50 -23.53
CA ASN E 55 -1.79 -7.06 -23.80
C ASN E 55 -0.86 -6.72 -24.96
N ARG E 56 -1.21 -5.74 -25.79
CA ARG E 56 -0.40 -5.21 -26.89
C ARG E 56 -0.43 -3.70 -26.87
N LYS E 57 0.71 -3.04 -27.00
CA LYS E 57 0.81 -1.59 -27.12
C LYS E 57 2.03 -1.17 -27.90
N CYS E 58 2.04 0.05 -28.40
CA CYS E 58 3.18 0.61 -29.10
C CYS E 58 3.40 2.05 -28.66
N ALA E 59 4.38 2.34 -27.81
CA ALA E 59 4.75 3.71 -27.51
C ALA E 59 5.48 4.32 -28.71
N VAL E 60 4.81 5.16 -29.51
CA VAL E 60 5.35 5.77 -30.73
C VAL E 60 5.92 7.14 -30.42
N GLY E 61 7.22 7.31 -30.56
CA GLY E 61 7.90 8.60 -30.55
C GLY E 61 8.33 8.98 -31.97
N VAL E 62 7.88 10.12 -32.47
CA VAL E 62 8.35 10.68 -33.76
C VAL E 62 8.93 12.05 -33.51
N ASP E 63 10.22 12.25 -33.76
CA ASP E 63 10.99 13.41 -33.33
C ASP E 63 11.28 14.30 -34.54
N ASN E 64 10.89 15.58 -34.50
CA ASN E 64 10.86 16.46 -35.66
C ASN E 64 12.12 17.34 -35.76
N GLU E 65 13.23 16.78 -36.21
CA GLU E 65 14.44 17.54 -36.57
C GLU E 65 14.42 18.02 -38.04
N SER E 66 13.23 18.10 -38.65
CA SER E 66 13.02 18.36 -40.08
C SER E 66 13.29 19.81 -40.52
N GLY E 67 13.24 20.78 -39.59
CA GLY E 67 13.30 22.21 -39.93
C GLY E 67 12.00 22.82 -40.47
N PHE E 68 10.91 22.05 -40.47
CA PHE E 68 9.56 22.44 -40.92
C PHE E 68 8.53 22.17 -39.82
N ARG E 69 7.47 22.98 -39.71
CA ARG E 69 6.34 22.70 -38.82
C ARG E 69 5.40 21.67 -39.42
N TRP E 70 5.07 20.62 -38.68
CA TRP E 70 4.02 19.66 -39.01
C TRP E 70 2.67 20.12 -38.45
N GLN E 71 1.57 19.82 -39.12
CA GLN E 71 0.23 20.25 -38.69
C GLN E 71 -0.89 19.33 -39.16
N GLU E 72 -2.11 19.53 -38.66
CA GLU E 72 -3.31 18.79 -39.05
C GLU E 72 -3.19 17.29 -38.77
N GLY E 73 -2.67 16.94 -37.60
CA GLY E 73 -2.40 15.55 -37.22
C GLY E 73 -3.62 14.64 -37.32
N SER E 74 -3.49 13.51 -38.01
CA SER E 74 -4.54 12.51 -38.23
C SER E 74 -4.05 11.10 -37.92
N THR E 75 -4.97 10.18 -37.63
CA THR E 75 -4.61 8.81 -37.27
C THR E 75 -5.66 7.82 -37.74
N TYR E 76 -5.24 6.61 -38.11
CA TYR E 76 -6.09 5.52 -38.54
C TYR E 76 -5.68 4.26 -37.81
N PHE E 77 -6.63 3.48 -37.30
CA PHE E 77 -6.36 2.19 -36.71
C PHE E 77 -6.96 1.08 -37.56
N PHE E 78 -6.13 0.16 -38.03
CA PHE E 78 -6.61 -1.12 -38.54
C PHE E 78 -7.08 -1.99 -37.39
N SER E 79 -6.33 -1.99 -36.27
CA SER E 79 -6.63 -2.69 -35.02
C SER E 79 -6.15 -1.87 -33.83
N GLY E 80 -6.81 -1.98 -32.68
CA GLY E 80 -6.46 -1.21 -31.48
C GLY E 80 -6.89 0.25 -31.52
N THR E 81 -6.44 1.04 -30.54
CA THR E 81 -6.88 2.41 -30.31
C THR E 81 -5.93 3.20 -29.39
N ALA E 82 -6.03 4.53 -29.35
CA ALA E 82 -5.42 5.38 -28.32
C ALA E 82 -6.46 5.91 -27.32
N ASP E 83 -6.04 6.32 -26.11
CA ASP E 83 -6.87 7.03 -25.13
C ASP E 83 -6.69 8.55 -25.22
N GLU E 84 -5.45 9.00 -25.38
CA GLU E 84 -5.08 10.40 -25.57
C GLU E 84 -5.29 10.87 -27.01
N ASN E 85 -5.31 12.18 -27.23
CA ASN E 85 -5.21 12.75 -28.56
C ASN E 85 -3.77 12.89 -29.02
N LEU E 86 -3.59 12.70 -30.32
CA LEU E 86 -2.40 13.14 -31.04
C LEU E 86 -2.33 14.68 -31.03
N PRO E 87 -1.18 15.35 -30.89
CA PRO E 87 -1.13 16.82 -30.86
C PRO E 87 -1.34 17.41 -32.27
N TYR E 88 -1.97 18.58 -32.39
CA TYR E 88 -2.33 19.16 -33.70
C TYR E 88 -1.12 19.42 -34.59
N SER E 89 -0.01 19.84 -33.98
CA SER E 89 1.17 20.32 -34.67
C SER E 89 2.44 19.96 -33.91
N VAL E 90 3.54 19.79 -34.66
CA VAL E 90 4.88 19.63 -34.10
C VAL E 90 5.79 20.69 -34.72
N SER E 91 6.35 21.57 -33.91
CA SER E 91 7.30 22.58 -34.37
C SER E 91 8.71 22.00 -34.52
N ASP E 92 9.63 22.76 -35.10
CA ASP E 92 11.04 22.37 -35.28
C ASP E 92 11.70 22.04 -33.92
N GLY E 93 12.19 20.81 -33.76
CA GLY E 93 12.85 20.32 -32.56
C GLY E 93 11.93 19.67 -31.50
N TYR E 94 10.61 19.62 -31.73
CA TYR E 94 9.64 18.98 -30.82
C TYR E 94 9.31 17.54 -31.26
N ALA E 95 8.62 16.78 -30.42
CA ALA E 95 8.29 15.38 -30.69
C ALA E 95 6.79 15.07 -30.55
N VAL E 96 6.30 14.18 -31.41
CA VAL E 96 5.13 13.37 -31.12
C VAL E 96 5.53 12.34 -30.07
N LEU E 97 4.72 12.16 -29.04
CA LEU E 97 4.84 11.06 -28.09
C LEU E 97 3.42 10.51 -27.92
N TYR E 98 3.11 9.40 -28.58
CA TYR E 98 1.76 8.91 -28.79
C TYR E 98 1.65 7.43 -28.40
N GLY E 99 0.67 7.08 -27.58
CA GLY E 99 0.50 5.75 -27.02
C GLY E 99 -0.81 5.05 -27.43
N PRO E 100 -0.76 4.20 -28.46
CA PRO E 100 -1.84 3.30 -28.83
C PRO E 100 -1.64 1.86 -28.31
N ARG E 101 -2.76 1.17 -28.12
CA ARG E 101 -2.92 -0.09 -27.37
C ARG E 101 -4.06 -0.95 -27.94
N LYS E 102 -4.06 -2.27 -27.81
CA LYS E 102 -5.22 -3.08 -28.27
C LYS E 102 -6.53 -2.77 -27.52
N THR E 103 -7.66 -3.11 -28.13
CA THR E 103 -9.02 -2.97 -27.57
C THR E 103 -9.17 -3.75 -26.24
N ASN E 104 -9.93 -3.23 -25.27
CA ASN E 104 -10.14 -3.93 -23.99
C ASN E 104 -10.86 -5.23 -24.16
N GLY E 105 -10.78 -6.15 -23.21
CA GLY E 105 -11.50 -7.41 -23.21
C GLY E 105 -10.91 -8.46 -24.15
N PRO E 106 -11.59 -9.60 -24.33
CA PRO E 106 -11.04 -10.80 -24.98
C PRO E 106 -11.02 -10.73 -26.52
N VAL E 107 -10.42 -9.69 -27.11
CA VAL E 107 -10.64 -9.35 -28.52
C VAL E 107 -9.73 -10.11 -29.52
N ALA E 108 -8.59 -10.64 -29.10
CA ALA E 108 -7.67 -11.40 -29.98
C ALA E 108 -7.16 -10.66 -31.23
N THR E 109 -7.08 -9.33 -31.17
CA THR E 109 -6.46 -8.46 -32.19
C THR E 109 -5.37 -7.58 -31.58
N GLY E 110 -4.35 -7.25 -32.37
CA GLY E 110 -3.19 -6.47 -31.94
C GLY E 110 -3.43 -4.97 -31.94
N VAL E 111 -2.37 -4.17 -32.10
CA VAL E 111 -2.48 -2.75 -32.41
C VAL E 111 -1.72 -2.40 -33.68
N VAL E 112 -2.40 -1.83 -34.66
CA VAL E 112 -1.91 -1.63 -36.04
C VAL E 112 -2.53 -0.36 -36.57
N GLY E 113 -1.73 0.57 -37.08
CA GLY E 113 -2.27 1.87 -37.45
C GLY E 113 -1.33 2.75 -38.24
N VAL E 114 -1.85 3.89 -38.64
CA VAL E 114 -1.15 4.97 -39.33
C VAL E 114 -1.33 6.25 -38.54
N LEU E 115 -0.31 7.09 -38.54
CA LEU E 115 -0.25 8.44 -38.02
C LEU E 115 0.19 9.33 -39.18
N ALA E 116 -0.48 10.44 -39.48
CA ALA E 116 -0.03 11.33 -40.55
C ALA E 116 -0.17 12.80 -40.21
N TYR E 117 0.79 13.61 -40.67
CA TYR E 117 0.82 15.06 -40.54
C TYR E 117 1.08 15.72 -41.89
N TYR E 118 0.48 16.87 -42.14
CA TYR E 118 0.81 17.68 -43.31
C TYR E 118 2.02 18.58 -43.02
N ILE E 119 2.88 18.80 -44.02
CA ILE E 119 4.09 19.62 -43.93
C ILE E 119 4.04 20.70 -45.02
N PRO E 120 3.39 21.85 -44.76
CA PRO E 120 3.08 22.84 -45.80
C PRO E 120 4.30 23.51 -46.40
N SER E 121 5.44 23.53 -45.71
CA SER E 121 6.71 24.08 -46.22
C SER E 121 7.26 23.33 -47.44
N ILE E 122 6.80 22.10 -47.69
CA ILE E 122 7.19 21.26 -48.84
C ILE E 122 5.99 20.72 -49.64
N GLY E 123 4.75 20.83 -49.12
CA GLY E 123 3.54 20.43 -49.82
C GLY E 123 3.30 18.92 -49.81
N LYS E 124 3.69 18.23 -48.74
CA LYS E 124 3.66 16.76 -48.61
C LYS E 124 3.20 16.34 -47.22
N THR E 125 2.70 15.13 -47.06
CA THR E 125 2.28 14.59 -45.77
C THR E 125 3.11 13.38 -45.35
N LEU E 126 3.76 13.48 -44.19
CA LEU E 126 4.48 12.38 -43.58
C LEU E 126 3.46 11.43 -42.95
N ALA E 127 3.51 10.15 -43.30
CA ALA E 127 2.74 9.09 -42.65
C ALA E 127 3.67 8.05 -42.02
N VAL E 128 3.43 7.72 -40.76
CA VAL E 128 4.15 6.72 -39.96
C VAL E 128 3.21 5.55 -39.69
N MET E 129 3.66 4.32 -39.88
CA MET E 129 2.88 3.11 -39.65
C MET E 129 3.58 2.21 -38.64
N TRP E 130 2.81 1.54 -37.79
CA TRP E 130 3.29 0.46 -36.92
C TRP E 130 2.31 -0.70 -36.96
N SER E 131 2.80 -1.89 -36.65
CA SER E 131 2.00 -3.11 -36.60
C SER E 131 2.52 -4.02 -35.51
N VAL E 132 1.83 -4.09 -34.37
CA VAL E 132 2.13 -4.98 -33.24
C VAL E 132 1.04 -6.06 -33.19
N PRO E 133 1.24 -7.26 -33.75
CA PRO E 133 0.18 -8.26 -33.90
C PRO E 133 -0.19 -8.95 -32.58
N PHE E 134 -1.33 -9.62 -32.56
CA PHE E 134 -1.71 -10.46 -31.42
C PHE E 134 -0.94 -11.78 -31.43
N ASP E 135 -0.92 -12.50 -32.55
CA ASP E 135 -0.36 -13.84 -32.68
C ASP E 135 0.97 -13.84 -33.42
N TYR E 136 2.04 -14.01 -32.66
CA TYR E 136 3.41 -14.01 -33.17
C TYR E 136 3.85 -15.28 -33.89
N ASN E 137 2.98 -16.28 -34.07
CA ASN E 137 3.27 -17.42 -34.94
C ASN E 137 3.05 -17.05 -36.42
N PHE E 138 2.01 -16.27 -36.69
CA PHE E 138 1.65 -15.82 -38.03
C PHE E 138 2.34 -14.51 -38.45
N TYR E 139 2.68 -13.66 -37.50
CA TYR E 139 3.07 -12.26 -37.72
C TYR E 139 4.26 -11.84 -36.86
N GLN E 140 4.82 -10.66 -37.13
CA GLN E 140 5.87 -10.03 -36.32
C GLN E 140 5.67 -8.53 -36.25
N ASN E 141 6.40 -7.84 -35.37
CA ASN E 141 6.36 -6.37 -35.33
C ASN E 141 6.92 -5.80 -36.64
N TRP E 142 6.20 -4.88 -37.26
CA TRP E 142 6.66 -4.12 -38.43
C TRP E 142 6.40 -2.63 -38.23
N TRP E 143 7.19 -1.77 -38.85
CA TRP E 143 6.93 -0.33 -38.93
C TRP E 143 7.43 0.23 -40.26
N ASN E 144 6.98 1.42 -40.63
CA ASN E 144 7.42 2.12 -41.84
C ASN E 144 7.10 3.61 -41.74
N ALA E 145 7.68 4.43 -42.61
CA ALA E 145 7.26 5.81 -42.82
C ALA E 145 7.46 6.25 -44.29
N LYS E 146 6.59 7.11 -44.80
CA LYS E 146 6.69 7.64 -46.17
C LYS E 146 6.09 9.04 -46.26
N LEU E 147 6.51 9.80 -47.26
CA LEU E 147 6.16 11.21 -47.45
C LEU E 147 5.34 11.36 -48.74
N TYR E 148 4.01 11.34 -48.61
CA TYR E 148 3.06 11.41 -49.72
C TYR E 148 2.89 12.81 -50.29
N SER E 149 2.49 12.93 -51.54
CA SER E 149 2.20 14.24 -52.15
C SER E 149 0.88 14.84 -51.65
N GLY E 150 0.86 16.15 -51.41
CA GLY E 150 -0.34 16.89 -51.00
C GLY E 150 -0.75 16.70 -49.55
N ASN E 151 -1.83 17.38 -49.15
CA ASN E 151 -2.52 17.16 -47.88
C ASN E 151 -3.44 15.93 -47.99
N GLN E 152 -3.22 14.91 -47.17
CA GLN E 152 -4.06 13.71 -47.14
C GLN E 152 -4.39 13.31 -45.69
N ASP E 153 -5.63 12.89 -45.45
CA ASP E 153 -6.04 12.31 -44.16
C ASP E 153 -5.44 10.91 -44.01
N ALA E 154 -5.13 10.45 -42.80
CA ALA E 154 -4.64 9.08 -42.58
C ALA E 154 -5.79 8.08 -42.76
N ASP E 155 -5.62 7.07 -43.63
CA ASP E 155 -6.64 6.05 -43.87
C ASP E 155 -6.06 4.71 -44.33
N TYR E 156 -6.94 3.74 -44.59
CA TYR E 156 -6.58 2.38 -44.98
C TYR E 156 -5.67 2.30 -46.22
N ASP E 157 -5.81 3.20 -47.20
CA ASP E 157 -4.96 3.17 -48.40
C ASP E 157 -3.49 3.45 -48.06
N HIS E 158 -3.22 4.22 -47.01
CA HIS E 158 -1.86 4.42 -46.50
C HIS E 158 -1.39 3.21 -45.72
N TYR E 159 -2.26 2.54 -44.96
CA TYR E 159 -1.88 1.33 -44.24
C TYR E 159 -1.44 0.24 -45.21
N VAL E 160 -2.26 -0.12 -46.22
CA VAL E 160 -1.86 -1.18 -47.16
C VAL E 160 -0.63 -0.80 -47.96
N ASP E 161 -0.42 0.47 -48.27
CA ASP E 161 0.80 0.92 -48.94
C ASP E 161 2.03 0.78 -48.03
N LEU E 162 2.01 1.40 -46.86
CA LEU E 162 3.11 1.34 -45.90
C LEU E 162 3.41 -0.08 -45.41
N TYR E 163 2.46 -1.02 -45.47
CA TYR E 163 2.65 -2.40 -45.02
C TYR E 163 2.97 -3.39 -46.15
N TYR E 164 2.50 -3.18 -47.39
CA TYR E 164 2.68 -4.10 -48.51
C TYR E 164 3.33 -3.47 -49.77
N ASP E 165 2.94 -2.27 -50.17
CA ASP E 165 3.41 -1.68 -51.44
C ASP E 165 4.77 -0.97 -51.33
N ALA E 166 5.21 -0.64 -50.11
CA ALA E 166 6.56 -0.19 -49.76
C ALA E 166 7.18 -1.10 -48.69
N ASN E 167 8.50 -1.32 -48.71
CA ASN E 167 9.19 -2.26 -47.82
C ASN E 167 9.20 -1.78 -46.36
N PRO E 168 8.52 -2.43 -45.40
CA PRO E 168 8.57 -2.10 -43.97
C PRO E 168 9.86 -2.61 -43.29
N PHE E 169 10.04 -2.32 -42.00
CA PHE E 169 11.21 -2.71 -41.20
C PHE E 169 10.87 -3.68 -40.07
N LYS E 170 11.74 -4.67 -39.81
CA LYS E 170 11.44 -5.89 -39.04
C LYS E 170 11.46 -5.78 -37.51
N ALA E 171 11.67 -4.60 -36.93
CA ALA E 171 11.89 -4.44 -35.48
C ALA E 171 13.15 -5.17 -34.95
N ASN E 172 14.26 -5.09 -35.69
CA ASN E 172 15.55 -5.73 -35.41
C ASN E 172 16.70 -4.72 -35.18
N GLY E 173 16.40 -3.57 -34.59
CA GLY E 173 17.34 -2.46 -34.39
C GLY E 173 17.13 -1.27 -35.33
N TRP E 174 18.13 -0.41 -35.48
CA TRP E 174 18.00 0.86 -36.20
C TRP E 174 18.11 0.74 -37.71
N HIS E 175 17.25 1.49 -38.40
CA HIS E 175 17.15 1.59 -39.87
C HIS E 175 17.05 3.05 -40.28
N GLU E 176 17.41 3.35 -41.53
CA GLU E 176 17.45 4.72 -42.06
C GLU E 176 17.04 4.74 -43.54
N ARG E 177 16.33 5.78 -43.98
CA ARG E 177 15.75 5.89 -45.34
C ARG E 177 15.53 7.34 -45.73
N SER E 178 15.75 7.70 -46.99
CA SER E 178 15.44 9.04 -47.51
C SER E 178 13.95 9.22 -47.85
N LEU E 179 13.42 10.43 -47.70
CA LEU E 179 12.03 10.78 -48.01
C LEU E 179 11.88 11.70 -49.25
N GLY E 180 12.98 12.21 -49.79
CA GLY E 180 12.97 13.27 -50.79
C GLY E 180 12.64 14.63 -50.17
N SER E 181 12.59 15.69 -51.00
CA SER E 181 12.42 17.09 -50.56
C SER E 181 13.45 17.56 -49.53
N GLY E 182 14.62 16.93 -49.48
CA GLY E 182 15.69 17.24 -48.52
C GLY E 182 15.52 16.61 -47.14
N LEU E 183 14.65 15.62 -46.99
CA LEU E 183 14.39 14.91 -45.73
C LEU E 183 14.78 13.44 -45.77
N LYS E 184 15.05 12.89 -44.59
CA LYS E 184 15.22 11.45 -44.31
C LYS E 184 14.69 11.12 -42.93
N PHE E 185 14.62 9.85 -42.58
CA PHE E 185 14.40 9.44 -41.21
C PHE E 185 15.33 8.31 -40.81
N CYS E 186 15.58 8.18 -39.52
CA CYS E 186 16.12 6.97 -38.93
C CYS E 186 15.24 6.56 -37.75
N GLY E 187 15.10 5.28 -37.50
CA GLY E 187 14.26 4.80 -36.42
C GLY E 187 14.48 3.35 -36.08
N SER E 188 13.88 2.90 -35.00
CA SER E 188 13.92 1.51 -34.54
C SER E 188 12.63 1.14 -33.84
N MET E 189 12.35 -0.15 -33.73
CA MET E 189 11.20 -0.68 -33.01
C MET E 189 11.64 -1.90 -32.20
N SER E 190 11.16 -2.05 -30.97
CA SER E 190 11.41 -3.25 -30.18
C SER E 190 10.53 -4.42 -30.62
N SER E 191 11.04 -5.65 -30.49
CA SER E 191 10.45 -6.86 -31.08
C SER E 191 9.32 -7.51 -30.29
N SER E 192 8.86 -6.90 -29.19
CA SER E 192 7.89 -7.50 -28.26
C SER E 192 6.48 -6.92 -28.39
N GLY E 193 5.51 -7.54 -27.72
CA GLY E 193 4.13 -7.05 -27.69
C GLY E 193 3.92 -5.78 -26.89
N GLN E 194 4.82 -5.41 -25.98
CA GLN E 194 4.84 -4.06 -25.42
C GLN E 194 5.95 -3.33 -26.18
N ALA E 195 5.60 -2.64 -27.25
CA ALA E 195 6.59 -2.17 -28.20
C ALA E 195 6.92 -0.71 -27.94
N THR E 196 8.12 -0.28 -28.30
CA THR E 196 8.48 1.13 -28.41
C THR E 196 8.95 1.39 -29.83
N LEU E 197 8.35 2.32 -30.56
CA LEU E 197 8.80 2.76 -31.88
C LEU E 197 9.41 4.14 -31.71
N GLU E 198 10.64 4.35 -32.17
CA GLU E 198 11.30 5.64 -32.15
C GLU E 198 11.77 6.01 -33.54
N ILE E 199 11.38 7.18 -34.02
CA ILE E 199 11.76 7.72 -35.32
C ILE E 199 12.27 9.14 -35.11
N HIS E 200 13.37 9.49 -35.76
CA HIS E 200 13.85 10.86 -35.92
C HIS E 200 13.69 11.21 -37.39
N VAL E 201 12.99 12.30 -37.70
CA VAL E 201 12.88 12.84 -39.06
C VAL E 201 13.84 14.01 -39.16
N LEU E 202 14.72 14.00 -40.14
CA LEU E 202 15.93 14.82 -40.19
C LEU E 202 16.09 15.45 -41.58
N LYS E 203 16.89 16.52 -41.67
CA LYS E 203 17.45 16.94 -42.96
C LYS E 203 18.32 15.82 -43.52
N GLU E 204 18.30 15.63 -44.83
CA GLU E 204 19.07 14.59 -45.52
C GLU E 204 20.59 14.77 -45.36
N SER E 205 21.03 16.02 -45.20
CA SER E 205 22.45 16.41 -45.06
C SER E 205 23.03 16.24 -43.64
N GLU E 206 22.26 15.75 -42.67
CA GLU E 206 22.65 15.71 -41.24
C GLU E 206 22.76 14.28 -40.68
N THR E 207 23.59 14.09 -39.64
CA THR E 207 23.75 12.79 -38.96
C THR E 207 22.55 12.44 -38.08
N CYS E 208 22.12 11.17 -38.09
CA CYS E 208 21.07 10.65 -37.20
C CYS E 208 21.46 10.74 -35.72
N MET E 209 20.46 10.81 -34.83
CA MET E 209 20.51 10.74 -33.37
C MET E 209 21.86 11.14 -32.74
N ILE F 28 -34.32 -37.13 -5.19
CA ILE F 28 -33.32 -36.76 -6.22
C ILE F 28 -33.67 -35.41 -6.89
N ALA F 29 -34.79 -35.29 -7.60
CA ALA F 29 -35.01 -34.24 -8.61
C ALA F 29 -34.86 -32.78 -8.14
N ALA F 30 -35.28 -32.42 -6.93
CA ALA F 30 -35.11 -31.05 -6.45
C ALA F 30 -33.64 -30.63 -6.31
N GLY F 31 -32.72 -31.58 -6.07
CA GLY F 31 -31.28 -31.30 -6.00
C GLY F 31 -30.70 -30.79 -7.32
N THR F 32 -31.14 -31.30 -8.48
CA THR F 32 -30.71 -30.78 -9.79
C THR F 32 -31.39 -29.45 -10.13
N ILE F 33 -32.57 -29.16 -9.59
CA ILE F 33 -33.21 -27.84 -9.71
C ILE F 33 -32.42 -26.78 -8.92
N ILE F 34 -32.06 -27.04 -7.67
CA ILE F 34 -31.23 -26.09 -6.90
C ILE F 34 -29.82 -25.97 -7.51
N ALA F 35 -29.23 -27.05 -8.01
CA ALA F 35 -27.95 -26.97 -8.71
C ALA F 35 -28.03 -26.12 -10.00
N GLY F 36 -29.11 -26.25 -10.77
CA GLY F 36 -29.38 -25.41 -11.95
C GLY F 36 -29.69 -23.95 -11.60
N ALA F 37 -30.33 -23.70 -10.46
CA ALA F 37 -30.55 -22.34 -9.95
C ALA F 37 -29.21 -21.68 -9.60
N GLU F 38 -28.32 -22.38 -8.89
CA GLU F 38 -26.98 -21.86 -8.58
C GLU F 38 -26.13 -21.65 -9.84
N LEU F 39 -26.19 -22.55 -10.83
CA LEU F 39 -25.56 -22.32 -12.14
C LEU F 39 -26.10 -21.06 -12.81
N THR F 40 -27.42 -20.84 -12.80
CA THR F 40 -28.04 -19.66 -13.40
C THR F 40 -27.62 -18.38 -12.68
N ILE F 41 -27.62 -18.34 -11.35
CA ILE F 41 -27.14 -17.15 -10.65
C ILE F 41 -25.63 -16.97 -10.82
N GLY F 42 -24.84 -18.02 -11.01
CA GLY F 42 -23.44 -17.90 -11.41
C GLY F 42 -23.25 -17.23 -12.77
N LEU F 43 -24.10 -17.51 -13.75
CA LEU F 43 -24.12 -16.81 -15.04
C LEU F 43 -24.55 -15.34 -14.87
N LEU F 44 -25.68 -15.07 -14.21
CA LEU F 44 -26.21 -13.72 -14.08
C LEU F 44 -25.32 -12.82 -13.23
N GLN F 45 -24.62 -13.35 -12.21
CA GLN F 45 -23.61 -12.60 -11.48
C GLN F 45 -22.46 -12.17 -12.39
N ASN F 46 -21.89 -13.09 -13.18
CA ASN F 46 -20.81 -12.77 -14.12
C ASN F 46 -21.28 -11.82 -15.23
N LEU F 47 -22.52 -11.93 -15.71
CA LEU F 47 -23.09 -11.01 -16.70
C LEU F 47 -23.19 -9.58 -16.15
N LEU F 48 -23.79 -9.40 -14.97
CA LEU F 48 -23.97 -8.07 -14.40
C LEU F 48 -22.64 -7.49 -13.91
N ASP F 49 -21.68 -8.30 -13.44
CA ASP F 49 -20.34 -7.80 -13.15
C ASP F 49 -19.56 -7.40 -14.39
N VAL F 50 -19.74 -8.04 -15.55
CA VAL F 50 -19.14 -7.58 -16.82
C VAL F 50 -19.74 -6.25 -17.25
N LEU F 51 -21.07 -6.11 -17.32
CA LEU F 51 -21.72 -4.85 -17.70
C LEU F 51 -21.43 -3.71 -16.71
N ALA F 52 -21.19 -4.00 -15.42
CA ALA F 52 -20.80 -2.99 -14.45
C ALA F 52 -19.35 -2.52 -14.59
N ASN F 53 -18.43 -3.40 -15.01
CA ASN F 53 -17.00 -3.07 -15.18
C ASN F 53 -16.61 -2.57 -16.58
N VAL F 54 -17.44 -2.77 -17.61
CA VAL F 54 -17.30 -2.06 -18.89
C VAL F 54 -17.57 -0.57 -18.68
N ASN F 55 -16.55 0.26 -18.86
CA ASN F 55 -16.55 1.68 -18.51
C ASN F 55 -16.50 2.57 -19.76
N ARG F 56 -17.20 3.70 -19.75
CA ARG F 56 -17.18 4.71 -20.81
C ARG F 56 -17.05 6.09 -20.20
N LYS F 57 -16.17 6.94 -20.71
CA LYS F 57 -16.05 8.34 -20.29
C LYS F 57 -15.51 9.20 -21.41
N CYS F 58 -15.71 10.50 -21.31
CA CYS F 58 -15.19 11.47 -22.26
C CYS F 58 -14.62 12.67 -21.52
N ALA F 59 -13.31 12.80 -21.38
CA ALA F 59 -12.71 14.02 -20.87
C ALA F 59 -12.81 15.13 -21.92
N VAL F 60 -13.75 16.07 -21.76
CA VAL F 60 -14.02 17.15 -22.71
C VAL F 60 -13.25 18.41 -22.30
N GLY F 61 -12.29 18.83 -23.11
CA GLY F 61 -11.65 20.13 -23.01
C GLY F 61 -12.13 21.05 -24.12
N VAL F 62 -12.69 22.21 -23.78
CA VAL F 62 -13.05 23.25 -24.75
C VAL F 62 -12.32 24.53 -24.38
N ASP F 63 -11.45 25.02 -25.24
CA ASP F 63 -10.48 26.07 -24.95
C ASP F 63 -10.90 27.36 -25.64
N ASN F 64 -11.07 28.45 -24.88
CA ASN F 64 -11.72 29.67 -25.35
C ASN F 64 -10.72 30.73 -25.84
N GLU F 65 -10.17 30.57 -27.02
CA GLU F 65 -9.37 31.61 -27.69
C GLU F 65 -10.23 32.56 -28.54
N SER F 66 -11.54 32.65 -28.24
CA SER F 66 -12.54 33.36 -29.04
C SER F 66 -12.47 34.89 -28.95
N GLY F 67 -11.86 35.45 -27.88
CA GLY F 67 -11.89 36.89 -27.60
C GLY F 67 -13.19 37.42 -26.98
N PHE F 68 -14.12 36.54 -26.63
CA PHE F 68 -15.41 36.82 -26.00
C PHE F 68 -15.58 36.00 -24.72
N ARG F 69 -16.28 36.53 -23.70
CA ARG F 69 -16.65 35.75 -22.50
C ARG F 69 -17.86 34.87 -22.78
N TRP F 70 -17.75 33.58 -22.46
CA TRP F 70 -18.88 32.64 -22.44
C TRP F 70 -19.55 32.63 -21.07
N GLN F 71 -20.85 32.40 -21.00
CA GLN F 71 -21.60 32.42 -19.74
C GLN F 71 -22.85 31.54 -19.77
N GLU F 72 -23.49 31.34 -18.62
CA GLU F 72 -24.74 30.59 -18.46
C GLU F 72 -24.61 29.14 -18.92
N GLY F 73 -23.51 28.48 -18.52
CA GLY F 73 -23.20 27.12 -18.96
C GLY F 73 -24.30 26.11 -18.66
N SER F 74 -24.72 25.34 -19.66
CA SER F 74 -25.77 24.33 -19.58
C SER F 74 -25.32 23.00 -20.18
N THR F 75 -25.96 21.90 -19.80
CA THR F 75 -25.58 20.57 -20.27
C THR F 75 -26.78 19.65 -20.37
N TYR F 76 -26.77 18.74 -21.35
CA TYR F 76 -27.81 17.75 -21.56
C TYR F 76 -27.15 16.39 -21.78
N PHE F 77 -27.66 15.34 -21.15
CA PHE F 77 -27.20 13.99 -21.40
C PHE F 77 -28.30 13.17 -22.06
N PHE F 78 -28.00 12.63 -23.25
CA PHE F 78 -28.81 11.56 -23.81
C PHE F 78 -28.55 10.26 -23.05
N SER F 79 -27.29 10.00 -22.70
CA SER F 79 -26.82 8.86 -21.92
C SER F 79 -25.64 9.27 -21.03
N GLY F 80 -25.47 8.64 -19.87
CA GLY F 80 -24.40 8.99 -18.94
C GLY F 80 -24.62 10.27 -18.14
N THR F 81 -23.60 10.72 -17.42
CA THR F 81 -23.69 11.83 -16.45
C THR F 81 -22.31 12.39 -16.07
N ALA F 82 -22.24 13.58 -15.47
CA ALA F 82 -21.05 14.09 -14.78
C ALA F 82 -21.22 14.04 -13.24
N ASP F 83 -20.11 14.06 -12.49
CA ASP F 83 -20.11 14.23 -11.02
C ASP F 83 -19.88 15.68 -10.60
N GLU F 84 -18.97 16.37 -11.29
CA GLU F 84 -18.67 17.79 -11.09
C GLU F 84 -19.67 18.69 -11.82
N ASN F 85 -19.70 19.97 -11.45
CA ASN F 85 -20.39 20.99 -12.23
C ASN F 85 -19.51 21.53 -13.36
N LEU F 86 -20.18 21.85 -14.46
CA LEU F 86 -19.65 22.71 -15.50
C LEU F 86 -19.45 24.14 -14.94
N PRO F 87 -18.39 24.90 -15.27
CA PRO F 87 -18.21 26.24 -14.72
C PRO F 87 -19.18 27.25 -15.36
N TYR F 88 -19.64 28.26 -14.63
CA TYR F 88 -20.67 29.20 -15.12
C TYR F 88 -20.25 29.96 -16.36
N SER F 89 -18.96 30.31 -16.42
CA SER F 89 -18.41 31.21 -17.43
C SER F 89 -16.98 30.83 -17.78
N VAL F 90 -16.57 31.12 -19.02
CA VAL F 90 -15.20 31.00 -19.48
C VAL F 90 -14.77 32.36 -20.05
N SER F 91 -13.75 32.97 -19.47
CA SER F 91 -13.20 34.23 -19.98
C SER F 91 -12.23 33.99 -21.13
N ASP F 92 -11.79 35.05 -21.80
CA ASP F 92 -10.82 35.00 -22.90
C ASP F 92 -9.51 34.32 -22.46
N GLY F 93 -9.13 33.22 -23.12
CA GLY F 93 -7.92 32.45 -22.84
C GLY F 93 -8.06 31.33 -21.80
N TYR F 94 -9.23 31.13 -21.20
CA TYR F 94 -9.50 30.05 -20.23
C TYR F 94 -10.16 28.83 -20.90
N ALA F 95 -10.26 27.72 -20.18
CA ALA F 95 -10.82 26.47 -20.73
C ALA F 95 -11.94 25.88 -19.86
N VAL F 96 -12.93 25.29 -20.52
CA VAL F 96 -13.74 24.23 -19.93
C VAL F 96 -12.88 22.99 -19.83
N LEU F 97 -12.90 22.31 -18.67
CA LEU F 97 -12.34 20.99 -18.50
C LEU F 97 -13.40 20.18 -17.75
N TYR F 98 -14.13 19.34 -18.47
CA TYR F 98 -15.38 18.73 -18.00
C TYR F 98 -15.36 17.22 -18.24
N GLY F 99 -15.66 16.44 -17.20
CA GLY F 99 -15.57 14.98 -17.21
C GLY F 99 -16.91 14.27 -17.00
N PRO F 100 -17.57 13.85 -18.09
CA PRO F 100 -18.73 12.98 -18.06
C PRO F 100 -18.40 11.51 -18.36
N ARG F 101 -19.22 10.61 -17.82
CA ARG F 101 -19.00 9.16 -17.69
C ARG F 101 -20.32 8.38 -17.75
N LYS F 102 -20.36 7.12 -18.15
CA LYS F 102 -21.63 6.34 -18.11
C LYS F 102 -22.17 6.13 -16.69
N THR F 103 -23.46 5.84 -16.58
CA THR F 103 -24.18 5.53 -15.32
C THR F 103 -23.56 4.33 -14.60
N ASN F 104 -23.52 4.33 -13.26
CA ASN F 104 -22.97 3.20 -12.49
C ASN F 104 -23.76 1.93 -12.69
N GLY F 105 -23.19 0.77 -12.42
CA GLY F 105 -23.87 -0.52 -12.47
C GLY F 105 -24.08 -1.05 -13.90
N PRO F 106 -24.82 -2.14 -14.06
CA PRO F 106 -24.89 -2.92 -15.30
C PRO F 106 -25.80 -2.31 -16.39
N VAL F 107 -25.60 -1.04 -16.76
CA VAL F 107 -26.61 -0.25 -17.50
C VAL F 107 -26.58 -0.44 -19.03
N ALA F 108 -25.46 -0.89 -19.62
CA ALA F 108 -25.35 -1.12 -21.07
C ALA F 108 -25.64 0.10 -21.97
N THR F 109 -25.41 1.31 -21.47
CA THR F 109 -25.48 2.58 -22.23
C THR F 109 -24.17 3.36 -22.11
N GLY F 110 -23.82 4.12 -23.14
CA GLY F 110 -22.56 4.88 -23.21
C GLY F 110 -22.62 6.22 -22.51
N VAL F 111 -21.82 7.19 -22.94
CA VAL F 111 -21.96 8.59 -22.54
C VAL F 111 -22.11 9.49 -23.76
N VAL F 112 -23.20 10.25 -23.83
CA VAL F 112 -23.63 11.00 -25.02
C VAL F 112 -24.33 12.26 -24.54
N GLY F 113 -23.93 13.43 -25.01
CA GLY F 113 -24.46 14.66 -24.45
C GLY F 113 -24.12 15.90 -25.24
N VAL F 114 -24.68 17.02 -24.78
CA VAL F 114 -24.44 18.36 -25.26
C VAL F 114 -23.99 19.23 -24.09
N LEU F 115 -23.12 20.18 -24.38
CA LEU F 115 -22.64 21.25 -23.53
C LEU F 115 -22.91 22.55 -24.27
N ALA F 116 -23.52 23.56 -23.66
CA ALA F 116 -23.74 24.83 -24.33
C ALA F 116 -23.51 26.04 -23.45
N TYR F 117 -22.97 27.12 -24.03
CA TYR F 117 -22.74 28.41 -23.39
C TYR F 117 -23.29 29.54 -24.24
N TYR F 118 -23.82 30.59 -23.63
CA TYR F 118 -24.20 31.80 -24.34
C TYR F 118 -22.99 32.73 -24.51
N ILE F 119 -22.89 33.42 -25.64
CA ILE F 119 -21.82 34.36 -25.98
C ILE F 119 -22.43 35.73 -26.30
N PRO F 120 -22.68 36.59 -25.30
CA PRO F 120 -23.47 37.81 -25.47
C PRO F 120 -22.81 38.86 -26.35
N SER F 121 -21.49 38.82 -26.54
CA SER F 121 -20.75 39.72 -27.43
C SER F 121 -21.13 39.56 -28.92
N ILE F 122 -21.76 38.45 -29.29
CA ILE F 122 -22.23 38.14 -30.66
C ILE F 122 -23.70 37.73 -30.72
N GLY F 123 -24.35 37.44 -29.59
CA GLY F 123 -25.77 37.11 -29.52
C GLY F 123 -26.09 35.67 -29.94
N LYS F 124 -25.19 34.72 -29.68
CA LYS F 124 -25.27 33.33 -30.14
C LYS F 124 -24.82 32.37 -29.05
N THR F 125 -25.23 31.11 -29.10
CA THR F 125 -24.81 30.08 -28.14
C THR F 125 -24.01 28.96 -28.80
N LEU F 126 -22.79 28.76 -28.33
CA LEU F 126 -21.94 27.65 -28.75
C LEU F 126 -22.44 26.38 -28.07
N ALA F 127 -22.74 25.33 -28.83
CA ALA F 127 -23.04 24.00 -28.33
C ALA F 127 -22.02 22.98 -28.83
N VAL F 128 -21.47 22.18 -27.92
CA VAL F 128 -20.50 21.11 -28.16
C VAL F 128 -21.18 19.78 -27.87
N MET F 129 -21.06 18.80 -28.74
CA MET F 129 -21.64 17.46 -28.59
C MET F 129 -20.55 16.39 -28.63
N TRP F 130 -20.69 15.35 -27.83
CA TRP F 130 -19.89 14.13 -27.91
C TRP F 130 -20.79 12.91 -27.81
N SER F 131 -20.32 11.79 -28.34
CA SER F 131 -21.03 10.51 -28.30
C SER F 131 -20.03 9.37 -28.18
N VAL F 132 -19.88 8.79 -27.00
CA VAL F 132 -19.04 7.62 -26.72
C VAL F 132 -19.97 6.43 -26.45
N PRO F 133 -20.25 5.55 -27.43
CA PRO F 133 -21.27 4.51 -27.29
C PRO F 133 -20.82 3.35 -26.40
N PHE F 134 -21.77 2.53 -25.97
CA PHE F 134 -21.44 1.28 -25.26
C PHE F 134 -20.95 0.20 -26.23
N ASP F 135 -21.70 -0.05 -27.31
CA ASP F 135 -21.46 -1.14 -28.25
C ASP F 135 -20.86 -0.65 -29.57
N TYR F 136 -19.56 -0.89 -29.73
CA TYR F 136 -18.79 -0.48 -30.89
C TYR F 136 -19.00 -1.32 -32.16
N ASN F 137 -19.88 -2.32 -32.16
CA ASN F 137 -20.30 -3.01 -33.38
C ASN F 137 -21.33 -2.19 -34.15
N PHE F 138 -22.25 -1.54 -33.43
CA PHE F 138 -23.32 -0.72 -33.99
C PHE F 138 -22.91 0.76 -34.20
N TYR F 139 -21.98 1.26 -33.40
CA TYR F 139 -21.68 2.69 -33.25
C TYR F 139 -20.18 2.97 -33.19
N GLN F 140 -19.80 4.25 -33.25
CA GLN F 140 -18.43 4.72 -33.06
C GLN F 140 -18.41 6.04 -32.30
N ASN F 141 -17.24 6.49 -31.85
CA ASN F 141 -17.11 7.81 -31.23
C ASN F 141 -17.41 8.90 -32.27
N TRP F 142 -18.28 9.84 -31.94
CA TRP F 142 -18.56 11.03 -32.74
C TRP F 142 -18.51 12.29 -31.87
N TRP F 143 -18.19 13.44 -32.45
CA TRP F 143 -18.32 14.74 -31.80
C TRP F 143 -18.68 15.81 -32.82
N ASN F 144 -19.16 16.97 -32.36
CA ASN F 144 -19.48 18.11 -33.21
C ASN F 144 -19.54 19.39 -32.38
N ALA F 145 -19.55 20.56 -33.02
CA ALA F 145 -19.88 21.83 -32.38
C ALA F 145 -20.57 22.78 -33.37
N LYS F 146 -21.49 23.61 -32.89
CA LYS F 146 -22.21 24.60 -33.72
C LYS F 146 -22.61 25.81 -32.89
N LEU F 147 -22.82 26.94 -33.56
CA LEU F 147 -23.09 28.24 -32.94
C LEU F 147 -24.50 28.70 -33.30
N TYR F 148 -25.47 28.41 -32.44
CA TYR F 148 -26.89 28.70 -32.63
C TYR F 148 -27.25 30.17 -32.39
N SER F 149 -28.32 30.65 -33.00
CA SER F 149 -28.80 32.02 -32.76
C SER F 149 -29.48 32.17 -31.38
N GLY F 150 -29.22 33.28 -30.70
CA GLY F 150 -29.86 33.61 -29.42
C GLY F 150 -29.32 32.85 -28.22
N ASN F 151 -29.87 33.15 -27.03
CA ASN F 151 -29.65 32.37 -25.82
C ASN F 151 -30.55 31.13 -25.82
N GLN F 152 -29.97 29.93 -25.75
CA GLN F 152 -30.72 28.67 -25.70
C GLN F 152 -30.13 27.73 -24.64
N ASP F 153 -31.00 27.05 -23.89
CA ASP F 153 -30.59 26.00 -22.96
C ASP F 153 -30.14 24.75 -23.75
N ALA F 154 -29.20 23.96 -23.26
CA ALA F 154 -28.81 22.71 -23.91
C ALA F 154 -29.92 21.66 -23.76
N ASP F 155 -30.40 21.06 -24.85
CA ASP F 155 -31.44 20.03 -24.80
C ASP F 155 -31.39 19.07 -26.00
N TYR F 156 -32.32 18.12 -26.02
CA TYR F 156 -32.40 17.07 -27.04
C TYR F 156 -32.45 17.60 -28.48
N ASP F 157 -33.08 18.75 -28.76
CA ASP F 157 -33.14 19.29 -30.12
C ASP F 157 -31.75 19.68 -30.64
N HIS F 158 -30.82 20.06 -29.76
CA HIS F 158 -29.43 20.30 -30.13
C HIS F 158 -28.69 18.98 -30.32
N TYR F 159 -28.97 17.95 -29.52
CA TYR F 159 -28.34 16.65 -29.71
C TYR F 159 -28.68 16.07 -31.07
N VAL F 160 -29.97 15.95 -31.44
CA VAL F 160 -30.33 15.38 -32.74
C VAL F 160 -29.82 16.23 -33.90
N ASP F 161 -29.73 17.54 -33.76
CA ASP F 161 -29.14 18.40 -34.78
C ASP F 161 -27.63 18.16 -34.92
N LEU F 162 -26.87 18.31 -33.83
CA LEU F 162 -25.42 18.10 -33.83
C LEU F 162 -25.01 16.67 -34.20
N TYR F 163 -25.88 15.67 -34.04
CA TYR F 163 -25.59 14.28 -34.37
C TYR F 163 -26.11 13.82 -35.74
N TYR F 164 -27.22 14.38 -36.26
CA TYR F 164 -27.84 13.96 -37.52
C TYR F 164 -28.04 15.10 -38.54
N ASP F 165 -28.49 16.28 -38.15
CA ASP F 165 -28.84 17.36 -39.09
C ASP F 165 -27.63 18.19 -39.54
N ALA F 166 -26.51 18.14 -38.82
CA ALA F 166 -25.20 18.66 -39.19
C ALA F 166 -24.14 17.54 -39.16
N ASN F 167 -23.13 17.58 -40.03
CA ASN F 167 -22.14 16.52 -40.17
C ASN F 167 -21.19 16.44 -38.95
N PRO F 168 -21.19 15.38 -38.13
CA PRO F 168 -20.25 15.19 -37.02
C PRO F 168 -18.87 14.71 -37.50
N PHE F 169 -17.92 14.54 -36.58
CA PHE F 169 -16.54 14.10 -36.86
C PHE F 169 -16.20 12.74 -36.23
N LYS F 170 -15.46 11.89 -36.94
CA LYS F 170 -15.32 10.44 -36.69
C LYS F 170 -14.37 10.01 -35.57
N ALA F 171 -13.74 10.92 -34.83
CA ALA F 171 -12.66 10.59 -33.88
C ALA F 171 -11.43 9.95 -34.53
N ASN F 172 -10.99 10.47 -35.67
CA ASN F 172 -9.87 10.00 -36.49
C ASN F 172 -8.73 11.04 -36.61
N GLY F 173 -8.50 11.85 -35.59
CA GLY F 173 -7.53 12.95 -35.57
C GLY F 173 -8.17 14.34 -35.64
N TRP F 174 -7.40 15.36 -36.01
CA TRP F 174 -7.82 16.75 -35.95
C TRP F 174 -8.67 17.21 -37.14
N HIS F 175 -9.70 17.99 -36.84
CA HIS F 175 -10.67 18.59 -37.76
C HIS F 175 -10.88 20.07 -37.45
N GLU F 176 -11.32 20.84 -38.42
CA GLU F 176 -11.49 22.29 -38.31
C GLU F 176 -12.71 22.77 -39.09
N ARG F 177 -13.45 23.77 -38.59
CA ARG F 177 -14.71 24.25 -39.17
C ARG F 177 -15.01 25.68 -38.75
N SER F 178 -15.57 26.50 -39.64
CA SER F 178 -16.01 27.86 -39.30
C SER F 178 -17.38 27.89 -38.60
N LEU F 179 -17.59 28.86 -37.71
CA LEU F 179 -18.85 29.06 -36.96
C LEU F 179 -19.63 30.31 -37.41
N GLY F 180 -19.05 31.16 -38.24
CA GLY F 180 -19.58 32.50 -38.54
C GLY F 180 -19.34 33.47 -37.38
N SER F 181 -19.78 34.72 -37.53
CA SER F 181 -19.53 35.83 -36.59
C SER F 181 -18.04 36.07 -36.27
N GLY F 182 -17.15 35.67 -37.18
CA GLY F 182 -15.70 35.80 -37.02
C GLY F 182 -15.04 34.69 -36.19
N LEU F 183 -15.73 33.58 -35.94
CA LEU F 183 -15.23 32.44 -35.16
C LEU F 183 -15.07 31.17 -36.00
N LYS F 184 -14.19 30.29 -35.52
CA LYS F 184 -14.01 28.90 -35.99
C LYS F 184 -13.61 28.01 -34.82
N PHE F 185 -13.57 26.71 -35.02
CA PHE F 185 -12.95 25.80 -34.07
C PHE F 185 -12.07 24.79 -34.78
N CYS F 186 -11.11 24.25 -34.06
CA CYS F 186 -10.42 23.02 -34.43
C CYS F 186 -10.43 22.07 -33.24
N GLY F 187 -10.51 20.79 -33.47
CA GLY F 187 -10.55 19.82 -32.38
C GLY F 187 -10.30 18.40 -32.84
N SER F 188 -10.15 17.49 -31.88
CA SER F 188 -9.96 16.06 -32.12
C SER F 188 -10.60 15.26 -31.00
N MET F 189 -10.87 13.98 -31.26
CA MET F 189 -11.37 13.04 -30.27
C MET F 189 -10.65 11.71 -30.42
N SER F 190 -10.29 11.05 -29.33
CA SER F 190 -9.71 9.71 -29.38
C SER F 190 -10.78 8.64 -29.62
N SER F 191 -10.42 7.56 -30.30
CA SER F 191 -11.34 6.55 -30.84
C SER F 191 -11.80 5.47 -29.86
N SER F 192 -11.44 5.57 -28.58
CA SER F 192 -11.70 4.53 -27.57
C SER F 192 -12.83 4.85 -26.61
N GLY F 193 -13.25 3.89 -25.79
CA GLY F 193 -14.27 4.08 -24.78
C GLY F 193 -13.83 4.94 -23.59
N GLN F 194 -12.53 5.10 -23.33
CA GLN F 194 -12.05 6.15 -22.44
C GLN F 194 -11.58 7.28 -23.34
N ALA F 195 -12.45 8.24 -23.62
CA ALA F 195 -12.20 9.17 -24.70
C ALA F 195 -11.66 10.48 -24.15
N THR F 196 -10.89 11.21 -24.96
CA THR F 196 -10.54 12.60 -24.71
C THR F 196 -11.01 13.42 -25.89
N LEU F 197 -11.85 14.44 -25.70
CA LEU F 197 -12.26 15.39 -26.73
C LEU F 197 -11.56 16.70 -26.44
N GLU F 198 -10.85 17.27 -27.41
CA GLU F 198 -10.21 18.57 -27.28
C GLU F 198 -10.65 19.47 -28.41
N ILE F 199 -11.14 20.65 -28.07
CA ILE F 199 -11.59 21.68 -29.01
C ILE F 199 -10.93 23.00 -28.61
N HIS F 200 -10.43 23.74 -29.59
CA HIS F 200 -10.03 25.13 -29.47
C HIS F 200 -11.02 25.95 -30.27
N VAL F 201 -11.66 26.94 -29.66
CA VAL F 201 -12.53 27.90 -30.35
C VAL F 201 -11.73 29.17 -30.53
N LEU F 202 -11.64 29.67 -31.75
CA LEU F 202 -10.65 30.65 -32.19
C LEU F 202 -11.30 31.75 -33.02
N LYS F 203 -10.64 32.90 -33.16
CA LYS F 203 -10.95 33.85 -34.24
C LYS F 203 -10.70 33.16 -35.58
N GLU F 204 -11.54 33.45 -36.57
CA GLU F 204 -11.44 32.87 -37.91
C GLU F 204 -10.12 33.24 -38.63
N SER F 205 -9.57 34.41 -38.30
CA SER F 205 -8.33 34.95 -38.88
C SER F 205 -7.03 34.39 -38.29
N GLU F 206 -7.08 33.46 -37.34
CA GLU F 206 -5.91 32.99 -36.57
C GLU F 206 -5.61 31.50 -36.79
N THR F 207 -4.35 31.10 -36.62
CA THR F 207 -3.92 29.69 -36.73
C THR F 207 -4.35 28.85 -35.54
N CYS F 208 -4.82 27.61 -35.77
CA CYS F 208 -5.15 26.64 -34.72
C CYS F 208 -3.93 26.25 -33.87
N MET F 209 -4.17 25.83 -32.62
CA MET F 209 -3.24 25.25 -31.63
C MET F 209 -1.76 25.63 -31.84
N ILE G 28 -33.52 -38.14 2.37
CA ILE G 28 -33.33 -37.26 1.18
C ILE G 28 -33.88 -35.84 1.44
N ALA G 29 -35.19 -35.67 1.64
CA ALA G 29 -35.89 -34.38 1.45
C ALA G 29 -35.34 -33.19 2.27
N ALA G 30 -34.91 -33.36 3.51
CA ALA G 30 -34.36 -32.24 4.28
C ALA G 30 -33.07 -31.66 3.67
N GLY G 31 -32.30 -32.45 2.93
CA GLY G 31 -31.09 -31.98 2.23
C GLY G 31 -31.39 -30.95 1.15
N THR G 32 -32.49 -31.08 0.40
CA THR G 32 -32.91 -30.06 -0.59
C THR G 32 -33.53 -28.83 0.08
N ILE G 33 -34.11 -28.95 1.28
CA ILE G 33 -34.56 -27.81 2.08
C ILE G 33 -33.37 -26.98 2.57
N ILE G 34 -32.34 -27.61 3.16
CA ILE G 34 -31.14 -26.87 3.57
C ILE G 34 -30.39 -26.29 2.35
N ALA G 35 -30.33 -27.00 1.22
CA ALA G 35 -29.73 -26.46 0.00
C ALA G 35 -30.50 -25.24 -0.53
N GLY G 36 -31.84 -25.26 -0.49
CA GLY G 36 -32.69 -24.12 -0.83
C GLY G 36 -32.60 -22.96 0.15
N ALA G 37 -32.39 -23.24 1.44
CA ALA G 37 -32.12 -22.22 2.45
C ALA G 37 -30.79 -21.51 2.17
N GLU G 38 -29.72 -22.24 1.86
CA GLU G 38 -28.44 -21.64 1.49
C GLU G 38 -28.52 -20.86 0.17
N LEU G 39 -29.25 -21.34 -0.83
CA LEU G 39 -29.53 -20.57 -2.05
C LEU G 39 -30.25 -19.25 -1.72
N THR G 40 -31.26 -19.29 -0.85
CA THR G 40 -32.01 -18.09 -0.44
C THR G 40 -31.12 -17.10 0.31
N ILE G 41 -30.32 -17.54 1.27
CA ILE G 41 -29.40 -16.61 1.93
C ILE G 41 -28.30 -16.13 0.99
N GLY G 42 -27.88 -16.89 -0.02
CA GLY G 42 -27.02 -16.40 -1.09
C GLY G 42 -27.63 -15.26 -1.90
N LEU G 43 -28.94 -15.32 -2.20
CA LEU G 43 -29.67 -14.22 -2.83
C LEU G 43 -29.77 -13.01 -1.89
N LEU G 44 -30.24 -13.19 -0.65
CA LEU G 44 -30.45 -12.09 0.28
C LEU G 44 -29.15 -11.41 0.70
N GLN G 45 -28.03 -12.13 0.80
CA GLN G 45 -26.72 -11.53 1.01
C GLN G 45 -26.33 -10.62 -0.16
N ASN G 46 -26.44 -11.09 -1.40
CA ASN G 46 -26.15 -10.27 -2.58
C ASN G 46 -27.11 -9.08 -2.74
N LEU G 47 -28.38 -9.23 -2.38
CA LEU G 47 -29.35 -8.12 -2.39
C LEU G 47 -28.97 -7.03 -1.39
N LEU G 48 -28.70 -7.38 -0.13
CA LEU G 48 -28.37 -6.40 0.89
C LEU G 48 -26.98 -5.80 0.68
N ASP G 49 -26.01 -6.55 0.14
CA ASP G 49 -24.72 -5.98 -0.26
C ASP G 49 -24.84 -5.03 -1.46
N VAL G 50 -25.75 -5.23 -2.41
CA VAL G 50 -26.01 -4.26 -3.48
C VAL G 50 -26.62 -2.98 -2.93
N LEU G 51 -27.70 -3.06 -2.14
CA LEU G 51 -28.33 -1.88 -1.53
C LEU G 51 -27.40 -1.13 -0.57
N ALA G 52 -26.46 -1.81 0.09
CA ALA G 52 -25.46 -1.17 0.94
C ALA G 52 -24.36 -0.44 0.15
N ASN G 53 -23.96 -0.94 -1.01
CA ASN G 53 -22.92 -0.33 -1.86
C ASN G 53 -23.43 0.70 -2.89
N VAL G 54 -24.72 0.74 -3.20
CA VAL G 54 -25.33 1.87 -3.92
C VAL G 54 -25.28 3.12 -3.03
N ASN G 55 -24.51 4.12 -3.46
CA ASN G 55 -24.17 5.29 -2.66
C ASN G 55 -24.82 6.57 -3.23
N ARG G 56 -25.26 7.48 -2.38
CA ARG G 56 -25.81 8.80 -2.75
C ARG G 56 -25.20 9.86 -1.86
N LYS G 57 -24.74 10.97 -2.41
CA LYS G 57 -24.27 12.13 -1.66
C LYS G 57 -24.45 13.41 -2.43
N CYS G 58 -24.43 14.54 -1.73
CA CYS G 58 -24.50 15.85 -2.36
C CYS G 58 -23.50 16.79 -1.71
N ALA G 59 -22.38 17.09 -2.34
CA ALA G 59 -21.48 18.13 -1.86
C ALA G 59 -22.10 19.51 -2.11
N VAL G 60 -22.67 20.15 -1.08
CA VAL G 60 -23.36 21.44 -1.18
C VAL G 60 -22.39 22.58 -0.86
N GLY G 61 -22.09 23.41 -1.83
CA GLY G 61 -21.40 24.68 -1.64
C GLY G 61 -22.38 25.85 -1.80
N VAL G 62 -22.51 26.69 -0.78
CA VAL G 62 -23.29 27.93 -0.85
C VAL G 62 -22.38 29.10 -0.53
N ASP G 63 -22.18 30.01 -1.47
CA ASP G 63 -21.13 31.03 -1.43
C ASP G 63 -21.77 32.40 -1.17
N ASN G 64 -21.34 33.10 -0.12
CA ASN G 64 -22.03 34.27 0.40
C ASN G 64 -21.44 35.59 -0.11
N GLU G 65 -21.75 35.96 -1.35
CA GLU G 65 -21.44 37.29 -1.91
C GLU G 65 -22.55 38.32 -1.62
N SER G 66 -23.39 38.07 -0.61
CA SER G 66 -24.60 38.84 -0.30
C SER G 66 -24.34 40.22 0.32
N GLY G 67 -23.17 40.46 0.92
CA GLY G 67 -22.89 41.68 1.69
C GLY G 67 -23.50 41.72 3.10
N PHE G 68 -24.09 40.62 3.56
CA PHE G 68 -24.70 40.44 4.88
C PHE G 68 -24.13 39.20 5.57
N ARG G 69 -24.01 39.21 6.90
CA ARG G 69 -23.64 38.00 7.68
C ARG G 69 -24.83 37.08 7.86
N TRP G 70 -24.67 35.80 7.52
CA TRP G 70 -25.62 34.73 7.84
C TRP G 70 -25.32 34.13 9.21
N GLN G 71 -26.33 33.67 9.95
CA GLN G 71 -26.14 33.10 11.28
C GLN G 71 -27.24 32.10 11.66
N GLU G 72 -27.04 31.39 12.78
CA GLU G 72 -28.01 30.44 13.35
C GLU G 72 -28.30 29.29 12.38
N GLY G 73 -27.26 28.74 11.76
CA GLY G 73 -27.41 27.69 10.75
C GLY G 73 -28.18 26.46 11.23
N SER G 74 -29.18 26.04 10.47
CA SER G 74 -30.06 24.90 10.76
C SER G 74 -30.19 23.98 9.55
N THR G 75 -30.55 22.72 9.77
CA THR G 75 -30.66 21.73 8.70
C THR G 75 -31.76 20.72 8.99
N TYR G 76 -32.42 20.23 7.95
CA TYR G 76 -33.45 19.21 8.02
C TYR G 76 -33.19 18.16 6.96
N PHE G 77 -33.31 16.88 7.31
CA PHE G 77 -33.21 15.81 6.33
C PHE G 77 -34.56 15.10 6.20
N PHE G 78 -35.09 15.08 4.98
CA PHE G 78 -36.18 14.16 4.65
C PHE G 78 -35.62 12.74 4.53
N SER G 79 -34.44 12.59 3.93
CA SER G 79 -33.69 11.34 3.78
C SER G 79 -32.19 11.61 3.86
N GLY G 80 -31.40 10.65 4.34
CA GLY G 80 -29.95 10.81 4.50
C GLY G 80 -29.54 11.68 5.69
N THR G 81 -28.25 12.01 5.77
CA THR G 81 -27.63 12.67 6.92
C THR G 81 -26.26 13.28 6.60
N ALA G 82 -25.74 14.17 7.44
CA ALA G 82 -24.33 14.60 7.43
C ALA G 82 -23.53 13.98 8.59
N ASP G 83 -22.20 13.92 8.48
CA ASP G 83 -21.29 13.55 9.58
C ASP G 83 -20.73 14.78 10.30
N GLU G 84 -20.35 15.80 9.53
CA GLU G 84 -19.87 17.09 10.04
C GLU G 84 -21.02 18.01 10.47
N ASN G 85 -20.71 19.05 11.23
CA ASN G 85 -21.64 20.15 11.49
C ASN G 85 -21.58 21.19 10.38
N LEU G 86 -22.75 21.76 10.12
CA LEU G 86 -22.90 23.02 9.40
C LEU G 86 -22.27 24.16 10.22
N PRO G 87 -21.57 25.16 9.66
CA PRO G 87 -20.97 26.23 10.46
C PRO G 87 -22.03 27.21 10.96
N TYR G 88 -21.86 27.80 12.15
CA TYR G 88 -22.88 28.66 12.77
C TYR G 88 -23.24 29.88 11.93
N SER G 89 -22.24 30.45 11.26
CA SER G 89 -22.33 31.72 10.57
C SER G 89 -21.45 31.74 9.33
N VAL G 90 -21.87 32.52 8.32
CA VAL G 90 -21.07 32.81 7.13
C VAL G 90 -20.96 34.33 7.00
N SER G 91 -19.76 34.87 7.04
CA SER G 91 -19.51 36.29 6.84
C SER G 91 -19.48 36.66 5.36
N ASP G 92 -19.45 37.94 5.03
CA ASP G 92 -19.36 38.46 3.66
C ASP G 92 -18.12 37.90 2.93
N GLY G 93 -18.32 37.19 1.82
CA GLY G 93 -17.26 36.59 1.00
C GLY G 93 -16.84 35.16 1.40
N TYR G 94 -17.42 34.57 2.43
CA TYR G 94 -17.14 33.18 2.87
C TYR G 94 -18.16 32.18 2.31
N ALA G 95 -17.91 30.89 2.45
CA ALA G 95 -18.79 29.84 1.91
C ALA G 95 -19.20 28.80 2.96
N VAL G 96 -20.43 28.32 2.85
CA VAL G 96 -20.81 27.00 3.35
C VAL G 96 -20.18 25.97 2.44
N LEU G 97 -19.56 24.94 3.00
CA LEU G 97 -19.12 23.75 2.28
C LEU G 97 -19.57 22.56 3.12
N TYR G 98 -20.66 21.92 2.73
CA TYR G 98 -21.40 20.98 3.56
C TYR G 98 -21.67 19.67 2.81
N GLY G 99 -21.35 18.54 3.42
CA GLY G 99 -21.42 17.23 2.79
C GLY G 99 -22.41 16.26 3.47
N PRO G 100 -23.63 16.15 2.93
CA PRO G 100 -24.61 15.15 3.30
C PRO G 100 -24.65 13.96 2.33
N ARG G 101 -25.05 12.80 2.85
CA ARG G 101 -24.93 11.46 2.25
C ARG G 101 -26.07 10.54 2.69
N LYS G 102 -26.47 9.51 1.94
CA LYS G 102 -27.51 8.57 2.42
C LYS G 102 -27.09 7.78 3.68
N THR G 103 -28.06 7.24 4.40
CA THR G 103 -27.89 6.40 5.59
C THR G 103 -27.07 5.14 5.28
N ASN G 104 -26.22 4.67 6.21
CA ASN G 104 -25.42 3.45 5.98
C ASN G 104 -26.28 2.22 5.83
N GLY G 105 -25.77 1.15 5.23
CA GLY G 105 -26.45 -0.13 5.10
C GLY G 105 -27.53 -0.14 4.01
N PRO G 106 -28.31 -1.22 3.92
CA PRO G 106 -29.20 -1.50 2.79
C PRO G 106 -30.53 -0.70 2.79
N VAL G 107 -30.47 0.62 2.89
CA VAL G 107 -31.65 1.44 3.26
C VAL G 107 -32.57 1.81 2.09
N ALA G 108 -32.09 1.81 0.85
CA ALA G 108 -32.91 2.13 -0.35
C ALA G 108 -33.58 3.52 -0.33
N THR G 109 -32.99 4.50 0.36
CA THR G 109 -33.38 5.92 0.33
C THR G 109 -32.21 6.81 -0.05
N GLY G 110 -32.50 7.94 -0.69
CA GLY G 110 -31.49 8.88 -1.20
C GLY G 110 -30.99 9.85 -0.14
N VAL G 111 -30.53 11.03 -0.55
CA VAL G 111 -30.27 12.15 0.35
C VAL G 111 -31.05 13.39 -0.07
N VAL G 112 -31.88 13.93 0.81
CA VAL G 112 -32.88 14.96 0.51
C VAL G 112 -33.02 15.82 1.75
N GLY G 113 -32.89 17.14 1.63
CA GLY G 113 -32.86 17.98 2.81
C GLY G 113 -32.96 19.46 2.54
N VAL G 114 -33.02 20.22 3.61
CA VAL G 114 -33.01 21.67 3.65
C VAL G 114 -31.87 22.13 4.55
N LEU G 115 -31.27 23.26 4.19
CA LEU G 115 -30.27 24.02 4.91
C LEU G 115 -30.82 25.43 5.06
N ALA G 116 -30.85 26.04 6.25
CA ALA G 116 -31.31 27.41 6.38
C ALA G 116 -30.49 28.25 7.34
N TYR G 117 -30.32 29.53 7.02
CA TYR G 117 -29.63 30.53 7.83
C TYR G 117 -30.48 31.78 7.98
N TYR G 118 -30.43 32.43 9.14
CA TYR G 118 -31.05 33.73 9.32
C TYR G 118 -30.12 34.86 8.85
N ILE G 119 -30.67 35.91 8.26
CA ILE G 119 -29.95 37.08 7.74
C ILE G 119 -30.51 38.35 8.41
N PRO G 120 -30.01 38.73 9.60
CA PRO G 120 -30.63 39.78 10.41
C PRO G 120 -30.56 41.17 9.79
N SER G 121 -29.62 41.42 8.87
CA SER G 121 -29.51 42.70 8.14
C SER G 121 -30.73 43.02 7.25
N ILE G 122 -31.56 42.02 6.93
CA ILE G 122 -32.79 42.15 6.13
C ILE G 122 -34.02 41.53 6.80
N GLY G 123 -33.86 40.75 7.87
CA GLY G 123 -34.97 40.18 8.64
C GLY G 123 -35.61 38.96 7.97
N LYS G 124 -34.82 38.15 7.26
CA LYS G 124 -35.29 37.02 6.44
C LYS G 124 -34.36 35.83 6.58
N THR G 125 -34.83 34.62 6.30
CA THR G 125 -34.01 33.40 6.33
C THR G 125 -33.89 32.75 4.97
N LEU G 126 -32.65 32.60 4.50
CA LEU G 126 -32.34 31.88 3.28
C LEU G 126 -32.43 30.38 3.56
N ALA G 127 -33.22 29.64 2.79
CA ALA G 127 -33.27 28.19 2.82
C ALA G 127 -32.86 27.60 1.47
N VAL G 128 -31.96 26.64 1.47
CA VAL G 128 -31.44 25.91 0.32
C VAL G 128 -31.90 24.46 0.42
N MET G 129 -32.43 23.89 -0.66
CA MET G 129 -32.91 22.51 -0.71
C MET G 129 -32.18 21.73 -1.80
N TRP G 130 -31.89 20.46 -1.55
CA TRP G 130 -31.43 19.51 -2.55
C TRP G 130 -32.18 18.20 -2.42
N SER G 131 -32.23 17.43 -3.50
CA SER G 131 -32.87 16.12 -3.54
C SER G 131 -32.12 15.21 -4.49
N VAL G 132 -31.33 14.28 -3.96
CA VAL G 132 -30.61 13.25 -4.71
C VAL G 132 -31.28 11.90 -4.44
N PRO G 133 -32.17 11.39 -5.29
CA PRO G 133 -32.99 10.22 -4.99
C PRO G 133 -32.19 8.91 -5.08
N PHE G 134 -32.75 7.83 -4.53
CA PHE G 134 -32.18 6.49 -4.69
C PHE G 134 -32.48 5.93 -6.09
N ASP G 135 -33.75 5.96 -6.51
CA ASP G 135 -34.23 5.33 -7.73
C ASP G 135 -34.52 6.36 -8.83
N TYR G 136 -33.62 6.41 -9.81
CA TYR G 136 -33.68 7.34 -10.94
C TYR G 136 -34.69 6.98 -12.03
N ASN G 137 -35.47 5.91 -11.88
CA ASN G 137 -36.61 5.65 -12.77
C ASN G 137 -37.82 6.50 -12.39
N PHE G 138 -38.05 6.67 -11.09
CA PHE G 138 -39.15 7.45 -10.54
C PHE G 138 -38.83 8.94 -10.36
N TYR G 139 -37.56 9.28 -10.15
CA TYR G 139 -37.11 10.59 -9.67
C TYR G 139 -35.87 11.08 -10.40
N GLN G 140 -35.49 12.34 -10.18
CA GLN G 140 -34.25 12.94 -10.69
C GLN G 140 -33.66 13.89 -9.65
N ASN G 141 -32.42 14.35 -9.85
CA ASN G 141 -31.82 15.36 -8.98
C ASN G 141 -32.60 16.68 -9.12
N TRP G 142 -33.00 17.28 -8.00
CA TRP G 142 -33.59 18.61 -7.95
C TRP G 142 -32.91 19.46 -6.88
N TRP G 143 -32.92 20.78 -7.03
CA TRP G 143 -32.50 21.72 -5.99
C TRP G 143 -33.31 23.01 -6.09
N ASN G 144 -33.30 23.82 -5.04
CA ASN G 144 -33.97 25.12 -5.01
C ASN G 144 -33.40 25.99 -3.89
N ALA G 145 -33.69 27.29 -3.89
CA ALA G 145 -33.45 28.17 -2.76
C ALA G 145 -34.51 29.28 -2.69
N LYS G 146 -34.87 29.71 -1.48
CA LYS G 146 -35.85 30.79 -1.27
C LYS G 146 -35.55 31.55 0.03
N LEU G 147 -36.03 32.79 0.12
CA LEU G 147 -35.74 33.71 1.21
C LEU G 147 -37.04 34.02 1.98
N TYR G 148 -37.30 33.28 3.04
CA TYR G 148 -38.51 33.38 3.87
C TYR G 148 -38.51 34.57 4.80
N SER G 149 -39.68 35.06 5.20
CA SER G 149 -39.80 36.14 6.18
C SER G 149 -39.48 35.68 7.61
N GLY G 150 -38.75 36.49 8.37
CA GLY G 150 -38.45 36.23 9.78
C GLY G 150 -37.35 35.20 10.02
N ASN G 151 -37.04 34.96 11.30
CA ASN G 151 -36.19 33.85 11.72
C ASN G 151 -37.01 32.55 11.78
N GLN G 152 -36.63 31.53 11.03
CA GLN G 152 -37.30 30.23 11.02
C GLN G 152 -36.28 29.09 11.07
N ASP G 153 -36.56 28.05 11.85
CA ASP G 153 -35.76 26.81 11.86
C ASP G 153 -36.00 26.03 10.56
N ALA G 154 -35.03 25.28 10.04
CA ALA G 154 -35.24 24.43 8.87
C ALA G 154 -36.11 23.23 9.23
N ASP G 155 -37.20 22.99 8.51
CA ASP G 155 -38.10 21.85 8.77
C ASP G 155 -38.87 21.40 7.52
N TYR G 156 -39.70 20.37 7.68
CA TYR G 156 -40.48 19.76 6.60
C TYR G 156 -41.35 20.75 5.82
N ASP G 157 -41.91 21.79 6.44
CA ASP G 157 -42.74 22.76 5.71
C ASP G 157 -41.92 23.54 4.68
N HIS G 158 -40.62 23.74 4.90
CA HIS G 158 -39.73 24.33 3.90
C HIS G 158 -39.39 23.32 2.82
N TYR G 159 -39.22 22.04 3.16
CA TYR G 159 -38.95 21.01 2.16
C TYR G 159 -40.10 20.91 1.17
N VAL G 160 -41.34 20.71 1.62
CA VAL G 160 -42.47 20.59 0.69
C VAL G 160 -42.70 21.86 -0.11
N ASP G 161 -42.42 23.03 0.45
CA ASP G 161 -42.51 24.29 -0.29
C ASP G 161 -41.43 24.38 -1.37
N LEU G 162 -40.15 24.26 -1.00
CA LEU G 162 -39.03 24.32 -1.94
C LEU G 162 -39.06 23.21 -2.99
N TYR G 163 -39.73 22.08 -2.76
CA TYR G 163 -39.83 20.97 -3.70
C TYR G 163 -41.13 20.95 -4.53
N TYR G 164 -42.26 21.45 -4.02
CA TYR G 164 -43.56 21.42 -4.71
C TYR G 164 -44.23 22.78 -4.88
N ASP G 165 -44.24 23.65 -3.87
CA ASP G 165 -45.00 24.92 -3.92
C ASP G 165 -44.25 26.06 -4.64
N ALA G 166 -42.93 25.94 -4.80
CA ALA G 166 -42.07 26.77 -5.65
C ALA G 166 -41.32 25.92 -6.68
N ASN G 167 -41.06 26.44 -7.88
CA ASN G 167 -40.45 25.68 -8.99
C ASN G 167 -38.97 25.34 -8.71
N PRO G 168 -38.57 24.07 -8.53
CA PRO G 168 -37.17 23.67 -8.38
C PRO G 168 -36.42 23.62 -9.72
N PHE G 169 -35.12 23.31 -9.70
CA PHE G 169 -34.25 23.24 -10.88
C PHE G 169 -33.72 21.83 -11.15
N LYS G 170 -33.64 21.43 -12.43
CA LYS G 170 -33.51 20.03 -12.88
C LYS G 170 -32.11 19.40 -12.83
N ALA G 171 -31.09 20.07 -12.32
CA ALA G 171 -29.69 19.61 -12.40
C ALA G 171 -29.16 19.47 -13.85
N ASN G 172 -29.47 20.43 -14.72
CA ASN G 172 -29.12 20.48 -16.15
C ASN G 172 -28.22 21.68 -16.51
N GLY G 173 -27.34 22.09 -15.60
CA GLY G 173 -26.47 23.27 -15.73
C GLY G 173 -26.89 24.46 -14.89
N TRP G 174 -26.41 25.66 -15.21
CA TRP G 174 -26.59 26.85 -14.39
C TRP G 174 -27.93 27.54 -14.54
N HIS G 175 -28.50 27.97 -13.41
CA HIS G 175 -29.77 28.69 -13.28
C HIS G 175 -29.60 29.90 -12.36
N GLU G 176 -30.48 30.89 -12.48
CA GLU G 176 -30.42 32.15 -11.74
C GLU G 176 -31.82 32.66 -11.39
N ARG G 177 -31.99 33.26 -10.22
CA ARG G 177 -33.30 33.69 -9.69
C ARG G 177 -33.15 34.81 -8.67
N SER G 178 -34.06 35.78 -8.65
CA SER G 178 -34.09 36.85 -7.63
C SER G 178 -34.73 36.39 -6.31
N LEU G 179 -34.27 36.92 -5.18
CA LEU G 179 -34.79 36.63 -3.84
C LEU G 179 -35.56 37.79 -3.20
N GLY G 180 -35.54 38.98 -3.81
CA GLY G 180 -36.01 40.22 -3.20
C GLY G 180 -35.03 40.74 -2.14
N SER G 181 -35.36 41.87 -1.50
CA SER G 181 -34.49 42.59 -0.56
C SER G 181 -33.10 42.95 -1.13
N GLY G 182 -32.99 43.07 -2.45
CA GLY G 182 -31.74 43.38 -3.15
C GLY G 182 -30.81 42.18 -3.36
N LEU G 183 -31.30 40.95 -3.21
CA LEU G 183 -30.53 39.71 -3.40
C LEU G 183 -31.03 38.86 -4.58
N LYS G 184 -30.13 38.04 -5.10
CA LYS G 184 -30.40 36.96 -6.06
C LYS G 184 -29.45 35.80 -5.81
N PHE G 185 -29.66 34.68 -6.48
CA PHE G 185 -28.67 33.61 -6.53
C PHE G 185 -28.50 33.08 -7.93
N CYS G 186 -27.35 32.50 -8.21
CA CYS G 186 -27.14 31.62 -9.35
C CYS G 186 -26.52 30.33 -8.86
N GLY G 187 -26.83 29.21 -9.48
CA GLY G 187 -26.29 27.93 -9.05
C GLY G 187 -26.48 26.82 -10.07
N SER G 188 -25.88 25.68 -9.83
CA SER G 188 -26.00 24.48 -10.66
C SER G 188 -25.88 23.24 -9.80
N MET G 189 -26.37 22.11 -10.32
CA MET G 189 -26.25 20.80 -9.69
C MET G 189 -25.89 19.76 -10.73
N SER G 190 -24.99 18.82 -10.43
CA SER G 190 -24.69 17.71 -11.32
C SER G 190 -25.78 16.63 -11.26
N SER G 191 -26.00 15.94 -12.38
CA SER G 191 -27.15 15.05 -12.60
C SER G 191 -27.01 13.63 -12.05
N SER G 192 -25.94 13.32 -11.32
CA SER G 192 -25.62 11.97 -10.85
C SER G 192 -25.90 11.73 -9.37
N GLY G 193 -25.81 10.48 -8.92
CA GLY G 193 -25.97 10.12 -7.52
C GLY G 193 -24.83 10.56 -6.60
N GLN G 194 -23.65 10.85 -7.14
CA GLN G 194 -22.62 11.57 -6.38
C GLN G 194 -22.70 13.02 -6.87
N ALA G 195 -23.47 13.84 -6.19
CA ALA G 195 -23.85 15.13 -6.74
C ALA G 195 -22.97 16.23 -6.16
N THR G 196 -22.80 17.31 -6.90
CA THR G 196 -22.24 18.56 -6.39
C THR G 196 -23.26 19.66 -6.64
N LEU G 197 -23.71 20.38 -5.62
CA LEU G 197 -24.58 21.55 -5.73
C LEU G 197 -23.73 22.78 -5.44
N GLU G 198 -23.71 23.76 -6.34
CA GLU G 198 -23.01 25.02 -6.13
C GLU G 198 -23.97 26.17 -6.31
N ILE G 199 -24.04 27.06 -5.33
CA ILE G 199 -24.88 28.25 -5.34
C ILE G 199 -24.00 29.44 -4.94
N HIS G 200 -24.13 30.56 -5.65
CA HIS G 200 -23.62 31.86 -5.25
C HIS G 200 -24.82 32.73 -4.92
N VAL G 201 -24.86 33.31 -3.72
CA VAL G 201 -25.88 34.29 -3.34
C VAL G 201 -25.25 35.66 -3.44
N LEU G 202 -25.87 36.56 -4.18
CA LEU G 202 -25.27 37.79 -4.70
C LEU G 202 -26.20 38.99 -4.48
N LYS G 203 -25.65 40.21 -4.51
CA LYS G 203 -26.47 41.40 -4.74
C LYS G 203 -27.15 41.30 -6.10
N GLU G 204 -28.39 41.77 -6.19
CA GLU G 204 -29.19 41.74 -7.42
C GLU G 204 -28.56 42.55 -8.56
N SER G 205 -27.81 43.60 -8.22
CA SER G 205 -27.15 44.52 -9.15
C SER G 205 -25.81 44.02 -9.71
N GLU G 206 -25.35 42.82 -9.37
CA GLU G 206 -24.01 42.31 -9.70
C GLU G 206 -24.04 41.07 -10.61
N THR G 207 -22.97 40.85 -11.39
CA THR G 207 -22.83 39.68 -12.26
C THR G 207 -22.51 38.40 -11.49
N CYS G 208 -23.14 37.27 -11.85
CA CYS G 208 -22.85 35.95 -11.30
C CYS G 208 -21.40 35.50 -11.56
N MET G 209 -20.87 34.63 -10.69
CA MET G 209 -19.59 33.91 -10.76
C MET G 209 -18.51 34.58 -11.64
N ILE H 28 -28.36 -41.63 6.84
CA ILE H 28 -28.86 -40.36 6.24
C ILE H 28 -29.01 -39.24 7.28
N ALA H 29 -29.91 -39.38 8.28
CA ALA H 29 -30.45 -38.25 9.05
C ALA H 29 -29.42 -37.35 9.76
N ALA H 30 -28.33 -37.88 10.32
CA ALA H 30 -27.34 -37.03 10.97
C ALA H 30 -26.64 -36.05 10.00
N GLY H 31 -26.55 -36.38 8.71
CA GLY H 31 -25.99 -35.50 7.69
C GLY H 31 -26.79 -34.21 7.49
N THR H 32 -28.12 -34.25 7.56
CA THR H 32 -28.96 -33.04 7.51
C THR H 32 -28.93 -32.25 8.82
N ILE H 33 -28.67 -32.89 9.97
CA ILE H 33 -28.44 -32.20 11.24
C ILE H 33 -27.11 -31.42 11.20
N ILE H 34 -26.01 -32.02 10.76
CA ILE H 34 -24.74 -31.29 10.62
C ILE H 34 -24.84 -30.20 9.54
N ALA H 35 -25.55 -30.44 8.43
CA ALA H 35 -25.78 -29.40 7.42
C ALA H 35 -26.60 -28.22 7.98
N GLY H 36 -27.63 -28.49 8.78
CA GLY H 36 -28.42 -27.46 9.49
C GLY H 36 -27.63 -26.73 10.58
N ALA H 37 -26.71 -27.41 11.26
CA ALA H 37 -25.79 -26.78 12.20
C ALA H 37 -24.85 -25.81 11.49
N GLU H 38 -24.26 -26.19 10.36
CA GLU H 38 -23.42 -25.28 9.57
C GLU H 38 -24.22 -24.11 8.97
N LEU H 39 -25.45 -24.32 8.52
CA LEU H 39 -26.34 -23.22 8.12
C LEU H 39 -26.59 -22.25 9.29
N THR H 40 -26.86 -22.77 10.49
CA THR H 40 -27.10 -21.94 11.68
C THR H 40 -25.86 -21.14 12.06
N ILE H 41 -24.67 -21.76 12.09
CA ILE H 41 -23.46 -20.98 12.39
C ILE H 41 -23.12 -20.02 11.25
N GLY H 42 -23.48 -20.29 10.00
CA GLY H 42 -23.40 -19.31 8.92
C GLY H 42 -24.29 -18.08 9.14
N LEU H 43 -25.50 -18.25 9.68
CA LEU H 43 -26.36 -17.13 10.09
C LEU H 43 -25.76 -16.38 11.28
N LEU H 44 -25.40 -17.06 12.36
CA LEU H 44 -24.89 -16.42 13.58
C LEU H 44 -23.55 -15.72 13.36
N GLN H 45 -22.67 -16.23 12.50
CA GLN H 45 -21.45 -15.53 12.09
C GLN H 45 -21.78 -14.21 11.40
N ASN H 46 -22.67 -14.22 10.39
CA ASN H 46 -23.08 -13.00 9.69
C ASN H 46 -23.83 -12.01 10.62
N LEU H 47 -24.63 -12.49 11.56
CA LEU H 47 -25.29 -11.64 12.56
C LEU H 47 -24.28 -10.92 13.46
N LEU H 48 -23.35 -11.65 14.07
CA LEU H 48 -22.37 -11.05 14.97
C LEU H 48 -21.36 -10.19 14.23
N ASP H 49 -20.99 -10.52 12.98
CA ASP H 49 -20.17 -9.63 12.15
C ASP H 49 -20.90 -8.35 11.74
N VAL H 50 -22.22 -8.36 11.52
CA VAL H 50 -22.99 -7.13 11.29
C VAL H 50 -23.01 -6.26 12.54
N LEU H 51 -23.39 -6.80 13.70
CA LEU H 51 -23.41 -6.03 14.96
C LEU H 51 -22.02 -5.53 15.38
N ALA H 52 -20.94 -6.23 15.03
CA ALA H 52 -19.58 -5.77 15.29
C ALA H 52 -19.14 -4.63 14.36
N ASN H 53 -19.58 -4.60 13.10
CA ASN H 53 -19.21 -3.57 12.12
C ASN H 53 -20.14 -2.35 12.09
N VAL H 54 -21.35 -2.41 12.65
CA VAL H 54 -22.17 -1.23 12.94
C VAL H 54 -21.48 -0.39 14.01
N ASN H 55 -21.04 0.82 13.65
CA ASN H 55 -20.18 1.67 14.46
C ASN H 55 -20.92 2.93 14.93
N ARG H 56 -20.67 3.39 16.15
CA ARG H 56 -21.20 4.64 16.71
C ARG H 56 -20.10 5.41 17.40
N LYS H 57 -19.98 6.70 17.16
CA LYS H 57 -19.03 7.57 17.86
C LYS H 57 -19.54 9.00 17.91
N CYS H 58 -19.00 9.80 18.83
CA CYS H 58 -19.32 11.21 18.94
C CYS H 58 -18.05 12.01 19.17
N ALA H 59 -17.52 12.71 18.16
CA ALA H 59 -16.42 13.64 18.38
C ALA H 59 -16.94 14.89 19.09
N VAL H 60 -16.71 15.02 20.40
CA VAL H 60 -17.20 16.12 21.24
C VAL H 60 -16.13 17.21 21.33
N GLY H 61 -16.42 18.38 20.78
CA GLY H 61 -15.65 19.60 21.01
C GLY H 61 -16.40 20.55 21.92
N VAL H 62 -15.81 20.94 23.04
CA VAL H 62 -16.36 21.98 23.94
C VAL H 62 -15.34 23.09 24.07
N ASP H 63 -15.68 24.30 23.63
CA ASP H 63 -14.73 25.40 23.44
C ASP H 63 -14.96 26.45 24.52
N ASN H 64 -13.92 26.79 25.28
CA ASN H 64 -14.04 27.57 26.51
C ASN H 64 -13.77 29.07 26.30
N GLU H 65 -14.73 29.79 25.75
CA GLU H 65 -14.71 31.26 25.68
C GLU H 65 -15.32 31.92 26.95
N SER H 66 -15.38 31.19 28.06
CA SER H 66 -16.07 31.57 29.29
C SER H 66 -15.38 32.67 30.11
N GLY H 67 -14.07 32.88 29.94
CA GLY H 67 -13.27 33.77 30.79
C GLY H 67 -12.88 33.20 32.16
N PHE H 68 -13.17 31.93 32.42
CA PHE H 68 -12.86 31.19 33.64
C PHE H 68 -12.09 29.90 33.31
N ARG H 69 -11.19 29.45 34.19
CA ARG H 69 -10.53 28.13 34.06
C ARG H 69 -11.44 27.01 34.53
N TRP H 70 -11.63 25.99 33.71
CA TRP H 70 -12.29 24.73 34.08
C TRP H 70 -11.28 23.74 34.65
N GLN H 71 -11.65 22.89 35.58
CA GLN H 71 -10.75 21.92 36.20
C GLN H 71 -11.46 20.68 36.73
N GLU H 72 -10.70 19.66 37.14
CA GLU H 72 -11.19 18.42 37.73
C GLU H 72 -12.11 17.65 36.80
N GLY H 73 -11.72 17.54 35.53
CA GLY H 73 -12.55 16.92 34.49
C GLY H 73 -12.98 15.49 34.81
N SER H 74 -14.27 15.20 34.71
CA SER H 74 -14.88 13.90 34.99
C SER H 74 -15.80 13.46 33.86
N THR H 75 -16.06 12.16 33.75
CA THR H 75 -16.89 11.61 32.68
C THR H 75 -17.67 10.39 33.14
N TYR H 76 -18.87 10.20 32.61
CA TYR H 76 -19.73 9.06 32.88
C TYR H 76 -20.26 8.52 31.57
N PHE H 77 -20.26 7.20 31.39
CA PHE H 77 -20.88 6.58 30.23
C PHE H 77 -22.08 5.75 30.66
N PHE H 78 -23.25 6.07 30.11
CA PHE H 78 -24.39 5.16 30.16
C PHE H 78 -24.15 3.99 29.20
N SER H 79 -23.60 4.27 28.02
CA SER H 79 -23.21 3.31 26.98
C SER H 79 -21.95 3.78 26.25
N GLY H 80 -21.13 2.86 25.77
CA GLY H 80 -19.88 3.21 25.08
C GLY H 80 -18.74 3.64 26.00
N THR H 81 -17.65 4.14 25.43
CA THR H 81 -16.41 4.44 26.14
C THR H 81 -15.47 5.36 25.33
N ALA H 82 -14.47 5.96 25.96
CA ALA H 82 -13.32 6.60 25.28
C ALA H 82 -12.03 5.75 25.39
N ASP H 83 -11.06 5.97 24.50
CA ASP H 83 -9.71 5.40 24.60
C ASP H 83 -8.71 6.36 25.25
N GLU H 84 -8.80 7.64 24.88
CA GLU H 84 -8.00 8.72 25.45
C GLU H 84 -8.56 9.22 26.79
N ASN H 85 -7.75 9.96 27.54
CA ASN H 85 -8.23 10.71 28.69
C ASN H 85 -8.77 12.08 28.28
N LEU H 86 -9.80 12.49 29.01
CA LEU H 86 -10.25 13.89 29.06
C LEU H 86 -9.13 14.74 29.71
N PRO H 87 -8.84 15.98 29.28
CA PRO H 87 -7.79 16.78 29.91
C PRO H 87 -8.23 17.33 31.27
N TYR H 88 -7.32 17.47 32.24
CA TYR H 88 -7.66 17.87 33.62
C TYR H 88 -8.35 19.22 33.70
N SER H 89 -7.92 20.16 32.86
CA SER H 89 -8.31 21.56 32.91
C SER H 89 -8.37 22.17 31.52
N VAL H 90 -9.23 23.17 31.34
CA VAL H 90 -9.31 24.00 30.15
C VAL H 90 -9.17 25.46 30.57
N SER H 91 -8.13 26.14 30.09
CA SER H 91 -7.94 27.57 30.36
C SER H 91 -8.79 28.43 29.43
N ASP H 92 -8.85 29.74 29.67
CA ASP H 92 -9.58 30.71 28.84
C ASP H 92 -9.09 30.68 27.38
N GLY H 93 -9.99 30.38 26.44
CA GLY H 93 -9.70 30.30 25.00
C GLY H 93 -9.27 28.92 24.48
N TYR H 94 -9.14 27.91 25.34
CA TYR H 94 -8.78 26.53 24.94
C TYR H 94 -10.02 25.64 24.78
N ALA H 95 -9.85 24.44 24.22
CA ALA H 95 -10.96 23.52 23.96
C ALA H 95 -10.73 22.12 24.54
N VAL H 96 -11.81 21.50 25.01
CA VAL H 96 -11.93 20.05 25.08
C VAL H 96 -12.08 19.53 23.66
N LEU H 97 -11.34 18.49 23.30
CA LEU H 97 -11.54 17.74 22.08
C LEU H 97 -11.48 16.26 22.48
N TYR H 98 -12.64 15.62 22.60
CA TYR H 98 -12.80 14.34 23.27
C TYR H 98 -13.59 13.36 22.39
N GLY H 99 -13.07 12.16 22.19
CA GLY H 99 -13.62 11.16 21.29
C GLY H 99 -14.08 9.87 21.98
N PRO H 100 -15.38 9.75 22.27
CA PRO H 100 -16.01 8.52 22.73
C PRO H 100 -16.75 7.77 21.61
N ARG H 101 -16.84 6.45 21.77
CA ARG H 101 -17.23 5.46 20.76
C ARG H 101 -17.95 4.26 21.40
N LYS H 102 -18.81 3.52 20.71
CA LYS H 102 -19.42 2.30 21.30
C LYS H 102 -18.40 1.20 21.64
N THR H 103 -18.77 0.28 22.52
CA THR H 103 -17.98 -0.89 22.94
C THR H 103 -17.64 -1.79 21.74
N ASN H 104 -16.45 -2.41 21.72
CA ASN H 104 -16.06 -3.31 20.62
C ASN H 104 -16.94 -4.53 20.54
N GLY H 105 -17.00 -5.22 19.41
CA GLY H 105 -17.73 -6.46 19.23
C GLY H 105 -19.25 -6.27 19.08
N PRO H 106 -20.02 -7.36 19.07
CA PRO H 106 -21.43 -7.37 18.68
C PRO H 106 -22.40 -6.87 19.77
N VAL H 107 -22.18 -5.68 20.33
CA VAL H 107 -22.80 -5.26 21.60
C VAL H 107 -24.21 -4.66 21.47
N ALA H 108 -24.60 -4.14 20.30
CA ALA H 108 -25.93 -3.56 20.06
C ALA H 108 -26.33 -2.40 21.00
N THR H 109 -25.36 -1.64 21.51
CA THR H 109 -25.55 -0.40 22.28
C THR H 109 -24.78 0.76 21.66
N GLY H 110 -25.31 1.98 21.80
CA GLY H 110 -24.74 3.20 21.21
C GLY H 110 -23.61 3.79 22.03
N VAL H 111 -23.39 5.10 21.92
CA VAL H 111 -22.54 5.86 22.85
C VAL H 111 -23.30 7.01 23.48
N VAL H 112 -23.37 7.05 24.80
CA VAL H 112 -24.24 7.93 25.58
C VAL H 112 -23.53 8.26 26.87
N GLY H 113 -23.37 9.53 27.22
CA GLY H 113 -22.55 9.89 28.36
C GLY H 113 -22.67 11.33 28.79
N VAL H 114 -21.98 11.64 29.89
CA VAL H 114 -21.83 12.96 30.47
C VAL H 114 -20.34 13.26 30.60
N LEU H 115 -19.99 14.52 30.43
CA LEU H 115 -18.69 15.13 30.65
C LEU H 115 -18.91 16.28 31.62
N ALA H 116 -18.15 16.41 32.70
CA ALA H 116 -18.32 17.55 33.60
C ALA H 116 -17.00 18.11 34.11
N TYR H 117 -16.95 19.43 34.28
CA TYR H 117 -15.83 20.19 34.82
C TYR H 117 -16.29 21.13 35.93
N TYR H 118 -15.49 21.33 36.95
CA TYR H 118 -15.74 22.35 37.96
C TYR H 118 -15.19 23.71 37.51
N ILE H 119 -15.90 24.80 37.83
CA ILE H 119 -15.55 26.18 37.48
C ILE H 119 -15.46 27.02 38.77
N PRO H 120 -14.31 27.02 39.46
CA PRO H 120 -14.20 27.60 40.81
C PRO H 120 -14.41 29.10 40.87
N SER H 121 -14.22 29.83 39.76
CA SER H 121 -14.45 31.27 39.66
C SER H 121 -15.92 31.67 39.88
N ILE H 122 -16.86 30.73 39.76
CA ILE H 122 -18.31 30.92 39.96
C ILE H 122 -18.93 29.91 40.94
N GLY H 123 -18.22 28.84 41.30
CA GLY H 123 -18.68 27.85 42.28
C GLY H 123 -19.70 26.86 41.72
N LYS H 124 -19.58 26.50 40.44
CA LYS H 124 -20.55 25.68 39.70
C LYS H 124 -19.84 24.69 38.78
N THR H 125 -20.49 23.60 38.41
CA THR H 125 -19.93 22.61 37.48
C THR H 125 -20.73 22.52 36.18
N LEU H 126 -20.05 22.75 35.06
CA LEU H 126 -20.62 22.58 33.73
C LEU H 126 -20.65 21.09 33.41
N ALA H 127 -21.81 20.55 33.05
CA ALA H 127 -21.96 19.19 32.54
C ALA H 127 -22.52 19.21 31.12
N VAL H 128 -21.88 18.48 30.21
CA VAL H 128 -22.24 18.30 28.81
C VAL H 128 -22.68 16.86 28.59
N MET H 129 -23.79 16.63 27.93
CA MET H 129 -24.34 15.30 27.64
C MET H 129 -24.49 15.10 26.14
N TRP H 130 -24.23 13.88 25.66
CA TRP H 130 -24.56 13.45 24.31
C TRP H 130 -25.19 12.07 24.35
N SER H 131 -25.95 11.74 23.31
CA SER H 131 -26.60 10.44 23.16
C SER H 131 -26.67 10.07 21.69
N VAL H 132 -25.81 9.16 21.24
CA VAL H 132 -25.79 8.61 19.89
C VAL H 132 -26.27 7.15 19.96
N PRO H 133 -27.54 6.84 19.69
CA PRO H 133 -28.11 5.51 19.92
C PRO H 133 -27.65 4.48 18.89
N PHE H 134 -27.85 3.20 19.20
CA PHE H 134 -27.63 2.13 18.23
C PHE H 134 -28.76 2.05 17.20
N ASP H 135 -30.01 2.01 17.67
CA ASP H 135 -31.19 1.79 16.84
C ASP H 135 -31.99 3.07 16.62
N TYR H 136 -31.88 3.63 15.43
CA TYR H 136 -32.54 4.87 15.02
C TYR H 136 -34.03 4.75 14.70
N ASN H 137 -34.66 3.58 14.86
CA ASN H 137 -36.11 3.46 14.80
C ASN H 137 -36.76 3.90 16.12
N PHE H 138 -36.12 3.56 17.24
CA PHE H 138 -36.59 3.89 18.58
C PHE H 138 -36.09 5.25 19.10
N TYR H 139 -34.94 5.70 18.63
CA TYR H 139 -34.17 6.81 19.20
C TYR H 139 -33.60 7.75 18.13
N GLN H 140 -33.05 8.89 18.54
CA GLN H 140 -32.33 9.83 17.69
C GLN H 140 -31.15 10.44 18.44
N ASN H 141 -30.25 11.13 17.74
CA ASN H 141 -29.16 11.86 18.38
C ASN H 141 -29.73 12.98 19.26
N TRP H 142 -29.31 13.07 20.51
CA TRP H 142 -29.64 14.17 21.42
C TRP H 142 -28.38 14.69 22.10
N TRP H 143 -28.35 15.95 22.50
CA TRP H 143 -27.31 16.53 23.35
C TRP H 143 -27.89 17.60 24.26
N ASN H 144 -27.16 17.98 25.31
CA ASN H 144 -27.56 19.04 26.23
C ASN H 144 -26.34 19.54 27.02
N ALA H 145 -26.46 20.68 27.69
CA ALA H 145 -25.51 21.14 28.69
C ALA H 145 -26.19 21.94 29.80
N LYS H 146 -25.71 21.85 31.03
CA LYS H 146 -26.24 22.60 32.18
C LYS H 146 -25.15 22.88 33.20
N LEU H 147 -25.36 23.91 34.03
CA LEU H 147 -24.39 24.42 34.99
C LEU H 147 -24.92 24.21 36.42
N TYR H 148 -24.54 23.10 37.04
CA TYR H 148 -24.98 22.69 38.38
C TYR H 148 -24.30 23.45 39.50
N SER H 149 -24.94 23.56 40.66
CA SER H 149 -24.34 24.19 41.84
C SER H 149 -23.26 23.30 42.49
N GLY H 150 -22.14 23.91 42.91
CA GLY H 150 -21.07 23.22 43.63
C GLY H 150 -20.15 22.37 42.75
N ASN H 151 -19.16 21.75 43.38
CA ASN H 151 -18.32 20.73 42.76
C ASN H 151 -19.05 19.38 42.78
N GLN H 152 -19.30 18.77 41.63
CA GLN H 152 -19.94 17.46 41.51
C GLN H 152 -19.21 16.57 40.50
N ASP H 153 -19.05 15.29 40.82
CA ASP H 153 -18.53 14.29 39.89
C ASP H 153 -19.59 13.99 38.80
N ALA H 154 -19.20 13.66 37.58
CA ALA H 154 -20.15 13.25 36.54
C ALA H 154 -20.73 11.87 36.84
N ASP H 155 -22.05 11.72 36.90
CA ASP H 155 -22.70 10.43 37.17
C ASP H 155 -24.10 10.32 36.57
N TYR H 156 -24.76 9.18 36.79
CA TYR H 156 -26.08 8.87 36.25
C TYR H 156 -27.16 9.91 36.58
N ASP H 157 -27.12 10.55 37.75
CA ASP H 157 -28.13 11.56 38.11
C ASP H 157 -28.05 12.78 37.19
N HIS H 158 -26.88 13.11 36.66
CA HIS H 158 -26.73 14.15 35.65
C HIS H 158 -27.21 13.68 34.29
N TYR H 159 -26.98 12.41 33.93
CA TYR H 159 -27.47 11.86 32.67
C TYR H 159 -29.00 11.93 32.61
N VAL H 160 -29.72 11.37 33.60
CA VAL H 160 -31.18 11.39 33.56
C VAL H 160 -31.73 12.81 33.62
N ASP H 161 -31.07 13.73 34.30
CA ASP H 161 -31.48 15.14 34.30
C ASP H 161 -31.28 15.79 32.93
N LEU H 162 -30.06 15.77 32.40
CA LEU H 162 -29.74 16.34 31.10
C LEU H 162 -30.51 15.70 29.93
N TYR H 163 -31.00 14.46 30.08
CA TYR H 163 -31.74 13.75 29.03
C TYR H 163 -33.27 13.81 29.21
N TYR H 164 -33.81 13.90 30.42
CA TYR H 164 -35.26 13.89 30.69
C TYR H 164 -35.77 15.09 31.49
N ASP H 165 -35.08 15.53 32.55
CA ASP H 165 -35.59 16.58 33.45
C ASP H 165 -35.34 18.01 32.93
N ALA H 166 -34.41 18.19 31.99
CA ALA H 166 -34.18 19.40 31.21
C ALA H 166 -34.29 19.11 29.70
N ASN H 167 -34.77 20.07 28.90
CA ASN H 167 -35.03 19.86 27.47
C ASN H 167 -33.73 19.71 26.66
N PRO H 168 -33.42 18.54 26.05
CA PRO H 168 -32.26 18.36 25.19
C PRO H 168 -32.49 18.92 23.77
N PHE H 169 -31.49 18.85 22.89
CA PHE H 169 -31.52 19.35 21.51
C PHE H 169 -31.40 18.25 20.46
N LYS H 170 -32.15 18.34 19.36
CA LYS H 170 -32.45 17.24 18.42
C LYS H 170 -31.37 16.88 17.38
N ALA H 171 -30.20 17.50 17.40
CA ALA H 171 -29.19 17.35 16.33
C ALA H 171 -29.67 17.83 14.94
N ASN H 172 -30.36 18.96 14.89
CA ASN H 172 -30.94 19.58 13.69
C ASN H 172 -30.35 20.96 13.36
N GLY H 173 -29.06 21.16 13.63
CA GLY H 173 -28.35 22.44 13.47
C GLY H 173 -28.07 23.17 14.79
N TRP H 174 -27.78 24.47 14.74
CA TRP H 174 -27.31 25.23 15.89
C TRP H 174 -28.40 25.69 16.84
N HIS H 175 -28.12 25.59 18.13
CA HIS H 175 -28.97 25.98 19.27
C HIS H 175 -28.17 26.80 20.28
N GLU H 176 -28.85 27.60 21.09
CA GLU H 176 -28.24 28.50 22.06
C GLU H 176 -29.07 28.60 23.33
N ARG H 177 -28.45 28.72 24.50
CA ARG H 177 -29.12 28.70 25.82
C ARG H 177 -28.28 29.39 26.88
N SER H 178 -28.89 30.12 27.81
CA SER H 178 -28.20 30.73 28.96
C SER H 178 -27.94 29.73 30.08
N LEU H 179 -26.85 29.90 30.83
CA LEU H 179 -26.46 29.06 31.97
C LEU H 179 -26.57 29.77 33.32
N GLY H 180 -26.82 31.08 33.34
CA GLY H 180 -26.71 31.92 34.53
C GLY H 180 -25.25 32.19 34.90
N SER H 181 -25.01 32.94 35.98
CA SER H 181 -23.69 33.42 36.41
C SER H 181 -22.91 34.19 35.33
N GLY H 182 -23.62 34.79 34.36
CA GLY H 182 -23.03 35.53 33.26
C GLY H 182 -22.54 34.67 32.08
N LEU H 183 -22.94 33.40 32.01
CA LEU H 183 -22.57 32.47 30.94
C LEU H 183 -23.75 32.02 30.08
N LYS H 184 -23.43 31.60 28.86
CA LYS H 184 -24.33 30.91 27.92
C LYS H 184 -23.54 29.91 27.09
N PHE H 185 -24.21 29.09 26.31
CA PHE H 185 -23.55 28.29 25.28
C PHE H 185 -24.33 28.34 23.98
N CYS H 186 -23.63 28.09 22.88
CA CYS H 186 -24.25 27.73 21.61
C CYS H 186 -23.57 26.47 21.08
N GLY H 187 -24.29 25.61 20.41
CA GLY H 187 -23.73 24.38 19.90
C GLY H 187 -24.60 23.69 18.87
N SER H 188 -24.08 22.66 18.24
CA SER H 188 -24.78 21.83 17.27
C SER H 188 -24.28 20.40 17.32
N MET H 189 -25.08 19.47 16.81
CA MET H 189 -24.71 18.06 16.69
C MET H 189 -25.16 17.54 15.32
N SER H 190 -24.36 16.72 14.66
CA SER H 190 -24.76 16.07 13.42
C SER H 190 -25.67 14.87 13.68
N SER H 191 -26.59 14.60 12.77
CA SER H 191 -27.72 13.66 12.94
C SER H 191 -27.40 12.19 12.71
N SER H 192 -26.13 11.83 12.47
CA SER H 192 -25.72 10.47 12.09
C SER H 192 -25.07 9.68 13.21
N GLY H 193 -24.83 8.38 13.00
CA GLY H 193 -24.14 7.53 13.95
C GLY H 193 -22.64 7.80 14.08
N GLN H 194 -21.99 8.45 13.12
CA GLN H 194 -20.67 9.03 13.32
C GLN H 194 -20.90 10.51 13.59
N ALA H 195 -21.01 10.89 14.84
CA ALA H 195 -21.54 12.21 15.18
C ALA H 195 -20.39 13.17 15.48
N THR H 196 -20.61 14.46 15.26
CA THR H 196 -19.76 15.52 15.78
C THR H 196 -20.61 16.45 16.63
N LEU H 197 -20.28 16.66 17.90
CA LEU H 197 -20.92 17.63 18.78
C LEU H 197 -19.97 18.80 18.96
N GLU H 198 -20.41 20.02 18.69
CA GLU H 198 -19.62 21.22 18.91
C GLU H 198 -20.39 22.19 19.79
N ILE H 199 -19.76 22.63 20.86
CA ILE H 199 -20.31 23.59 21.82
C ILE H 199 -19.28 24.69 22.03
N HIS H 200 -19.71 25.95 22.05
CA HIS H 200 -18.95 27.10 22.52
C HIS H 200 -19.62 27.57 23.80
N VAL H 201 -18.87 27.67 24.89
CA VAL H 201 -19.35 28.26 26.15
C VAL H 201 -18.79 29.66 26.22
N LEU H 202 -19.65 30.65 26.43
CA LEU H 202 -19.38 32.06 26.18
C LEU H 202 -19.87 32.92 27.34
N LYS H 203 -19.36 34.15 27.46
CA LYS H 203 -20.03 35.19 28.24
C LYS H 203 -21.41 35.46 27.65
N GLU H 204 -22.40 35.72 28.49
CA GLU H 204 -23.77 35.98 28.08
C GLU H 204 -23.91 37.25 27.22
N SER H 205 -23.01 38.22 27.43
CA SER H 205 -22.98 39.51 26.73
C SER H 205 -22.32 39.48 25.34
N GLU H 206 -21.85 38.33 24.85
CA GLU H 206 -21.04 38.21 23.62
C GLU H 206 -21.72 37.39 22.52
N THR H 207 -21.38 37.65 21.25
CA THR H 207 -21.91 36.91 20.10
C THR H 207 -21.30 35.51 19.97
N CYS H 208 -22.11 34.49 19.65
CA CYS H 208 -21.67 33.14 19.36
C CYS H 208 -20.72 33.06 18.14
N MET H 209 -19.85 32.04 18.12
CA MET H 209 -18.95 31.62 17.02
C MET H 209 -18.59 32.75 16.02
C1 CLR I . -17.07 -11.66 27.74
C2 CLR I . -16.72 -10.19 27.86
C3 CLR I . -15.23 -9.99 27.60
C4 CLR I . -14.90 -10.40 26.18
C5 CLR I . -15.48 -11.75 25.87
C6 CLR I . -14.72 -12.61 25.18
C7 CLR I . -15.30 -13.71 24.34
C8 CLR I . -16.67 -14.13 24.85
C9 CLR I . -17.02 -13.61 26.22
C10 CLR I . -16.86 -12.12 26.31
C11 CLR I . -18.44 -14.00 26.57
C12 CLR I . -18.65 -15.51 26.48
C13 CLR I . -18.21 -15.98 25.11
C14 CLR I . -16.76 -15.62 24.97
C15 CLR I . -16.29 -16.46 23.80
C16 CLR I . -17.14 -17.72 23.87
C17 CLR I . -18.25 -17.45 24.86
C18 CLR I . -19.02 -15.27 24.06
C19 CLR I . -17.87 -11.46 25.40
C20 CLR I . -19.58 -17.91 24.32
C21 CLR I . -20.61 -18.07 25.42
C22 CLR I . -19.40 -19.23 23.60
C23 CLR I . -20.17 -20.31 24.31
C24 CLR I . -21.31 -20.84 23.44
C25 CLR I . -21.04 -22.27 23.04
C26 CLR I . -19.71 -22.38 22.31
C27 CLR I . -21.09 -23.18 24.26
O1 CLR I . -14.92 -8.62 27.70
C1 CLR J . -13.90 -17.87 31.36
C2 CLR J . -14.18 -16.46 31.77
C3 CLR J . -13.43 -15.50 30.89
C4 CLR J . -13.99 -15.53 29.47
C5 CLR J . -13.92 -16.98 29.13
C6 CLR J . -13.29 -17.42 28.07
C7 CLR J . -13.96 -18.43 27.21
C8 CLR J . -14.82 -19.33 28.05
C9 CLR J . -14.50 -19.33 29.50
C10 CLR J . -14.60 -17.94 30.03
C11 CLR J . -15.48 -20.22 30.25
C12 CLR J . -15.87 -21.54 29.59
C13 CLR J . -15.82 -21.37 28.11
C14 CLR J . -14.55 -20.74 27.76
C15 CLR J . -14.31 -21.03 26.32
C16 CLR J . -15.17 -22.23 26.03
C17 CLR J . -15.78 -22.64 27.35
C18 CLR J . -16.90 -20.47 27.59
C19 CLR J . -16.01 -17.49 30.11
C20 CLR J . -17.17 -23.11 27.15
C21 CLR J . -17.39 -24.36 27.98
C22 CLR J . -17.38 -23.35 25.67
C23 CLR J . -17.00 -24.78 25.33
C24 CLR J . -18.22 -25.59 24.93
C25 CLR J . -17.89 -27.05 25.15
C26 CLR J . -18.82 -27.94 24.35
C27 CLR J . -16.43 -27.28 24.83
O1 CLR J . -13.61 -14.23 31.46
C1 CLR K . -6.79 -22.47 27.48
C2 CLR K . -6.54 -21.30 28.41
C3 CLR K . -7.13 -19.99 27.92
C4 CLR K . -8.62 -20.10 27.76
C5 CLR K . -8.78 -21.28 26.87
C6 CLR K . -9.34 -21.15 25.68
C7 CLR K . -10.43 -22.11 25.33
C8 CLR K . -10.11 -23.47 25.90
C9 CLR K . -8.67 -23.65 26.27
C10 CLR K . -8.28 -22.62 27.31
C11 CLR K . -8.41 -25.06 26.80
C12 CLR K . -9.04 -26.17 25.96
C13 CLR K . -10.46 -25.81 25.59
C14 CLR K . -10.42 -24.50 24.88
C15 CLR K . -11.76 -24.39 24.20
C16 CLR K . -12.16 -25.82 23.89
C17 CLR K . -11.20 -26.71 24.63
C18 CLR K . -11.32 -25.61 26.82
C19 CLR K . -8.89 -23.05 28.61
C20 CLR K . -11.98 -27.79 25.30
C21 CLR K . -11.07 -28.93 25.72
C22 CLR K . -13.08 -28.29 24.37
C23 CLR K . -13.15 -29.81 24.36
C24 CLR K . -13.29 -30.35 22.95
C25 CLR K . -12.46 -31.60 22.80
C26 CLR K . -11.16 -31.29 22.07
C27 CLR K . -12.20 -32.24 24.15
O1 CLR K . -6.86 -18.98 28.89
C1 CLR L . -21.42 -14.94 31.06
C2 CLR L . -20.70 -13.64 30.76
C3 CLR L . -19.40 -13.55 31.53
C4 CLR L . -18.46 -14.67 31.10
C5 CLR L . -19.22 -15.92 31.36
C6 CLR L . -18.76 -16.87 32.17
C7 CLR L . -18.89 -18.32 31.80
C8 CLR L . -20.04 -18.44 30.81
C9 CLR L . -21.11 -17.39 31.09
C10 CLR L . -20.52 -16.08 30.66
C11 CLR L . -22.44 -17.60 30.38
C12 CLR L . -22.85 -19.05 30.14
C13 CLR L . -21.64 -19.86 29.76
C14 CLR L . -20.69 -19.79 30.90
C15 CLR L . -19.76 -20.97 30.75
C16 CLR L . -20.59 -22.01 30.02
C17 CLR L . -21.87 -21.34 29.57
C18 CLR L . -20.97 -19.33 28.51
C19 CLR L . -20.25 -16.07 29.17
C20 CLR L . -22.19 -21.66 28.13
C21 CLR L . -23.69 -21.56 27.88
C22 CLR L . -21.69 -23.05 27.81
C23 CLR L . -22.58 -24.08 28.50
C24 CLR L . -22.19 -25.50 28.11
C25 CLR L . -23.44 -26.31 27.80
C26 CLR L . -24.52 -25.41 27.21
C27 CLR L . -23.12 -27.48 26.89
O1 CLR L . -18.78 -12.29 31.25
C23 A1H8M M . -0.21 -18.88 25.62
C22 A1H8M M . 0.25 -17.46 26.02
C21 A1H8M M . 1.72 -17.46 26.46
C7 A1H8M M . 2.46 -16.45 24.23
C5 A1H8M M . 3.90 -12.83 30.38
C01 A1H8M M . 2.64 -17.40 23.06
C02 A1H8M M . 1.40 -18.25 22.76
C03 A1H8M M . 0.49 -18.87 21.94
C04 A1H8M M . -0.17 -19.29 20.59
C05 A1H8M M . -1.02 -20.57 20.88
C6 A1H8M M . 3.47 -15.31 24.05
C1 A1H8M M . 3.77 -12.85 27.80
C2 A1H8M M . 4.23 -14.17 28.41
C3 A1H8M M . 3.86 -15.19 30.52
C4 A1H8M M . 5.90 -14.03 30.07
N21 A1H8M M . 2.76 -16.98 25.55
N2 A1H8M M . 4.47 -14.05 29.85
O01 A1H8M M . 2.77 -16.65 21.92
O21 A1H8M M . 2.01 -17.86 27.54
O2 A1H8M M . 3.66 -14.66 25.30
O1 A1H8M M . 5.08 -12.90 24.14
O3 A1H8M M . 4.60 -12.64 26.70
O4 A1H8M M . 2.98 -12.16 24.88
P A1H8M M . 4.09 -13.08 25.22
C06 A1H8M M . -1.90 -21.03 19.66
C07 A1H8M M . -2.87 -22.20 20.06
C08 A1H8M M . -4.02 -22.39 19.04
C09 A1H8M M . -3.82 -23.66 18.15
C10 A1H8M M . -4.00 -24.99 18.94
C11 A1H8M M . -3.48 -26.21 18.11
C12 A1H8M M . -4.60 -26.90 17.29
C13 A1H8M M . -4.05 -27.89 16.23
C14 A1H8M M . -3.08 -28.92 16.86
C15 A1H8M M . -3.65 -30.35 16.90
C16 A1H8M M . -2.73 -31.35 16.18
C24 A1H8M M . -1.65 -19.21 26.08
C25 A1H8M M . -2.37 -20.05 25.00
C26 A1H8M M . -2.76 -21.45 25.52
C27 A1H8M M . -4.25 -21.75 25.22
C28 A1H8M M . -4.45 -22.49 23.88
C29 A1H8M M . -5.11 -23.87 24.08
C30 A1H8M M . -5.38 -24.56 22.72
C31 A1H8M M . -6.31 -25.79 22.86
C32 A1H8M M . -6.94 -26.17 21.49
C33 A1H8M M . -6.93 -27.70 21.24
C34 A1H8M M . -7.94 -28.45 22.15
C35 A1H8M M . -8.05 -29.94 21.75
C23 A1H8M N . -13.64 -16.62 35.41
C22 A1H8M N . -12.29 -15.87 35.31
C21 A1H8M N . -11.74 -15.46 36.69
C7 A1H8M N . -9.83 -14.01 35.71
C5 A1H8M N . -8.69 -8.77 40.17
C01 A1H8M N . -8.66 -14.96 35.60
C02 A1H8M N . -8.59 -15.54 34.19
C03 A1H8M N . -8.58 -16.60 33.36
C04 A1H8M N . -8.67 -18.13 33.11
C05 A1H8M N . -10.04 -18.48 32.45
C6 A1H8M N . -9.26 -12.61 35.96
C1 A1H8M N . -8.54 -8.77 36.40
C2 A1H8M N . -9.12 -8.95 37.82
C3 A1H8M N . -7.27 -10.08 38.87
C4 A1H8M N . -7.25 -7.73 38.60
N21 A1H8M N . -10.58 -14.55 36.82
N2 A1H8M N . -8.08 -8.88 38.86
O01 A1H8M N . -7.52 -14.25 35.87
O21 A1H8M N . -12.27 -15.87 37.66
O2 A1H8M N . -8.41 -12.23 34.88
O1 A1H8M N . -6.44 -10.81 34.13
O3 A1H8M N . -7.76 -9.91 36.14
O4 A1H8M N . -8.59 -9.93 33.74
P A1H8M N . -7.80 -10.70 34.71
C06 A1H8M N . -10.46 -19.95 32.76
C07 A1H8M N . -10.53 -20.81 31.46
C08 A1H8M N . -11.32 -22.11 31.73
C09 A1H8M N . -11.61 -22.92 30.43
C10 A1H8M N . -12.00 -24.39 30.75
C11 A1H8M N . -13.00 -24.94 29.68
C12 A1H8M N . -13.49 -26.36 30.03
C13 A1H8M N . -12.96 -27.41 29.01
C14 A1H8M N . -14.08 -27.96 28.10
C15 A1H8M N . -15.02 -28.93 28.84
C16 A1H8M N . -16.40 -29.03 28.15
C24 A1H8M N . -13.53 -18.12 35.00
C25 A1H8M N . -13.74 -19.09 36.19
C26 A1H8M N . -13.56 -20.58 35.76
C27 A1H8M N . -14.91 -21.29 35.45
C28 A1H8M N . -14.85 -22.16 34.16
C29 A1H8M N . -14.43 -23.62 34.46
C30 A1H8M N . -15.62 -24.63 34.39
C31 A1H8M N . -15.57 -25.54 33.13
C32 A1H8M N . -16.72 -25.26 32.10
C33 A1H8M N . -17.61 -26.50 31.84
C23 A1H8M O . -20.40 -8.99 40.47
C22 A1H8M O . -19.76 -7.64 40.03
C21 A1H8M O . -18.27 -7.59 40.41
C7 A1H8M O . -16.19 -9.04 40.94
C5 A1H8M O . -11.67 -2.65 45.78
C01 A1H8M O . -16.13 -10.47 41.47
C02 A1H8M O . -16.50 -11.43 40.33
C03 A1H8M O . -16.35 -12.54 39.56
C04 A1H8M O . -15.70 -13.88 39.09
C05 A1H8M O . -16.80 -14.99 39.08
C6 A1H8M O . -15.81 -7.98 42.01
C1 A1H8M O . -13.23 -4.23 42.83
C2 A1H8M O . -13.21 -3.36 44.09
C3 A1H8M O . -11.10 -2.45 43.49
C4 A1H8M O . -11.30 -4.60 44.46
N21 A1H8M O . -17.58 -8.88 40.59
N2 A1H8M O . -11.81 -3.25 44.46
O01 A1H8M O . -14.88 -10.83 41.88
O21 A1H8M O . -17.70 -6.56 40.53
O2 A1H8M O . -14.41 -8.01 42.24
O1 A1H8M O . -12.06 -7.11 42.40
O3 A1H8M O . -13.87 -5.46 43.08
O4 A1H8M O . -13.41 -6.17 40.66
P A1H8M O . -13.43 -6.67 42.06
C06 A1H8M O . -16.89 -15.77 37.73
C07 A1H8M O . -18.08 -16.79 37.67
C08 A1H8M O . -18.20 -17.49 36.28
C09 A1H8M O . -18.87 -18.91 36.36
C10 A1H8M O . -20.00 -19.15 35.31
C11 A1H8M O . -20.39 -20.65 35.17
C12 A1H8M O . -19.19 -21.58 34.83
C13 A1H8M O . -19.48 -22.63 33.71
C14 A1H8M O . -20.99 -22.80 33.45
C15 A1H8M O . -21.60 -23.87 34.38
C24 A1H8M O . -21.18 -9.68 39.32
C25 A1H8M O . -20.35 -10.82 38.64
C26 A1H8M O . -21.23 -11.84 37.89
C27 A1H8M O . -21.08 -13.27 38.48
C23 A1H8M P . -5.89 -19.66 32.87
C22 A1H8M P . -4.89 -18.83 32.01
C21 A1H8M P . -3.60 -18.58 32.83
C7 A1H8M P . -1.96 -17.97 30.88
C5 A1H8M P . -3.56 -14.77 37.57
C01 A1H8M P . -0.80 -18.90 30.57
C02 A1H8M P . -1.37 -20.31 30.29
C03 A1H8M P . -2.17 -21.14 29.58
C04 A1H8M P . -2.81 -22.52 29.21
C05 A1H8M P . -1.68 -23.60 29.21
C6 A1H8M P . -1.54 -16.50 30.59
C1 A1H8M P . -1.77 -15.54 34.41
C2 A1H8M P . -1.94 -15.28 35.92
C3 A1H8M P . -4.04 -16.41 35.95
C4 A1H8M P . -3.95 -14.15 35.27
N21 A1H8M P . -2.28 -18.18 32.29
N2 A1H8M P . -3.37 -15.13 36.18
O01 A1H8M P . -0.13 -18.46 29.44
O21 A1H8M P . -3.66 -18.73 34.00
O2 A1H8M P . -0.60 -16.01 31.54
O1 A1H8M P . -2.31 -14.17 31.95
O3 A1H8M P . -0.79 -14.67 33.88
O4 A1H8M P . -0.15 -13.41 31.58
P A1H8M P . -0.90 -14.53 32.25
C06 A1H8M P . -2.30 -25.02 29.14
C07 A1H8M P . -2.69 -25.36 27.66
C08 A1H8M P . -4.09 -26.01 27.60
C09 A1H8M P . -4.16 -27.12 26.50
C10 A1H8M P . -5.41 -28.00 26.66
C11 A1H8M P . -5.04 -29.52 26.67
C12 A1H8M P . -6.33 -30.38 26.81
C13 A1H8M P . -6.91 -30.75 25.42
C14 A1H8M P . -7.51 -32.18 25.43
C15 A1H8M P . -8.08 -32.55 24.04
C24 A1H8M P . -5.53 -21.16 32.83
C25 A1H8M P . -6.75 -21.94 32.30
C26 A1H8M P . -6.28 -23.12 31.45
C27 A1H8M P . -7.00 -24.41 31.94
C28 A1H8M P . -6.81 -25.55 30.91
C29 A1H8M P . -8.19 -25.87 30.29
C30 A1H8M P . -8.57 -27.33 30.64
C31 A1H8M P . -8.75 -28.17 29.34
C32 A1H8M P . -9.80 -29.29 29.51
C33 A1H8M P . -9.74 -30.29 28.32
C34 A1H8M P . -11.03 -31.14 28.20
C35 A1H8M P . -10.79 -32.39 27.30
C23 A1H8M Q . -10.63 -18.42 41.45
C22 A1H8M Q . -9.85 -17.68 42.57
C21 A1H8M Q . -9.84 -16.15 42.35
C7 A1H8M Q . -8.97 -14.14 41.07
C5 A1H8M Q . -8.32 -12.40 47.98
C01 A1H8M Q . -8.14 -13.83 39.84
C02 A1H8M Q . -7.15 -14.97 39.53
C03 A1H8M Q . -6.76 -16.17 38.98
C04 A1H8M Q . -6.97 -17.48 38.16
C05 A1H8M Q . -8.01 -18.36 38.93
C6 A1H8M Q . -8.37 -13.46 42.34
C1 A1H8M Q . -7.40 -12.45 45.66
C2 A1H8M Q . -6.47 -11.69 46.61
C3 A1H8M Q . -7.03 -10.51 48.64
C4 A1H8M Q . -6.04 -12.70 48.72
N21 A1H8M Q . -9.00 -15.58 41.30
N2 A1H8M Q . -6.97 -11.83 47.99
O01 A1H8M Q . -8.99 -13.70 38.76
O21 A1H8M Q . -10.54 -15.45 43.03
O2 A1H8M Q . -7.15 -12.83 42.05
O1 A1H8M Q . -4.79 -12.75 43.05
O3 A1H8M Q . -6.63 -13.14 44.72
O4 A1H8M Q . -6.33 -10.87 43.53
P A1H8M Q . -6.20 -12.36 43.32
C06 A1H8M Q . -9.18 -18.82 38.02
C07 A1H8M Q . -8.72 -19.96 37.04
C08 A1H8M Q . -9.93 -20.79 36.54
C09 A1H8M Q . -9.58 -22.31 36.36
C10 A1H8M Q . -10.55 -22.97 35.34
C11 A1H8M Q . -11.21 -24.25 35.92
C12 A1H8M Q . -10.57 -25.54 35.34
C13 A1H8M Q . -11.37 -26.09 34.13
C14 A1H8M Q . -11.54 -27.62 34.22
C15 A1H8M Q . -12.93 -28.10 33.72
C16 A1H8M Q . -12.83 -29.36 32.84
C24 A1H8M Q . -11.48 -19.59 42.01
C25 A1H8M Q . -12.85 -19.70 41.29
C26 A1H8M Q . -12.71 -20.05 39.78
C27 A1H8M Q . -13.49 -21.34 39.39
C28 A1H8M Q . -12.67 -22.63 39.65
C29 A1H8M Q . -13.47 -23.89 39.24
C7 A1H8M R . -2.68 -13.29 16.98
C5 A1H8M R . -2.10 -8.25 22.94
C01 A1H8M R . -2.79 -14.26 18.15
C02 A1H8M R . -2.08 -15.61 17.87
C03 A1H8M R . -2.14 -16.93 17.53
C04 A1H8M R . -2.93 -18.21 17.06
C05 A1H8M R . -4.46 -18.08 17.36
C6 A1H8M R . -2.63 -11.82 17.51
C1 A1H8M R . -3.34 -9.45 19.63
C2 A1H8M R . -2.47 -8.53 20.53
C3 A1H8M R . -0.70 -9.58 21.62
C4 A1H8M R . -3.05 -10.27 22.03
N21 A1H8M R . -3.81 -13.43 16.06
N2 A1H8M R . -2.10 -9.17 21.80
O01 A1H8M R . -2.20 -13.71 19.26
O2 A1H8M R . -3.80 -11.10 17.09
O1 A1H8M R . -5.07 -8.91 16.33
O3 A1H8M R . -3.72 -8.69 18.49
O4 A1H8M R . -2.66 -8.96 16.16
P A1H8M R . -3.82 -9.42 17.01
C06 A1H8M R . -5.12 -19.48 17.51
C07 A1H8M R . -5.38 -20.33 16.20
C08 A1H8M R . -6.17 -21.64 16.54
C09 A1H8M R . -6.02 -22.94 15.68
C10 A1H8M R . -7.35 -23.77 15.72
C11 A1H8M R . -7.28 -25.32 15.82
C12 A1H8M R . -8.08 -25.79 17.07
C13 A1H8M R . -8.87 -27.12 16.96
C14 A1H8M R . -8.03 -28.33 16.54
C15 A1H8M R . -7.84 -29.39 17.64
C16 A1H8M R . -8.65 -30.68 17.44
C23 A1H8M S . -3.98 -20.28 36.81
C22 A1H8M S . -2.84 -20.87 37.68
C21 A1H8M S . -2.24 -19.84 38.67
C7 A1H8M S . -4.05 -20.39 40.39
C5 A1H8M S . 0.09 -16.33 42.92
C01 A1H8M S . -5.07 -19.41 40.91
C02 A1H8M S . -6.26 -20.19 41.54
C03 A1H8M S . -7.15 -21.21 41.59
C04 A1H8M S . -7.79 -22.53 41.06
C05 A1H8M S . -6.67 -23.39 40.36
C6 A1H8M S . -3.74 -21.33 41.56
C1 A1H8M S . -1.65 -18.36 43.99
C2 A1H8M S . -0.67 -17.52 44.85
C3 A1H8M S . 0.48 -15.39 45.06
C4 A1H8M S . -1.79 -15.51 44.16
N21 A1H8M S . -2.87 -19.64 39.98
N2 A1H8M S . -0.48 -16.17 44.26
O01 A1H8M S . -4.44 -18.62 41.87
O21 A1H8M S . -1.28 -19.22 38.37
O2 A1H8M S . -2.81 -20.67 42.39
O1 A1H8M S . -4.52 -20.13 44.26
O3 A1H8M S . -2.04 -19.51 44.73
O4 A1H8M S . -2.94 -21.96 44.66
P A1H8M S . -3.10 -20.60 44.04
C06 A1H8M S . -7.25 -24.46 39.38
C07 A1H8M S . -7.82 -25.71 40.14
C08 A1H8M S . -8.89 -26.49 39.30
C09 A1H8M S . -10.27 -25.74 39.30
C10 A1H8M S . -11.49 -26.73 39.35
C11 A1H8M S . -11.57 -27.63 38.08
C12 A1H8M S . -13.05 -27.93 37.67
C24 A1H8M S . -5.23 -21.20 36.86
C25 A1H8M S . -4.84 -22.66 37.23
C26 A1H8M S . -4.64 -23.51 35.94
C27 A1H8M S . -5.19 -24.96 36.11
C28 A1H8M S . -6.64 -25.08 35.58
C29 A1H8M S . -7.14 -26.55 35.64
C30 A1H8M S . -7.36 -27.14 34.22
C31 A1H8M S . -8.18 -28.46 34.23
C32 A1H8M S . -7.33 -29.70 33.82
C33 A1H8M S . -8.19 -30.78 33.11
C34 A1H8M S . -9.63 -30.85 33.71
C23 A1H8M T . -22.82 -11.01 34.14
C22 A1H8M T . -23.65 -9.73 34.47
C21 A1H8M T . -23.04 -8.81 35.55
C7 A1H8M T . -24.42 -6.67 35.07
C5 A1H8M T . -18.36 -4.33 37.44
C01 A1H8M T . -24.05 -6.49 33.60
C02 A1H8M T . -25.06 -7.31 32.76
C03 A1H8M T . -25.40 -8.26 31.85
C04 A1H8M T . -25.09 -9.40 30.84
C05 A1H8M T . -25.48 -10.74 31.53
C6 A1H8M T . -24.51 -5.30 35.76
C1 A1H8M T . -20.82 -3.17 34.91
C2 A1H8M T . -19.56 -3.10 35.79
C3 A1H8M T . -20.65 -4.16 37.57
C4 A1H8M T . -19.70 -5.41 35.78
N21 A1H8M T . -23.42 -7.42 35.80
N2 A1H8M T . -19.56 -4.26 36.64
O01 A1H8M T . -24.10 -5.16 33.21
O21 A1H8M T . -22.23 -9.29 36.25
O2 A1H8M T . -23.37 -4.53 35.42
O1 A1H8M T . -23.97 -2.48 34.00
O3 A1H8M T . -21.85 -2.30 35.39
O4 A1H8M T . -24.19 -2.31 36.51
P A1H8M T . -23.41 -2.87 35.35
C06 A1H8M T . -24.58 -11.93 31.07
C07 A1H8M T . -25.36 -13.28 31.18
C08 A1H8M T . -26.54 -13.27 30.21
C09 A1H8M T . -27.09 -14.73 30.07
C10 A1H8M T . -25.96 -15.79 30.11
C11 A1H8M T . -26.59 -17.18 29.78
C12 A1H8M T . -28.02 -16.96 29.24
C13 A1H8M T . -28.75 -18.25 28.77
C24 A1H8M T . -23.61 -12.33 34.32
C25 A1H8M T . -22.72 -13.59 34.19
C26 A1H8M T . -22.93 -14.60 35.37
C27 A1H8M T . -22.42 -16.04 35.07
C28 A1H8M T . -23.44 -17.18 35.40
C29 A1H8M T . -24.68 -17.10 34.47
C30 A1H8M T . -25.22 -18.47 33.97
C31 A1H8M T . -24.17 -19.51 33.43
C32 A1H8M T . -24.79 -20.82 32.92
C23 A1H8M U . -26.17 -9.85 38.07
C22 A1H8M U . -24.80 -9.16 38.36
C21 A1H8M U . -24.96 -7.77 39.04
C7 A1H8M U . -24.07 -8.56 41.35
C5 A1H8M U . -17.73 -5.29 46.51
C01 A1H8M U . -25.11 -9.62 41.71
C02 A1H8M U . -24.66 -11.01 41.22
C03 A1H8M U . -24.85 -12.20 40.56
C04 A1H8M U . -25.66 -13.23 39.70
C05 A1H8M U . -25.08 -13.26 38.25
C6 A1H8M U . -23.61 -7.82 42.63
C1 A1H8M U . -19.83 -6.06 44.49
C2 A1H8M U . -18.47 -6.76 44.72
C3 A1H8M U . -17.29 -4.71 44.22
C4 A1H8M U . -16.13 -6.53 45.29
N21 A1H8M U . -24.60 -7.54 40.45
N2 A1H8M U . -17.41 -5.82 45.19
O01 A1H8M U . -25.30 -9.69 43.08
O21 A1H8M U . -25.38 -6.86 38.40
O2 A1H8M U . -22.76 -8.65 43.41
O1 A1H8M U . -22.67 -7.06 45.45
O3 A1H8M U . -20.70 -6.94 43.76
O4 A1H8M U . -21.11 -8.95 45.41
P A1H8M U . -21.80 -7.91 44.55
C06 A1H8M U . -25.84 -14.27 37.34
C07 A1H8M U . -26.60 -15.36 38.19
C08 A1H8M U . -26.89 -16.65 37.38
C09 A1H8M U . -25.88 -17.80 37.74
C10 A1H8M U . -26.47 -19.23 37.46
C24 A1H8M U . -26.46 -9.96 36.55
C25 A1H8M U . -27.49 -11.06 36.21
C26 A1H8M U . -27.74 -11.18 34.68
C27 A1H8M U . -27.43 -12.60 34.14
C28 A1H8M U . -28.66 -13.27 33.48
C29 A1H8M U . -28.89 -14.72 34.00
C30 A1H8M U . -29.30 -15.68 32.86
C31 A1H8M U . -29.62 -17.11 33.40
C32 A1H8M U . -30.61 -17.87 32.47
C33 A1H8M U . -30.54 -19.41 32.66
C34 A1H8M U . -30.68 -19.83 34.16
C23 A1H8M V . -16.78 -16.22 42.99
C22 A1H8M V . -16.70 -15.05 44.00
C21 A1H8M V . -15.89 -13.88 43.39
C7 A1H8M V . -16.15 -12.19 45.36
C5 A1H8M V . -11.92 -5.01 48.33
C01 A1H8M V . -17.33 -11.24 45.13
C02 A1H8M V . -18.60 -12.06 44.75
C03 A1H8M V . -19.54 -12.56 43.89
C04 A1H8M V . -20.20 -12.77 42.49
C05 A1H8M V . -19.55 -14.00 41.78
C6 A1H8M V . -15.02 -11.44 46.10
C1 A1H8M V . -12.66 -7.10 47.02
C2 A1H8M V . -12.52 -7.35 48.54
C3 A1H8M V . -10.60 -6.50 49.71
C4 A1H8M V . -12.75 -5.84 50.43
N21 A1H8M V . -15.66 -12.59 44.05
N2 A1H8M V . -11.95 -6.17 49.23
O01 A1H8M V . -17.58 -10.51 46.29
O21 A1H8M V . -15.43 -14.00 42.31
O2 A1H8M V . -14.83 -10.17 45.49
O1 A1H8M V . -12.49 -10.15 46.62
O3 A1H8M V . -13.74 -7.89 46.56
O4 A1H8M V . -12.75 -9.00 44.45
P A1H8M V . -13.41 -9.32 45.77
C06 A1H8M V . -20.23 -15.35 42.16
C07 A1H8M V . -20.46 -16.29 40.92
C08 A1H8M V . -21.99 -16.42 40.57
C09 A1H8M V . -22.23 -17.18 39.22
C10 A1H8M V . -21.48 -18.55 39.17
C11 A1H8M V . -22.43 -19.75 39.39
C12 A1H8M V . -22.85 -20.43 38.06
C24 A1H8M V . -15.37 -16.78 42.63
C25 A1H8M V . -15.25 -17.21 41.15
C26 A1H8M V . -16.40 -18.18 40.72
C27 A1H8M V . -16.27 -19.59 41.37
C28 A1H8M V . -17.35 -20.55 40.82
C29 A1H8M V . -17.69 -20.22 39.34
C30 A1H8M V . -16.97 -21.19 38.36
C31 A1H8M V . -17.61 -22.60 38.36
C32 A1H8M V . -16.79 -23.61 37.52
C33 A1H8M V . -17.27 -25.07 37.73
C34 A1H8M V . -16.13 -26.11 37.59
C23 A1H8M W . -29.79 -8.62 35.51
C22 A1H8M W . -30.06 -7.10 35.62
C21 A1H8M W . -28.74 -6.29 35.65
N21 A1H8M W . -28.64 -5.05 36.43
O21 A1H8M W . -27.81 -6.70 35.04
C24 A1H8M W . -30.98 -9.39 34.87
C25 A1H8M W . -31.72 -10.33 35.85
C26 A1H8M W . -31.36 -11.84 35.67
C27 A1H8M W . -32.62 -12.75 35.46
C28 A1H8M W . -32.28 -14.28 35.55
C29 A1H8M W . -32.86 -15.09 34.33
C30 A1H8M W . -33.62 -16.40 34.71
C31 A1H8M W . -34.80 -16.72 33.74
C32 A1H8M W . -34.43 -17.77 32.65
C23 A1H8M X . -2.58 -25.66 39.47
C22 A1H8M X . -2.58 -24.35 40.30
C21 A1H8M X . -1.45 -23.39 39.84
N21 A1H8M X . -0.78 -22.52 40.82
O21 A1H8M X . -1.13 -23.39 38.71
C24 A1H8M X . -3.97 -26.34 39.43
C25 A1H8M X . -4.03 -27.68 40.20
C26 A1H8M X . -4.01 -28.94 39.27
C27 A1H8M X . -5.20 -29.92 39.52
C28 A1H8M X . -5.02 -31.30 38.79
C29 A1H8M X . -6.28 -31.71 37.97
C30 A1H8M X . -6.77 -33.18 38.18
C31 A1H8M X . -8.32 -33.33 38.06
C32 A1H8M X . -8.79 -33.84 36.66
C1 CLR Y . 2.43 -23.51 25.26
C2 CLR Y . 2.92 -22.15 25.70
C3 CLR Y . 3.94 -21.61 24.72
C4 CLR Y . 3.31 -21.43 23.36
C5 CLR Y . 2.54 -22.65 22.96
C6 CLR Y . 2.63 -23.07 21.69
C7 CLR Y . 1.56 -23.87 21.02
C8 CLR Y . 0.77 -24.68 22.02
C9 CLR Y . 1.38 -24.75 23.41
C10 CLR Y . 1.69 -23.38 23.95
C11 CLR Y . 0.43 -25.48 24.34
C12 CLR Y . 0.07 -26.87 23.83
C13 CLR Y . -0.46 -26.73 22.42
C14 CLR Y . 0.63 -26.11 21.60
C15 CLR Y . 0.22 -26.38 20.16
C16 CLR Y . -0.52 -27.71 20.23
C17 CLR Y . -0.78 -28.01 21.70
C18 CLR Y . -1.67 -25.84 22.42
C19 CLR Y . 0.39 -22.63 24.16
C20 CLR Y . -2.19 -28.46 21.92
C21 CLR Y . -2.34 -29.19 23.25
C22 CLR Y . -2.60 -29.38 20.80
C23 CLR Y . -2.87 -30.77 21.35
C24 CLR Y . -4.35 -31.13 21.20
C25 CLR Y . -4.51 -32.27 20.20
C26 CLR Y . -3.91 -31.88 18.87
C27 CLR Y . -3.88 -33.54 20.74
O1 CLR Y . 4.37 -20.33 25.14
C1 CLR Z . 6.58 -29.96 23.57
C2 CLR Z . 6.74 -28.86 24.56
C3 CLR Z . 6.87 -27.54 23.85
C4 CLR Z . 5.57 -27.16 23.17
C5 CLR Z . 5.29 -28.35 22.33
C6 CLR Z . 5.10 -28.27 21.04
C7 CLR Z . 3.95 -29.01 20.43
C8 CLR Z . 3.71 -30.28 21.21
C9 CLR Z . 4.85 -30.74 22.04
C10 CLR Z . 5.22 -29.67 23.00
C11 CLR Z . 4.45 -31.99 22.80
C12 CLR Z . 3.62 -33.03 22.06
C13 CLR Z . 2.77 -32.35 21.05
C14 CLR Z . 3.62 -31.43 20.29
C15 CLR Z . 2.91 -31.14 19.01
C16 CLR Z . 1.94 -32.29 18.87
C17 CLR Z . 2.22 -33.23 20.00
C18 CLR Z . 1.69 -31.52 21.67
C19 CLR Z . 4.18 -29.53 24.07
C20 CLR Z . 0.97 -33.84 20.50
C21 CLR Z . 1.19 -35.32 20.73
C22 CLR Z . -0.11 -33.57 19.48
C23 CLR Z . -0.16 -34.70 18.47
C24 CLR Z . -1.43 -35.50 18.60
C25 CLR Z . -1.17 -36.87 18.00
C26 CLR Z . -2.47 -37.56 17.64
C27 CLR Z . -0.25 -36.70 16.81
O1 CLR Z . 7.20 -26.60 24.86
C1 CLR AA . 9.41 -31.59 14.83
C2 CLR AA . 10.28 -30.80 15.80
C3 CLR AA . 9.63 -29.52 16.30
C4 CLR AA . 8.34 -29.82 17.03
C5 CLR AA . 7.57 -30.62 16.03
C6 CLR AA . 6.42 -30.17 15.58
C7 CLR AA . 5.25 -31.11 15.60
C8 CLR AA . 5.73 -32.51 15.30
C9 CLR AA . 7.08 -32.56 14.62
C10 CLR AA . 8.11 -31.92 15.53
C11 CLR AA . 7.48 -34.00 14.31
C12 CLR AA . 6.37 -34.83 13.66
C13 CLR AA . 5.05 -34.61 14.39
C14 CLR AA . 4.77 -33.15 14.35
C15 CLR AA . 3.31 -33.03 14.71
C16 CLR AA . 2.68 -34.31 14.18
C17 CLR AA . 3.81 -35.22 13.80
C18 CLR AA . 5.15 -35.01 15.84
C19 CLR AA . 8.39 -32.89 16.66
C20 CLR AA . 3.51 -36.59 14.33
C21 CLR AA . 4.38 -37.62 13.63
C22 CLR AA . 2.03 -36.90 14.12
C23 CLR AA . 1.84 -38.31 13.57
C24 CLR AA . 0.82 -38.33 12.44
C25 CLR AA . 1.27 -39.28 11.36
C26 CLR AA . 1.87 -38.52 10.20
C27 CLR AA . 2.24 -40.31 11.92
O1 CLR AA . 10.52 -28.89 17.22
C1 CLR BA . 0.73 -28.45 28.92
C2 CLR BA . 1.23 -27.02 28.78
C3 CLR BA . 2.74 -26.99 28.59
C4 CLR BA . 3.12 -27.70 27.32
C5 CLR BA . 2.57 -29.08 27.45
C6 CLR BA . 3.33 -30.16 27.40
C7 CLR BA . 2.87 -31.38 26.65
C8 CLR BA . 1.36 -31.34 26.59
C9 CLR BA . 0.79 -30.66 27.81
C10 CLR BA . 1.10 -29.21 27.67
C11 CLR BA . -0.72 -30.83 28.02
C12 CLR BA . -1.31 -32.15 27.55
C13 CLR BA . -0.66 -32.55 26.24
C14 CLR BA . 0.78 -32.71 26.51
C15 CLR BA . 1.31 -33.59 25.41
C16 CLR BA . 0.13 -34.43 24.98
C17 CLR BA . -1.10 -33.87 25.68
C18 CLR BA . -0.85 -31.50 25.17
C19 CLR BA . 0.41 -28.61 26.46
C20 CLR BA . -2.26 -33.71 24.73
C21 CLR BA . -3.58 -33.79 25.48
C22 CLR BA . -2.18 -34.79 23.67
C23 CLR BA . -2.55 -36.14 24.29
C24 CLR BA . -2.61 -37.23 23.23
C25 CLR BA . -3.85 -38.08 23.44
C26 CLR BA . -4.99 -37.23 24.00
C27 CLR BA . -4.27 -38.78 22.16
O1 CLR BA . 3.17 -25.63 28.52
C23 A1H8M CA . 13.76 -26.49 11.00
C22 A1H8M CA . 14.50 -25.26 11.56
C21 A1H8M CA . 15.93 -25.16 10.99
C7 A1H8M CA . 15.24 -23.32 9.37
C5 A1H8M CA . 20.45 -21.93 14.27
C01 A1H8M CA . 14.59 -23.74 8.07
C02 A1H8M CA . 13.35 -24.63 8.27
C03 A1H8M CA . 12.08 -25.07 7.98
C04 A1H8M CA . 10.70 -25.08 7.25
C05 A1H8M CA . 10.08 -26.50 7.47
C6 A1H8M CA . 16.03 -22.03 9.08
C1 A1H8M CA . 18.77 -21.05 12.51
C2 A1H8M CA . 19.39 -22.40 12.15
C3 A1H8M CA . 20.29 -24.15 13.48
C4 A1H8M CA . 21.74 -22.58 12.41
N21 A1H8M CA . 16.24 -24.22 9.92
N2 A1H8M CA . 20.46 -22.76 13.08
O01 A1H8M CA . 14.06 -22.62 7.47
O21 A1H8M CA . 16.78 -25.86 11.44
O2 A1H8M CA . 17.00 -21.84 10.10
O1 A1H8M CA . 17.56 -19.57 9.12
O3 A1H8M CA . 18.78 -20.32 11.31
O4 A1H8M CA . 16.44 -19.52 11.17
P A1H8M CA . 17.43 -20.29 10.41
C06 A1H8M CA . 8.61 -26.64 6.95
C07 A1H8M CA . 7.99 -28.03 7.37
C08 A1H8M CA . 6.44 -28.04 7.25
C09 A1H8M CA . 5.94 -28.85 6.01
C10 A1H8M CA . 6.16 -30.39 6.15
C11 A1H8M CA . 5.97 -31.13 4.79
C12 A1H8M CA . 4.52 -31.66 4.62
C13 A1H8M CA . 4.22 -32.09 3.16
C14 A1H8M CA . 5.27 -33.09 2.64
C15 A1H8M CA . 4.72 -34.52 2.45
C16 A1H8M CA . 4.90 -35.03 1.01
C24 A1H8M CA . 12.89 -27.21 12.05
C25 A1H8M CA . 11.59 -27.72 11.40
C26 A1H8M CA . 11.47 -29.26 11.45
C27 A1H8M CA . 10.09 -29.69 12.01
C28 A1H8M CA . 9.05 -29.92 10.89
C29 A1H8M CA . 8.52 -31.38 10.90
C30 A1H8M CA . 7.43 -31.57 9.82
C31 A1H8M CA . 6.67 -32.91 10.00
C32 A1H8M CA . 5.30 -32.88 9.26
C33 A1H8M CA . 5.02 -34.20 8.49
C34 A1H8M CA . 4.71 -35.37 9.44
C35 A1H8M CA . 4.25 -36.62 8.64
C23 A1H8M DA . 9.37 -30.21 26.75
C22 A1H8M DA . 10.44 -29.25 26.17
C21 A1H8M DA . 11.75 -29.27 26.99
C7 A1H8M DA . 12.78 -27.27 25.71
C5 A1H8M DA . 16.87 -23.84 30.22
C01 A1H8M DA . 13.55 -27.90 24.59
C02 A1H8M DA . 12.70 -27.91 23.32
C03 A1H8M DA . 12.10 -28.59 22.32
C04 A1H8M DA . 11.74 -29.93 21.60
C05 A1H8M DA . 10.22 -30.24 21.82
C6 A1H8M DA . 13.50 -25.96 26.10
C1 A1H8M DA . 14.69 -22.48 27.45
C2 A1H8M DA . 15.09 -23.25 28.73
C3 A1H8M DA . 17.08 -24.34 27.95
C4 A1H8M DA . 17.14 -22.08 28.64
N21 A1H8M DA . 12.83 -28.29 26.75
N2 A1H8M DA . 16.54 -23.37 28.88
O01 A1H8M DA . 14.68 -27.15 24.37
O21 A1H8M DA . 11.88 -30.08 27.83
O2 A1H8M DA . 13.55 -25.09 24.98
O1 A1H8M DA . 14.78 -23.18 23.82
O3 A1H8M DA . 15.04 -23.29 26.37
O4 A1H8M DA . 12.92 -22.60 25.16
P A1H8M DA . 14.07 -23.52 25.08
C06 A1H8M DA . 9.96 -31.77 21.72
C07 A1H8M DA . 9.04 -32.12 20.50
C08 A1H8M DA . 8.47 -33.55 20.66
C09 A1H8M DA . 7.36 -33.88 19.61
C10 A1H8M DA . 7.12 -35.40 19.50
C11 A1H8M DA . 5.64 -35.70 19.11
C12 A1H8M DA . 5.33 -37.22 19.10
C13 A1H8M DA . 5.04 -37.73 17.67
C14 A1H8M DA . 3.54 -38.10 17.47
C15 A1H8M DA . 3.17 -39.41 18.18
C16 A1H8M DA . 1.66 -39.50 18.48
C24 A1H8M DA . 9.06 -31.42 25.82
C25 A1H8M DA . 9.55 -32.77 26.42
C26 A1H8M DA . 9.29 -33.96 25.43
C27 A1H8M DA . 7.97 -34.73 25.74
C28 A1H8M DA . 7.15 -35.06 24.46
C29 A1H8M DA . 7.54 -36.44 23.85
C30 A1H8M DA . 6.47 -37.54 24.12
C31 A1H8M DA . 5.66 -37.92 22.85
C32 A1H8M DA . 4.15 -37.49 22.91
C33 A1H8M DA . 3.19 -38.70 22.77
C23 A1H8M EA . 7.81 -26.16 37.27
C22 A1H8M EA . 8.17 -24.65 37.11
C21 A1H8M EA . 9.58 -24.49 36.51
C7 A1H8M EA . 11.42 -25.65 35.10
C5 A1H8M EA . 18.49 -20.73 38.31
C01 A1H8M EA . 11.65 -27.13 34.89
C02 A1H8M EA . 10.58 -27.68 33.93
C03 A1H8M EA . 10.13 -28.40 32.87
C04 A1H8M EA . 10.23 -29.35 31.64
C05 A1H8M EA . 9.26 -30.55 31.85
C6 A1H8M EA . 12.45 -24.99 36.02
C1 A1H8M EA . 15.32 -21.39 36.53
C2 A1H8M EA . 16.19 -21.04 37.74
C3 A1H8M EA . 17.57 -19.63 36.42
C4 A1H8M EA . 17.80 -21.98 36.41
N21 A1H8M EA . 10.12 -25.62 35.73
N2 A1H8M EA . 17.52 -20.83 37.23
O01 A1H8M EA . 12.86 -27.41 34.29
O21 A1H8M EA . 10.19 -23.49 36.66
O2 A1H8M EA . 13.70 -24.87 35.35
O1 A1H8M EA . 15.73 -23.69 34.43
O3 A1H8M EA . 14.87 -22.73 36.61
O4 A1H8M EA . 13.69 -22.44 34.36
P A1H8M EA . 14.48 -23.40 35.17
C06 A1H8M EA . 8.30 -30.81 30.64
C07 A1H8M EA . 7.23 -31.93 30.92
C08 A1H8M EA . 6.22 -32.10 29.74
C09 A1H8M EA . 5.63 -33.55 29.64
C10 A1H8M EA . 4.07 -33.58 29.49
C11 A1H8M EA . 3.54 -34.98 29.04
C12 A1H8M EA . 4.20 -35.51 27.72
C13 A1H8M EA . 3.20 -36.13 26.69
C14 A1H8M EA . 1.83 -36.45 27.33
C15 A1H8M EA . 1.82 -37.87 27.94
C24 A1H8M EA . 6.44 -26.52 36.66
C25 A1H8M EA . 6.57 -27.17 35.25
C26 A1H8M EA . 5.33 -28.00 34.85
C27 A1H8M EA . 5.69 -29.50 34.62
C23 A1H8M FA . 13.65 -30.77 19.20
C22 A1H8M FA . 13.99 -29.53 18.31
C21 A1H8M FA . 15.53 -29.37 18.22
C7 A1H8M FA . 15.68 -27.83 16.11
C5 A1H8M FA . 18.79 -27.55 23.03
C01 A1H8M FA . 16.32 -28.38 14.85
C02 A1H8M FA . 15.57 -29.67 14.44
C03 A1H8M FA . 14.44 -30.32 14.09
C04 A1H8M FA . 13.59 -31.57 13.68
C05 A1H8M FA . 14.38 -32.36 12.60
C6 A1H8M FA . 15.97 -26.32 16.23
C1 A1H8M FA . 18.20 -26.82 19.42
C2 A1H8M FA . 19.01 -27.15 20.70
C3 A1H8M FA . 17.28 -28.57 21.54
C4 A1H8M FA . 17.14 -26.23 21.87
N21 A1H8M FA . 16.26 -28.58 17.22
N2 A1H8M FA . 18.06 -27.36 21.79
O01 A1H8M FA . 16.20 -27.45 13.81
O21 A1H8M FA . 16.18 -29.93 19.04
O2 A1H8M FA . 17.33 -26.03 16.53
O1 A1H8M FA . 16.40 -24.78 18.53
O3 A1H8M FA . 18.72 -25.67 18.81
O4 A1H8M FA . 17.94 -23.59 17.29
P A1H8M FA . 17.66 -24.98 17.78
C06 A1H8M FA . 13.72 -33.75 12.37
C07 A1H8M FA . 12.49 -33.61 11.42
C08 A1H8M FA . 11.28 -34.42 11.97
C09 A1H8M FA . 10.47 -35.06 10.80
C10 A1H8M FA . 9.49 -36.14 11.31
C11 A1H8M FA . 9.65 -37.47 10.51
C12 A1H8M FA . 8.64 -38.53 11.04
C13 A1H8M FA . 7.31 -38.48 10.25
C14 A1H8M FA . 6.72 -39.90 10.06
C15 A1H8M FA . 5.40 -39.85 9.28
C24 A1H8M FA . 13.78 -32.08 18.37
C25 A1H8M FA . 12.43 -32.81 18.43
C26 A1H8M FA . 12.16 -33.51 17.09
C27 A1H8M FA . 11.77 -34.99 17.37
C28 A1H8M FA . 11.20 -35.64 16.10
C29 A1H8M FA . 9.71 -35.95 16.34
C30 A1H8M FA . 9.48 -37.47 16.25
C31 A1H8M FA . 8.49 -37.82 15.11
C32 A1H8M FA . 7.66 -39.08 15.43
C33 A1H8M FA . 6.89 -39.57 14.17
C34 A1H8M FA . 5.73 -40.54 14.51
C35 A1H8M FA . 5.25 -41.32 13.26
C23 A1H8M GA . 15.26 -33.49 28.57
C22 A1H8M GA . 16.62 -33.08 29.17
C21 A1H8M GA . 16.63 -31.60 29.61
C7 A1H8M GA . 16.72 -29.14 28.96
C5 A1H8M GA . 21.61 -29.90 34.13
C01 A1H8M GA . 16.65 -28.28 27.70
C02 A1H8M GA . 17.14 -29.05 26.46
C03 A1H8M GA . 17.01 -29.88 25.38
C04 A1H8M GA . 16.22 -30.83 24.42
C05 A1H8M GA . 15.80 -32.09 25.23
C6 A1H8M GA . 18.02 -28.86 29.76
C1 A1H8M GA . 20.90 -28.95 31.93
C2 A1H8M GA . 22.29 -28.43 32.33
C3 A1H8M GA . 23.18 -28.17 34.56
C4 A1H8M GA . 23.82 -30.04 33.18
N21 A1H8M GA . 16.70 -30.55 28.58
N2 A1H8M GA . 22.72 -29.14 33.55
O01 A1H8M GA . 15.33 -27.92 27.49
O21 A1H8M GA . 16.57 -31.32 30.76
O2 A1H8M GA . 18.87 -27.98 29.07
O1 A1H8M GA . 21.35 -27.86 28.41
O3 A1H8M GA . 20.87 -29.12 30.53
O4 A1H8M GA . 20.59 -26.56 30.38
P A1H8M GA . 20.43 -27.83 29.60
C06 A1H8M GA . 14.27 -32.39 25.11
C07 A1H8M GA . 13.94 -33.01 23.71
C08 A1H8M GA . 12.61 -33.80 23.76
C09 A1H8M GA . 12.63 -35.07 22.84
C10 A1H8M GA . 11.19 -35.49 22.42
C11 A1H8M GA . 10.92 -36.99 22.74
C12 A1H8M GA . 10.95 -37.85 21.45
C13 A1H8M GA . 9.53 -38.06 20.87
C14 A1H8M GA . 9.31 -39.53 20.44
C15 A1H8M GA . 7.87 -40.03 20.72
C16 A1H8M GA . 7.30 -40.86 19.55
C24 A1H8M GA . 14.82 -34.91 29.01
C25 A1H8M GA . 13.30 -34.99 29.26
C26 A1H8M GA . 12.46 -34.75 27.98
C27 A1H8M GA . 11.49 -35.93 27.67
C28 A1H8M GA . 12.19 -37.07 26.87
C29 A1H8M GA . 11.19 -38.23 26.57
C7 A1H8M HA . 7.06 -18.71 8.49
C5 A1H8M HA . 11.60 -16.11 14.31
C01 A1H8M HA . 7.59 -20.04 9.01
C02 A1H8M HA . 7.87 -21.06 7.88
C03 A1H8M HA . 7.49 -22.16 7.16
C04 A1H8M HA . 6.47 -23.30 6.81
C05 A1H8M HA . 5.46 -23.55 7.97
C6 A1H8M HA . 7.54 -17.54 9.41
C1 A1H8M HA . 8.49 -16.23 12.25
C2 A1H8M HA . 9.81 -15.56 12.72
C3 A1H8M HA . 11.77 -16.62 12.04
C4 A1H8M HA . 10.10 -17.79 13.44
N21 A1H8M HA . 5.59 -18.71 8.46
N2 A1H8M HA . 10.82 -16.54 13.15
O01 A1H8M HA . 8.79 -19.83 9.67
O2 A1H8M HA . 6.44 -16.93 10.08
O1 A1H8M HA . 5.18 -14.87 11.14
O3 A1H8M HA . 7.57 -15.20 11.96
O4 A1H8M HA . 6.95 -14.43 9.57
P A1H8M HA . 6.52 -15.36 10.68
C06 A1H8M HA . 4.90 -25.00 7.94
C07 A1H8M HA . 3.82 -25.37 6.83
C08 A1H8M HA . 3.30 -26.83 7.05
C09 A1H8M HA . 2.77 -27.69 5.84
C10 A1H8M HA . 1.67 -28.69 6.34
C11 A1H8M HA . 1.65 -30.15 5.77
C12 A1H8M HA . 1.74 -31.15 6.95
C13 A1H8M HA . 0.94 -32.47 6.82
C14 A1H8M HA . 1.24 -33.29 5.57
C15 A1H8M HA . 1.96 -34.63 5.83
C16 A1H8M HA . 1.09 -35.87 5.67
C23 A1H8M IA . 17.50 -32.42 20.62
C22 A1H8M IA . 18.88 -33.07 20.33
C21 A1H8M IA . 20.04 -32.38 21.07
C7 A1H8M IA . 19.61 -33.80 23.16
C5 A1H8M IA . 24.78 -30.26 24.05
C01 A1H8M IA . 19.21 -33.25 24.51
C02 A1H8M IA . 18.60 -34.40 25.35
C03 A1H8M IA . 17.84 -35.51 25.52
C04 A1H8M IA . 16.90 -36.65 25.01
C05 A1H8M IA . 17.28 -37.00 23.52
C6 A1H8M IA . 20.49 -35.03 23.42
C1 A1H8M IA . 23.88 -32.81 25.06
C2 A1H8M IA . 25.26 -32.17 25.41
C3 A1H8M IA . 26.47 -30.09 25.70
C4 A1H8M IA . 24.14 -30.27 26.36
N21 A1H8M IA . 20.37 -32.77 22.45
N2 A1H8M IA . 25.17 -30.69 25.41
O01 A1H8M IA . 20.37 -32.77 25.11
O21 A1H8M IA . 20.67 -31.53 20.53
O2 A1H8M IA . 21.79 -34.56 23.73
O1 A1H8M IA . 21.63 -35.02 26.27
O3 A1H8M IA . 23.93 -34.20 25.37
O4 A1H8M IA . 22.95 -36.58 24.92
P A1H8M IA . 22.56 -35.12 25.10
C06 A1H8M IA . 16.12 -37.72 22.77
C07 A1H8M IA . 16.02 -39.24 23.16
C08 A1H8M IA . 14.60 -39.85 22.90
C09 A1H8M IA . 13.58 -39.40 24.01
C10 A1H8M IA . 12.56 -40.52 24.38
C11 A1H8M IA . 11.63 -40.92 23.18
C12 A1H8M IA . 10.20 -41.30 23.65
C24 A1H8M IA . 16.46 -33.49 21.04
C25 A1H8M IA . 16.87 -34.89 20.50
C26 A1H8M IA . 16.17 -35.19 19.15
C27 A1H8M IA . 15.70 -36.67 19.05
C28 A1H8M IA . 14.23 -36.84 19.47
C29 A1H8M IA . 13.74 -38.30 19.25
C30 A1H8M IA . 12.64 -38.37 18.15
C31 A1H8M IA . 11.88 -39.73 18.13
C32 A1H8M IA . 12.19 -40.57 16.86
C33 A1H8M IA . 10.99 -41.46 16.45
C34 A1H8M IA . 10.22 -41.99 17.70
C23 A1H8M JA . 1.86 -26.17 33.46
C22 A1H8M JA . 1.52 -25.26 34.66
C21 A1H8M JA . 2.75 -24.69 35.43
C7 A1H8M JA . 1.56 -22.80 36.72
C5 A1H8M JA . 7.99 -20.44 35.71
C01 A1H8M JA . 0.98 -22.04 35.54
C02 A1H8M JA . -0.41 -22.67 35.22
C03 A1H8M JA . -1.32 -23.28 34.42
C04 A1H8M JA . -1.78 -23.91 33.07
C05 A1H8M JA . -1.80 -25.45 33.28
C6 A1H8M JA . 2.03 -21.79 37.79
C1 A1H8M JA . 4.61 -18.91 35.83
C2 A1H8M JA . 6.14 -18.93 35.73
C3 A1H8M JA . 6.28 -20.73 37.23
C4 A1H8M JA . 5.82 -21.07 34.92
N21 A1H8M JA . 2.74 -23.57 36.36
N2 A1H8M JA . 6.57 -20.31 35.88
O01 A1H8M JA . 0.81 -20.68 35.80
O21 A1H8M JA . 3.77 -25.25 35.25
O2 A1H8M JA . 2.79 -20.77 37.17
O1 A1H8M JA . 1.65 -18.49 37.31
O3 A1H8M JA . 4.17 -18.45 37.11
O4 A1H8M JA . 3.01 -19.26 39.28
P A1H8M JA . 2.87 -19.23 37.79
C06 A1H8M JA . -1.48 -26.22 31.96
C07 A1H8M JA . -2.14 -27.64 31.98
C08 A1H8M JA . -3.67 -27.49 32.00
C09 A1H8M JA . -4.32 -28.87 31.66
C10 A1H8M JA . -3.49 -29.67 30.62
C11 A1H8M JA . -4.31 -30.94 30.22
C12 A1H8M JA . -5.76 -30.78 30.77
C13 A1H8M JA . -6.73 -31.93 30.36
C24 A1H8M JA . 1.23 -27.59 33.53
C25 A1H8M JA . 1.75 -28.55 32.44
C26 A1H8M JA . 2.20 -29.93 33.01
C27 A1H8M JA . 2.31 -31.06 31.94
C28 A1H8M JA . 1.60 -32.39 32.33
C29 A1H8M JA . 0.06 -32.20 32.44
C30 A1H8M JA . -0.80 -33.38 31.87
C31 A1H8M JA . -0.38 -33.96 30.48
C32 A1H8M JA . -1.31 -35.09 29.98
C23 A1H8M KA . 1.73 -27.08 38.67
C22 A1H8M KA . 3.05 -26.32 38.33
C21 A1H8M KA . 3.46 -25.30 39.43
C7 A1H8M KA . 5.51 -26.70 40.24
C5 A1H8M KA . 13.93 -24.45 41.41
C01 A1H8M KA . 4.80 -27.98 40.70
C02 A1H8M KA . 4.74 -29.02 39.55
C03 A1H8M KA . 4.08 -29.90 38.74
C04 A1H8M KA . 2.82 -30.68 38.22
C05 A1H8M KA . 2.40 -30.10 36.83
C6 A1H8M KA . 6.72 -26.41 41.16
C1 A1H8M KA . 10.97 -24.80 40.91
C2 A1H8M KA . 12.13 -25.29 39.99
C3 A1H8M KA . 12.93 -23.03 39.74
C4 A1H8M KA . 14.34 -24.88 39.10
N21 A1H8M KA . 4.62 -25.54 40.31
N2 A1H8M KA . 13.32 -24.41 40.06
O01 A1H8M KA . 5.48 -28.57 41.77
O21 A1H8M KA . 2.81 -24.32 39.58
O2 A1H8M KA . 7.78 -27.30 40.89
O1 A1H8M KA . 9.23 -26.54 42.89
O3 A1H8M KA . 9.77 -25.50 40.56
O4 A1H8M KA . 10.26 -27.99 41.21
P A1H8M KA . 9.29 -26.85 41.41
C06 A1H8M KA . 1.14 -30.83 36.25
C07 A1H8M KA . 0.97 -32.26 36.89
C08 A1H8M KA . 0.14 -33.21 35.98
C09 A1H8M KA . 1.04 -34.22 35.20
C10 A1H8M KA . 0.28 -35.52 34.80
C24 A1H8M KA . 0.56 -26.69 37.72
C25 A1H8M KA . -0.55 -27.76 37.66
C26 A1H8M KA . -1.70 -27.36 36.68
C27 A1H8M KA . -1.90 -28.43 35.57
C28 A1H8M KA . -3.34 -29.02 35.58
C29 A1H8M KA . -3.33 -30.57 35.52
C30 A1H8M KA . -4.44 -31.12 34.57
C31 A1H8M KA . -4.48 -32.68 34.61
C32 A1H8M KA . -5.90 -33.22 34.24
C33 A1H8M KA . -5.87 -34.69 33.75
C34 A1H8M KA . -5.10 -35.63 34.73
C23 A1H8M LA . 11.56 -33.07 34.13
C22 A1H8M LA . 12.33 -32.35 35.26
C21 A1H8M LA . 12.70 -30.92 34.80
C7 A1H8M LA . 13.85 -30.10 36.99
C5 A1H8M LA . 19.64 -23.84 39.35
C01 A1H8M LA . 12.87 -29.36 37.89
C02 A1H8M LA . 11.56 -30.19 38.06
C03 A1H8M LA . 10.26 -30.50 37.82
C04 A1H8M LA . 8.86 -30.31 37.13
C05 A1H8M LA . 8.83 -31.07 35.77
C6 A1H8M LA . 15.26 -29.49 37.14
C1 A1H8M LA . 18.07 -25.43 38.06
C2 A1H8M LA . 19.09 -26.17 38.96
C3 A1H8M LA . 21.38 -25.48 38.97
C4 A1H8M LA . 20.19 -25.49 41.02
N21 A1H8M LA . 13.41 -29.93 35.63
N2 A1H8M LA . 20.07 -25.24 39.57
O01 A1H8M LA . 13.45 -29.14 39.14
O21 A1H8M LA . 12.40 -30.56 33.71
O2 A1H8M LA . 15.15 -28.07 37.07
O1 A1H8M LA . 17.69 -28.06 36.51
O3 A1H8M LA . 16.87 -26.17 38.06
O4 A1H8M LA . 16.26 -26.27 35.56
P A1H8M LA . 16.52 -27.14 36.76
C06 A1H8M LA . 8.40 -32.57 35.93
C07 A1H8M LA . 7.38 -33.03 34.83
C08 A1H8M LA . 5.96 -33.29 35.43
C09 A1H8M LA . 4.87 -33.55 34.32
C10 A1H8M LA . 5.31 -34.65 33.31
C11 A1H8M LA . 4.59 -36.01 33.58
C12 A1H8M LA . 3.38 -36.23 32.62
C24 A1H8M LA . 12.39 -33.22 32.83
C25 A1H8M LA . 11.54 -33.07 31.54
C26 A1H8M LA . 10.29 -34.00 31.55
C27 A1H8M LA . 10.66 -35.50 31.40
C28 A1H8M LA . 9.39 -36.38 31.27
C29 A1H8M LA . 8.25 -35.61 30.55
C30 A1H8M LA . 8.13 -36.02 29.05
C31 A1H8M LA . 7.50 -37.43 28.90
C32 A1H8M LA . 7.55 -37.93 27.42
C33 A1H8M LA . 7.17 -39.43 27.29
C34 A1H8M LA . 7.89 -40.13 26.12
C23 A1H8M MA . 19.74 -38.06 19.61
C22 A1H8M MA . 20.36 -37.15 20.69
C21 A1H8M MA . 21.06 -35.92 20.07
N21 A1H8M MA . 22.26 -35.35 20.70
O21 A1H8M MA . 20.63 -35.46 19.07
C24 A1H8M MA . 18.57 -38.91 20.13
C25 A1H8M MA . 18.86 -40.43 20.20
C26 A1H8M MA . 18.21 -41.25 19.05
C27 A1H8M MA . 17.33 -42.44 19.55
C28 A1H8M MA . 16.91 -43.42 18.40
C29 A1H8M MA . 15.37 -43.72 18.40
C30 A1H8M MA . 14.99 -45.23 18.27
C31 A1H8M MA . 13.68 -45.59 19.05
C32 A1H8M MA . 12.42 -45.65 18.14
C1 CLR NA . 15.22 -30.17 7.40
C2 CLR NA . 16.00 -28.99 7.96
C3 CLR NA . 16.25 -27.98 6.86
C4 CLR NA . 14.94 -27.43 6.34
C5 CLR NA . 13.97 -28.55 6.05
C6 CLR NA . 13.24 -28.46 4.93
C7 CLR NA . 11.92 -29.14 4.77
C8 CLR NA . 11.83 -30.39 5.65
C9 CLR NA . 13.14 -30.84 6.24
C10 CLR NA . 13.84 -29.71 6.97
C11 CLR NA . 12.90 -32.00 7.19
C12 CLR NA . 12.18 -33.15 6.49
C13 CLR NA . 10.93 -32.62 5.85
C14 CLR NA . 11.33 -31.56 4.88
C15 CLR NA . 10.11 -31.38 4.00
C16 CLR NA . 9.45 -32.75 3.98
C17 CLR NA . 10.12 -33.59 5.04
C18 CLR NA . 10.05 -32.01 6.92
C19 CLR NA . 13.02 -29.32 8.17
C20 CLR NA . 9.10 -34.33 5.87
C21 CLR NA . 9.73 -35.49 6.62
C22 CLR NA . 8.01 -34.84 4.97
C23 CLR NA . 8.00 -36.36 4.98
C24 CLR NA . 6.72 -36.89 5.60
C25 CLR NA . 5.89 -37.61 4.57
C26 CLR NA . 5.57 -36.67 3.41
C27 CLR NA . 6.59 -38.86 4.09
O1 CLR NA . 16.95 -26.87 7.39
C1 CLR OA . 16.87 -34.78 1.27
C2 CLR OA . 17.71 -34.10 2.29
C3 CLR OA . 17.50 -32.61 2.23
C4 CLR OA . 16.10 -32.25 2.66
C5 CLR OA . 15.25 -33.09 1.78
C6 CLR OA . 14.32 -32.59 1.01
C7 CLR OA . 12.98 -33.25 0.97
C8 CLR OA . 13.14 -34.73 1.17
C9 CLR OA . 14.51 -35.26 0.91
C10 CLR OA . 15.48 -34.55 1.79
C11 CLR OA . 14.54 -36.75 1.21
C12 CLR OA . 13.35 -37.58 0.77
C13 CLR OA . 12.12 -36.73 0.82
C14 CLR OA . 12.41 -35.48 0.14
C15 CLR OA . 11.09 -34.87 -0.23
C16 CLR OA . 10.15 -36.04 -0.22
C17 CLR OA . 10.97 -37.27 0.07
C18 CLR OA . 11.72 -36.38 2.21
C19 CLR OA . 15.33 -34.98 3.21
C20 CLR OA . 10.24 -38.22 0.92
C21 CLR OA . 10.42 -39.62 0.39
C22 CLR OA . 8.79 -37.80 0.95
C23 CLR OA . 8.03 -38.47 -0.17
C24 CLR OA . 7.04 -39.47 0.36
C25 CLR OA . 6.76 -40.48 -0.75
C26 CLR OA . 5.45 -41.21 -0.50
C27 CLR OA . 6.78 -39.75 -2.07
O1 CLR OA . 18.45 -32.06 3.11
C1 CLR PA . 13.63 -32.69 -7.22
C2 CLR PA . 14.97 -32.16 -6.75
C3 CLR PA . 14.89 -31.27 -5.52
C4 CLR PA . 14.29 -32.03 -4.36
C5 CLR PA . 13.00 -32.54 -4.90
C6 CLR PA . 11.85 -32.16 -4.38
C7 CLR PA . 10.86 -33.24 -4.03
C8 CLR PA . 10.93 -34.33 -5.06
C9 CLR PA . 11.59 -33.91 -6.36
C10 CLR PA . 13.00 -33.46 -6.08
C11 CLR PA . 11.57 -35.05 -7.37
C12 CLR PA . 10.24 -35.77 -7.49
C13 CLR PA . 9.66 -36.05 -6.12
C14 CLR PA . 9.55 -34.75 -5.41
C15 CLR PA . 8.63 -35.01 -4.25
C16 CLR PA . 7.69 -36.11 -4.75
C17 CLR PA . 8.27 -36.62 -6.04
C18 CLR PA . 10.58 -36.92 -5.30
C19 CLR PA . 13.82 -34.70 -5.82
C20 CLR PA . 8.22 -38.11 -6.01
C21 CLR PA . 8.40 -38.67 -7.41
C22 CLR PA . 6.92 -38.58 -5.41
C23 CLR PA . 6.29 -39.71 -6.22
C24 CLR PA . 4.81 -39.50 -6.42
C25 CLR PA . 4.41 -39.91 -7.81
C26 CLR PA . 4.24 -38.69 -8.70
C27 CLR PA . 5.43 -40.89 -8.39
O1 CLR PA . 16.20 -30.88 -5.15
C1 CLR QA . 15.67 -36.31 9.11
C2 CLR QA . 16.11 -34.86 9.26
C3 CLR QA . 17.18 -34.51 8.24
C4 CLR QA . 16.63 -34.64 6.84
C5 CLR QA . 16.16 -36.05 6.74
C6 CLR QA . 16.64 -36.89 5.82
C7 CLR QA . 15.71 -37.82 5.10
C8 CLR QA . 14.48 -38.02 5.97
C9 CLR QA . 14.85 -37.93 7.44
C10 CLR QA . 15.13 -36.49 7.71
C11 CLR QA . 13.77 -38.42 8.41
C12 CLR QA . 12.89 -39.56 7.92
C13 CLR QA . 12.57 -39.36 6.46
C14 CLR QA . 13.85 -39.36 5.73
C15 CLR QA . 13.52 -39.68 4.29
C16 CLR QA . 12.25 -40.50 4.37
C17 CLR QA . 11.76 -40.44 5.80
C18 CLR QA . 11.86 -38.04 6.21
C19 CLR QA . 13.91 -35.64 7.48
C20 CLR QA . 10.28 -40.16 5.88
C21 CLR QA . 9.70 -40.72 7.16
C22 CLR QA . 9.61 -40.76 4.67
C23 CLR QA . 9.57 -42.28 4.80
C24 CLR QA . 8.78 -42.91 3.68
C25 CLR QA . 7.86 -43.99 4.23
C26 CLR QA . 7.39 -43.60 5.63
C27 CLR QA . 6.68 -44.24 3.30
O1 CLR QA . 17.60 -33.16 8.47
C23 A1H8M RA . 15.18 -25.90 -10.56
C22 A1H8M RA . 16.21 -24.83 -10.11
C21 A1H8M RA . 17.00 -24.30 -11.32
C7 A1H8M RA . 15.63 -22.15 -11.35
C5 A1H8M RA . 22.84 -21.72 -10.44
C01 A1H8M RA . 14.28 -22.18 -12.05
C02 A1H8M RA . 13.35 -23.28 -11.52
C03 A1H8M RA . 12.13 -23.80 -11.14
C04 A1H8M RA . 10.60 -23.79 -10.84
C05 A1H8M RA . 10.12 -25.28 -10.87
C6 A1H8M RA . 16.19 -20.73 -11.54
C1 A1H8M RA . 20.53 -20.57 -10.36
C2 A1H8M RA . 20.68 -21.59 -11.49
C3 A1H8M RA . 22.03 -23.51 -11.77
C4 A1H8M RA . 22.66 -21.44 -12.78
N21 A1H8M RA . 16.67 -23.00 -11.91
N2 A1H8M RA . 22.05 -22.06 -11.61
O01 A1H8M RA . 13.60 -21.04 -11.73
O21 A1H8M RA . 17.87 -24.96 -11.79
O2 A1H8M RA . 17.59 -20.75 -11.31
O1 A1H8M RA . 17.64 -18.21 -11.47
O3 A1H8M RA . 19.87 -19.48 -10.93
O4 A1H8M RA . 18.01 -19.09 -9.33
P A1H8M RA . 18.26 -19.36 -10.76
C06 A1H8M RA . 8.64 -25.48 -10.42
C07 A1H8M RA . 8.28 -27.01 -10.30
C08 A1H8M RA . 6.99 -27.23 -9.46
C09 A1H8M RA . 5.76 -27.63 -10.36
C10 A1H8M RA . 5.89 -29.05 -10.97
C11 A1H8M RA . 4.84 -29.28 -12.11
C12 A1H8M RA . 3.53 -29.95 -11.58
C13 A1H8M RA . 2.38 -29.89 -12.61
C14 A1H8M RA . 2.80 -30.44 -13.98
C15 A1H8M RA . 2.12 -31.78 -14.34
C16 A1H8M RA . 1.35 -31.70 -15.66
C24 A1H8M RA . 15.06 -27.08 -9.57
C25 A1H8M RA . 13.60 -27.54 -9.46
C26 A1H8M RA . 13.40 -29.00 -9.94
C27 A1H8M RA . 12.61 -29.82 -8.90
C28 A1H8M RA . 11.09 -29.82 -9.16
C29 A1H8M RA . 10.55 -31.24 -9.40
C30 A1H8M RA . 9.02 -31.23 -9.59
C31 A1H8M RA . 8.41 -32.66 -9.53
C32 A1H8M RA . 6.88 -32.59 -9.23
C33 A1H8M RA . 6.07 -33.57 -10.12
C34 A1H8M RA . 6.30 -35.05 -9.71
C35 A1H8M RA . 5.34 -35.99 -10.48
C23 A1H8M SA . 20.98 -35.67 1.78
C22 A1H8M SA . 21.56 -34.40 1.10
C21 A1H8M SA . 23.09 -34.49 0.89
C7 A1H8M SA . 23.31 -32.01 0.15
C5 A1H8M SA . 29.58 -29.77 2.24
C01 A1H8M SA . 23.17 -32.06 -1.35
C02 A1H8M SA . 21.72 -31.77 -1.75
C03 A1H8M SA . 20.58 -32.14 -2.37
C04 A1H8M SA . 19.75 -33.17 -3.17
C05 A1H8M SA . 18.65 -33.79 -2.24
C6 A1H8M SA . 24.23 -30.83 0.50
C1 A1H8M SA . 26.30 -27.91 2.10
C2 A1H8M SA . 27.33 -29.00 2.47
C3 A1H8M SA . 28.31 -29.38 0.32
C4 A1H8M SA . 28.99 -27.55 1.65
N21 A1H8M SA . 23.88 -33.31 0.46
N2 A1H8M SA . 28.54 -28.92 1.67
O01 A1H8M SA . 24.00 -31.10 -1.88
O21 A1H8M SA . 23.64 -35.50 1.10
O2 A1H8M SA . 23.66 -29.62 0.01
O1 A1H8M SA . 24.10 -27.25 -0.80
O3 A1H8M SA . 25.84 -28.21 0.81
O4 A1H8M SA . 23.50 -27.50 1.47
P A1H8M SA . 24.27 -28.13 0.37
C06 A1H8M SA . 18.24 -35.21 -2.74
C07 A1H8M SA . 16.75 -35.26 -3.19
C08 A1H8M SA . 16.27 -36.73 -3.29
C09 A1H8M SA . 14.72 -36.84 -3.51
C10 A1H8M SA . 14.33 -38.24 -4.03
C11 A1H8M SA . 12.90 -38.64 -3.53
C12 A1H8M SA . 12.52 -40.08 -3.94
C13 A1H8M SA . 11.36 -40.08 -4.98
C14 A1H8M SA . 10.04 -40.61 -4.38
C15 A1H8M SA . 10.06 -42.13 -4.16
C16 A1H8M SA . 9.04 -42.58 -3.10
C24 A1H8M SA . 20.07 -36.50 0.83
C25 A1H8M SA . 20.70 -37.87 0.44
C26 A1H8M SA . 19.79 -38.66 -0.55
C27 A1H8M SA . 18.87 -39.70 0.14
C28 A1H8M SA . 17.41 -39.69 -0.40
C29 A1H8M SA . 17.22 -40.68 -1.58
C30 A1H8M SA . 16.45 -41.97 -1.19
C31 A1H8M SA . 14.99 -42.00 -1.76
C32 A1H8M SA . 13.89 -41.89 -0.66
C33 A1H8M SA . 12.93 -43.11 -0.64
C23 A1H8M TA . 26.55 -35.96 11.71
C22 A1H8M TA . 26.86 -34.45 11.96
C21 A1H8M TA . 27.62 -33.85 10.76
C7 A1H8M TA . 28.10 -34.11 8.22
C5 A1H8M TA . 36.07 -29.51 8.20
C01 A1H8M TA . 28.03 -35.35 7.37
C02 A1H8M TA . 26.54 -35.69 7.11
C03 A1H8M TA . 25.48 -36.06 6.36
C04 A1H8M TA . 24.72 -36.47 5.05
C05 A1H8M TA . 23.98 -37.82 5.31
C6 A1H8M TA . 29.54 -33.65 8.53
C1 A1H8M TA . 32.43 -30.03 8.57
C2 A1H8M TA . 33.88 -29.99 9.05
C3 A1H8M TA . 34.30 -27.99 7.84
C4 A1H8M TA . 34.26 -30.11 6.78
N21 A1H8M TA . 27.47 -34.52 9.46
N2 A1H8M TA . 34.63 -29.38 7.98
O01 A1H8M TA . 28.59 -35.18 6.13
O21 A1H8M TA . 28.28 -32.88 10.89
O2 A1H8M TA . 30.13 -33.09 7.36
O1 A1H8M TA . 31.26 -31.32 5.95
O3 A1H8M TA . 32.00 -31.36 8.39
O4 A1H8M TA . 29.72 -30.50 7.60
P A1H8M TA . 30.76 -31.54 7.33
C06 A1H8M TA . 22.47 -37.79 4.94
C07 A1H8M TA . 21.69 -39.10 5.33
C08 A1H8M TA . 20.17 -39.01 5.02
C09 A1H8M TA . 19.51 -40.41 4.75
C10 A1H8M TA . 18.18 -40.64 5.55
C11 A1H8M TA . 17.37 -41.86 5.00
C12 A1H8M TA . 17.03 -41.76 3.49
C13 A1H8M TA . 15.57 -42.14 3.11
C14 A1H8M TA . 14.86 -42.90 4.25
C15 A1H8M TA . 15.09 -44.42 4.15
C24 A1H8M TA . 25.05 -36.30 11.95
C25 A1H8M TA . 24.24 -36.38 10.62
C26 A1H8M TA . 22.95 -37.22 10.74
C27 A1H8M TA . 22.95 -38.45 9.80
C23 A1H8M UA . 19.70 -32.76 -6.32
C22 A1H8M UA . 19.54 -31.25 -6.67
C21 A1H8M UA . 20.72 -30.81 -7.58
C7 A1H8M UA . 19.68 -28.62 -8.58
C5 A1H8M UA . 26.37 -30.29 -5.41
C01 A1H8M UA . 19.36 -28.56 -10.06
C02 A1H8M UA . 18.42 -29.73 -10.41
C03 A1H8M UA . 17.25 -30.40 -10.23
C04 A1H8M UA . 16.22 -31.55 -10.51
C05 A1H8M UA . 16.12 -31.75 -12.05
C6 A1H8M UA . 20.12 -27.22 -8.09
C1 A1H8M UA . 23.78 -28.44 -7.34
C2 A1H8M UA . 25.16 -29.06 -7.04
C3 A1H8M UA . 24.18 -30.95 -5.96
C4 A1H8M UA . 24.49 -28.95 -4.75
N21 A1H8M UA . 20.75 -29.60 -8.44
N2 A1H8M UA . 25.06 -29.80 -5.78
O01 A1H8M UA . 18.72 -27.37 -10.37
O21 A1H8M UA . 21.67 -31.50 -7.61
O2 A1H8M UA . 21.40 -26.84 -8.57
O1 A1H8M UA . 21.99 -26.55 -6.11
O3 A1H8M UA . 23.92 -27.07 -7.63
O4 A1H8M UA . 22.57 -24.76 -7.46
P A1H8M UA . 22.51 -26.25 -7.48
C06 A1H8M UA . 15.33 -33.06 -12.34
C07 A1H8M UA . 13.79 -32.80 -12.22
C08 A1H8M UA . 13.10 -33.95 -11.45
C09 A1H8M UA . 11.69 -34.26 -12.05
C10 A1H8M UA . 11.14 -35.60 -11.51
C11 A1H8M UA . 10.66 -36.51 -12.68
C12 A1H8M UA . 10.09 -37.85 -12.12
C13 A1H8M UA . 8.57 -37.75 -11.87
C14 A1H8M UA . 7.85 -39.09 -12.20
C15 A1H8M UA . 6.34 -38.98 -11.95
C24 A1H8M UA . 19.19 -33.65 -7.48
C25 A1H8M UA . 18.09 -34.58 -6.93
C26 A1H8M UA . 17.00 -34.79 -7.99
C27 A1H8M UA . 16.74 -36.31 -8.14
C28 A1H8M UA . 15.44 -36.55 -8.95
C29 A1H8M UA . 14.39 -37.18 -8.01
C30 A1H8M UA . 14.03 -38.59 -8.52
C31 A1H8M UA . 12.52 -38.67 -8.86
C32 A1H8M UA . 11.95 -40.09 -8.65
C33 A1H8M UA . 10.52 -40.21 -9.27
C34 A1H8M UA . 9.73 -41.42 -8.71
C35 A1H8M UA . 8.52 -41.78 -9.62
C23 A1H8M VA . 26.44 -38.32 -1.70
C22 A1H8M VA . 27.92 -37.93 -1.91
C21 A1H8M VA . 28.32 -36.71 -1.04
C7 A1H8M VA . 28.22 -34.21 -0.61
C5 A1H8M VA . 35.16 -35.92 -0.13
C01 A1H8M VA . 27.47 -32.99 -1.11
C02 A1H8M VA . 27.04 -33.17 -2.59
C03 A1H8M VA . 26.19 -33.57 -3.59
C04 A1H8M VA . 24.91 -34.23 -4.17
C05 A1H8M VA . 24.96 -35.76 -3.82
C6 A1H8M VA . 29.75 -34.02 -0.70
C1 A1H8M VA . 33.34 -34.38 -0.91
C2 A1H8M VA . 34.73 -33.82 -1.24
C3 A1H8M VA . 36.81 -34.21 -0.09
C4 A1H8M VA . 36.31 -35.33 -2.16
N21 A1H8M VA . 27.85 -35.38 -1.40
N2 A1H8M VA . 35.75 -34.82 -0.90
O01 A1H8M VA . 26.34 -32.81 -0.34
O21 A1H8M VA . 29.00 -36.88 -0.07
O2 A1H8M VA . 30.08 -32.82 -1.34
O1 A1H8M VA . 31.64 -32.05 -3.23
O3 A1H8M VA . 32.45 -34.05 -1.94
O4 A1H8M VA . 32.37 -31.69 -0.90
P A1H8M VA . 31.64 -32.60 -1.85
C06 A1H8M VA . 23.65 -36.25 -3.13
C07 A1H8M VA . 22.49 -36.38 -4.16
C08 A1H8M VA . 21.39 -37.35 -3.65
C09 A1H8M VA . 20.73 -38.19 -4.80
C10 A1H8M VA . 19.32 -38.67 -4.40
C11 A1H8M VA . 19.16 -40.21 -4.59
C12 A1H8M VA . 18.32 -40.53 -5.85
C13 A1H8M VA . 16.83 -40.76 -5.52
C14 A1H8M VA . 16.25 -42.00 -6.24
C15 A1H8M VA . 15.26 -42.81 -5.39
C16 A1H8M VA . 14.02 -43.25 -6.20
C24 A1H8M VA . 26.24 -39.86 -1.66
C25 A1H8M VA . 25.19 -40.28 -0.61
C26 A1H8M VA . 23.76 -39.75 -0.93
C27 A1H8M VA . 22.71 -40.89 -1.03
C28 A1H8M VA . 22.67 -41.54 -2.45
C29 A1H8M VA . 21.59 -42.66 -2.51
C7 A1H8M WA . 9.07 -19.00 -5.36
C5 A1H8M WA . 16.42 -17.90 -2.92
C01 A1H8M WA . 9.69 -20.32 -5.82
C02 A1H8M WA . 9.11 -20.80 -7.18
C03 A1H8M WA . 8.28 -21.62 -7.88
C04 A1H8M WA . 7.16 -22.72 -7.97
C05 A1H8M WA . 7.06 -23.54 -6.65
C6 A1H8M WA . 10.11 -18.17 -4.55
C1 A1H8M WA . 12.70 -17.82 -2.60
C2 A1H8M WA . 14.09 -17.14 -2.78
C3 A1H8M WA . 15.12 -17.53 -4.84
C4 A1H8M WA . 14.57 -19.41 -3.30
N21 A1H8M WA . 7.88 -19.24 -4.51
N2 A1H8M WA . 15.06 -18.03 -3.46
O01 A1H8M WA . 11.03 -20.15 -5.98
O2 A1H8M WA . 9.71 -18.04 -3.18
O1 A1H8M WA . 9.54 -16.74 -0.90
O3 A1H8M WA . 11.90 -16.93 -1.86
O4 A1H8M WA . 10.02 -15.48 -2.90
P A1H8M WA . 10.27 -16.80 -2.21
C06 A1H8M WA . 6.47 -24.96 -6.90
C07 A1H8M WA . 4.90 -25.08 -7.18
C08 A1H8M WA . 4.49 -26.59 -7.29
C09 A1H8M WA . 3.27 -27.04 -8.16
C10 A1H8M WA . 2.61 -28.33 -7.54
C11 A1H8M WA . 2.12 -29.47 -8.49
C12 A1H8M WA . 2.82 -30.80 -8.09
C13 A1H8M WA . 2.00 -32.10 -8.21
C14 A1H8M WA . 1.39 -32.35 -9.59
C15 A1H8M WA . 2.00 -33.55 -10.36
C16 A1H8M WA . 1.10 -34.79 -10.43
C23 A1H8M XA . 23.45 -34.12 -8.23
C22 A1H8M XA . 24.30 -34.38 -9.50
C21 A1H8M XA . 25.73 -33.81 -9.39
C7 A1H8M XA . 26.54 -35.93 -8.22
C5 A1H8M XA . 31.47 -32.12 -9.28
C01 A1H8M XA . 27.10 -35.98 -6.82
C02 A1H8M XA . 27.03 -37.44 -6.30
C03 A1H8M XA . 26.44 -38.66 -6.15
C04 A1H8M XA . 25.28 -39.68 -6.39
C05 A1H8M XA . 24.64 -39.40 -7.80
C6 A1H8M XA . 27.30 -37.01 -9.02
C1 A1H8M XA . 31.16 -34.97 -9.02
C2 A1H8M XA . 32.51 -34.27 -9.33
C3 A1H8M XA . 33.83 -32.26 -9.05
C4 A1H8M XA . 32.37 -33.06 -7.27
N21 A1H8M XA . 26.80 -34.60 -8.77
N2 A1H8M XA . 32.57 -32.93 -8.72
O01 A1H8M XA . 28.42 -35.56 -6.88
O21 A1H8M XA . 25.98 -32.73 -9.83
O2 A1H8M XA . 28.54 -36.46 -9.40
O1 A1H8M XA . 29.92 -37.81 -7.67
O3 A1H8M XA . 31.25 -36.35 -9.36
O4 A1H8M XA . 30.00 -38.54 -10.02
P A1H8M XA . 29.93 -37.34 -9.10
C06 A1H8M XA . 23.20 -40.00 -7.93
C07 A1H8M XA . 23.23 -41.55 -8.18
C08 A1H8M XA . 21.90 -42.26 -7.76
C09 A1H8M XA . 21.81 -42.41 -6.20
C10 A1H8M XA . 21.14 -43.76 -5.76
C11 A1H8M XA . 19.64 -43.85 -6.22
C12 A1H8M XA . 18.76 -44.61 -5.18
C24 A1H8M XA . 22.80 -35.44 -7.74
C25 A1H8M XA . 22.67 -36.46 -8.89
C26 A1H8M XA . 21.26 -36.38 -9.55
C27 A1H8M XA . 20.70 -37.78 -9.92
C28 A1H8M XA . 19.79 -38.34 -8.80
C29 A1H8M XA . 19.13 -39.68 -9.23
C30 A1H8M XA . 17.59 -39.55 -9.40
C31 A1H8M XA . 16.86 -40.92 -9.48
C32 A1H8M XA . 16.25 -41.19 -10.89
C33 A1H8M XA . 14.98 -42.07 -10.81
C34 A1H8M XA . 15.08 -43.13 -9.67
C23 A1H8M YA . 19.52 -35.63 12.51
C22 A1H8M YA . 20.08 -35.28 13.93
C21 A1H8M YA . 21.57 -34.82 13.95
C7 A1H8M YA . 21.59 -33.75 16.31
C5 A1H8M YA . 26.24 -30.12 12.70
C01 A1H8M YA . 20.47 -32.73 16.11
C02 A1H8M YA . 19.12 -33.43 16.47
C03 A1H8M YA . 17.87 -33.86 16.19
C04 A1H8M YA . 16.63 -34.05 15.28
C05 A1H8M YA . 16.60 -35.53 14.84
C6 A1H8M YA . 22.70 -33.13 17.18
C1 A1H8M YA . 23.79 -29.34 15.36
C2 A1H8M YA . 24.94 -29.06 14.38
C3 A1H8M YA . 25.80 -31.22 14.66
C4 A1H8M YA . 24.00 -30.79 13.17
N21 A1H8M YA . 22.23 -34.13 15.06
N2 A1H8M YA . 25.24 -30.30 13.71
O01 A1H8M YA . 20.62 -31.60 16.91
O21 A1H8M YA . 22.20 -35.09 13.02
O2 A1H8M YA . 23.01 -31.84 16.68
O1 A1H8M YA . 22.40 -29.99 18.33
O3 A1H8M YA . 24.27 -29.45 16.71
O4 A1H8M YA . 24.61 -31.16 18.62
P A1H8M YA . 23.59 -30.63 17.67
C06 A1H8M YA . 15.98 -35.72 13.43
C07 A1H8M YA . 15.34 -37.14 13.28
C08 A1H8M YA . 14.17 -37.27 14.26
C09 A1H8M YA . 13.33 -38.53 13.87
C10 A1H8M YA . 13.26 -38.75 12.34
C11 A1H8M YA . 12.26 -39.91 12.05
C12 A1H8M YA . 11.48 -40.21 13.35
C13 A1H8M YA . 10.37 -41.30 13.20
C24 A1H8M YA . 18.95 -37.07 12.41
C25 A1H8M YA . 18.60 -37.47 10.95
C26 A1H8M YA . 19.18 -38.86 10.56
C27 A1H8M YA . 18.52 -39.51 9.31
C28 A1H8M YA . 18.08 -41.00 9.49
C29 A1H8M YA . 16.95 -41.12 10.55
C30 A1H8M YA . 15.83 -42.15 10.21
C31 A1H8M YA . 15.25 -42.12 8.74
C32 A1H8M YA . 14.11 -43.13 8.51
C23 A1H8M ZA . 22.52 -38.35 15.93
C22 A1H8M ZA . 23.42 -37.30 15.21
C21 A1H8M ZA . 24.51 -36.69 16.14
C7 A1H8M ZA . 26.49 -37.91 14.96
C5 A1H8M ZA . 34.03 -34.81 11.66
C01 A1H8M ZA . 26.10 -39.37 15.22
C02 A1H8M ZA . 25.26 -39.93 14.04
C03 A1H8M ZA . 24.16 -40.56 13.52
C04 A1H8M ZA . 22.78 -41.30 13.59
C05 A1H8M ZA . 21.65 -40.35 13.09
C6 A1H8M ZA . 28.03 -37.76 15.01
C1 A1H8M ZA . 31.37 -35.46 12.93
C2 A1H8M ZA . 31.68 -35.40 11.41
C3 A1H8M ZA . 32.35 -33.09 11.63
C4 A1H8M ZA . 32.92 -34.32 9.63
N21 A1H8M ZA . 25.94 -37.02 15.98
N2 A1H8M ZA . 32.74 -34.40 11.09
O01 A1H8M ZA . 27.23 -40.17 15.34
O21 A1H8M ZA . 24.18 -35.94 17.00
O2 A1H8M ZA . 28.62 -38.30 13.84
O1 A1H8M ZA . 31.05 -38.07 14.70
O3 A1H8M ZA . 30.16 -36.19 13.13
O4 A1H8M ZA . 30.71 -38.63 12.34
P A1H8M ZA . 30.17 -37.82 13.49
C06 A1H8M ZA . 20.25 -41.03 13.13
C07 A1H8M ZA . 20.38 -42.60 13.13
C08 A1H8M ZA . 19.08 -43.30 12.62
C09 A1H8M ZA . 19.23 -43.79 11.14
C10 A1H8M ZA . 18.26 -44.97 10.81
C24 A1H8M ZA . 21.06 -37.84 16.11
C25 A1H8M ZA . 20.05 -39.00 16.31
C26 A1H8M ZA . 18.58 -38.48 16.45
C27 A1H8M ZA . 17.65 -39.11 15.38
C28 A1H8M ZA . 16.47 -39.89 16.01
C29 A1H8M ZA . 16.31 -41.30 15.36
C30 A1H8M ZA . 14.81 -41.66 15.15
C31 A1H8M ZA . 14.65 -43.11 14.58
C32 A1H8M ZA . 13.26 -43.72 14.96
C33 A1H8M ZA . 12.86 -44.89 14.02
C34 A1H8M ZA . 13.97 -45.96 13.91
C23 A1H8M AB . 26.95 -40.55 4.61
C22 A1H8M AB . 28.32 -40.15 5.22
C21 A1H8M AB . 28.46 -38.61 5.22
C7 A1H8M AB . 30.78 -38.45 6.41
C5 A1H8M AB . 37.33 -32.54 7.07
C01 A1H8M AB . 30.62 -38.26 7.92
C02 A1H8M AB . 29.61 -39.30 8.49
C03 A1H8M AB . 28.41 -39.72 8.97
C04 A1H8M AB . 26.91 -39.54 9.39
C05 A1H8M AB . 25.99 -39.76 8.15
C6 A1H8M AB . 32.03 -37.70 5.91
C1 A1H8M AB . 35.16 -33.81 6.47
C2 A1H8M AB . 36.45 -34.64 6.22
C3 A1H8M AB . 38.32 -33.62 5.13
C4 A1H8M AB . 38.63 -34.56 7.28
N21 A1H8M AB . 29.60 -37.87 5.78
N2 A1H8M AB . 37.67 -33.83 6.42
O01 A1H8M AB . 31.85 -38.40 8.54
O21 A1H8M AB . 27.58 -37.95 4.77
O2 A1H8M AB . 32.04 -36.39 6.48
O1 A1H8M AB . 33.68 -35.74 4.58
O3 A1H8M AB . 34.16 -34.70 6.89
O4 A1H8M AB . 32.14 -34.01 5.44
P A1H8M AB . 33.00 -35.19 5.81
C06 A1H8M AB . 25.61 -41.27 7.94
C07 A1H8M AB . 24.10 -41.48 7.58
C08 A1H8M AB . 23.33 -42.18 8.75
C09 A1H8M AB . 21.77 -42.20 8.51
C10 A1H8M AB . 21.40 -42.78 7.11
C11 A1H8M AB . 20.87 -44.24 7.21
C12 A1H8M AB . 19.32 -44.31 7.16
C24 A1H8M AB . 26.82 -40.08 3.13
C25 A1H8M AB . 25.37 -39.63 2.78
C26 A1H8M AB . 24.30 -40.70 3.17
C27 A1H8M AB . 24.37 -41.96 2.26
C28 A1H8M AB . 23.21 -42.95 2.58
C29 A1H8M AB . 21.94 -42.17 3.06
C30 A1H8M AB . 20.90 -42.04 1.90
C31 A1H8M AB . 20.18 -43.39 1.62
C32 A1H8M AB . 19.28 -43.31 0.36
C33 A1H8M AB . 18.77 -44.71 -0.08
C34 A1H8M AB . 18.55 -44.81 -1.61
C23 A1H8M BB . 24.10 -38.56 -12.45
C22 A1H8M BB . 25.33 -38.01 -11.69
C21 A1H8M BB . 25.61 -36.53 -12.08
N21 A1H8M BB . 26.99 -36.03 -12.12
O21 A1H8M BB . 24.70 -35.83 -12.35
C24 A1H8M BB . 23.41 -39.73 -11.70
C25 A1H8M BB . 23.56 -41.10 -12.42
C26 A1H8M BB . 22.26 -41.56 -13.17
C27 A1H8M BB . 21.78 -42.98 -12.75
C28 A1H8M BB . 20.65 -43.54 -13.69
C29 A1H8M BB . 19.42 -44.08 -12.89
C30 A1H8M BB . 18.90 -45.49 -13.33
C31 A1H8M BB . 18.31 -46.32 -12.14
C32 A1H8M BB . 16.75 -46.26 -12.06
C1 CLR CB . 13.80 -27.75 -15.38
C2 CLR CB . 14.85 -26.73 -15.00
C3 CLR CB . 14.47 -25.36 -15.53
C4 CLR CB . 13.17 -24.89 -14.91
C5 CLR CB . 12.13 -25.98 -14.98
C6 CLR CB . 10.89 -25.64 -15.30
C7 CLR CB . 9.69 -26.44 -14.89
C8 CLR CB . 10.03 -27.89 -14.69
C9 CLR CB . 11.39 -28.29 -15.23
C10 CLR CB . 12.49 -27.41 -14.70
C11 CLR CB . 11.67 -29.74 -14.87
C12 CLR CB . 10.58 -30.68 -15.37
C13 CLR CB . 9.26 -30.18 -14.87
C14 CLR CB . 9.07 -28.79 -15.40
C15 CLR CB . 7.58 -28.51 -15.22
C16 CLR CB . 6.93 -29.88 -15.38
C17 CLR CB . 8.04 -30.92 -15.34
C18 CLR CB . 9.27 -30.15 -13.36
C19 CLR CB . 12.61 -27.62 -13.20
C20 CLR CB . 7.67 -32.07 -14.44
C21 CLR CB . 8.52 -33.29 -14.72
C22 CLR CB . 6.22 -32.41 -14.63
C23 CLR CB . 6.09 -33.81 -15.20
C24 CLR CB . 5.41 -34.74 -14.20
C25 CLR CB . 4.05 -35.16 -14.72
C26 CLR CB . 3.18 -33.95 -14.99
C27 CLR CB . 4.20 -36.03 -15.97
O1 CLR CB . 15.45 -24.41 -15.15
C1 CLR DB . 10.94 -29.51 -22.47
C2 CLR DB . 12.30 -29.11 -21.98
C3 CLR DB . 12.22 -27.76 -21.33
C4 CLR DB . 11.41 -27.81 -20.05
C5 CLR DB . 10.13 -28.42 -20.50
C6 CLR DB . 8.97 -27.85 -20.31
C7 CLR DB . 7.84 -28.67 -19.79
C8 CLR DB . 7.96 -30.07 -20.31
C9 CLR DB . 8.83 -30.23 -21.52
C10 CLR DB . 10.19 -29.72 -21.20
C11 CLR DB . 8.90 -31.70 -21.90
C12 CLR DB . 7.62 -32.51 -21.82
C13 CLR DB . 6.76 -31.96 -20.73
C14 CLR DB . 6.68 -30.51 -20.90
C15 CLR DB . 5.47 -30.05 -20.15
C16 CLR DB . 4.64 -31.30 -20.02
C17 CLR DB . 5.35 -32.38 -20.79
C18 CLR DB . 7.33 -32.21 -19.37
C19 CLR DB . 10.90 -30.65 -20.26
C20 CLR DB . 5.21 -33.68 -20.12
C21 CLR DB . 4.90 -34.75 -21.14
C22 CLR DB . 4.12 -33.55 -19.08
C23 CLR DB . 2.77 -33.91 -19.68
C24 CLR DB . 2.24 -35.19 -19.10
C25 CLR DB . 1.25 -35.76 -20.11
C26 CLR DB . 0.30 -36.74 -19.43
C27 CLR DB . 0.52 -34.62 -20.77
O1 CLR DB . 13.55 -27.40 -21.05
C1 CLR EB . 3.39 -25.12 -25.76
C2 CLR EB . 4.79 -24.58 -26.01
C3 CLR EB . 5.56 -24.22 -24.75
C4 CLR EB . 5.72 -25.43 -23.87
C5 CLR EB . 4.33 -25.92 -23.69
C6 CLR EB . 3.79 -25.96 -22.49
C7 CLR EB . 3.12 -27.24 -22.07
C8 CLR EB . 2.45 -27.86 -23.27
C9 CLR EB . 2.20 -26.90 -24.41
C10 CLR EB . 3.53 -26.35 -24.88
C11 CLR EB . 1.48 -27.59 -25.56
C12 CLR EB . 0.29 -28.44 -25.13
C13 CLR EB . 0.65 -29.29 -23.92
C14 CLR EB . 1.11 -28.36 -22.86
C15 CLR EB . 1.07 -29.17 -21.59
C16 CLR EB . -0.07 -30.16 -21.80
C17 CLR EB . -0.46 -30.07 -23.25
C18 CLR EB . 1.79 -30.21 -24.22
C19 CLR EB . 4.22 -27.44 -25.65
C20 CLR EB . -0.60 -31.46 -23.79
C21 CLR EB . -1.37 -31.45 -25.10
C22 CLR EB . -1.30 -32.34 -22.76
C23 CLR EB . -2.38 -33.19 -23.41
C24 CLR EB . -3.67 -33.17 -22.59
C25 CLR EB . -4.87 -33.13 -23.51
C26 CLR EB . -5.43 -31.72 -23.56
C27 CLR EB . -4.50 -33.65 -24.89
O1 CLR EB . 6.86 -23.76 -25.12
C1 CLR FB . 14.65 -33.91 -16.80
C2 CLR FB . 15.21 -32.56 -16.39
C3 CLR FB . 15.47 -31.69 -17.61
C4 CLR FB . 14.17 -31.41 -18.33
C5 CLR FB . 13.61 -32.75 -18.67
C6 CLR FB . 13.35 -33.11 -19.92
C7 CLR FB . 12.10 -33.87 -20.25
C8 CLR FB . 11.65 -34.58 -18.98
C9 CLR FB . 12.83 -34.95 -18.12
C10 CLR FB . 13.34 -33.67 -17.54
C11 CLR FB . 12.53 -35.93 -16.97
C12 CLR FB . 11.43 -36.95 -17.25
C13 CLR FB . 10.31 -36.30 -18.02
C14 CLR FB . 10.88 -35.83 -19.29
C15 CLR FB . 9.71 -35.66 -20.23
C16 CLR FB . 8.69 -36.66 -19.74
C17 CLR FB . 9.19 -37.21 -18.42
C18 CLR FB . 9.72 -35.13 -17.26
C19 CLR FB . 12.32 -33.02 -16.65
C20 CLR FB . 8.09 -37.22 -17.38
C21 CLR FB . 8.36 -38.29 -16.34
C22 CLR FB . 6.77 -37.47 -18.07
C23 CLR FB . 6.69 -38.92 -18.53
C24 CLR FB . 5.31 -39.23 -19.11
C25 CLR FB . 4.84 -40.57 -18.58
C26 CLR FB . 5.35 -40.79 -17.16
C27 CLR FB . 3.31 -40.68 -18.64
O1 CLR FB . 16.05 -30.46 -17.18
C23 A1H8M GB . 3.20 -17.44 -26.42
C22 A1H8M GB . 4.37 -16.44 -26.31
C21 A1H8M GB . 4.31 -15.38 -27.44
C7 A1H8M GB . 3.40 -13.62 -25.82
C5 A1H8M GB . 9.68 -12.33 -29.28
C01 A1H8M GB . 1.91 -13.65 -25.53
C02 A1H8M GB . 1.40 -15.00 -25.02
C03 A1H8M GB . 0.63 -15.81 -24.23
C04 A1H8M GB . -0.39 -16.18 -23.11
C05 A1H8M GB . -0.93 -17.62 -23.42
C6 A1H8M GB . 3.86 -12.16 -25.73
C1 A1H8M GB . 8.01 -11.70 -27.41
C2 A1H8M GB . 7.34 -12.20 -28.69
C3 A1H8M GB . 8.07 -13.64 -30.43
C4 A1H8M GB . 8.13 -11.27 -30.71
N21 A1H8M GB . 3.81 -14.03 -27.16
N2 A1H8M GB . 8.31 -12.36 -29.77
O01 A1H8M GB . 1.67 -12.82 -24.46
O21 A1H8M GB . 4.65 -15.67 -28.53
O2 A1H8M GB . 5.10 -12.02 -26.41
O1 A1H8M GB . 5.27 -9.63 -25.58
O3 A1H8M GB . 7.24 -10.60 -27.00
O4 A1H8M GB . 6.78 -11.13 -24.62
P A1H8M GB . 6.09 -10.83 -25.88
C06 A1H8M GB . -1.83 -18.22 -22.30
C07 A1H8M GB . -2.18 -19.73 -22.58
C08 A1H8M GB . -2.70 -20.46 -21.32
C09 A1H8M GB . -4.26 -20.71 -21.38
C10 A1H8M GB . -4.66 -21.77 -22.44
C11 A1H8M GB . -6.20 -21.76 -22.71
C12 A1H8M GB . -6.96 -22.79 -21.82
C13 A1H8M GB . -8.49 -22.56 -21.83
C14 A1H8M GB . -9.05 -22.51 -23.27
C15 A1H8M GB . -9.91 -23.73 -23.64
C16 A1H8M GB . -11.33 -23.32 -24.08
C24 A1H8M GB . 3.60 -18.90 -26.12
C25 A1H8M GB . 2.47 -19.60 -25.34
C26 A1H8M GB . 1.90 -20.81 -26.13
C27 A1H8M GB . 1.84 -22.07 -25.23
C28 A1H8M GB . 0.47 -22.23 -24.52
C29 A1H8M GB . -0.22 -23.55 -24.93
C30 A1H8M GB . -1.54 -23.73 -24.14
C31 A1H8M GB . -2.11 -25.17 -24.29
C32 A1H8M GB . -3.13 -25.48 -23.16
C33 A1H8M GB . -4.40 -26.20 -23.67
C34 A1H8M GB . -4.10 -27.67 -24.09
C35 A1H8M GB . -5.41 -28.42 -24.43
C23 A1H8M HB . 14.42 -29.81 -24.90
C22 A1H8M HB . 14.57 -28.30 -25.23
C21 A1H8M HB . 15.64 -28.04 -26.31
C7 A1H8M HB . 15.58 -25.47 -26.01
C5 A1H8M HB . 22.00 -23.08 -27.39
C01 A1H8M HB . 14.56 -25.01 -27.01
C02 A1H8M HB . 13.19 -24.84 -26.32
C03 A1H8M HB . 11.89 -25.16 -26.23
C04 A1H8M HB . 10.65 -25.96 -26.70
C05 A1H8M HB . 10.30 -27.06 -25.63
C6 A1H8M HB . 16.63 -24.35 -25.86
C1 A1H8M HB . 19.48 -21.88 -24.82
C2 A1H8M HB . 20.43 -22.84 -25.59
C3 A1H8M HB . 19.86 -22.26 -27.85
C4 A1H8M HB . 21.37 -20.93 -26.60
N21 A1H8M HB . 16.10 -26.67 -26.63
N2 A1H8M HB . 20.91 -22.27 -26.85
O01 A1H8M HB . 14.97 -23.79 -27.50
O21 A1H8M HB . 16.11 -28.96 -26.88
O2 A1H8M HB . 15.99 -23.16 -25.40
O1 A1H8M HB . 16.05 -20.62 -25.31
O3 A1H8M HB . 18.32 -21.77 -25.59
O4 A1H8M HB . 16.95 -21.77 -23.46
P A1H8M HB . 16.82 -21.82 -24.92
C06 A1H8M HB . 9.54 -28.25 -26.29
C07 A1H8M HB . 8.09 -28.39 -25.74
C08 A1H8M HB . 7.52 -29.78 -26.09
C09 A1H8M HB . 6.16 -30.07 -25.37
C10 A1H8M HB . 5.41 -31.25 -26.05
C11 A1H8M HB . 4.55 -32.03 -25.01
C12 A1H8M HB . 3.87 -33.27 -25.63
C13 A1H8M HB . 2.33 -33.11 -25.69
C14 A1H8M HB . 1.60 -34.03 -24.67
C15 A1H8M HB . 1.61 -35.51 -25.12
C16 A1H8M HB . 1.43 -36.47 -23.93
C24 A1H8M HB . 13.05 -30.39 -25.34
C25 A1H8M HB . 13.18 -31.40 -26.51
C26 A1H8M HB . 11.79 -31.93 -26.99
C27 A1H8M HB . 11.40 -33.30 -26.34
C28 A1H8M HB . 9.92 -33.33 -25.86
C29 A1H8M HB . 8.96 -33.85 -26.98
C30 A1H8M HB . 8.47 -35.31 -26.73
C31 A1H8M HB . 6.97 -35.39 -26.28
C32 A1H8M HB . 6.79 -35.87 -24.80
C33 A1H8M HB . 5.93 -37.16 -24.70
C23 A1H8M IB . 24.82 -32.66 -21.27
C22 A1H8M IB . 25.36 -31.31 -20.69
C21 A1H8M IB . 25.28 -30.20 -21.76
C7 A1H8M IB . 24.09 -29.44 -23.94
C5 A1H8M IB . 30.76 -23.85 -26.90
C01 A1H8M IB . 23.40 -30.30 -24.98
C02 A1H8M IB . 22.04 -30.77 -24.41
C03 A1H8M IB . 20.71 -31.02 -24.46
C04 A1H8M IB . 19.29 -31.07 -25.10
C05 A1H8M IB . 18.74 -32.53 -24.99
C6 A1H8M IB . 25.45 -28.89 -24.41
C1 A1H8M IB . 28.07 -25.08 -24.70
C2 A1H8M IB . 29.52 -24.97 -25.20
C3 A1H8M IB . 29.28 -22.63 -25.53
C4 A1H8M IB . 28.42 -24.21 -27.06
N21 A1H8M IB . 24.31 -30.37 -22.85
N2 A1H8M IB . 29.51 -23.90 -26.17
O01 A1H8M IB . 23.10 -29.60 -26.12
O21 A1H8M IB . 25.97 -29.24 -21.68
O2 A1H8M IB . 25.25 -27.85 -25.36
O1 A1H8M IB . 25.45 -25.54 -26.35
O3 A1H8M IB . 27.50 -26.31 -25.08
O4 A1H8M IB . 25.31 -25.63 -23.96
P A1H8M IB . 25.87 -26.32 -25.16
C06 A1H8M IB . 17.32 -32.62 -24.35
C07 A1H8M IB . 16.83 -34.10 -24.12
C08 A1H8M IB . 15.46 -34.17 -23.39
C09 A1H8M IB . 14.65 -35.48 -23.74
C10 A1H8M IB . 14.06 -36.20 -22.47
C11 A1H8M IB . 12.99 -37.27 -22.84
C12 A1H8M IB . 11.80 -36.69 -23.69
C13 A1H8M IB . 10.38 -37.15 -23.22
C14 A1H8M IB . 10.45 -38.38 -22.29
C15 A1H8M IB . 10.43 -39.70 -23.09
C24 A1H8M IB . 23.76 -33.31 -20.34
C25 A1H8M IB . 22.31 -33.05 -20.84
C26 A1H8M IB . 21.29 -34.09 -20.30
C27 A1H8M IB . 20.61 -34.88 -21.44
C23 A1H8M JB . 8.73 -24.48 -28.76
C22 A1H8M JB . 8.52 -22.99 -28.32
C21 A1H8M JB . 8.92 -22.05 -29.49
C7 A1H8M JB . 7.70 -19.87 -28.75
C5 A1H8M JB . 14.76 -21.38 -31.11
C01 A1H8M JB . 6.55 -19.34 -29.58
C02 A1H8M JB . 5.49 -20.45 -29.72
C03 A1H8M JB . 4.63 -21.33 -29.16
C04 A1H8M JB . 3.54 -22.46 -29.18
C05 A1H8M JB . 2.50 -22.12 -30.29
C6 A1H8M JB . 8.47 -18.68 -28.11
C1 A1H8M JB . 11.70 -19.44 -30.22
C2 A1H8M JB . 12.92 -19.88 -31.07
C3 A1H8M JB . 12.63 -22.16 -30.45
C4 A1H8M JB . 13.79 -20.71 -29.00
N21 A1H8M JB . 8.55 -20.63 -29.65
N2 A1H8M JB . 13.54 -21.02 -30.39
O01 A1H8M JB . 5.97 -18.24 -28.96
O21 A1H8M JB . 9.60 -22.52 -30.34
O2 A1H8M JB . 9.22 -17.94 -29.06
O1 A1H8M JB . 11.21 -18.45 -27.57
O3 A1H8M JB . 11.75 -18.05 -29.99
O4 A1H8M JB . 11.01 -16.22 -28.16
P A1H8M JB . 10.81 -17.60 -28.73
C06 A1H8M JB . 1.58 -23.35 -30.53
C07 A1H8M JB . 0.46 -23.41 -29.44
C08 A1H8M JB . 0.30 -24.87 -28.92
C09 A1H8M JB . -1.20 -25.19 -28.63
C10 A1H8M JB . -1.44 -26.70 -28.45
C11 A1H8M JB . -2.61 -27.20 -29.34
C12 A1H8M JB . -2.84 -28.72 -29.12
C13 A1H8M JB . -3.87 -28.99 -28.01
C14 A1H8M JB . -4.76 -30.22 -28.33
C15 A1H8M JB . -5.79 -30.47 -27.21
C24 A1H8M JB . 7.53 -24.96 -29.61
C25 A1H8M JB . 6.92 -26.20 -28.92
C26 A1H8M JB . 5.40 -26.20 -29.10
C27 A1H8M JB . 4.97 -27.59 -29.64
C28 A1H8M JB . 3.43 -27.75 -29.54
C29 A1H8M JB . 3.12 -28.84 -28.50
C30 A1H8M JB . 2.40 -30.02 -29.19
C31 A1H8M JB . 0.99 -30.23 -28.57
C32 A1H8M JB . 0.55 -31.70 -28.62
C33 A1H8M JB . -0.96 -31.85 -28.28
C34 A1H8M JB . -1.36 -33.29 -27.86
C35 A1H8M JB . -2.89 -33.50 -27.93
C23 A1H8M KB . 16.36 -30.08 -31.59
C22 A1H8M KB . 17.42 -29.38 -32.48
C21 A1H8M KB . 18.39 -28.51 -31.63
C7 A1H8M KB . 18.79 -26.38 -30.31
C5 A1H8M KB . 24.39 -26.93 -34.73
C01 A1H8M KB . 18.00 -25.20 -29.75
C02 A1H8M KB . 16.74 -24.92 -30.60
C03 A1H8M KB . 15.44 -25.08 -30.98
C04 A1H8M KB . 14.01 -25.70 -30.87
C05 A1H8M KB . 14.12 -27.21 -31.25
C6 A1H8M KB . 19.96 -25.91 -31.20
C1 A1H8M KB . 22.63 -25.55 -33.61
C2 A1H8M KB . 23.56 -24.67 -34.45
C3 A1H8M KB . 25.87 -25.09 -35.03
C4 A1H8M KB . 24.11 -25.47 -36.62
N21 A1H8M KB . 17.91 -27.23 -31.10
N2 A1H8M KB . 24.48 -25.54 -35.21
O01 A1H8M KB . 17.60 -25.51 -28.47
O21 A1H8M KB . 19.49 -28.89 -31.41
O2 A1H8M KB . 19.93 -24.51 -31.39
O1 A1H8M KB . 20.08 -22.87 -33.36
O3 A1H8M KB . 21.32 -25.02 -33.69
O4 A1H8M KB . 22.10 -23.25 -32.00
P A1H8M KB . 20.88 -23.88 -32.59
C06 A1H8M KB . 13.47 -28.14 -30.17
C07 A1H8M KB . 11.92 -28.09 -30.26
C08 A1H8M KB . 11.28 -29.36 -29.62
C09 A1H8M KB . 9.99 -29.82 -30.37
C10 A1H8M KB . 9.06 -30.65 -29.43
C11 A1H8M KB . 8.69 -32.02 -30.06
C12 A1H8M KB . 7.23 -32.02 -30.58
C13 A1H8M KB . 6.24 -32.61 -29.55
C14 A1H8M KB . 5.23 -33.57 -30.20
C15 A1H8M KB . 4.90 -34.80 -29.32
C16 A1H8M KB . 3.39 -35.13 -29.33
C24 A1H8M KB . 16.08 -31.53 -32.06
C25 A1H8M KB . 15.86 -32.48 -30.85
C26 A1H8M KB . 14.58 -32.12 -30.02
C27 A1H8M KB . 13.59 -33.31 -29.91
C28 A1H8M KB . 12.64 -33.41 -31.14
C29 A1H8M KB . 11.65 -34.60 -30.98
C7 A1H8M LB . 2.17 -14.00 -16.48
C5 A1H8M LB . 9.54 -12.59 -18.69
C01 A1H8M LB . 2.26 -14.94 -17.68
C02 A1H8M LB . 0.94 -15.00 -18.49
C03 A1H8M LB . -0.22 -15.64 -18.81
C04 A1H8M LB . -1.26 -16.81 -18.62
C05 A1H8M LB . -0.61 -18.05 -17.94
C6 A1H8M LB . 3.56 -13.34 -16.20
C1 A1H8M LB . 6.82 -13.27 -16.22
C2 A1H8M LB . 7.86 -12.35 -16.91
C3 A1H8M LB . 7.39 -11.80 -19.12
C4 A1H8M LB . 7.72 -14.15 -18.43
N21 A1H8M LB . 1.73 -14.72 -15.27
N2 A1H8M LB . 8.14 -12.75 -18.30
O01 A1H8M LB . 3.24 -14.50 -18.53
O2 A1H8M LB . 4.09 -13.78 -14.94
O1 A1H8M LB . 5.46 -13.42 -12.72
O3 A1H8M LB . 6.72 -12.85 -14.87
O4 A1H8M LB . 4.74 -11.47 -13.94
P A1H8M LB . 5.24 -12.89 -14.12
C06 A1H8M LB . -1.35 -19.36 -18.31
C07 A1H8M LB . -2.77 -19.64 -17.64
C08 A1H8M LB . -3.28 -21.06 -18.05
C09 A1H8M LB . -4.82 -21.38 -18.11
C10 A1H8M LB . -5.07 -22.90 -17.78
C11 A1H8M LB . -6.14 -23.69 -18.60
C12 A1H8M LB . -5.47 -24.93 -19.25
C13 A1H8M LB . -6.31 -26.23 -19.35
C14 A1H8M LB . -7.65 -26.07 -20.06
C15 A1H8M LB . -7.74 -26.79 -21.42
C16 A1H8M LB . -8.61 -28.06 -21.42
C23 A1H8M MB . 10.39 -24.40 -32.84
C22 A1H8M MB . 10.27 -24.04 -34.35
C21 A1H8M MB . 11.51 -23.31 -34.90
C7 A1H8M MB . 12.67 -25.54 -35.36
C5 A1H8M MB . 16.25 -20.81 -37.57
C01 A1H8M MB . 13.97 -25.99 -34.72
C02 A1H8M MB . 14.09 -27.53 -34.87
C03 A1H8M MB . 13.60 -28.79 -34.88
C04 A1H8M MB . 12.45 -29.84 -34.76
C05 A1H8M MB . 11.12 -29.20 -35.28
C6 A1H8M MB . 12.68 -26.11 -36.79
C1 A1H8M MB . 15.91 -23.58 -38.29
C2 A1H8M MB . 16.84 -22.60 -39.05
C3 A1H8M MB . 18.23 -20.62 -38.85
C4 A1H8M MB . 18.10 -22.24 -37.04
N21 A1H8M MB . 12.66 -24.08 -35.39
N2 A1H8M MB . 17.38 -21.57 -38.12
O01 A1H8M MB . 15.00 -25.34 -35.39
O21 A1H8M MB . 11.53 -22.12 -34.94
O2 A1H8M MB . 13.48 -25.26 -37.58
O1 A1H8M MB . 15.49 -26.88 -37.70
O3 A1H8M MB . 15.65 -24.71 -39.13
O4 A1H8M MB . 14.06 -26.70 -39.68
P A1H8M MB . 14.67 -25.93 -38.54
C06 A1H8M MB . 9.85 -29.95 -34.74
C07 A1H8M MB . 9.58 -31.28 -35.53
C08 A1H8M MB . 8.73 -32.31 -34.71
C09 A1H8M MB . 9.59 -33.02 -33.62
C10 A1H8M MB . 9.21 -34.53 -33.43
C11 A1H8M MB . 7.75 -34.71 -32.90
C12 A1H8M MB . 7.62 -35.93 -31.95
C24 A1H8M MB . 10.07 -25.90 -32.61
C25 A1H8M MB . 9.17 -26.45 -33.74
C26 A1H8M MB . 7.66 -26.38 -33.35
C27 A1H8M MB . 6.87 -27.64 -33.82
C28 A1H8M MB . 6.78 -28.70 -32.70
C29 A1H8M MB . 5.87 -29.89 -33.14
C30 A1H8M MB . 4.57 -29.97 -32.29
C31 A1H8M MB . 3.84 -31.33 -32.44
C32 A1H8M MB . 2.47 -31.18 -33.18
C33 A1H8M MB . 1.44 -32.23 -32.71
C34 A1H8M MB . 2.12 -33.59 -32.37
C23 A1H8M NB . 19.82 -33.84 -16.41
C22 A1H8M NB . 21.15 -33.93 -15.60
C21 A1H8M NB . 22.37 -33.26 -16.28
C7 A1H8M NB . 23.92 -33.11 -14.22
C5 A1H8M NB . 25.71 -27.70 -18.14
C01 A1H8M NB . 23.01 -32.29 -13.30
C02 A1H8M NB . 22.11 -33.30 -12.53
C03 A1H8M NB . 20.91 -33.81 -12.14
C04 A1H8M NB . 19.36 -33.87 -12.13
C05 A1H8M NB . 18.95 -35.08 -12.99
C6 A1H8M NB . 25.38 -32.66 -14.02
C1 A1H8M NB . 25.49 -28.35 -14.49
C2 A1H8M NB . 25.81 -27.54 -15.76
C3 A1H8M NB . 26.47 -29.48 -16.90
C4 A1H8M NB . 24.18 -28.87 -16.72
N21 A1H8M NB . 23.63 -32.91 -15.62
N2 A1H8M NB . 25.52 -28.39 -16.89
O01 A1H8M NB . 23.72 -31.52 -12.39
O21 A1H8M NB . 22.28 -33.07 -17.43
O2 A1H8M NB . 25.44 -31.25 -14.06
O1 A1H8M NB . 26.13 -30.24 -11.82
O3 A1H8M NB . 26.67 -28.85 -13.87
O4 A1H8M NB . 27.94 -31.04 -13.37
P A1H8M NB . 26.60 -30.38 -13.24
C06 A1H8M NB . 17.58 -34.86 -13.71
C07 A1H8M NB . 16.86 -36.22 -13.98
C08 A1H8M NB . 16.52 -36.89 -12.64
C09 A1H8M NB . 15.51 -38.05 -12.90
C10 A1H8M NB . 14.51 -37.72 -14.03
C11 A1H8M NB . 13.44 -38.86 -14.09
C12 A1H8M NB . 13.59 -39.73 -12.81
C13 A1H8M NB . 12.52 -40.86 -12.68
C24 A1H8M NB . 19.17 -35.22 -16.70
C25 A1H8M NB . 17.97 -35.13 -17.68
C26 A1H8M NB . 18.07 -36.18 -18.84
C27 A1H8M NB . 16.71 -36.43 -19.57
C28 A1H8M NB . 16.36 -37.94 -19.76
C29 A1H8M NB . 16.10 -38.63 -18.39
C30 A1H8M NB . 14.91 -39.64 -18.37
C31 A1H8M NB . 13.57 -39.19 -19.04
C32 A1H8M NB . 12.44 -40.23 -18.92
C23 A1H8M OB . 24.02 -37.04 -16.80
C22 A1H8M OB . 24.38 -35.67 -17.44
C21 A1H8M OB . 25.86 -35.25 -17.20
C7 A1H8M OB . 26.59 -35.62 -19.67
C5 A1H8M OB . 30.79 -30.31 -25.28
C01 A1H8M OB . 26.31 -37.12 -19.83
C02 A1H8M OB . 24.87 -37.35 -20.37
C03 A1H8M OB . 23.64 -37.93 -20.34
C04 A1H8M OB . 22.53 -38.88 -19.75
C05 A1H8M OB . 21.42 -38.01 -19.08
C6 A1H8M OB . 27.85 -35.23 -20.50
C1 A1H8M OB . 29.42 -31.81 -23.06
C2 A1H8M OB . 28.73 -31.15 -24.30
C3 A1H8M OB . 29.61 -28.99 -23.66
C4 A1H8M OB . 28.72 -29.32 -25.87
N21 A1H8M OB . 26.86 -35.25 -18.29
N2 A1H8M OB . 29.46 -29.95 -24.77
O01 A1H8M OB . 27.20 -37.70 -20.71
O21 A1H8M OB . 26.19 -34.93 -16.11
O2 A1H8M OB . 27.55 -35.21 -21.88
O1 A1H8M OB . 30.01 -34.89 -22.63
O3 A1H8M OB . 28.52 -32.75 -22.48
O4 A1H8M OB . 28.25 -34.62 -24.31
P A1H8M OB . 28.60 -34.38 -22.86
C06 A1H8M OB . 20.29 -38.90 -18.48
C07 A1H8M OB . 20.24 -40.32 -19.15
C08 A1H8M OB . 18.85 -41.00 -19.02
C09 A1H8M OB . 18.02 -40.90 -20.34
C10 A1H8M OB . 16.95 -42.04 -20.47
C24 A1H8M OB . 23.02 -36.89 -15.63
C25 A1H8M OB . 22.24 -38.20 -15.32
C26 A1H8M OB . 21.22 -38.03 -14.16
C27 A1H8M OB . 19.77 -38.37 -14.60
C28 A1H8M OB . 19.16 -39.52 -13.76
C29 A1H8M OB . 18.51 -40.62 -14.67
C30 A1H8M OB . 17.17 -41.12 -14.08
C31 A1H8M OB . 16.57 -42.28 -14.93
C32 A1H8M OB . 15.65 -43.21 -14.08
C33 A1H8M OB . 14.66 -44.03 -14.95
C34 A1H8M OB . 15.37 -44.78 -16.11
C23 A1H8M PB . 20.40 -34.28 -28.31
C22 A1H8M PB . 21.90 -33.90 -28.53
C21 A1H8M PB . 22.14 -32.46 -28.01
C7 A1H8M PB . 24.70 -32.34 -28.48
C5 A1H8M PB . 30.79 -26.02 -29.62
C01 A1H8M PB . 25.51 -32.72 -27.24
C02 A1H8M PB . 24.98 -34.06 -26.64
C03 A1H8M PB . 24.29 -34.82 -25.75
C04 A1H8M PB . 23.38 -35.06 -24.50
C05 A1H8M PB . 21.88 -34.98 -24.92
C6 A1H8M PB . 25.46 -31.25 -29.28
C1 A1H8M PB . 28.61 -27.34 -29.25
C2 A1H8M PB . 29.39 -27.79 -30.50
C3 A1H8M PB . 30.31 -26.15 -31.99
C4 A1H8M PB . 31.77 -27.73 -31.02
N21 A1H8M PB . 23.45 -31.78 -28.02
N2 A1H8M PB . 30.56 -26.92 -30.77
O01 A1H8M PB . 26.85 -32.86 -27.58
O21 A1H8M PB . 21.24 -31.84 -27.56
O2 A1H8M PB . 25.92 -30.25 -28.38
O1 A1H8M PB . 26.12 -28.70 -30.45
O3 A1H8M PB . 28.00 -28.48 -28.70
O4 A1H8M PB . 25.59 -27.67 -28.27
P A1H8M PB . 26.38 -28.75 -28.97
C06 A1H8M PB . 21.32 -36.35 -25.42
C07 A1H8M PB . 19.89 -36.68 -24.86
C08 A1H8M PB . 19.92 -37.86 -23.84
C09 A1H8M PB . 18.56 -38.07 -23.10
C10 A1H8M PB . 17.36 -38.17 -24.10
C11 A1H8M PB . 16.87 -39.63 -24.28
C12 A1H8M PB . 15.61 -39.95 -23.42
C24 A1H8M PB . 19.44 -33.35 -29.08
C25 A1H8M PB . 18.13 -33.05 -28.30
C26 A1H8M PB . 17.43 -34.36 -27.81
C27 A1H8M PB . 16.81 -35.18 -28.97
C28 A1H8M PB . 16.01 -36.39 -28.43
C29 A1H8M PB . 15.37 -36.07 -27.06
C30 A1H8M PB . 13.86 -35.72 -27.20
C31 A1H8M PB . 13.00 -36.98 -27.49
C32 A1H8M PB . 11.52 -36.61 -27.82
C33 A1H8M PB . 10.73 -37.83 -28.37
C34 A1H8M PB . 9.62 -37.42 -29.37
C23 A1H8M QB . 7.93 -26.87 -37.93
C22 A1H8M QB . 9.41 -26.42 -37.91
C21 A1H8M QB . 9.53 -24.87 -37.78
N21 A1H8M QB . 10.64 -24.16 -38.43
O21 A1H8M QB . 8.71 -24.29 -37.16
C24 A1H8M QB . 7.75 -28.33 -37.44
C25 A1H8M QB . 7.30 -29.31 -38.55
C26 A1H8M QB . 5.78 -29.68 -38.49
C27 A1H8M QB . 5.52 -31.22 -38.45
C28 A1H8M QB . 4.02 -31.60 -38.68
C29 A1H8M QB . 3.48 -32.59 -37.59
C30 A1H8M QB . 2.68 -33.81 -38.14
C31 A1H8M QB . 2.86 -35.09 -37.27
C32 A1H8M QB . 1.69 -35.34 -36.26
C1 CLR RB . -0.99 -17.65 -29.74
C2 CLR RB . 0.16 -16.67 -29.69
C3 CLR RB . -0.35 -15.29 -29.32
C4 CLR RB . -0.95 -15.31 -27.93
C5 CLR RB . -1.90 -16.46 -27.78
C6 CLR RB . -3.05 -16.25 -27.14
C7 CLR RB . -3.82 -17.32 -26.44
C8 CLR RB . -3.55 -18.68 -27.08
C9 CLR RB . -2.85 -18.62 -28.41
C10 CLR RB . -1.58 -17.81 -28.35
C11 CLR RB . -2.53 -20.03 -28.88
C12 CLR RB . -3.78 -20.91 -28.96
C13 CLR RB . -4.48 -20.85 -27.63
C14 CLR RB . -4.83 -19.42 -27.35
C15 CLR RB . -5.86 -19.48 -26.24
C16 CLR RB . -6.59 -20.79 -26.49
C17 CLR RB . -5.79 -21.57 -27.52
C18 CLR RB . -3.55 -21.35 -26.55
C19 CLR RB . -0.59 -18.51 -27.44
C20 CLR RB . -5.64 -23.01 -27.10
C21 CLR RB . -5.25 -23.88 -28.28
C22 CLR RB . -6.93 -23.50 -26.50
C23 CLR RB . -7.50 -24.61 -27.37
C24 CLR RB . -7.51 -25.93 -26.63
C25 CLR RB . -8.93 -26.37 -26.35
C26 CLR RB . -9.68 -25.31 -25.56
C27 CLR RB . -9.65 -26.70 -27.65
O1 CLR RB . 0.75 -14.39 -29.26
C1 CLR SB . -7.72 -17.25 -33.75
C2 CLR SB . -6.33 -16.82 -34.04
C3 CLR SB . -5.87 -15.82 -33.01
C4 CLR SB . -5.73 -16.46 -31.65
C5 CLR SB . -7.06 -17.08 -31.44
C6 CLR SB . -7.81 -16.82 -30.41
C7 CLR SB . -8.46 -17.95 -29.68
C8 CLR SB . -8.81 -19.03 -30.66
C9 CLR SB . -8.87 -18.60 -32.09
C10 CLR SB . -7.56 -18.02 -32.47
C11 CLR SB . -9.18 -19.80 -32.96
C12 CLR SB . -10.22 -20.80 -32.46
C13 CLR SB . -10.18 -20.83 -30.98
C14 CLR SB . -10.22 -19.45 -30.49
C15 CLR SB . -10.67 -19.50 -29.07
C16 CLR SB . -11.36 -20.83 -28.97
C17 CLR SB . -11.36 -21.44 -30.34
C18 CLR SB . -8.93 -21.43 -30.44
C19 CLR SB . -6.51 -19.08 -32.59
C20 CLR SB . -11.18 -22.89 -30.28
C21 CLR SB . -12.14 -23.56 -31.24
C22 CLR SB . -11.40 -23.33 -28.85
C23 CLR SB . -12.85 -23.67 -28.62
C24 CLR SB . -13.04 -25.15 -28.38
C25 CLR SB . -14.47 -25.49 -28.73
C26 CLR SB . -14.91 -26.78 -28.07
C27 CLR SB . -15.36 -24.32 -28.33
O1 CLR SB . -4.62 -15.35 -33.47
C1 CLR TB . -15.28 -13.33 -29.92
C2 CLR TB . -14.29 -12.50 -30.71
C3 CLR TB . -12.89 -12.49 -30.13
C4 CLR TB . -12.32 -13.89 -30.08
C5 CLR TB . -13.36 -14.64 -29.31
C6 CLR TB . -13.05 -15.20 -28.16
C7 CLR TB . -13.44 -16.63 -27.95
C8 CLR TB . -14.75 -16.90 -28.65
C9 CLR TB . -15.56 -15.65 -28.94
C10 CLR TB . -14.75 -14.75 -29.84
C11 CLR TB . -16.88 -16.00 -29.59
C12 CLR TB . -17.64 -17.14 -28.90
C13 CLR TB . -16.70 -18.28 -28.58
C14 CLR TB . -15.60 -17.73 -27.74
C15 CLR TB . -14.93 -18.93 -27.14
C16 CLR TB . -16.05 -19.96 -27.00
C17 CLR TB . -17.24 -19.43 -27.77
C18 CLR TB . -16.07 -18.83 -29.84
C19 CLR TB . -14.77 -15.36 -31.22
C20 CLR TB . -17.79 -20.54 -28.59
C21 CLR TB . -19.20 -20.19 -29.06
C22 CLR TB . -17.81 -21.83 -27.79
C23 CLR TB . -19.12 -22.57 -27.93
C24 CLR TB . -19.63 -23.07 -26.58
C25 CLR TB . -21.13 -22.90 -26.50
C26 CLR TB . -21.48 -21.69 -25.67
C27 CLR TB . -21.73 -22.83 -27.90
O1 CLR TB . -12.05 -11.71 -30.99
C1 CLR UB . -1.75 -22.66 -33.61
C2 CLR UB . -0.94 -21.47 -33.14
C3 CLR UB . -1.39 -20.20 -33.82
C4 CLR UB . -2.83 -19.90 -33.45
C5 CLR UB . -3.60 -21.11 -33.87
C6 CLR UB . -4.60 -21.05 -34.75
C7 CLR UB . -5.85 -21.84 -34.53
C8 CLR UB . -5.49 -23.02 -33.63
C9 CLR UB . -4.07 -23.46 -33.87
C10 CLR UB . -3.20 -22.41 -33.28
C11 CLR UB . -3.69 -24.82 -33.26
C12 CLR UB . -4.81 -25.85 -33.20
C13 CLR UB . -6.11 -25.17 -32.83
C14 CLR UB . -6.40 -24.18 -33.89
C15 CLR UB . -7.88 -23.90 -33.80
C16 CLR UB . -8.48 -25.17 -33.23
C17 CLR UB . -7.32 -26.05 -32.79
C18 CLR UB . -6.02 -24.46 -31.49
C19 CLR UB . -3.40 -22.30 -31.78
C20 CLR UB . -7.55 -26.63 -31.42
C21 CLR UB . -6.81 -27.93 -31.25
C22 CLR UB . -9.04 -26.83 -31.21
C23 CLR UB . -9.52 -28.01 -32.06
C24 CLR UB . -10.97 -28.33 -31.77
C25 CLR UB . -11.15 -29.83 -31.63
C26 CLR UB . -9.91 -30.45 -31.01
C27 CLR UB . -12.40 -30.17 -30.81
O1 CLR UB . -0.57 -19.12 -33.38
C23 A1H8M VB . -15.16 -6.07 -27.31
C22 A1H8M VB . -14.08 -4.99 -27.54
C21 A1H8M VB . -14.72 -3.63 -27.89
C7 A1H8M VB . -14.29 -2.75 -25.53
C5 A1H8M VB . -11.34 0.75 -31.21
C01 A1H8M VB . -15.28 -3.12 -24.45
C02 A1H8M VB . -15.50 -4.63 -24.31
C03 A1H8M VB . -15.69 -5.80 -23.61
C04 A1H8M VB . -15.85 -6.71 -22.35
C05 A1H8M VB . -16.59 -8.01 -22.81
C6 A1H8M VB . -13.74 -1.35 -25.18
C1 A1H8M VB . -11.45 0.37 -28.65
C2 A1H8M VB . -12.81 0.26 -29.35
C3 A1H8M VB . -13.42 -0.32 -31.57
C4 A1H8M VB . -13.33 1.97 -30.90
N21 A1H8M VB . -14.82 -2.58 -26.88
N2 A1H8M VB . -12.71 0.66 -30.76
O01 A1H8M VB . -14.75 -2.79 -23.23
O21 A1H8M VB . -15.14 -3.45 -28.98
O2 A1H8M VB . -13.17 -0.77 -26.34
O1 A1H8M VB . -12.31 1.16 -24.93
O3 A1H8M VB . -11.72 1.11 -27.48
O4 A1H8M VB . -10.67 -0.31 -25.73
P A1H8M VB . -11.96 0.30 -26.10
C06 A1H8M VB . -16.68 -9.11 -21.71
C07 A1H8M VB . -17.26 -10.46 -22.28
C08 A1H8M VB . -16.96 -11.67 -21.36
C09 A1H8M VB . -18.25 -12.14 -20.58
C10 A1H8M VB . -19.30 -12.82 -21.50
C11 A1H8M VB . -20.67 -12.97 -20.78
C12 A1H8M VB . -20.82 -14.36 -20.09
C13 A1H8M VB . -22.02 -14.41 -19.11
C14 A1H8M VB . -23.33 -13.94 -19.77
C15 A1H8M VB . -24.35 -15.08 -19.99
C16 A1H8M VB . -25.70 -14.79 -19.31
C24 A1H8M VB . -14.78 -7.45 -27.89
C25 A1H8M VB . -15.27 -8.57 -26.95
C26 A1H8M VB . -16.31 -9.49 -27.63
C27 A1H8M VB . -15.92 -10.98 -27.46
C28 A1H8M VB . -16.57 -11.61 -26.20
C29 A1H8M VB . -17.49 -12.80 -26.57
C30 A1H8M VB . -18.05 -13.48 -25.32
C31 A1H8M VB . -18.73 -14.84 -25.63
C32 A1H8M VB . -18.86 -15.71 -24.34
C33 A1H8M VB . -20.24 -16.40 -24.24
C34 A1H8M VB . -20.40 -17.54 -25.27
C35 A1H8M VB . -21.71 -18.34 -25.03
C23 A1H8M WB . -6.49 -16.06 -37.62
C22 A1H8M WB . -6.44 -14.53 -37.38
C21 A1H8M WB . -6.24 -13.72 -38.68
C7 A1H8M WB . -5.87 -11.47 -37.44
C5 A1H8M WB . -1.44 -7.69 -41.29
C01 A1H8M WB . -7.24 -10.87 -37.36
C02 A1H8M WB . -7.89 -11.19 -36.01
C03 A1H8M WB . -8.88 -11.74 -35.29
C04 A1H8M WB . -10.22 -12.53 -35.20
C05 A1H8M WB . -9.94 -13.97 -34.66
C6 A1H8M WB . -4.85 -10.32 -37.52
C1 A1H8M WB . -1.75 -7.93 -37.53
C2 A1H8M WB . -1.56 -8.38 -39.00
C3 A1H8M WB . -3.33 -7.13 -40.04
C4 A1H8M WB . -1.26 -6.10 -39.54
N21 A1H8M WB . -5.94 -12.27 -38.65
N2 A1H8M WB . -1.90 -7.33 -39.96
O01 A1H8M WB . -7.12 -9.51 -37.50
O21 A1H8M WB . -6.29 -14.28 -39.71
O2 A1H8M WB . -4.97 -9.50 -36.36
O1 A1H8M WB . -4.65 -7.18 -35.36
O3 A1H8M WB . -3.13 -7.76 -37.33
O4 A1H8M WB . -2.91 -8.75 -35.02
P A1H8M WB . -3.91 -8.29 -36.00
C06 A1H8M WB . -11.05 -14.96 -35.13
C07 A1H8M WB . -11.87 -15.53 -33.94
C08 A1H8M WB . -12.66 -16.79 -34.38
C09 A1H8M WB . -13.32 -17.54 -33.18
C10 A1H8M WB . -14.43 -18.51 -33.67
C11 A1H8M WB . -14.53 -19.74 -32.72
C12 A1H8M WB . -15.56 -20.78 -33.23
C13 A1H8M WB . -16.79 -20.88 -32.30
C14 A1H8M WB . -16.83 -22.21 -31.51
C15 A1H8M WB . -17.22 -23.40 -32.39
C16 A1H8M WB . -16.73 -24.74 -31.82
C24 A1H8M WB . -7.90 -16.67 -37.36
C25 A1H8M WB . -8.60 -17.16 -38.66
C26 A1H8M WB . -10.03 -17.71 -38.37
C27 A1H8M WB . -10.07 -19.26 -38.22
C28 A1H8M WB . -10.95 -19.72 -37.01
C29 A1H8M WB . -12.43 -19.97 -37.42
C30 A1H8M WB . -12.79 -21.48 -37.52
C31 A1H8M WB . -13.70 -21.96 -36.36
C32 A1H8M WB . -12.99 -22.96 -35.38
C33 A1H8M WB . -13.72 -24.33 -35.29
C23 A1H8M XB . 3.66 -18.18 -42.32
C22 A1H8M XB . 4.56 -17.06 -41.71
C21 A1H8M XB . 3.94 -15.67 -41.99
C7 A1H8M XB . 1.73 -14.40 -42.54
C5 A1H8M XB . 5.68 -7.07 -46.44
C01 A1H8M XB . 0.48 -14.94 -43.19
C02 A1H8M XB . -0.29 -15.81 -42.18
C03 A1H8M XB . -1.38 -16.25 -41.51
C04 A1H8M XB . -2.89 -16.31 -41.14
C05 A1H8M XB . -3.39 -17.78 -41.30
C6 A1H8M XB . 2.57 -13.49 -43.46
C1 A1H8M XB . 4.80 -9.45 -43.75
C2 A1H8M XB . 5.65 -8.92 -44.93
C3 A1H8M XB . 5.46 -6.69 -44.11
C4 A1H8M XB . 3.70 -7.73 -45.31
N21 A1H8M XB . 2.49 -15.61 -42.25
N2 A1H8M XB . 5.14 -7.59 -45.19
O01 A1H8M XB . -0.39 -13.94 -43.57
O21 A1H8M XB . 4.61 -14.69 -41.97
O2 A1H8M XB . 1.93 -12.24 -43.62
O1 A1H8M XB . 1.68 -9.73 -43.55
O3 A1H8M XB . 4.01 -10.54 -44.16
O4 A1H8M XB . 3.03 -10.69 -41.80
P A1H8M XB . 2.67 -10.79 -43.25
C06 A1H8M XB . -4.13 -18.34 -40.04
C07 A1H8M XB . -4.50 -19.86 -40.16
C08 A1H8M XB . -5.16 -20.42 -38.86
C09 A1H8M XB . -6.11 -21.64 -39.13
C10 A1H8M XB . -5.87 -22.85 -38.17
C11 A1H8M XB . -7.04 -23.88 -38.21
C12 A1H8M XB . -8.44 -23.25 -37.87
C13 A1H8M XB . -9.32 -24.09 -36.89
C14 A1H8M XB . -8.80 -25.53 -36.74
C15 A1H8M XB . -9.42 -26.47 -37.80
C24 A1H8M XB . 3.32 -19.29 -41.28
C25 A1H8M XB . 1.91 -19.13 -40.68
C26 A1H8M XB . 1.33 -20.44 -40.09
C27 A1H8M XB . 0.03 -20.88 -40.81
C23 A1H8M YB . -12.85 -10.76 -34.94
C22 A1H8M YB . -12.62 -9.58 -33.94
C21 A1H8M YB . -12.93 -8.24 -34.65
C7 A1H8M YB . -13.23 -6.71 -32.56
C5 A1H8M YB . -9.26 -6.05 -38.99
C01 A1H8M YB . -14.61 -6.12 -32.26
C02 A1H8M YB . -15.62 -7.27 -32.16
C03 A1H8M YB . -16.05 -8.42 -31.59
C04 A1H8M YB . -17.02 -9.64 -31.40
C05 A1H8M YB . -18.49 -9.11 -31.44
C6 A1H8M YB . -12.15 -5.70 -32.10
C1 A1H8M YB . -10.95 -5.10 -35.80
C2 A1H8M YB . -10.55 -4.99 -37.29
C3 A1H8M YB . -10.60 -7.37 -37.57
C4 A1H8M YB . -8.68 -6.34 -36.67
N21 A1H8M YB . -13.19 -6.94 -33.99
N2 A1H8M YB . -9.76 -6.17 -37.62
O01 A1H8M YB . -14.59 -5.43 -31.05
O21 A1H8M YB . -12.96 -8.24 -35.83
O2 A1H8M YB . -12.07 -4.55 -32.94
O1 A1H8M YB . -9.63 -5.22 -33.26
O3 A1H8M YB . -10.65 -3.90 -35.13
O4 A1H8M YB . -9.97 -2.99 -32.70
P A1H8M YB . -10.58 -4.09 -33.51
C06 A1H8M YB . -19.47 -10.31 -31.54
C07 A1H8M YB . -19.68 -10.96 -30.13
C08 A1H8M YB . -19.63 -12.50 -30.22
C09 A1H8M YB . -20.66 -13.16 -29.25
C10 A1H8M YB . -20.87 -14.65 -29.56
C11 A1H8M YB . -22.38 -15.00 -29.70
C12 A1H8M YB . -22.56 -16.51 -29.99
C13 A1H8M YB . -22.73 -17.32 -28.69
C14 A1H8M YB . -23.72 -18.50 -28.87
C15 A1H8M YB . -23.88 -19.30 -27.57
C24 A1H8M YB . -14.36 -11.11 -35.02
C25 A1H8M YB . -14.53 -12.59 -34.65
C26 A1H8M YB . -15.84 -12.79 -33.88
C27 A1H8M YB . -16.63 -13.95 -34.54
C28 A1H8M YB . -17.79 -14.39 -33.63
C29 A1H8M YB . -17.49 -15.82 -33.12
C30 A1H8M YB . -18.60 -16.78 -33.63
C31 A1H8M YB . -19.35 -17.43 -32.44
C32 A1H8M YB . -19.85 -18.85 -32.79
C33 A1H8M YB . -20.85 -19.36 -31.70
C34 A1H8M YB . -21.04 -20.90 -31.73
C35 A1H8M YB . -22.31 -21.33 -30.95
C23 A1H8M ZB . -9.08 -13.58 -43.63
C22 A1H8M ZB . -8.72 -12.45 -44.61
C21 A1H8M ZB . -7.36 -11.79 -44.25
C7 A1H8M ZB . -6.05 -10.23 -42.74
C5 A1H8M ZB . -4.39 -8.20 -49.39
C01 A1H8M ZB . -6.22 -9.48 -41.41
C02 A1H8M ZB . -7.71 -9.14 -41.17
C03 A1H8M ZB . -8.97 -9.38 -40.71
C04 A1H8M ZB . -10.10 -10.22 -40.04
C05 A1H8M ZB . -10.37 -11.47 -40.95
C6 A1H8M ZB . -5.63 -9.28 -43.88
C1 A1H8M ZB . -4.96 -7.64 -47.03
C2 A1H8M ZB . -4.66 -6.37 -47.84
C3 A1H8M ZB . -3.24 -6.15 -49.77
C4 A1H8M ZB . -5.63 -6.23 -50.00
N21 A1H8M ZB . -7.30 -10.88 -43.09
N2 A1H8M ZB . -4.48 -6.74 -49.24
O01 A1H8M ZB . -5.79 -10.29 -40.38
O21 A1H8M ZB . -6.39 -12.02 -44.89
O2 A1H8M ZB . -5.64 -7.94 -43.46
O1 A1H8M ZB . -6.58 -5.70 -44.30
O3 A1H8M ZB . -5.99 -7.35 -46.10
O4 A1H8M ZB . -4.19 -6.18 -44.69
P A1H8M ZB . -5.57 -6.76 -44.62
C06 A1H8M ZB . -10.30 -12.81 -40.17
C07 A1H8M ZB . -11.59 -12.99 -39.29
C08 A1H8M ZB . -11.80 -14.49 -38.95
C09 A1H8M ZB . -13.33 -14.88 -38.88
C10 A1H8M ZB . -13.55 -16.13 -38.00
C11 A1H8M ZB . -14.36 -17.23 -38.75
C12 A1H8M ZB . -15.83 -17.29 -38.25
C13 A1H8M ZB . -16.03 -18.37 -37.16
C14 A1H8M ZB . -17.31 -19.20 -37.40
C15 A1H8M ZB . -17.13 -20.69 -37.05
C16 A1H8M ZB . -18.36 -21.25 -36.29
C24 A1H8M ZB . -9.71 -14.81 -44.34
C25 A1H8M ZB . -9.23 -16.14 -43.72
C26 A1H8M ZB . -9.70 -16.32 -42.25
C27 A1H8M ZB . -10.52 -17.63 -42.04
C28 A1H8M ZB . -12.02 -17.44 -42.39
C29 A1H8M ZB . -12.81 -18.76 -42.14
C7 A1H8M AC . -9.59 -6.62 -18.33
C5 A1H8M AC . -5.01 -3.28 -23.72
C01 A1H8M AC . -10.34 -7.04 -19.60
C02 A1H8M AC . -11.87 -7.04 -19.41
C03 A1H8M AC . -13.04 -7.71 -19.19
C04 A1H8M AC . -13.85 -9.03 -18.91
C05 A1H8M AC . -13.03 -10.30 -19.29
C6 A1H8M AC . -8.27 -5.88 -18.71
C1 A1H8M AC . -5.70 -5.25 -20.63
C2 A1H8M AC . -5.23 -3.98 -21.37
C3 A1H8M AC . -6.90 -2.77 -22.46
C4 A1H8M AC . -6.43 -5.12 -23.06
N21 A1H8M AC . -9.26 -7.79 -17.50
N2 A1H8M AC . -5.90 -3.80 -22.68
O01 A1H8M AC . -10.04 -6.17 -20.61
O2 A1H8M AC . -7.13 -6.64 -18.30
O1 A1H8M AC . -4.66 -6.87 -17.41
O3 A1H8M AC . -4.93 -5.36 -19.46
O4 A1H8M AC . -5.80 -4.76 -17.09
P A1H8M AC . -5.64 -5.92 -18.04
C06 A1H8M AC . -13.97 -11.50 -19.62
C07 A1H8M AC . -14.69 -12.24 -18.41
C08 A1H8M AC . -15.47 -13.49 -18.94
C09 A1H8M AC . -16.76 -14.02 -18.19
C10 A1H8M AC . -16.88 -15.58 -18.39
C11 A1H8M AC . -18.30 -16.19 -18.65
C12 A1H8M AC . -18.28 -16.99 -19.98
C13 A1H8M AC . -19.12 -18.29 -20.05
C14 A1H8M AC . -20.60 -18.12 -19.70
C15 A1H8M AC . -21.56 -18.31 -20.90
C16 A1H8M AC . -22.35 -19.63 -20.86
C23 A1H8M BC . -14.03 -8.94 -38.79
C22 A1H8M BC . -15.01 -8.10 -39.64
C21 A1H8M BC . -14.31 -7.02 -40.49
C7 A1H8M BC . -13.87 -8.71 -42.37
C5 A1H8M BC . -11.98 -2.97 -44.22
C01 A1H8M BC . -12.50 -9.13 -42.85
C02 A1H8M BC . -12.63 -10.47 -43.62
C03 A1H8M BC . -13.14 -11.71 -43.83
C04 A1H8M BC . -14.06 -12.92 -43.46
C05 A1H8M BC . -15.37 -12.37 -42.79
C6 A1H8M BC . -14.79 -8.73 -43.60
C1 A1H8M BC . -12.93 -5.31 -45.60
C2 A1H8M BC . -12.57 -3.98 -46.31
C3 A1H8M BC . -11.18 -1.99 -46.23
C4 A1H8M BC . -10.33 -4.15 -45.49
N21 A1H8M BC . -13.76 -7.36 -41.82
N2 A1H8M BC . -11.50 -3.27 -45.58
O01 A1H8M BC . -12.04 -8.12 -43.69
O21 A1H8M BC . -14.20 -5.92 -40.08
O2 A1H8M BC . -14.56 -7.52 -44.32
O1 A1H8M BC . -13.20 -8.63 -46.21
O3 A1H8M BC . -13.74 -6.09 -46.46
O4 A1H8M BC . -15.52 -7.99 -46.70
P A1H8M BC . -14.27 -7.59 -45.95
C06 A1H8M BC . -16.11 -13.46 -41.95
C07 A1H8M BC . -16.93 -14.45 -42.86
C08 A1H8M BC . -17.19 -15.83 -42.18
C09 A1H8M BC . -15.90 -16.73 -42.19
C10 A1H8M BC . -16.22 -18.24 -42.41
C11 A1H8M BC . -17.06 -18.85 -41.24
C12 A1H8M BC . -16.70 -20.33 -40.95
C24 A1H8M BC . -14.28 -10.46 -39.01
C25 A1H8M BC . -15.73 -10.72 -39.49
C26 A1H8M BC . -16.66 -11.05 -38.30
C27 A1H8M BC . -17.69 -12.17 -38.64
C28 A1H8M BC . -17.17 -13.57 -38.21
C29 A1H8M BC . -18.25 -14.66 -38.44
C30 A1H8M BC . -18.77 -15.26 -37.10
C31 A1H8M BC . -19.56 -16.58 -37.29
C32 A1H8M BC . -21.08 -16.41 -36.95
C33 A1H8M BC . -21.69 -17.73 -36.41
C34 A1H8M BC . -21.08 -18.97 -37.10
C23 A1H8M CC . 2.58 -21.86 -36.37
C22 A1H8M CC . 4.10 -22.00 -36.62
C21 A1H8M CC . 4.71 -20.93 -37.57
C7 A1H8M CC . 7.20 -21.26 -36.97
C5 A1H8M CC . 6.71 -14.59 -38.72
C01 A1H8M CC . 7.12 -20.99 -35.47
C02 A1H8M CC . 6.80 -22.35 -34.77
C03 A1H8M CC . 6.04 -23.15 -33.99
C04 A1H8M CC . 4.82 -23.48 -33.08
C05 A1H8M CC . 3.86 -24.36 -33.91
C6 A1H8M CC . 8.51 -20.66 -37.52
C1 A1H8M CC . 8.69 -16.52 -36.26
C2 A1H8M CC . 8.25 -15.27 -37.04
C3 A1H8M CC . 7.89 -16.53 -38.98
C4 A1H8M CC . 6.25 -16.43 -37.27
N21 A1H8M CC . 6.13 -20.62 -37.71
N2 A1H8M CC . 7.26 -15.70 -38.00
O01 A1H8M CC . 8.31 -20.49 -34.95
O21 A1H8M CC . 3.96 -20.36 -38.26
O2 A1H8M CC . 8.66 -19.34 -37.05
O1 A1H8M CC . 10.66 -19.09 -35.47
O3 A1H8M CC . 9.96 -17.00 -36.70
O4 A1H8M CC . 11.07 -18.97 -37.95
P A1H8M CC . 10.16 -18.64 -36.81
C06 A1H8M CC . 2.37 -24.14 -33.52
C07 A1H8M CC . 1.52 -25.42 -33.81
C08 A1H8M CC . 2.00 -26.56 -32.91
C09 A1H8M CC . 0.94 -27.71 -32.95
C10 A1H8M CC . -0.51 -27.18 -33.03
C11 A1H8M CC . -1.48 -28.39 -32.87
C12 A1H8M CC . -0.67 -29.61 -32.40
C13 A1H8M CC . -1.53 -30.88 -32.11
C24 A1H8M CC . 1.76 -23.13 -36.72
C25 A1H8M CC . 0.22 -22.91 -36.68
C26 A1H8M CC . -0.50 -23.43 -37.95
C27 A1H8M CC . -2.04 -23.64 -37.77
C28 A1H8M CC . -2.56 -25.02 -38.28
C29 A1H8M CC . -1.99 -26.19 -37.41
C30 A1H8M CC . -3.00 -27.33 -37.08
C31 A1H8M CC . -4.43 -26.90 -36.60
C32 A1H8M CC . -5.34 -28.10 -36.24
C23 A1H8M DC . 5.35 -23.93 -40.38
C22 A1H8M DC . 5.37 -22.38 -40.51
C21 A1H8M DC . 6.72 -21.84 -41.05
C7 A1H8M DC . 5.75 -21.16 -43.38
C5 A1H8M DC . 6.12 -13.57 -47.80
C01 A1H8M DC . 5.31 -22.54 -43.90
C02 A1H8M DC . 3.82 -22.80 -43.52
C03 A1H8M DC . 2.82 -23.56 -42.99
C04 A1H8M DC . 2.22 -24.83 -42.29
C05 A1H8M DC . 1.83 -24.46 -40.81
C6 A1H8M DC . 6.28 -20.30 -44.55
C1 A1H8M DC . 6.25 -15.98 -45.98
C2 A1H8M DC . 5.02 -15.05 -46.20
C3 A1H8M DC . 6.30 -13.15 -45.44
C4 A1H8M DC . 4.21 -12.80 -46.60
N21 A1H8M DC . 6.84 -21.28 -42.41
N2 A1H8M DC . 5.41 -13.65 -46.50
O01 A1H8M DC . 5.42 -22.60 -45.28
O21 A1H8M DC . 7.68 -21.87 -40.35
O2 A1H8M DC . 5.20 -19.84 -45.35
O1 A1H8M DC . 6.71 -18.86 -47.21
O3 A1H8M DC . 5.81 -17.21 -45.40
O4 A1H8M DC . 4.32 -18.31 -47.25
P A1H8M DC . 5.51 -18.55 -46.35
C06 A1H8M DC . 1.22 -25.68 -40.06
C07 A1H8M DC . 0.65 -26.75 -41.06
C08 A1H8M DC . -0.43 -27.67 -40.40
C09 A1H8M DC . -1.88 -27.25 -40.81
C10 A1H8M DC . -2.90 -28.43 -40.69
C24 A1H8M DC . 5.30 -24.39 -38.89
C25 A1H8M DC . 4.75 -25.83 -38.72
C26 A1H8M DC . 4.67 -26.26 -37.22
C27 A1H8M DC . 3.23 -26.67 -36.81
C28 A1H8M DC . 3.16 -28.13 -36.30
C29 A1H8M DC . 2.00 -28.92 -36.97
C30 A1H8M DC . 1.26 -29.83 -35.95
C31 A1H8M DC . 0.16 -30.69 -36.66
C32 A1H8M DC . -0.12 -32.01 -35.87
C33 A1H8M DC . -1.51 -32.61 -36.21
C34 A1H8M DC . -1.72 -32.78 -37.74
C23 A1H8M EC . -4.25 -17.93 -45.31
C22 A1H8M EC . -3.18 -17.24 -46.20
C21 A1H8M EC . -2.55 -16.06 -45.43
C7 A1H8M EC . -0.81 -15.34 -47.23
C5 A1H8M EC . 3.85 -8.09 -49.21
C01 A1H8M EC . 0.55 -15.99 -46.98
C02 A1H8M EC . 0.37 -17.52 -46.75
C03 A1H8M EC . 0.30 -18.66 -46.01
C04 A1H8M EC . 0.33 -19.49 -44.67
C05 A1H8M EC . -1.10 -19.52 -44.05
C6 A1H8M EC . -0.61 -13.93 -47.83
C1 A1H8M EC . 2.25 -9.81 -48.17
C2 A1H8M EC . 2.05 -9.64 -49.69
C3 A1H8M EC . 2.01 -7.45 -50.65
C4 A1H8M EC . 3.62 -8.99 -51.44
N21 A1H8M EC . -1.46 -15.22 -45.94
N2 A1H8M EC . 2.89 -8.54 -50.24
O01 A1H8M EC . 1.38 -15.77 -48.07
O21 A1H8M EC . -2.93 -15.81 -44.34
O2 A1H8M EC . 0.39 -13.24 -47.08
O1 A1H8M EC . -0.57 -11.05 -48.07
O3 A1H8M EC . 1.99 -11.16 -47.85
O4 A1H8M EC . 0.44 -10.98 -45.81
P A1H8M EC . 0.53 -11.58 -47.18
C06 A1H8M EC . -1.97 -20.70 -44.61
C07 A1H8M EC . -2.78 -21.44 -43.48
C08 A1H8M EC . -2.24 -22.88 -43.25
C09 A1H8M EC . -2.88 -23.57 -41.99
C10 A1H8M EC . -4.44 -23.52 -42.02
C11 A1H8M EC . -5.07 -24.88 -42.42
C12 A1H8M EC . -5.57 -25.69 -41.19
C24 A1H8M EC . -5.42 -16.95 -44.93
C25 A1H8M EC . -5.94 -17.19 -43.48
C26 A1H8M EC . -6.31 -18.69 -43.22
C27 A1H8M EC . -7.58 -19.13 -44.01
C28 A1H8M EC . -8.00 -20.57 -43.62
C29 A1H8M EC . -7.63 -20.88 -42.13
C30 A1H8M EC . -8.87 -20.76 -41.21
C31 A1H8M EC . -9.84 -21.96 -41.39
C32 A1H8M EC . -11.17 -21.76 -40.61
C33 A1H8M EC . -12.24 -22.82 -40.99
C34 A1H8M EC . -13.69 -22.27 -40.88
C23 A1H8M FC . -19.28 -9.83 -41.88
C22 A1H8M FC . -18.07 -9.17 -42.57
C21 A1H8M FC . -17.76 -7.77 -41.96
N21 A1H8M FC . -17.22 -6.70 -42.80
O21 A1H8M FC . -17.97 -7.60 -40.81
C24 A1H8M FC . -19.26 -11.37 -41.99
C25 A1H8M FC . -20.39 -11.95 -42.89
C26 A1H8M FC . -21.58 -12.57 -42.10
C27 A1H8M FC . -21.90 -14.05 -42.51
C28 A1H8M FC . -23.24 -14.57 -41.92
C29 A1H8M FC . -23.09 -15.96 -41.22
C30 A1H8M FC . -24.16 -17.03 -41.59
C31 A1H8M FC . -23.61 -18.49 -41.58
C32 A1H8M FC . -23.94 -19.27 -40.27
C1 CLR GC . -20.50 -5.81 -27.26
C2 CLR GC . -19.48 -4.72 -27.54
C3 CLR GC . -19.52 -3.67 -26.45
C4 CLR GC . -19.15 -4.29 -25.11
C5 CLR GC . -19.91 -5.56 -24.88
C6 CLR GC . -20.40 -5.79 -23.66
C7 CLR GC . -20.69 -7.16 -23.13
C8 CLR GC . -20.98 -8.13 -24.26
C9 CLR GC . -21.23 -7.49 -25.60
C10 CLR GC . -20.12 -6.54 -25.99
C11 CLR GC . -21.40 -8.56 -26.66
C12 CLR GC . -22.50 -9.55 -26.31
C13 CLR GC . -22.24 -10.09 -24.93
C14 CLR GC . -22.22 -8.93 -23.97
C15 CLR GC . -22.36 -9.56 -22.61
C16 CLR GC . -23.20 -10.80 -22.85
C17 CLR GC . -23.27 -11.01 -24.35
C18 CLR GC . -20.89 -10.78 -24.92
C19 CLR GC . -18.86 -7.34 -26.20
C20 CLR GC . -23.03 -12.46 -24.70
C21 CLR GC . -23.51 -12.78 -26.10
C22 CLR GC . -23.72 -13.34 -23.71
C23 CLR GC . -24.80 -14.15 -24.41
C24 CLR GC . -24.47 -15.64 -24.38
C25 CLR GC . -25.46 -16.38 -23.52
C26 CLR GC . -25.47 -15.81 -22.10
C27 CLR GC . -26.85 -16.34 -24.14
O1 CLR GC . -18.55 -2.68 -26.71
C1 CLR HC . -28.21 -5.16 -25.95
C2 CLR HC . -27.24 -4.42 -26.83
C3 CLR HC . -26.17 -3.78 -25.99
C4 CLR HC . -25.29 -4.84 -25.35
C5 CLR HC . -26.27 -5.71 -24.65
C6 CLR HC . -26.19 -5.97 -23.38
C7 CLR HC . -26.37 -7.38 -22.91
C8 CLR HC . -27.35 -8.08 -23.82
C9 CLR HC . -28.22 -7.19 -24.62
C10 CLR HC . -27.37 -6.29 -25.45
C11 CLR HC . -29.11 -8.03 -25.53
C12 CLR HC . -29.71 -9.30 -24.94
C13 CLR HC . -28.78 -9.85 -23.92
C14 CLR HC . -28.38 -8.77 -23.02
C15 CLR HC . -27.87 -9.40 -21.77
C16 CLR HC . -28.48 -10.78 -21.80
C17 CLR HC . -29.37 -10.84 -23.01
C18 CLR HC . -27.51 -10.39 -24.52
C19 CLR HC . -26.71 -7.05 -26.56
C20 CLR HC . -29.32 -12.17 -23.64
C21 CLR HC . -30.72 -12.61 -24.00
C22 CLR HC . -28.66 -13.11 -22.66
C23 CLR HC . -29.69 -13.76 -21.77
C24 CLR HC . -29.83 -15.23 -22.05
C25 CLR HC . -31.20 -15.67 -21.58
C26 CLR HC . -31.25 -17.17 -21.35
C27 CLR HC . -31.55 -14.89 -20.32
O1 CLR HC . -25.43 -2.98 -26.88
C1 CLR IC . -31.47 -4.22 -17.26
C2 CLR IC . -31.10 -3.00 -18.09
C3 CLR IC . -29.65 -2.95 -18.51
C4 CLR IC . -29.29 -4.16 -19.34
C5 CLR IC . -29.70 -5.31 -18.49
C6 CLR IC . -28.82 -6.18 -18.05
C7 CLR IC . -29.13 -7.63 -18.24
C8 CLR IC . -30.60 -7.86 -18.05
C9 CLR IC . -31.30 -6.75 -17.30
C10 CLR IC . -31.14 -5.45 -18.08
C11 CLR IC . -32.77 -7.06 -17.11
C12 CLR IC . -33.05 -8.48 -16.62
C13 CLR IC . -32.22 -9.48 -17.39
C14 CLR IC . -30.80 -9.08 -17.23
C15 CLR IC . -30.00 -10.29 -17.66
C16 CLR IC . -30.89 -11.48 -17.29
C17 CLR IC . -32.25 -10.91 -16.94
C18 CLR IC . -32.53 -9.43 -18.87
C19 CLR IC . -32.05 -5.53 -19.27
C20 CLR IC . -33.29 -11.74 -17.61
C21 CLR IC . -34.64 -11.49 -16.98
C22 CLR IC . -32.92 -13.21 -17.53
C23 CLR IC . -34.12 -14.07 -17.14
C24 CLR IC . -33.73 -15.09 -16.07
C25 CLR IC . -34.85 -15.22 -15.07
C26 CLR IC . -34.51 -14.46 -13.80
C27 CLR IC . -36.17 -14.76 -15.68
O1 CLR IC . -29.43 -1.79 -19.31
C1 CLR JC . -23.91 -9.16 -31.48
C2 CLR JC . -22.86 -8.09 -31.18
C3 CLR JC . -23.53 -6.76 -30.90
C4 CLR JC . -24.42 -6.86 -29.66
C5 CLR JC . -25.38 -7.95 -29.98
C6 CLR JC . -26.70 -7.75 -29.98
C7 CLR JC . -27.62 -8.77 -29.39
C8 CLR JC . -26.91 -10.11 -29.42
C9 CLR JC . -25.96 -10.20 -30.60
C10 CLR JC . -24.82 -9.29 -30.30
C11 CLR JC . -25.41 -11.60 -30.91
C12 CLR JC . -26.35 -12.76 -30.60
C13 CLR JC . -27.08 -12.49 -29.31
C14 CLR JC . -27.87 -11.25 -29.51
C15 CLR JC . -28.95 -11.28 -28.46
C16 CLR JC . -29.19 -12.75 -28.19
C17 CLR JC . -28.10 -13.52 -28.91
C18 CLR JC . -26.13 -12.30 -28.14
C19 CLR JC . -24.06 -9.76 -29.07
C20 CLR JC . -27.49 -14.58 -28.02
C21 CLR JC . -26.92 -15.71 -28.84
C22 CLR JC . -28.56 -15.09 -27.07
C23 CLR JC . -29.55 -15.95 -27.83
C24 CLR JC . -30.55 -16.60 -26.89
C25 CLR JC . -30.73 -18.06 -27.27
C26 CLR JC . -29.44 -18.64 -27.81
C27 CLR JC . -31.25 -18.87 -26.08
O1 CLR JC . -22.52 -5.78 -30.65
C23 A1H8M KC . -29.13 1.55 -12.70
C22 A1H8M KC . -28.33 2.81 -13.09
C21 A1H8M KC . -28.92 4.07 -12.43
C7 A1H8M KC . -27.07 4.12 -10.69
C5 A1H8M KC . -27.89 9.85 -15.09
C01 A1H8M KC . -27.23 3.22 -9.47
C02 A1H8M KC . -27.45 1.74 -9.82
C03 A1H8M KC . -27.28 0.39 -9.67
C04 A1H8M KC . -26.72 -0.92 -9.03
C05 A1H8M KC . -27.69 -2.08 -9.42
C6 A1H8M KC . -26.31 5.37 -10.22
C1 A1H8M KC . -26.45 8.58 -13.36
C2 A1H8M KC . -27.96 8.49 -13.11
C3 A1H8M KC . -29.85 8.65 -14.53
C4 A1H8M KC . -29.16 10.52 -13.23
N21 A1H8M KC . -28.29 4.66 -11.25
N2 A1H8M KC . -28.71 9.38 -13.99
O01 A1H8M KC . -26.04 3.19 -8.79
O21 A1H8M KC . -29.90 4.55 -12.88
O2 A1H8M KC . -26.50 6.41 -11.15
O1 A1H8M KC . -24.80 7.83 -9.92
O3 A1H8M KC . -25.88 8.79 -12.10
O4 A1H8M KC . -24.12 7.05 -12.02
P A1H8M KC . -25.30 7.52 -11.28
C06 A1H8M KC . -27.19 -3.50 -9.01
C07 A1H8M KC . -28.11 -4.63 -9.58
C08 A1H8M KC . -27.43 -6.02 -9.57
C09 A1H8M KC . -28.01 -6.95 -8.44
C10 A1H8M KC . -29.46 -7.43 -8.73
C11 A1H8M KC . -30.11 -8.06 -7.47
C12 A1H8M KC . -29.94 -9.61 -7.43
C13 A1H8M KC . -30.29 -10.20 -6.04
C14 A1H8M KC . -31.68 -9.77 -5.55
C15 A1H8M KC . -32.71 -10.91 -5.55
C16 A1H8M KC . -33.34 -11.11 -4.15
C24 A1H8M KC . -29.31 0.55 -13.87
C25 A1H8M KC . -29.21 -0.90 -13.34
C26 A1H8M KC . -30.54 -1.68 -13.56
C27 A1H8M KC . -30.26 -3.04 -14.23
C28 A1H8M KC . -30.06 -4.18 -13.20
C29 A1H8M KC . -31.13 -5.29 -13.39
C30 A1H8M KC . -30.86 -6.46 -12.42
C31 A1H8M KC . -31.70 -7.72 -12.77
C32 A1H8M KC . -31.11 -8.99 -12.11
C33 A1H8M KC . -32.19 -9.91 -11.49
C34 A1H8M KC . -33.05 -10.61 -12.57
C35 A1H8M KC . -34.00 -11.66 -11.93
C23 A1H8M LC . -29.50 -2.47 -28.98
C22 A1H8M LC . -29.17 -1.15 -28.24
C21 A1H8M LC . -29.73 0.09 -28.97
C7 A1H8M LC . -28.48 1.78 -27.45
C5 A1H8M LC . -27.01 7.38 -31.35
C01 A1H8M LC . -29.47 2.07 -26.35
C02 A1H8M LC . -29.17 1.18 -25.13
C03 A1H8M LC . -29.57 0.25 -24.25
C04 A1H8M LC . -30.63 -0.73 -23.69
C05 A1H8M LC . -30.22 -2.20 -24.03
C6 A1H8M LC . -27.63 3.04 -27.66
C1 A1H8M LC . -24.98 5.78 -28.59
C2 A1H8M LC . -25.76 5.92 -29.92
C3 A1H8M LC . -27.68 7.13 -29.13
C4 A1H8M LC . -25.66 8.25 -29.59
N21 A1H8M LC . -29.35 1.47 -28.57
N2 A1H8M LC . -26.52 7.17 -29.99
O01 A1H8M LC . -29.32 3.39 -25.99
O21 A1H8M LC . -30.46 -0.06 -29.88
O2 A1H8M LC . -26.94 3.36 -26.46
O1 A1H8M LC . -25.87 5.19 -25.05
O3 A1H8M LC . -25.93 5.63 -27.58
O4 A1H8M LC . -24.43 3.93 -26.43
P A1H8M LC . -25.77 4.53 -26.37
C06 A1H8M LC . -31.47 -3.13 -24.09
C07 A1H8M LC . -31.43 -4.23 -22.98
C08 A1H8M LC . -32.44 -5.35 -23.31
C09 A1H8M LC . -32.29 -6.59 -22.36
C10 A1H8M LC . -33.55 -7.49 -22.42
C11 A1H8M LC . -33.17 -8.98 -22.16
C12 A1H8M LC . -34.38 -9.93 -22.32
C13 A1H8M LC . -34.79 -10.56 -20.96
C14 A1H8M LC . -34.45 -12.07 -20.89
C15 A1H8M LC . -35.42 -12.92 -21.75
C16 A1H8M LC . -34.79 -14.27 -22.14
C24 A1H8M LC . -30.50 -3.36 -28.19
C25 A1H8M LC . -31.88 -3.48 -28.88
C26 A1H8M LC . -32.88 -4.33 -28.04
C27 A1H8M LC . -32.95 -5.82 -28.51
C28 A1H8M LC . -32.95 -6.82 -27.31
C29 A1H8M LC . -34.40 -7.15 -26.83
C30 A1H8M LC . -34.88 -8.57 -27.26
C31 A1H8M LC . -34.93 -9.58 -26.09
C32 A1H8M LC . -33.87 -10.72 -26.19
C33 A1H8M LC . -34.51 -12.14 -26.24
C23 A1H8M MC . -24.55 -1.01 -39.13
C22 A1H8M MC . -23.38 -0.04 -38.79
C21 A1H8M MC . -23.92 1.23 -38.09
C7 A1H8M MC . -25.86 2.20 -36.69
C5 A1H8M MC . -24.47 11.01 -38.97
C01 A1H8M MC . -27.30 1.73 -36.62
C02 A1H8M MC . -27.36 0.44 -35.79
C03 A1H8M MC . -27.86 -0.39 -34.83
C04 A1H8M MC . -28.83 -0.83 -33.69
C05 A1H8M MC . -29.45 -2.21 -34.08
C6 A1H8M MC . -25.69 3.52 -37.49
C1 A1H8M MC . -23.75 7.72 -37.46
C2 A1H8M MC . -23.75 8.76 -38.59
C3 A1H8M MC . -23.20 10.49 -37.05
C4 A1H8M MC . -25.41 9.65 -37.25
N21 A1H8M MC . -25.21 1.13 -37.40
N2 A1H8M MC . -24.20 9.99 -37.97
O01 A1H8M MC . -28.12 2.63 -35.98
O21 A1H8M MC . -23.29 2.23 -38.11
O2 A1H8M MC . -26.18 4.61 -36.74
O1 A1H8M MC . -26.11 6.85 -35.57
O3 A1H8M MC . -24.72 6.72 -37.70
O4 A1H8M MC . -24.08 5.59 -35.51
P A1H8M MC . -25.24 5.94 -36.37
C06 A1H8M MC . -29.31 -3.30 -32.97
C07 A1H8M MC . -29.81 -4.73 -33.42
C08 A1H8M MC . -29.59 -5.81 -32.32
C09 A1H8M MC . -30.61 -7.00 -32.41
C10 A1H8M MC . -29.95 -8.41 -32.34
C11 A1H8M MC . -30.97 -9.55 -32.07
C12 A1H8M MC . -31.82 -9.33 -30.77
C13 A1H8M MC . -31.99 -10.60 -29.88
C14 A1H8M MC . -31.62 -11.89 -30.62
C15 A1H8M MC . -32.84 -12.47 -31.37
C24 A1H8M MC . -24.28 -2.46 -38.63
C25 A1H8M MC . -25.02 -2.77 -37.30
C26 A1H8M MC . -25.23 -4.28 -37.05
C27 A1H8M MC . -26.74 -4.65 -36.95
C23 A1H8M NC . -32.39 0.35 -21.28
C22 A1H8M NC . -31.50 1.12 -20.24
C21 A1H8M NC . -32.05 2.56 -20.06
C7 A1H8M NC . -30.88 3.16 -17.80
C5 A1H8M NC . -31.62 6.74 -24.45
C01 A1H8M NC . -31.73 3.37 -16.55
C02 A1H8M NC . -32.57 2.09 -16.32
C03 A1H8M NC . -32.67 0.76 -16.11
C04 A1H8M NC . -33.42 -0.59 -15.87
C05 A1H8M NC . -34.54 -0.35 -14.83
C6 A1H8M NC . -29.66 4.11 -17.74
C1 A1H8M NC . -30.92 6.18 -20.83
C2 A1H8M NC . -31.50 6.88 -22.08
C3 A1H8M NC . -31.92 4.79 -23.16
C4 A1H8M NC . -29.76 5.74 -23.26
N21 A1H8M NC . -31.74 3.47 -18.93
N2 A1H8M NC . -31.19 6.05 -23.24
O01 A1H8M NC . -30.91 3.56 -15.44
O21 A1H8M NC . -32.79 2.96 -20.87
O2 A1H8M NC . -30.00 5.48 -17.93
O1 A1H8M NC . -28.33 5.39 -19.85
O3 A1H8M NC . -30.17 7.10 -20.07
O4 A1H8M NC . -28.05 7.18 -18.41
P A1H8M NC . -29.14 6.36 -19.04
C06 A1H8M NC . -35.48 -1.59 -14.78
C07 A1H8M NC . -34.86 -2.71 -13.89
C08 A1H8M NC . -35.01 -4.09 -14.60
C09 A1H8M NC . -35.29 -5.21 -13.54
C10 A1H8M NC . -35.78 -6.51 -14.21
C11 A1H8M NC . -37.07 -7.04 -13.55
C12 A1H8M NC . -37.54 -8.35 -14.23
C13 A1H8M NC . -36.94 -9.59 -13.52
C14 A1H8M NC . -37.94 -10.78 -13.51
C15 A1H8M NC . -37.34 -12.01 -12.80
C24 A1H8M NC . -33.66 -0.20 -20.57
C25 A1H8M NC . -33.70 -1.72 -20.78
C26 A1H8M NC . -34.29 -2.40 -19.53
C27 A1H8M NC . -35.41 -3.37 -19.98
C28 A1H8M NC . -35.81 -4.30 -18.81
C29 A1H8M NC . -35.40 -5.74 -19.18
C30 A1H8M NC . -36.66 -6.63 -19.25
C31 A1H8M NC . -36.58 -7.78 -18.22
C32 A1H8M NC . -37.32 -9.05 -18.71
C33 A1H8M NC . -37.48 -10.07 -17.55
C34 A1H8M NC . -37.79 -11.51 -18.05
C35 A1H8M NC . -38.36 -12.40 -16.92
C23 A1H8M OC . -34.97 1.49 -30.74
C22 A1H8M OC . -35.19 2.95 -31.22
C21 A1H8M OC . -33.84 3.66 -31.51
C7 A1H8M OC . -31.74 4.77 -30.62
C5 A1H8M OC . -34.31 9.29 -35.53
C01 A1H8M OC . -31.01 4.97 -29.30
C02 A1H8M OC . -31.99 4.94 -28.10
C03 A1H8M OC . -32.74 4.34 -27.13
C04 A1H8M OC . -33.29 3.13 -26.31
C05 A1H8M OC . -34.17 2.27 -27.27
C6 A1H8M OC . -32.03 6.13 -31.31
C1 A1H8M OC . -33.27 8.87 -33.30
C2 A1H8M OC . -33.42 10.37 -33.57
C3 A1H8M OC . -33.46 11.51 -35.70
C4 A1H8M OC . -35.48 11.11 -34.48
N21 A1H8M OC . -33.00 4.09 -30.38
N2 A1H8M OC . -34.16 10.57 -34.82
O01 A1H8M OC . -30.11 3.93 -29.13
O21 A1H8M OC . -33.50 3.84 -32.64
O2 A1H8M OC . -31.66 7.21 -30.48
O1 A1H8M OC . -32.71 9.41 -29.67
O3 A1H8M OC . -33.50 8.63 -31.93
O4 A1H8M OC . -31.10 9.50 -31.54
P A1H8M OC . -32.21 8.72 -30.90
C06 A1H8M OC . -33.75 0.76 -27.27
C07 A1H8M OC . -34.25 0.06 -25.96
C08 A1H8M OC . -34.34 -1.48 -26.17
C09 A1H8M OC . -35.54 -2.11 -25.37
C10 A1H8M OC . -35.29 -3.62 -25.09
C11 A1H8M OC . -36.48 -4.50 -25.57
C12 A1H8M OC . -37.33 -4.98 -24.37
C13 A1H8M OC . -36.93 -6.39 -23.89
C14 A1H8M OC . -38.15 -7.29 -23.62
C15 A1H8M OC . -37.94 -8.76 -24.05
C16 A1H8M OC . -38.49 -9.75 -23.00
C24 A1H8M OC . -36.02 0.52 -31.35
C25 A1H8M OC . -35.38 -0.85 -31.71
C26 A1H8M OC . -34.86 -1.62 -30.45
C27 A1H8M OC . -35.50 -3.03 -30.33
C28 A1H8M OC . -36.88 -3.00 -29.61
C29 A1H8M OC . -37.46 -4.43 -29.48
C7 A1H8M PC . -19.33 -1.20 -9.85
C5 A1H8M PC . -18.70 4.57 -15.10
C01 A1H8M PC . -20.72 -1.27 -10.47
C02 A1H8M PC . -21.82 -1.59 -9.43
C03 A1H8M PC . -22.67 -2.48 -8.84
C04 A1H8M PC . -23.25 -3.94 -8.66
C05 A1H8M PC . -22.95 -4.83 -9.90
C6 A1H8M PC . -18.45 -0.16 -10.61
C1 A1H8M PC . -17.55 1.54 -13.25
C2 A1H8M PC . -17.51 3.06 -13.57
C3 A1H8M PC . -19.38 4.27 -12.89
C4 A1H8M PC . -19.59 2.41 -14.49
N21 A1H8M PC . -18.66 -2.52 -9.90
N2 A1H8M PC . -18.81 3.57 -14.04
O01 A1H8M PC . -21.03 -0.05 -11.03
O2 A1H8M PC . -17.37 -0.81 -11.29
O1 A1H8M PC . -14.89 -0.92 -12.21
O3 A1H8M PC . -16.23 1.15 -12.91
O4 A1H8M PC . -15.41 0.71 -10.50
P A1H8M PC . -15.98 0.02 -11.73
C06 A1H8M PC . -23.99 -5.97 -10.05
C07 A1H8M PC . -23.89 -7.21 -9.05
C08 A1H8M PC . -24.94 -8.30 -9.44
C09 A1H8M PC . -25.55 -9.27 -8.35
C10 A1H8M PC . -25.91 -10.65 -9.02
C11 A1H8M PC . -27.23 -11.37 -8.61
C12 A1H8M PC . -28.10 -11.62 -9.86
C13 A1H8M PC . -28.92 -12.94 -9.92
C14 A1H8M PC . -29.85 -13.16 -8.72
C15 A1H8M PC . -31.36 -13.08 -9.07
C16 A1H8M PC . -32.08 -14.44 -9.09
C23 A1H8M QC . -35.51 3.19 -22.60
C22 A1H8M QC . -36.73 4.10 -22.30
C21 A1H8M QC . -36.59 5.51 -22.91
C7 A1H8M QC . -37.54 4.71 -25.14
C5 A1H8M QC . -36.67 10.96 -25.37
C01 A1H8M QC . -36.80 4.73 -26.45
C02 A1H8M QC . -37.49 3.75 -27.44
C03 A1H8M QC . -38.12 2.59 -27.76
C04 A1H8M QC . -38.74 1.20 -27.42
C05 A1H8M QC . -39.31 1.24 -25.96
C6 A1H8M QC . -39.01 4.97 -25.48
C1 A1H8M QC . -38.47 9.14 -26.68
C2 A1H8M QC . -38.50 10.68 -26.88
C3 A1H8M QC . -37.18 12.71 -26.88
C4 A1H8M QC . -36.25 10.61 -27.70
N21 A1H8M QC . -37.00 5.76 -24.30
N2 A1H8M QC . -37.14 11.25 -26.73
O01 A1H8M QC . -36.85 6.02 -26.93
O21 A1H8M QC . -36.16 6.40 -22.24
O2 A1H8M QC . -39.17 6.37 -25.65
O1 A1H8M QC . -39.34 6.26 -28.22
O3 A1H8M QC . -39.71 8.59 -27.12
O4 A1H8M QC . -41.41 6.62 -26.95
P A1H8M QC . -39.94 6.94 -27.01
C06 A1H8M QC . -39.47 -0.19 -25.35
C07 A1H8M QC . -40.77 -0.91 -25.89
C08 A1H8M QC . -40.68 -2.47 -25.78
C09 A1H8M QC . -39.74 -3.08 -26.89
C10 A1H8M QC . -40.27 -4.44 -27.44
C11 A1H8M QC . -40.28 -5.56 -26.35
C12 A1H8M QC . -39.94 -6.96 -26.93
C24 A1H8M QC . -35.98 1.83 -23.20
C25 A1H8M QC . -37.44 1.52 -22.78
C26 A1H8M QC . -37.46 0.62 -21.51
C27 A1H8M QC . -38.59 -0.46 -21.57
C28 A1H8M QC . -38.04 -1.80 -22.11
C29 A1H8M QC . -39.13 -2.91 -22.05
C30 A1H8M QC . -38.77 -4.03 -21.03
C31 A1H8M QC . -39.64 -5.31 -21.20
C32 A1H8M QC . -40.61 -5.53 -20.00
C33 A1H8M QC . -40.87 -7.04 -19.76
C34 A1H8M QC . -40.92 -7.84 -21.09
C23 A1H8M RC . -22.11 -6.69 -35.69
C22 A1H8M RC . -21.07 -6.47 -36.82
C21 A1H8M RC . -21.08 -5.05 -37.44
C7 A1H8M RC . -18.77 -5.14 -38.63
C5 A1H8M RC . -19.64 1.53 -37.01
C01 A1H8M RC . -17.91 -5.44 -37.40
C02 A1H8M RC . -17.86 -6.99 -37.25
C03 A1H8M RC . -18.04 -8.14 -36.55
C04 A1H8M RC . -18.48 -8.97 -35.32
C05 A1H8M RC . -19.83 -9.64 -35.67
C6 A1H8M RC . -18.03 -4.17 -39.55
C1 A1H8M RC . -16.75 -0.78 -37.17
C2 A1H8M RC . -17.47 0.57 -36.98
C3 A1H8M RC . -19.03 0.03 -38.64
C4 A1H8M RC . -19.27 -0.76 -36.41
N21 A1H8M RC . -20.01 -4.47 -38.28
N2 A1H8M RC . -18.86 0.34 -37.24
O01 A1H8M RC . -16.60 -4.96 -37.55
O21 A1H8M RC . -22.04 -4.41 -37.26
O2 A1H8M RC . -17.50 -3.10 -38.80
O1 A1H8M RC . -14.94 -3.09 -38.78
O3 A1H8M RC . -16.06 -0.85 -38.43
O4 A1H8M RC . -16.13 -2.03 -40.73
P A1H8M RC . -16.12 -2.29 -39.25
C06 A1H8M RC . -20.74 -9.84 -34.43
C07 A1H8M RC . -21.70 -11.05 -34.62
C08 A1H8M RC . -20.88 -12.34 -34.71
C09 A1H8M RC . -21.84 -13.57 -34.55
C10 A1H8M RC . -22.98 -13.30 -33.55
C11 A1H8M RC . -23.76 -14.63 -33.32
C12 A1H8M RC . -22.94 -15.78 -33.94
C13 A1H8M RC . -23.55 -17.20 -33.71
C24 A1H8M RC . -23.08 -7.88 -35.94
C25 A1H8M RC . -24.24 -7.95 -34.91
C26 A1H8M RC . -25.64 -8.10 -35.59
C27 A1H8M RC . -26.75 -8.63 -34.64
C28 A1H8M RC . -27.60 -9.81 -35.21
C29 A1H8M RC . -26.73 -11.08 -35.39
C30 A1H8M RC . -27.42 -12.42 -35.00
C31 A1H8M RC . -28.22 -12.45 -33.65
C32 A1H8M RC . -28.83 -13.82 -33.31
C23 A1H8M SC . -22.55 -6.70 -40.97
C22 A1H8M SC . -22.48 -5.23 -40.48
C21 A1H8M SC . -21.70 -4.30 -41.45
C7 A1H8M SC . -23.82 -3.02 -42.26
C5 A1H8M SC . -25.55 5.59 -42.68
C01 A1H8M SC . -24.61 -4.17 -42.90
C02 A1H8M SC . -25.57 -4.80 -41.86
C03 A1H8M SC . -26.12 -5.85 -41.18
C04 A1H8M SC . -26.26 -7.38 -40.82
C05 A1H8M SC . -25.64 -7.64 -39.40
C6 A1H8M SC . -24.05 -1.72 -43.08
C1 A1H8M SC . -24.55 2.76 -42.41
C2 A1H8M SC . -25.57 3.48 -41.48
C3 A1H8M SC . -23.93 5.18 -40.96
C4 A1H8M SC . -26.25 5.54 -40.42
N21 A1H8M SC . -22.38 -3.28 -42.27
N2 A1H8M SC . -25.32 4.94 -41.39
O01 A1H8M SC . -25.38 -3.72 -43.96
O21 A1H8M SC . -20.52 -4.42 -41.53
O2 A1H8M SC . -25.34 -1.20 -42.82
O1 A1H8M SC . -25.20 0.63 -44.66
O3 A1H8M SC . -24.65 1.35 -42.21
O4 A1H8M SC . -27.06 0.74 -43.07
P A1H8M SC . -25.59 0.40 -43.22
C06 A1H8M SC . -25.77 -9.12 -38.97
C07 A1H8M SC . -26.92 -9.85 -39.75
C08 A1H8M SC . -27.45 -11.11 -39.00
C09 A1H8M SC . -28.81 -10.83 -38.27
C10 A1H8M SC . -29.65 -12.13 -38.04
C24 A1H8M SC . -21.73 -7.66 -40.05
C25 A1H8M SC . -22.18 -9.14 -40.16
C26 A1H8M SC . -21.37 -10.08 -39.23
C27 A1H8M SC . -22.30 -10.84 -38.23
C28 A1H8M SC . -22.17 -12.38 -38.39
C29 A1H8M SC . -23.56 -13.07 -38.50
C30 A1H8M SC . -23.61 -14.39 -37.68
C31 A1H8M SC . -24.97 -15.13 -37.85
C32 A1H8M SC . -24.84 -16.66 -37.64
C33 A1H8M SC . -26.19 -17.33 -37.29
C34 A1H8M SC . -27.30 -16.98 -38.31
C23 A1H8M TC . -32.59 -1.07 -36.46
C22 A1H8M TC . -32.23 0.06 -37.46
C21 A1H8M TC . -31.16 0.98 -36.83
C7 A1H8M TC . -30.82 2.58 -38.86
C5 A1H8M TC . -27.70 10.75 -40.25
C01 A1H8M TC . -29.65 2.12 -39.75
C02 A1H8M TC . -29.79 0.61 -40.07
C03 A1H8M TC . -29.50 -0.71 -39.94
C04 A1H8M TC . -28.73 -1.94 -39.33
C05 A1H8M TC . -29.49 -2.44 -38.05
C6 A1H8M TC . -30.89 4.12 -38.87
C1 A1H8M TC . -28.48 8.52 -39.21
C2 A1H8M TC . -29.56 9.18 -40.12
C3 A1H8M TC . -29.98 11.54 -39.92
C4 A1H8M TC . -29.33 10.67 -42.02
N21 A1H8M TC . -30.53 2.13 -37.52
N2 A1H8M TC . -29.12 10.52 -40.57
O01 A1H8M TC . -29.65 2.86 -40.93
O21 A1H8M TC . -30.76 0.76 -35.74
O2 A1H8M TC . -29.59 4.65 -38.66
O1 A1H8M TC . -30.75 6.85 -37.95
O3 A1H8M TC . -28.61 7.13 -39.36
O4 A1H8M TC . -28.58 6.29 -36.92
P A1H8M TC . -29.40 6.25 -38.19
C06 A1H8M TC . -30.61 -3.47 -38.39
C07 A1H8M TC . -30.63 -4.69 -37.39
C08 A1H8M TC . -30.18 -6.02 -38.10
C09 A1H8M TC . -29.99 -7.20 -37.10
C10 A1H8M TC . -31.23 -7.41 -36.18
C11 A1H8M TC . -32.09 -8.63 -36.61
C12 A1H8M TC . -31.81 -9.89 -35.76
C24 A1H8M TC . -33.18 -0.51 -35.13
C25 A1H8M TC . -32.73 -1.33 -33.89
C26 A1H8M TC . -33.00 -2.86 -34.06
C27 A1H8M TC . -34.51 -3.21 -34.03
C28 A1H8M TC . -34.73 -4.75 -34.06
C29 A1H8M TC . -33.57 -5.49 -33.36
C30 A1H8M TC . -33.97 -5.93 -31.91
C31 A1H8M TC . -34.96 -7.13 -31.93
C32 A1H8M TC . -35.51 -7.45 -30.51
C33 A1H8M TC . -36.68 -8.47 -30.56
C34 A1H8M TC . -37.71 -8.25 -29.41
C23 A1H8M UC . -41.61 2.58 -22.02
C22 A1H8M UC . -41.01 3.64 -22.98
C21 A1H8M UC . -40.27 4.75 -22.19
N21 A1H8M UC . -40.26 6.13 -22.69
O21 A1H8M UC . -39.72 4.46 -21.19
C24 A1H8M UC . -41.80 1.20 -22.70
C25 A1H8M UC . -43.29 0.80 -22.90
C26 A1H8M UC . -43.79 -0.27 -21.87
C27 A1H8M UC . -44.42 -1.53 -22.54
C28 A1H8M UC . -45.17 -2.45 -21.53
C29 A1H8M UC . -44.74 -3.95 -21.65
C30 A1H8M UC . -45.92 -4.98 -21.70
C31 A1H8M UC . -45.61 -6.23 -22.58
C32 A1H8M UC . -45.14 -7.47 -21.76
C1 CLR VC . -33.28 0.86 -9.40
C2 CLR VC . -32.55 2.13 -9.78
C3 CLR VC . -31.83 2.70 -8.58
C4 CLR VC . -30.77 1.72 -8.09
C5 CLR VC . -31.35 0.34 -7.96
C6 CLR VC . -31.02 -0.39 -6.90
C7 CLR VC . -31.04 -1.89 -6.88
C8 CLR VC . -32.05 -2.43 -7.88
C9 CLR VC . -33.00 -1.40 -8.43
C10 CLR VC . -32.28 -0.21 -9.00
C11 CLR VC . -33.87 -2.04 -9.49
C12 CLR VC . -34.62 -3.26 -8.97
C13 CLR VC . -33.62 -4.21 -8.37
C14 CLR VC . -32.92 -3.48 -7.25
C15 CLR VC . -32.25 -4.57 -6.45
C16 CLR VC . -33.18 -5.76 -6.60
C17 CLR VC . -34.16 -5.43 -7.70
C18 CLR VC . -32.61 -4.62 -9.41
C19 CLR VC . -31.49 -0.65 -10.21
C20 CLR VC . -34.31 -6.60 -8.65
C21 CLR VC . -35.58 -6.48 -9.47
C22 CLR VC . -34.33 -7.88 -7.87
C23 CLR VC . -35.68 -8.56 -8.04
C24 CLR VC . -35.54 -9.88 -8.79
C25 CLR VC . -35.85 -11.04 -7.87
C26 CLR VC . -34.96 -11.02 -6.65
C27 CLR VC . -37.33 -11.02 -7.47
O1 CLR VC . -31.13 3.87 -8.95
C1 CLR WC . -38.51 -0.33 -3.66
C2 CLR WC . -38.21 0.83 -4.57
C3 CLR WC . -36.80 1.29 -4.36
C4 CLR WC . -35.81 0.24 -4.84
C5 CLR WC . -36.23 -0.97 -4.09
C6 CLR WC . -35.42 -1.65 -3.34
C7 CLR WC . -35.40 -3.14 -3.44
C8 CLR WC . -36.78 -3.63 -3.78
C9 CLR WC . -37.88 -2.67 -3.49
C10 CLR WC . -37.64 -1.41 -4.23
C11 CLR WC . -39.21 -3.28 -3.92
C12 CLR WC . -39.43 -4.76 -3.64
C13 CLR WC . -38.13 -5.46 -3.69
C14 CLR WC . -37.17 -4.72 -2.87
C15 CLR WC . -36.07 -5.66 -2.52
C16 CLR WC . -36.69 -7.02 -2.72
C17 CLR WC . -38.13 -6.80 -3.06
C18 CLR WC . -37.55 -5.53 -5.06
C19 CLR WC . -37.87 -1.59 -5.70
C20 CLR WC . -38.59 -7.79 -4.05
C21 CLR WC . -39.96 -8.30 -3.65
C22 CLR WC . -37.56 -8.89 -4.12
C23 CLR WC . -37.89 -9.98 -3.12
C24 CLR WC . -38.30 -11.25 -3.81
C25 CLR WC . -39.14 -12.05 -2.83
C26 CLR WC . -39.17 -13.52 -3.22
C27 CLR WC . -38.57 -11.85 -1.44
O1 CLR WC . -36.67 2.47 -5.12
C1 CLR XC . -35.69 -3.12 4.78
C2 CLR XC . -35.80 -1.64 4.44
C3 CLR XC . -34.90 -1.20 3.30
C4 CLR XC . -35.23 -1.96 2.04
C5 CLR XC . -35.14 -3.38 2.47
C6 CLR XC . -34.25 -4.18 1.90
C7 CLR XC . -34.74 -5.51 1.40
C8 CLR XC . -35.81 -6.03 2.32
C9 CLR XC . -35.80 -5.40 3.69
C10 CLR XC . -36.03 -3.91 3.55
C11 CLR XC . -36.88 -6.01 4.58
C12 CLR XC . -36.92 -7.53 4.55
C13 CLR XC . -36.83 -8.03 3.12
C14 CLR XC . -35.57 -7.49 2.55
C15 CLR XC . -35.32 -8.31 1.31
C16 CLR XC . -35.90 -9.68 1.63
C17 CLR XC . -36.69 -9.53 2.90
C18 CLR XC . -37.97 -7.52 2.28
C19 CLR XC . -37.48 -3.71 3.21
C20 CLR XC . -38.01 -10.22 2.72
C21 CLR XC . -38.66 -10.45 4.07
C22 CLR XC . -37.79 -11.54 2.00
C23 CLR XC . -38.57 -12.67 2.65
C24 CLR XC . -37.72 -13.92 2.78
C25 CLR XC . -38.00 -14.59 4.11
C26 CLR XC . -36.89 -14.28 5.10
C27 CLR XC . -39.36 -14.18 4.63
O1 CLR XC . -35.11 0.19 3.06
C1 CLR YC . -38.85 -1.30 -11.66
C2 CLR YC . -37.75 -0.25 -11.65
C3 CLR YC . -37.98 0.76 -10.54
C4 CLR YC . -37.93 0.07 -9.19
C5 CLR YC . -38.98 -0.98 -9.25
C6 CLR YC . -40.00 -1.02 -8.40
C7 CLR YC . -40.46 -2.33 -7.83
C8 CLR YC . -40.03 -3.43 -8.79
C9 CLR YC . -40.02 -2.92 -10.21
C10 CLR YC . -38.84 -2.01 -10.33
C11 CLR YC . -39.91 -4.00 -11.30
C12 CLR YC . -40.56 -5.34 -10.97
C13 CLR YC . -40.32 -5.68 -9.52
C14 CLR YC . -40.95 -4.60 -8.72
C15 CLR YC . -41.17 -5.19 -7.34
C16 CLR YC . -41.32 -6.68 -7.58
C17 CLR YC . -40.96 -6.94 -9.03
C18 CLR YC . -38.85 -5.75 -9.18
C19 CLR YC . -37.54 -2.74 -10.09
C20 CLR YC . -40.04 -8.12 -9.16
C21 CLR YC . -40.20 -8.77 -10.53
C22 CLR YC . -40.34 -9.12 -8.07
C23 CLR YC . -41.67 -9.81 -8.36
C24 CLR YC . -41.95 -10.91 -7.34
C25 CLR YC . -42.45 -12.15 -8.06
C26 CLR YC . -41.81 -12.26 -9.44
C27 CLR YC . -42.20 -13.41 -7.22
O1 CLR YC . -36.95 1.75 -10.59
C23 A1H8M ZC . -30.55 0.96 8.86
C22 A1H8M ZC . -30.04 2.39 8.59
C21 A1H8M ZC . -30.00 3.21 9.89
C7 A1H8M ZC . -27.46 2.95 10.05
C5 A1H8M ZC . -30.28 9.65 9.62
C01 A1H8M ZC . -26.93 1.66 10.66
C02 A1H8M ZC . -27.45 0.39 9.97
C03 A1H8M ZC . -27.34 -0.88 9.47
C04 A1H8M ZC . -26.62 -2.21 9.07
C05 A1H8M ZC . -27.74 -3.30 8.93
C6 A1H8M ZC . -26.47 4.06 10.40
C1 A1H8M ZC . -28.21 8.11 9.51
C2 A1H8M ZC . -29.25 7.68 10.55
C3 A1H8M ZC . -31.60 8.00 10.71
C4 A1H8M ZC . -30.09 9.38 11.95
N21 A1H8M ZC . -28.72 3.44 10.58
N2 A1H8M ZC . -30.31 8.68 10.70
O01 A1H8M ZC . -25.58 1.60 10.42
O21 A1H8M ZC . -31.00 3.65 10.34
O2 A1H8M ZC . -27.10 5.32 10.27
O1 A1H8M ZC . -24.88 6.48 10.67
O3 A1H8M ZC . -26.97 7.95 10.14
O4 A1H8M ZC . -25.70 6.63 8.48
P A1H8M ZC . -26.13 6.59 9.88
C06 A1H8M ZC . -27.22 -4.66 8.37
C07 A1H8M ZC . -28.39 -5.66 8.08
C08 A1H8M ZC . -27.97 -6.82 7.15
C09 A1H8M ZC . -27.83 -8.17 7.93
C10 A1H8M ZC . -29.19 -8.76 8.41
C11 A1H8M ZC . -28.98 -9.91 9.44
C12 A1H8M ZC . -28.96 -11.31 8.77
C13 A1H8M ZC . -28.45 -12.41 9.73
C14 A1H8M ZC . -29.21 -12.42 11.07
C15 A1H8M ZC . -30.12 -13.65 11.25
C16 A1H8M ZC . -29.78 -14.44 12.53
C24 A1H8M ZC . -31.49 0.42 7.75
C25 A1H8M ZC . -31.22 -1.08 7.51
C26 A1H8M ZC . -32.46 -1.95 7.84
C27 A1H8M ZC . -32.78 -2.91 6.66
C28 A1H8M ZC . -32.10 -4.29 6.84
C29 A1H8M ZC . -33.15 -5.43 6.91
C30 A1H8M ZC . -32.45 -6.80 6.99
C31 A1H8M ZC . -33.44 -7.98 6.76
C32 A1H8M ZC . -32.68 -9.28 6.38
C33 A1H8M ZC . -33.25 -10.52 7.11
C34 A1H8M ZC . -34.64 -10.94 6.59
C35 A1H8M ZC . -35.09 -12.29 7.20
C23 A1H8M AD . -41.12 2.99 -4.00
C22 A1H8M AD . -40.30 4.00 -3.16
C21 A1H8M AD . -41.07 5.30 -2.88
C7 A1H8M AD . -39.01 6.53 -1.88
C5 A1H8M AD . -39.73 13.31 -3.36
C01 A1H8M AD . -39.09 6.23 -0.41
C02 A1H8M AD . -38.19 5.03 -0.07
C03 A1H8M AD . -38.04 3.79 0.43
C04 A1H8M AD . -38.63 2.51 1.08
C05 A1H8M AD . -38.65 1.36 0.03
C6 A1H8M AD . -38.36 7.91 -2.05
C1 A1H8M AD . -36.59 11.21 -3.23
C2 A1H8M AD . -38.00 11.67 -3.65
C3 A1H8M AD . -38.92 12.17 -1.49
C4 A1H8M AD . -37.52 13.72 -2.59
N21 A1H8M AD . -40.41 6.49 -2.28
N2 A1H8M AD . -38.53 12.71 -2.77
O01 A1H8M AD . -38.63 7.35 0.26
O21 A1H8M AD . -42.22 5.36 -3.15
O2 A1H8M AD . -37.05 7.89 -1.49
O1 A1H8M AD . -35.18 9.25 -0.43
O3 A1H8M AD . -36.73 10.54 -2.00
O4 A1H8M AD . -35.00 8.83 -2.74
P A1H8M AD . -35.97 9.13 -1.67
C06 A1H8M AD . -39.75 0.31 0.37
C07 A1H8M AD . -39.14 -1.09 0.72
C08 A1H8M AD . -40.24 -2.18 0.63
C09 A1H8M AD . -39.66 -3.62 0.75
C10 A1H8M AD . -40.76 -4.65 1.11
C11 A1H8M AD . -40.43 -6.04 0.50
C12 A1H8M AD . -41.57 -7.07 0.74
C13 A1H8M AD . -41.12 -8.20 1.69
C14 A1H8M AD . -40.95 -9.56 0.97
C15 A1H8M AD . -42.30 -10.20 0.60
C16 A1H8M AD . -42.18 -11.19 -0.57
C24 A1H8M AD . -41.51 1.72 -3.20
C25 A1H8M AD . -43.04 1.63 -2.91
C26 A1H8M AD . -43.39 0.37 -2.05
C27 A1H8M AD . -43.86 -0.84 -2.91
C28 A1H8M AD . -43.22 -2.19 -2.44
C29 A1H8M AD . -44.08 -2.92 -1.37
C30 A1H8M AD . -44.86 -4.14 -1.94
C31 A1H8M AD . -44.27 -5.50 -1.47
C32 A1H8M AD . -43.60 -6.33 -2.63
C33 A1H8M AD . -44.26 -7.72 -2.82
C23 A1H8M BD . -43.29 8.79 -13.55
C22 A1H8M BD . -42.08 9.77 -13.64
C21 A1H8M BD . -41.95 10.59 -12.34
C7 A1H8M BD . -42.55 10.66 -9.81
C5 A1H8M BD . -42.05 19.79 -8.86
C01 A1H8M BD . -43.68 9.95 -9.10
C02 A1H8M BD . -43.33 8.46 -8.97
C03 A1H8M BD . -43.22 7.27 -8.31
C04 A1H8M BD . -43.32 6.29 -7.10
C05 A1H8M BD . -44.17 5.06 -7.54
C6 A1H8M BD . -42.78 12.17 -9.98
C1 A1H8M BD . -40.85 16.35 -9.49
C2 A1H8M BD . -41.45 17.71 -9.89
C3 A1H8M BD . -39.92 18.85 -8.46
C4 A1H8M BD . -41.86 17.77 -7.62
N21 A1H8M BD . -42.56 10.03 -11.12
N2 A1H8M BD . -41.31 18.55 -8.71
O01 A1H8M BD . -43.85 10.40 -7.81
O21 A1H8M BD . -41.38 11.62 -12.34
O2 A1H8M BD . -42.60 12.83 -8.74
O1 A1H8M BD . -41.64 14.49 -7.10
O3 A1H8M BD . -41.86 15.36 -9.47
O4 A1H8M BD . -40.11 13.64 -8.74
P A1H8M BD . -41.52 14.07 -8.52
C06 A1H8M BD . -43.48 3.68 -7.25
C07 A1H8M BD . -44.28 2.44 -7.82
C08 A1H8M BD . -43.53 1.09 -7.60
C09 A1H8M BD . -44.50 -0.13 -7.51
C10 A1H8M BD . -44.06 -1.35 -8.40
C11 A1H8M BD . -44.81 -2.66 -8.04
C12 A1H8M BD . -44.66 -3.07 -6.53
C13 A1H8M BD . -44.35 -4.58 -6.29
C14 A1H8M BD . -44.64 -5.44 -7.53
C15 A1H8M BD . -46.11 -5.92 -7.57
C24 A1H8M BD . -42.90 7.33 -13.91
C25 A1H8M BD . -42.69 6.44 -12.65
C26 A1H8M BD . -42.84 4.93 -12.95
C27 A1H8M BD . -43.99 4.29 -12.12
C23 A1H8M CD . -38.45 2.35 4.25
C22 A1H8M CD . -37.05 2.84 4.75
C21 A1H8M CD . -37.24 3.99 5.76
C7 A1H8M CD . -34.89 3.95 6.90
C5 A1H8M CD . -39.20 9.48 4.00
C01 A1H8M CD . -34.77 3.55 8.37
C02 A1H8M CD . -35.41 2.15 8.54
C03 A1H8M CD . -35.47 0.83 8.23
C04 A1H8M CD . -36.04 -0.63 8.32
C05 A1H8M CD . -36.27 -0.96 9.82
C6 A1H8M CD . -33.81 5.01 6.58
C1 A1H8M CD . -36.50 7.80 5.94
C2 A1H8M CD . -37.65 8.79 5.67
C3 A1H8M CD . -38.83 7.18 4.35
C4 A1H8M CD . -37.11 8.46 3.35
N21 A1H8M CD . -36.23 4.48 6.73
N2 A1H8M CD . -38.19 8.49 4.34
O01 A1H8M CD . -33.45 3.48 8.74
O21 A1H8M CD . -38.29 4.53 5.78
O2 A1H8M CD . -34.07 6.27 7.18
O1 A1H8M CD . -33.94 7.17 4.80
O3 A1H8M CD . -35.36 8.50 6.38
O4 A1H8M CD . -32.67 8.34 6.34
P A1H8M CD . -33.99 7.63 6.22
C06 A1H8M CD . -37.10 -2.27 9.95
C07 A1H8M CD . -36.16 -3.52 9.76
C08 A1H8M CD . -36.83 -4.56 8.83
C09 A1H8M CD . -36.51 -6.01 9.30
C10 A1H8M CD . -37.42 -7.05 8.62
C11 A1H8M CD . -38.09 -7.99 9.65
C12 A1H8M CD . -38.98 -9.04 8.94
C13 A1H8M CD . -38.19 -10.33 8.60
C14 A1H8M CD . -39.08 -11.59 8.76
C15 A1H8M CD . -38.29 -12.87 8.43
C24 A1H8M CD . -39.07 1.37 5.29
C25 A1H8M CD . -39.37 0.04 4.57
C26 A1H8M CD . -39.13 -1.12 5.55
C27 A1H8M CD . -40.37 -2.05 5.53
C28 A1H8M CD . -40.06 -3.39 6.23
C29 A1H8M CD . -40.08 -4.51 5.17
C30 A1H8M CD . -41.20 -5.51 5.53
C31 A1H8M CD . -40.61 -6.93 5.77
C32 A1H8M CD . -41.61 -8.04 5.37
C33 A1H8M CD . -41.12 -9.43 5.89
C34 A1H8M CD . -41.80 -10.62 5.17
C35 A1H8M CD . -41.63 -11.94 5.96
C23 A1H8M DD . -46.15 6.32 -0.48
C22 A1H8M DD . -46.48 7.80 -0.13
C21 A1H8M DD . -45.54 8.78 -0.86
C7 A1H8M DD . -43.24 9.85 -1.05
C5 A1H8M DD . -47.85 15.30 -1.27
C01 A1H8M DD . -41.84 9.67 -0.47
C02 A1H8M DD . -41.89 9.06 0.95
C03 A1H8M DD . -41.93 8.04 1.85
C04 A1H8M DD . -41.97 6.54 2.29
C05 A1H8M DD . -43.34 5.94 1.80
C6 A1H8M DD . -43.77 11.29 -0.85
C1 A1H8M DD . -45.72 14.30 -0.46
C2 A1H8M DD . -45.85 15.75 0.01
C3 A1H8M DD . -47.08 17.55 -1.03
C4 A1H8M DD . -47.97 16.40 0.87
N21 A1H8M DD . -44.15 8.92 -0.39
N2 A1H8M DD . -47.19 16.25 -0.36
O01 A1H8M DD . -41.13 8.82 -1.29
O21 A1H8M DD . -45.93 9.40 -1.79
O2 A1H8M DD . -42.88 12.05 -0.06
O1 A1H8M DD . -43.01 13.60 1.98
O3 A1H8M DD . -45.08 13.55 0.55
O4 A1H8M DD . -42.87 14.63 -0.26
P A1H8M DD . -43.43 13.49 0.54
C06 A1H8M DD . -43.14 4.63 0.98
C07 A1H8M DD . -42.79 3.43 1.93
C08 A1H8M DD . -43.13 2.07 1.24
C09 A1H8M DD . -43.65 1.00 2.28
C10 A1H8M DD . -43.41 -0.44 1.74
C11 A1H8M DD . -44.71 -1.28 1.76
C12 A1H8M DD . -44.70 -2.30 2.94
C13 A1H8M DD . -44.22 -3.70 2.49
C14 A1H8M DD . -45.10 -4.82 3.07
C15 A1H8M DD . -45.33 -5.98 2.07
C16 A1H8M DD . -45.21 -7.36 2.76
C24 A1H8M DD . -47.43 5.46 -0.67
C25 A1H8M DD . -47.27 4.44 -1.82
C26 A1H8M DD . -46.17 3.38 -1.54
C27 A1H8M DD . -46.72 1.92 -1.61
C28 A1H8M DD . -47.36 1.46 -0.28
C29 A1H8M DD . -47.88 0.00 -0.39
C7 A1H8M ED . -21.34 -0.91 4.00
C5 A1H8M ED . -23.53 6.37 2.14
C01 A1H8M ED . -22.82 -0.98 4.37
C02 A1H8M ED . -23.07 -1.84 5.64
C03 A1H8M ED . -23.46 -3.02 6.22
C04 A1H8M ED . -23.94 -4.52 6.12
C05 A1H8M ED . -24.54 -4.84 4.72
C6 A1H8M ED . -21.02 0.47 3.35
C1 A1H8M ED . -21.76 3.13 1.60
C2 A1H8M ED . -21.79 4.64 1.94
C3 A1H8M ED . -22.73 5.19 4.00
C4 A1H8M ED . -24.05 4.01 2.26
N21 A1H8M ED . -20.96 -1.98 3.08
N2 A1H8M ED . -23.05 5.05 2.58
O01 A1H8M ED . -23.29 0.28 4.63
O2 A1H8M ED . -20.64 0.30 1.99
O1 A1H8M ED . -19.26 0.95 -0.17
O3 A1H8M ED . -20.55 2.88 0.90
O4 A1H8M ED . -18.48 1.75 1.97
P A1H8M ED . -19.73 1.46 1.17
C06 A1H8M ED . -25.55 -6.03 4.79
C07 A1H8M ED . -24.98 -7.50 4.97
C08 A1H8M ED . -26.14 -8.54 4.89
C09 A1H8M ED . -26.04 -9.92 5.64
C10 A1H8M ED . -26.86 -11.01 4.86
C11 A1H8M ED . -27.71 -12.05 5.66
C12 A1H8M ED . -29.18 -11.98 5.19
C13 A1H8M ED . -29.97 -13.31 5.12
C14 A1H8M ED . -30.01 -14.09 6.44
C15 A1H8M ED . -31.40 -14.15 7.11
C16 A1H8M ED . -32.10 -15.52 7.01
C23 A1H8M FD . -41.46 4.89 6.25
C22 A1H8M FD . -42.15 5.41 7.53
C21 A1H8M FD . -42.29 6.94 7.57
C7 A1H8M FD . -44.47 6.84 6.24
C5 A1H8M FD . -43.36 12.82 7.97
C01 A1H8M FD . -44.68 7.45 4.88
C02 A1H8M FD . -45.92 6.79 4.21
C03 A1H8M FD . -46.72 5.74 3.91
C04 A1H8M FD . -47.12 4.23 3.98
C05 A1H8M FD . -46.68 3.65 5.37
C6 A1H8M FD . -45.82 6.95 6.98
C1 A1H8M FD . -45.75 11.30 7.40
C2 A1H8M FD . -45.75 12.78 7.88
C3 A1H8M FD . -44.54 14.88 7.88
C4 A1H8M FD . -44.49 13.40 5.94
N21 A1H8M FD . -43.44 7.61 6.93
N2 A1H8M FD . -44.54 13.49 7.40
O01 A1H8M FD . -44.90 8.81 5.07
O21 A1H8M FD . -41.47 7.60 8.12
O2 A1H8M FD . -45.92 8.27 7.48
O1 A1H8M FD . -47.63 9.06 5.72
O3 A1H8M FD . -47.03 10.74 7.62
O4 A1H8M FD . -48.45 8.58 7.98
P A1H8M FD . -47.30 9.15 7.19
C06 A1H8M FD . -46.56 2.08 5.36
C07 A1H8M FD . -47.97 1.39 5.46
C08 A1H8M FD . -47.98 -0.06 4.88
C09 A1H8M FD . -47.98 -0.06 3.31
C10 A1H8M FD . -48.84 -1.21 2.71
C11 A1H8M FD . -48.29 -2.63 3.05
C12 A1H8M FD . -48.50 -3.65 1.90
C24 A1H8M FD . -42.30 3.77 5.58
C25 A1H8M FD . -43.23 3.09 6.62
C26 A1H8M FD . -42.56 1.81 7.19
C27 A1H8M FD . -43.58 0.65 7.39
C28 A1H8M FD . -43.60 -0.30 6.18
C29 A1H8M FD . -44.52 -1.53 6.44
C30 A1H8M FD . -43.72 -2.86 6.52
C31 A1H8M FD . -44.62 -4.12 6.42
C32 A1H8M FD . -44.66 -4.92 7.76
C33 A1H8M FD . -44.87 -6.44 7.51
C34 A1H8M FD . -45.79 -6.70 6.28
C23 A1H8M GD . -39.78 2.77 -14.75
C22 A1H8M GD . -39.63 3.55 -16.08
C21 A1H8M GD . -39.88 5.08 -15.98
C7 A1H8M GD . -38.80 5.81 -18.21
C5 A1H8M GD . -37.90 11.22 -13.98
C01 A1H8M GD . -37.40 5.25 -17.98
C02 A1H8M GD . -37.40 3.78 -18.49
C03 A1H8M GD . -37.22 2.44 -18.33
C04 A1H8M GD . -36.89 1.16 -17.51
C05 A1H8M GD . -38.23 0.44 -17.23
C6 A1H8M GD . -38.69 7.16 -18.94
C1 A1H8M GD . -35.93 9.65 -16.70
C2 A1H8M GD . -36.26 10.69 -15.63
C3 A1H8M GD . -38.55 10.52 -16.07
C4 A1H8M GD . -37.45 8.96 -14.66
N21 A1H8M GD . -39.50 6.08 -16.97
N2 A1H8M GD . -37.54 10.34 -15.08
O01 A1H8M GD . -36.42 5.97 -18.66
O21 A1H8M GD . -40.48 5.44 -15.03
O2 A1H8M GD . -37.72 7.96 -18.31
O1 A1H8M GD . -35.70 8.41 -19.81
O3 A1H8M GD . -36.16 10.15 -18.03
O4 A1H8M GD . -37.72 9.87 -20.07
P A1H8M GD . -36.84 9.11 -19.13
C06 A1H8M GD . -38.21 -0.34 -15.88
C07 A1H8M GD . -39.19 -1.55 -15.91
C08 A1H8M GD . -38.71 -2.56 -16.96
C09 A1H8M GD . -39.48 -3.90 -16.76
C10 A1H8M GD . -39.74 -4.21 -15.26
C11 A1H8M GD . -40.34 -5.65 -15.15
C12 A1H8M GD . -40.18 -6.35 -16.52
C13 A1H8M GD . -40.64 -7.84 -16.54
C24 A1H8M GD . -40.80 1.60 -14.81
C25 A1H8M GD . -41.10 0.97 -13.42
C26 A1H8M GD . -42.62 0.83 -13.14
C27 A1H8M GD . -42.96 -0.18 -12.00
C28 A1H8M GD . -44.08 -1.20 -12.36
C29 A1H8M GD . -43.62 -2.16 -13.49
C30 A1H8M GD . -44.05 -3.65 -13.32
C31 A1H8M GD . -43.85 -4.30 -11.91
C32 A1H8M GD . -44.25 -5.78 -11.84
C23 A1H8M HD . -43.34 4.56 -18.24
C22 A1H8M HD . -42.85 5.75 -17.36
C21 A1H8M HD . -42.75 7.09 -18.15
C7 A1H8M HD . -44.80 8.19 -16.99
C5 A1H8M HD . -45.65 15.96 -12.94
C01 A1H8M HD . -45.92 7.22 -17.40
C02 A1H8M HD . -46.09 6.11 -16.34
C03 A1H8M HD . -46.20 4.80 -15.95
C04 A1H8M HD . -46.23 3.25 -16.18
C05 A1H8M HD . -44.90 2.62 -15.65
C6 A1H8M HD . -45.35 9.63 -16.93
C1 A1H8M HD . -44.95 13.42 -14.43
C2 A1H8M HD . -45.12 13.58 -12.89
C3 A1H8M HD . -43.36 15.23 -12.84
C4 A1H8M HD . -44.82 14.98 -10.94
N21 A1H8M HD . -43.70 8.20 -17.94
N2 A1H8M HD . -44.74 14.93 -12.40
O01 A1H8M HD . -47.13 7.88 -17.54
O21 A1H8M HD . -41.89 7.21 -18.96
O2 A1H8M HD . -46.18 9.80 -15.79
O1 A1H8M HD . -47.02 12.16 -16.45
O3 A1H8M HD . -45.04 12.04 -14.77
O4 A1H8M HD . -47.50 11.37 -14.18
P A1H8M HD . -46.47 11.36 -15.29
C06 A1H8M HD . -44.87 1.07 -15.85
C07 A1H8M HD . -46.32 0.48 -16.00
C08 A1H8M HD . -46.39 -1.03 -15.64
C09 A1H8M HD . -46.99 -1.26 -14.21
C10 A1H8M HD . -47.63 -2.68 -14.04
C24 A1H8M HD . -42.22 3.50 -18.44
C25 A1H8M HD . -42.78 2.10 -18.82
C26 A1H8M HD . -41.65 1.05 -18.99
C27 A1H8M HD . -41.84 -0.17 -18.05
C28 A1H8M HD . -41.98 -1.51 -18.82
C29 A1H8M HD . -43.20 -2.34 -18.32
C30 A1H8M HD . -42.85 -3.85 -18.24
C31 A1H8M HD . -44.10 -4.70 -17.84
C32 A1H8M HD . -44.00 -6.16 -18.36
C33 A1H8M HD . -44.91 -7.14 -17.57
C34 A1H8M HD . -46.39 -6.63 -17.49
C23 A1H8M ID . -47.99 6.41 -6.93
C22 A1H8M ID . -48.22 7.87 -7.42
C21 A1H8M ID . -46.91 8.67 -7.26
C7 A1H8M ID . -47.74 10.92 -8.27
C5 A1H8M ID . -45.39 19.45 -7.95
C01 A1H8M ID . -47.40 11.02 -9.77
C02 A1H8M ID . -47.84 9.72 -10.50
C03 A1H8M ID . -47.65 8.51 -11.09
C04 A1H8M ID . -46.79 7.29 -11.59
C05 A1H8M ID . -46.64 6.26 -10.43
C6 A1H8M ID . -47.66 12.33 -7.65
C1 A1H8M ID . -45.58 16.90 -7.62
C2 A1H8M ID . -46.92 17.65 -7.37
C3 A1H8M ID . -46.92 19.67 -6.08
C4 A1H8M ID . -47.77 19.73 -8.29
N21 A1H8M ID . -46.74 10.08 -7.67
N2 A1H8M ID . -46.73 19.12 -7.43
O01 A1H8M ID . -48.05 12.11 -10.32
O21 A1H8M ID . -45.96 8.15 -6.80
O2 A1H8M ID . -46.46 12.97 -8.07
O1 A1H8M ID . -46.75 14.54 -6.02
O3 A1H8M ID . -45.90 15.66 -8.19
O4 A1H8M ID . -44.46 14.03 -6.80
P A1H8M ID . -45.88 14.30 -7.24
C06 A1H8M ID . -47.83 5.23 -10.39
C07 A1H8M ID . -47.35 3.75 -10.14
C08 A1H8M ID . -47.54 2.86 -11.42
C09 A1H8M ID . -46.88 1.45 -11.28
C10 A1H8M ID . -47.32 0.73 -9.98
C11 A1H8M ID . -48.37 -0.39 -10.24
C12 A1H8M ID . -47.74 -1.81 -10.29
C24 A1H8M ID . -47.59 6.35 -5.43
C25 A1H8M ID . -46.56 5.23 -5.12
C26 A1H8M ID . -47.01 3.84 -5.68
C27 A1H8M ID . -48.23 3.25 -4.89
C28 A1H8M ID . -48.55 1.81 -5.38
C29 A1H8M ID . -47.27 1.08 -5.85
C30 A1H8M ID . -46.75 0.10 -4.76
C31 A1H8M ID . -47.64 -1.17 -4.65
C32 A1H8M ID . -47.24 -2.07 -3.44
C33 A1H8M ID . -48.27 -3.19 -3.17
C34 A1H8M ID . -48.37 -3.57 -1.67
C23 A1H8M JD . -45.97 3.08 10.04
C22 A1H8M JD . -45.98 4.49 9.42
C21 A1H8M JD . -44.81 5.36 9.96
N21 A1H8M JD . -44.99 6.82 10.14
O21 A1H8M JD . -43.80 4.84 10.24
C24 A1H8M JD . -46.65 2.02 9.14
C25 A1H8M JD . -47.97 1.47 9.73
C26 A1H8M JD . -47.85 0.04 10.34
C27 A1H8M JD . -48.86 -0.99 9.76
C28 A1H8M JD . -48.91 -2.33 10.56
C29 A1H8M JD . -48.79 -3.59 9.64
C30 A1H8M JD . -49.84 -4.72 9.91
C31 A1H8M JD . -50.24 -5.50 8.62
C32 A1H8M JD . -49.48 -6.84 8.44
C1 CLR KD . -31.86 -1.57 13.38
C2 CLR KD . -31.40 -0.14 13.16
C3 CLR KD . -30.05 0.08 13.81
C4 CLR KD . -29.01 -0.81 13.16
C5 CLR KD . -29.52 -2.23 13.06
C6 CLR KD . -28.66 -3.22 13.33
C7 CLR KD . -28.80 -4.60 12.78
C8 CLR KD . -30.26 -4.92 12.46
C9 CLR KD . -31.26 -3.94 13.03
C10 CLR KD . -30.93 -2.52 12.66
C11 CLR KD . -32.65 -4.30 12.54
C12 CLR KD . -33.03 -5.73 12.89
C13 CLR KD . -31.95 -6.64 12.36
C14 CLR KD . -30.66 -6.25 13.01
C15 CLR KD . -29.74 -7.42 12.77
C16 CLR KD . -30.67 -8.63 12.76
C17 CLR KD . -32.08 -8.10 12.68
C18 CLR KD . -31.83 -6.47 10.86
C19 CLR KD . -31.08 -2.36 11.16
C20 CLR KD . -32.88 -8.86 11.65
C21 CLR KD . -34.38 -8.67 11.87
C22 CLR KD . -32.54 -10.32 11.72
C23 CLR KD . -33.77 -11.11 12.14
C24 CLR KD . -34.22 -12.03 11.02
C25 CLR KD . -34.03 -13.48 11.41
C26 CLR KD . -32.57 -13.74 11.75
C27 CLR KD . -34.94 -13.85 12.57
O1 CLR KD . -29.63 1.41 13.58
C1 CLR LD . -32.58 -5.59 20.08
C2 CLR LD . -32.80 -4.16 19.71
C3 CLR LD . -31.52 -3.56 19.19
C4 CLR LD . -31.12 -4.19 17.86
C5 CLR LD . -31.11 -5.64 18.18
C6 CLR LD . -30.07 -6.40 17.97
C7 CLR LD . -30.26 -7.72 17.32
C8 CLR LD . -31.60 -8.28 17.70
C9 CLR LD . -32.20 -7.70 18.93
C10 CLR LD . -32.35 -6.23 18.75
C11 CLR LD . -33.56 -8.33 19.17
C12 CLR LD . -33.70 -9.82 18.93
C13 CLR LD . -32.76 -10.24 17.87
C14 CLR LD . -31.45 -9.68 18.17
C15 CLR LD . -30.45 -10.48 17.39
C16 CLR LD . -31.17 -11.76 17.10
C17 CLR LD . -32.50 -11.69 17.78
C18 CLR LD . -33.15 -9.71 16.52
C19 CLR LD . -33.44 -5.92 17.77
C20 CLR LD . -33.56 -12.32 16.98
C21 CLR LD . -34.43 -13.17 17.87
C22 CLR LD . -32.88 -13.14 15.90
C23 CLR LD . -32.63 -14.54 16.38
C24 CLR LD . -33.49 -15.54 15.65
C25 CLR LD . -33.62 -16.77 16.52
C26 CLR LD . -34.02 -17.99 15.72
C27 CLR LD . -32.31 -16.98 17.26
O1 CLR LD . -31.79 -2.19 19.04
C1 CLR MD . -25.46 -10.68 23.32
C2 CLR MD . -25.62 -9.22 23.72
C3 CLR MD . -25.57 -8.25 22.54
C4 CLR MD . -26.67 -8.56 21.56
C5 CLR MD . -26.47 -10.00 21.24
C6 CLR MD . -26.19 -10.38 20.02
C7 CLR MD . -26.99 -11.51 19.44
C8 CLR MD . -27.32 -12.50 20.51
C9 CLR MD . -26.43 -12.40 21.73
C10 CLR MD . -26.56 -11.02 22.33
C11 CLR MD . -26.78 -13.47 22.76
C12 CLR MD . -26.97 -14.86 22.18
C13 CLR MD . -27.81 -14.80 20.93
C14 CLR MD . -27.13 -13.87 19.98
C15 CLR MD . -27.76 -14.15 18.64
C16 CLR MD . -28.14 -15.62 18.69
C17 CLR MD . -27.98 -16.06 20.11
C18 CLR MD . -29.18 -14.22 21.20
C19 CLR MD . -27.89 -10.96 23.04
C20 CLR MD . -29.18 -16.87 20.51
C21 CLR MD . -28.90 -17.67 21.75
C22 CLR MD . -29.57 -17.79 19.35
C23 CLR MD . -29.89 -19.19 19.85
C24 CLR MD . -29.25 -20.24 18.95
C25 CLR MD . -28.72 -21.38 19.79
C26 CLR MD . -27.22 -21.25 19.96
C27 CLR MD . -29.43 -21.42 21.13
O1 CLR MD . -25.77 -6.93 23.02
C1 CLR ND . -37.81 -3.70 14.24
C2 CLR ND . -36.85 -2.55 14.00
C3 CLR ND . -36.27 -2.05 15.32
C4 CLR ND . -35.47 -3.16 15.99
C5 CLR ND . -36.43 -4.28 16.15
C6 CLR ND . -36.71 -4.80 17.34
C7 CLR ND . -36.84 -6.29 17.51
C8 CLR ND . -37.18 -6.88 16.16
C9 CLR ND . -38.00 -5.91 15.33
C10 CLR ND . -37.07 -4.82 14.92
C11 CLR ND . -38.67 -6.49 14.09
C12 CLR ND . -39.11 -7.95 14.19
C13 CLR ND . -38.06 -8.74 14.94
C14 CLR ND . -37.97 -8.14 16.30
C15 CLR ND . -37.36 -9.20 17.18
C16 CLR ND . -37.76 -10.51 16.53
C17 CLR ND . -38.38 -10.18 15.19
C18 CLR ND . -36.71 -8.66 14.28
C19 CLR ND . -35.96 -5.36 14.03
C20 CLR ND . -37.85 -11.06 14.09
C21 CLR ND . -38.86 -11.20 12.97
C22 CLR ND . -37.50 -12.41 14.66
C23 CLR ND . -38.79 -13.18 14.98
C24 CLR ND . -38.48 -14.59 15.45
C25 CLR ND . -39.42 -15.57 14.75
C26 CLR ND . -39.77 -15.07 13.35
C27 CLR ND . -38.84 -16.97 14.72
O1 CLR ND . -35.40 -0.95 15.05
C23 A1H8M OD . -18.56 -7.51 24.72
C22 A1H8M OD . -18.20 -6.01 24.78
C21 A1H8M OD . -17.30 -5.70 26.00
C7 A1H8M OD . -15.23 -5.57 24.51
C5 A1H8M OD . -17.12 0.25 28.45
C01 A1H8M OD . -14.56 -6.88 24.13
C02 A1H8M OD . -15.50 -7.89 23.47
C03 A1H8M OD . -15.84 -8.85 22.55
C04 A1H8M OD . -15.63 -9.82 21.34
C05 A1H8M OD . -16.69 -10.96 21.47
C6 A1H8M OD . -14.13 -4.51 24.60
C1 A1H8M OD . -15.69 -0.77 26.55
C2 A1H8M OD . -15.91 -1.71 27.74
C3 A1H8M OD . -17.63 -1.87 29.38
C4 A1H8M OD . -15.57 -0.79 29.89
N21 A1H8M OD . -15.86 -5.52 25.82
N2 A1H8M OD . -16.56 -1.02 28.86
O01 A1H8M OD . -13.65 -6.62 23.13
O21 A1H8M OD . -17.78 -5.63 27.08
O2 A1H8M OD . -14.60 -3.41 25.36
O1 A1H8M OD . -12.50 -2.11 24.78
O3 A1H8M OD . -14.34 -0.93 26.21
O4 A1H8M OD . -14.47 -1.33 23.77
P A1H8M OD . -13.96 -1.94 25.00
C06 A1H8M OD . -16.74 -11.93 20.25
C07 A1H8M OD . -17.94 -12.94 20.36
C08 A1H8M OD . -18.28 -13.60 19.00
C09 A1H8M OD . -17.81 -15.10 18.94
C10 A1H8M OD . -18.64 -16.04 19.86
C11 A1H8M OD . -17.95 -17.43 20.03
C12 A1H8M OD . -18.47 -18.47 19.01
C13 A1H8M OD . -17.57 -19.74 18.96
C14 A1H8M OD . -17.36 -20.35 20.36
C15 A1H8M OD . -18.08 -21.70 20.54
C16 A1H8M OD . -17.10 -22.82 20.94
C24 A1H8M OD . -20.03 -7.77 24.29
C25 A1H8M OD . -20.11 -9.01 23.39
C26 A1H8M OD . -20.96 -10.14 24.02
C27 A1H8M OD . -22.01 -10.66 23.01
C28 A1H8M OD . -21.49 -11.88 22.20
C29 A1H8M OD . -22.37 -13.13 22.43
C30 A1H8M OD . -21.90 -14.30 21.55
C31 A1H8M OD . -22.93 -15.46 21.52
C32 A1H8M OD . -22.67 -16.40 20.30
C33 A1H8M OD . -22.78 -17.90 20.67
C34 A1H8M OD . -24.24 -18.32 20.96
C35 A1H8M OD . -24.34 -19.86 21.14
C23 A1H8M PD . -34.55 -2.87 22.67
C22 A1H8M PD . -33.30 -2.10 23.15
C21 A1H8M PD . -33.61 -1.14 24.32
C7 A1H8M PD . -31.28 -0.02 24.27
C5 A1H8M PD . -32.14 6.62 26.26
C01 A1H8M PD . -30.47 -0.82 25.25
C02 A1H8M PD . -29.66 -1.89 24.51
C03 A1H8M PD . -29.35 -3.18 24.29
C04 A1H8M PD . -29.54 -4.69 24.61
C05 A1H8M PD . -30.29 -5.38 23.43
C6 A1H8M PD . -30.75 1.43 24.30
C1 A1H8M PD . -29.78 5.18 23.69
C2 A1H8M PD . -31.10 5.51 24.40
C3 A1H8M PD . -30.47 5.05 26.67
C4 A1H8M PD . -29.89 7.10 25.66
N21 A1H8M PD . -32.63 -0.14 24.80
N2 A1H8M PD . -30.89 6.07 25.74
O01 A1H8M PD . -29.61 0.04 25.88
O21 A1H8M PD . -34.68 -1.19 24.83
O2 A1H8M PD . -29.38 1.43 23.92
O1 A1H8M PD . -27.13 2.62 24.09
O3 A1H8M PD . -29.20 4.11 24.38
O4 A1H8M PD . -28.45 3.10 22.18
P A1H8M PD . -28.53 2.82 23.63
C06 A1H8M PD . -31.05 -6.66 23.92
C07 A1H8M PD . -30.48 -7.96 23.26
C08 A1H8M PD . -31.49 -9.12 23.44
C09 A1H8M PD . -31.09 -10.39 22.62
C10 A1H8M PD . -31.83 -11.65 23.13
C11 A1H8M PD . -32.08 -12.65 21.96
C12 A1H8M PD . -32.92 -13.87 22.42
C13 A1H8M PD . -32.08 -15.18 22.40
C14 A1H8M PD . -32.51 -16.14 21.25
C15 A1H8M PD . -33.86 -16.82 21.55
C16 A1H8M PD . -34.56 -17.30 20.26
C24 A1H8M PD . -34.48 -4.40 22.98
C25 A1H8M PD . -35.52 -4.84 24.04
C26 A1H8M PD . -35.38 -6.36 24.38
C27 A1H8M PD . -36.39 -7.25 23.59
C28 A1H8M PD . -35.72 -8.54 23.01
C29 A1H8M PD . -35.81 -9.74 24.00
C30 A1H8M PD . -36.88 -10.80 23.59
C31 A1H8M PD . -36.25 -12.11 23.05
C32 A1H8M PD . -36.50 -12.35 21.52
C33 A1H8M PD . -37.26 -13.67 21.24
C23 A1H8M QD . -41.57 5.48 19.41
C22 A1H8M QD . -40.58 6.62 19.01
C21 A1H8M QD . -39.61 6.93 20.18
C7 A1H8M QD . -38.54 6.00 22.34
C5 A1H8M QD . -36.76 14.14 26.24
C01 A1H8M QD . -39.05 4.90 23.25
C02 A1H8M QD . -38.83 3.54 22.56
C03 A1H8M QD . -38.45 2.24 22.50
C04 A1H8M QD . -37.88 0.89 23.04
C05 A1H8M QD . -38.93 -0.24 22.75
C6 A1H8M QD . -38.69 7.41 22.95
C1 A1H8M QD . -36.50 11.41 23.76
C2 A1H8M QD . -37.08 12.69 24.36
C3 A1H8M QD . -34.91 13.49 24.90
C4 A1H8M QD . -36.01 11.87 26.23
N21 A1H8M QD . -39.40 5.89 21.18
N2 A1H8M QD . -36.18 13.07 25.43
O01 A1H8M QD . -38.37 4.83 24.44
O21 A1H8M QD . -39.07 7.98 20.23
O2 A1H8M QD . -37.73 7.60 23.97
O1 A1H8M QD . -35.83 8.71 25.20
O3 A1H8M QD . -37.37 10.32 23.99
O4 A1H8M QD . -35.69 8.78 22.81
P A1H8M QD . -36.63 8.85 23.96
C06 A1H8M QD . -38.33 -1.49 22.02
C07 A1H8M QD . -39.42 -2.55 21.61
C08 A1H8M QD . -38.81 -3.74 20.81
C09 A1H8M QD . -39.63 -5.07 20.97
C10 A1H8M QD . -39.94 -5.79 19.62
C11 A1H8M QD . -40.42 -7.26 19.81
C12 A1H8M QD . -39.43 -8.14 20.64
C13 A1H8M QD . -39.17 -9.56 20.04
C14 A1H8M QD . -40.23 -9.96 19.01
C15 A1H8M QD . -41.45 -10.64 19.66
C24 A1H8M QD . -41.62 4.34 18.37
C25 A1H8M QD . -40.76 3.11 18.79
C26 A1H8M QD . -41.19 1.80 18.10
C27 A1H8M QD . -41.65 0.72 19.12
C23 A1H8M RD . -27.47 -5.94 26.68
C22 A1H8M RD . -26.02 -5.43 26.39
C21 A1H8M RD . -25.45 -4.76 27.67
C7 A1H8M RD . -22.91 -4.80 27.06
C5 A1H8M RD . -27.58 0.57 29.68
C01 A1H8M RD . -21.96 -5.68 27.88
C02 A1H8M RD . -22.48 -7.13 27.83
C03 A1H8M RD . -22.84 -8.24 27.15
C04 A1H8M RD . -23.37 -9.70 26.99
C05 A1H8M RD . -22.66 -10.59 28.06
C6 A1H8M RD . -22.15 -3.53 26.60
C1 A1H8M RD . -24.43 -1.20 28.81
C2 A1H8M RD . -25.41 -0.39 29.68
C3 A1H8M RD . -27.28 -1.60 28.83
C4 A1H8M RD . -26.42 0.22 27.61
N21 A1H8M RD . -24.02 -4.48 27.94
N2 A1H8M RD . -26.67 -0.29 28.95
O01 A1H8M RD . -20.70 -5.64 27.33
O21 A1H8M RD . -26.22 -4.45 28.51
O2 A1H8M RD . -21.88 -2.63 27.67
O1 A1H8M RD . -23.16 -0.93 26.25
O3 A1H8M RD . -23.19 -0.52 28.71
O4 A1H8M RD . -21.12 -0.19 27.04
P A1H8M RD . -22.29 -1.02 27.46
C06 A1H8M RD . -23.36 -11.98 28.13
C07 A1H8M RD . -22.84 -12.90 26.97
C08 A1H8M RD . -24.03 -13.64 26.30
C09 A1H8M RD . -23.61 -15.09 25.89
C10 A1H8M RD . -24.84 -15.96 25.54
C11 A1H8M RD . -24.82 -17.31 26.31
C12 A1H8M RD . -26.05 -18.17 25.93
C13 A1H8M RD . -25.75 -19.10 24.74
C14 A1H8M RD . -26.48 -20.46 24.88
C15 A1H8M RD . -26.17 -21.38 23.69
C24 A1H8M RD . -27.42 -7.31 27.41
C25 A1H8M RD . -28.20 -8.33 26.57
C26 A1H8M RD . -27.53 -9.70 26.66
C27 A1H8M RD . -28.60 -10.76 27.02
C28 A1H8M RD . -28.05 -12.19 26.83
C29 A1H8M RD . -28.82 -12.85 25.66
C30 A1H8M RD . -29.58 -14.08 26.18
C31 A1H8M RD . -29.08 -15.37 25.46
C32 A1H8M RD . -30.20 -16.43 25.34
C33 A1H8M RD . -29.63 -17.80 24.89
C34 A1H8M RD . -30.72 -18.75 24.32
C35 A1H8M RD . -30.21 -20.22 24.27
C23 A1H8M SD . -36.07 -1.92 29.42
C22 A1H8M SD . -35.98 -0.75 30.43
C21 A1H8M SD . -35.60 0.58 29.73
C7 A1H8M SD . -33.80 2.02 28.64
C5 A1H8M SD . -37.08 6.32 33.33
C01 A1H8M SD . -32.37 1.89 28.16
C02 A1H8M SD . -31.60 0.81 28.96
C03 A1H8M SD . -31.17 -0.46 29.23
C04 A1H8M SD . -31.07 -2.00 28.99
C05 A1H8M SD . -32.49 -2.61 29.21
C6 A1H8M SD . -33.97 3.17 29.66
C1 A1H8M SD . -35.00 5.47 32.23
C2 A1H8M SD . -34.69 6.61 33.22
C3 A1H8M SD . -36.14 8.42 33.90
C4 A1H8M SD . -35.77 6.54 35.33
N21 A1H8M SD . -34.21 0.78 29.30
N2 A1H8M SD . -35.92 6.97 33.94
O01 A1H8M SD . -32.38 1.52 26.83
O21 A1H8M SD . -36.42 1.41 29.54
O2 A1H8M SD . -32.73 3.75 29.98
O1 A1H8M SD . -31.44 4.42 32.10
O3 A1H8M SD . -33.95 4.54 32.29
O4 A1H8M SD . -32.61 6.19 30.83
P A1H8M SD . -32.66 4.76 31.28
C06 A1H8M SD . -32.97 -3.48 28.02
C07 A1H8M SD . -32.22 -4.86 28.01
C08 A1H8M SD . -33.02 -5.92 27.21
C09 A1H8M SD . -32.90 -7.36 27.84
C10 A1H8M SD . -33.16 -8.46 26.76
C11 A1H8M SD . -34.25 -9.46 27.23
C12 A1H8M SD . -33.62 -10.81 27.66
C13 A1H8M SD . -33.63 -11.86 26.53
C14 A1H8M SD . -34.08 -13.24 27.02
C15 A1H8M SD . -34.96 -14.00 25.99
C16 A1H8M SD . -34.58 -15.49 25.88
C24 A1H8M SD . -37.27 -2.86 29.71
C25 A1H8M SD . -37.94 -3.36 28.40
C26 A1H8M SD . -36.99 -4.25 27.55
C27 A1H8M SD . -37.60 -5.66 27.25
C28 A1H8M SD . -37.33 -6.67 28.41
C29 A1H8M SD . -37.94 -8.06 28.07
C7 A1H8M TD . -14.44 -5.92 15.12
C5 A1H8M TD . -16.65 1.06 17.90
C01 A1H8M TD . -15.39 -6.37 16.23
C02 A1H8M TD . -14.90 -7.65 16.94
C03 A1H8M TD . -14.96 -9.00 17.13
C04 A1H8M TD . -15.53 -10.43 16.78
C05 A1H8M TD . -16.88 -10.33 16.01
C6 A1H8M TD . -14.47 -4.36 14.99
C1 A1H8M TD . -15.88 -1.42 15.21
C2 A1H8M TD . -15.56 -0.16 16.06
C3 A1H8M TD . -15.00 -0.55 18.28
C4 A1H8M TD . -17.21 -1.23 17.38
N21 A1H8M TD . -14.81 -6.50 13.82
N2 A1H8M TD . -16.13 -0.23 17.41
O01 A1H8M TD . -15.49 -5.38 17.17
O2 A1H8M TD . -15.01 -3.96 13.73
O1 A1H8M TD . -15.19 -2.36 11.65
O3 A1H8M TD . -15.37 -1.20 13.92
O4 A1H8M TD . -13.19 -2.26 13.00
P A1H8M TD . -14.69 -2.45 13.07
C06 A1H8M TD . -17.73 -11.62 16.21
C07 A1H8M TD . -17.31 -12.93 15.42
C08 A1H8M TD . -18.37 -14.06 15.66
C09 A1H8M TD . -17.95 -15.58 15.59
C10 A1H8M TD . -19.17 -16.45 15.10
C11 A1H8M TD . -19.44 -17.83 15.77
C12 A1H8M TD . -20.88 -17.85 16.34
C13 A1H8M TD . -21.67 -19.18 16.25
C14 A1H8M TD . -20.97 -20.38 16.91
C15 A1H8M TD . -21.66 -20.91 18.18
C16 A1H8M TD . -22.39 -22.25 18.00
C23 A1H8M UD . -28.41 -4.83 30.85
C22 A1H8M UD . -28.12 -4.93 32.37
C21 A1H8M UD . -28.06 -3.55 33.07
C7 A1H8M UD . -30.60 -3.55 33.38
C5 A1H8M UD . -28.14 1.51 36.25
C01 A1H8M UD . -31.54 -2.54 32.78
C02 A1H8M UD . -32.98 -3.13 32.78
C03 A1H8M UD . -33.89 -4.12 32.64
C04 A1H8M UD . -34.30 -5.60 32.35
C05 A1H8M UD . -33.15 -6.56 32.84
C6 A1H8M UD . -31.20 -3.95 34.74
C1 A1H8M UD . -30.49 -0.09 36.67
C2 A1H8M UD . -30.08 1.10 37.58
C3 A1H8M UD . -28.94 3.24 37.67
C4 A1H8M UD . -30.21 2.58 35.69
N21 A1H8M UD . -29.30 -2.92 33.55
N2 A1H8M UD . -29.36 2.13 36.80
O01 A1H8M UD . -31.48 -1.40 33.57
O21 A1H8M UD . -27.02 -3.01 33.22
O2 A1H8M UD . -30.85 -2.93 35.66
O1 A1H8M UD . -33.21 -1.87 35.74
O3 A1H8M UD . -31.43 -0.90 37.38
O4 A1H8M UD . -32.53 -3.26 37.64
P A1H8M UD . -32.04 -2.26 36.62
C06 A1H8M UD . -33.22 -7.96 32.16
C07 A1H8M UD . -34.32 -8.88 32.80
C08 A1H8M UD . -34.81 -10.01 31.83
C09 A1H8M UD . -35.77 -9.45 30.73
C10 A1H8M UD . -36.92 -10.45 30.37
C11 A1H8M UD . -36.40 -11.77 29.74
C12 A1H8M UD . -37.36 -12.34 28.66
C24 A1H8M UD . -29.57 -5.76 30.46
C25 A1H8M UD . -29.73 -6.92 31.47
C26 A1H8M UD . -28.97 -8.19 30.99
C27 A1H8M UD . -29.75 -9.50 31.29
C28 A1H8M UD . -30.59 -9.94 30.07
C29 A1H8M UD . -31.27 -11.32 30.33
C30 A1H8M UD . -30.70 -12.43 29.40
C31 A1H8M UD . -31.58 -13.71 29.38
C32 A1H8M UD . -30.88 -14.93 30.04
C33 A1H8M UD . -31.33 -16.27 29.41
C34 A1H8M UD . -32.82 -16.24 28.98
C23 A1H8M VD . -40.07 0.98 14.17
C22 A1H8M VD . -40.70 2.20 13.44
C21 A1H8M VD . -40.70 3.53 14.26
C7 A1H8M VD . -41.14 5.17 12.31
C5 A1H8M VD . -37.37 8.79 16.85
C01 A1H8M VD . -39.95 4.82 11.44
C02 A1H8M VD . -40.38 3.64 10.51
C03 A1H8M VD . -40.27 2.39 10.01
C04 A1H8M VD . -39.62 0.98 9.88
C05 A1H8M VD . -40.57 -0.01 10.61
C6 A1H8M VD . -41.38 6.69 12.25
C1 A1H8M VD . -37.62 8.66 13.15
C2 A1H8M VD . -37.12 9.17 14.51
C3 A1H8M VD . -39.22 8.79 15.49
C4 A1H8M VD . -37.62 7.03 15.24
N21 A1H8M VD . -40.91 4.87 13.71
N2 A1H8M VD . -37.83 8.43 15.53
O01 A1H8M VD . -39.53 5.88 10.64
O21 A1H8M VD . -40.56 3.42 15.41
O2 A1H8M VD . -40.15 7.37 12.44
O1 A1H8M VD . -39.43 8.66 10.34
O3 A1H8M VD . -38.56 9.55 12.55
O4 A1H8M VD . -41.06 9.75 11.92
P A1H8M VD . -39.86 8.87 11.77
C06 A1H8M VD . -39.80 -1.20 11.25
C07 A1H8M VD . -40.71 -2.47 11.34
C08 A1H8M VD . -41.06 -2.95 9.93
C09 A1H8M VD . -41.66 -4.38 10.00
C10 A1H8M VD . -40.98 -5.24 11.10
C11 A1H8M VD . -41.51 -6.71 10.98
C12 A1H8M VD . -42.28 -6.84 9.65
C13 A1H8M VD . -42.79 -8.28 9.33
C24 A1H8M VD . -41.02 -0.24 14.29
C25 A1H8M VD . -40.46 -1.37 15.20
C26 A1H8M VD . -41.50 -1.86 16.24
C27 A1H8M VD . -41.17 -3.25 16.87
C28 A1H8M VD . -42.36 -4.26 16.88
C29 A1H8M VD . -42.77 -4.65 15.44
C30 A1H8M VD . -43.13 -6.16 15.24
C31 A1H8M VD . -42.17 -7.22 15.88
C32 A1H8M VD . -42.58 -8.68 15.59
C23 A1H8M WD . -44.84 3.26 14.51
C22 A1H8M WD . -43.82 4.13 15.30
C21 A1H8M WD . -44.10 5.65 15.18
C7 A1H8M WD . -44.91 5.90 17.65
C5 A1H8M WD . -42.41 11.45 24.01
C01 A1H8M WD . -46.12 4.97 17.64
C02 A1H8M WD . -45.72 3.53 18.07
C03 A1H8M WD . -45.67 2.17 17.91
C04 A1H8M WD . -45.99 0.83 17.16
C05 A1H8M WD . -44.67 0.29 16.51
C6 A1H8M WD . -45.17 7.10 18.58
C1 A1H8M WD . -42.99 9.77 21.56
C2 A1H8M WD . -42.18 9.34 22.81
C3 A1H8M WD . -40.61 11.14 22.44
C4 A1H8M WD . -40.63 9.98 24.55
N21 A1H8M WD . -44.61 6.43 16.32
N2 A1H8M WD . -41.46 10.47 23.44
O01 A1H8M WD . -47.10 5.42 18.52
O21 A1H8M WD . -43.89 6.19 14.15
O2 A1H8M WD . -45.11 6.71 19.94
O1 A1H8M WD . -45.98 8.97 20.86
O3 A1H8M WD . -43.39 8.61 20.83
O4 A1H8M WD . -45.04 7.36 22.45
P A1H8M WD . -44.90 7.92 21.06
C06 A1H8M WD . -44.90 -1.06 15.76
C07 A1H8M WD . -46.20 -1.79 16.29
C08 A1H8M WD . -46.16 -3.32 16.00
C09 A1H8M WD . -45.78 -4.15 17.27
C10 A1H8M WD . -46.31 -5.62 17.22
C24 A1H8M WD . -44.18 2.55 13.28
C25 A1H8M WD . -44.98 1.31 12.81
C26 A1H8M WD . -44.29 0.59 11.61
C27 A1H8M WD . -43.98 -0.90 11.93
C28 A1H8M WD . -44.67 -1.88 10.95
C29 A1H8M WD . -45.40 -3.03 11.70
C30 A1H8M WD . -45.22 -4.39 10.98
C31 A1H8M WD . -46.03 -5.52 11.68
C32 A1H8M WD . -46.40 -6.66 10.69
C33 A1H8M WD . -46.72 -8.00 11.40
C34 A1H8M WD . -47.79 -7.81 12.53
C23 A1H8M XD . -41.44 0.14 25.98
C22 A1H8M XD . -41.79 1.61 26.32
C21 A1H8M XD . -40.58 2.51 25.97
C7 A1H8M XD . -41.66 4.80 26.60
C5 A1H8M XD . -38.86 12.93 28.73
C01 A1H8M XD . -42.30 5.48 25.39
C02 A1H8M XD . -43.21 4.47 24.63
C03 A1H8M XD . -43.52 3.60 23.63
C04 A1H8M XD . -43.25 2.81 22.30
C05 A1H8M XD . -42.53 1.47 22.64
C6 A1H8M XD . -41.09 5.89 27.55
C1 A1H8M XD . -39.03 10.44 28.10
C2 A1H8M XD . -39.86 10.81 29.34
C3 A1H8M XD . -38.89 12.20 31.04
C4 A1H8M XD . -40.91 12.90 30.00
N21 A1H8M XD . -40.58 3.98 26.12
N2 A1H8M XD . -39.63 12.21 29.77
O01 A1H8M XD . -43.05 6.58 25.79
O21 A1H8M XD . -39.60 2.03 25.53
O2 A1H8M XD . -40.34 6.83 26.78
O1 A1H8M XD . -39.19 7.49 29.01
O3 A1H8M XD . -39.74 9.44 27.39
O4 A1H8M XD . -37.90 7.69 26.90
P A1H8M XD . -39.26 7.85 27.54
C06 A1H8M XD . -43.53 0.31 22.97
C07 A1H8M XD . -43.13 -1.05 22.29
C08 A1H8M XD . -44.15 -1.44 21.16
C09 A1H8M XD . -43.66 -2.69 20.33
C10 A1H8M XD . -43.28 -3.89 21.24
C11 A1H8M XD . -44.37 -4.99 21.24
C12 A1H8M XD . -44.03 -6.18 20.28
C24 A1H8M XD . -40.22 -0.39 26.78
C25 A1H8M XD . -39.32 -1.34 25.96
C26 A1H8M XD . -40.14 -2.50 25.29
C27 A1H8M XD . -40.67 -3.53 26.34
C28 A1H8M XD . -41.35 -4.73 25.64
C29 A1H8M XD . -40.69 -5.02 24.26
C30 A1H8M XD . -39.70 -6.22 24.34
C31 A1H8M XD . -40.45 -7.58 24.46
C32 A1H8M XD . -39.48 -8.76 24.73
C33 A1H8M XD . -40.24 -10.07 25.11
C34 A1H8M XD . -39.42 -10.97 26.08
#